data_3HYV
#
_entry.id   3HYV
#
_cell.length_a   112.850
_cell.length_b   154.920
_cell.length_c   178.040
_cell.angle_alpha   90.00
_cell.angle_beta   90.00
_cell.angle_gamma   90.00
#
_symmetry.space_group_name_H-M   'P 21 21 21'
#
loop_
_entity.id
_entity.type
_entity.pdbx_description
1 polymer 'Sulfide-quinone reductase'
2 non-polymer 'FLAVIN-ADENINE DINUCLEOTIDE'
3 non-polymer DODECYL-BETA-D-MALTOSIDE
4 non-polymer 'HYDROSULFURIC ACID'
5 non-polymer octathiocane
6 non-polymer '2-(N-MORPHOLINO)-ETHANESULFONIC ACID'
7 non-polymer 'SULFATE ION'
8 water water
#
_entity_poly.entity_id   1
_entity_poly.type   'polypeptide(L)'
_entity_poly.pdbx_seq_one_letter_code
;MAKHVVVIGGGVGGIATAYNLRNLMPDLKITLISDRPYFGFTPAFPHLAMGWRKFEDISVPLAPLLPKFNIEFINEKAES
IDPDANTVTTQSGKKIEYDYLVIATGPKLVFGAEGQEENSTSICTAEHALETQKKLQELYANPGPVVIGAIPGVS(CSS)
FGPAYEFALMLHYELKKRGIRYKVPMTFITSEPYLGHFGVGGIGASKRLVEDLFAERNIDWIANVAVKAIEPDKVIYEDL
NGNTHEVPAKFTMFMPSFQGPEVVASAGDKVANPANKMVIVNRCFQNPTYKNIFGVGVVTAIPPIEKTPIPTGVPKTGMM
IEQMAMAVAHNIVNDIRNNPDKYAPRLSAICIADFGEDAGFFFADPVIPPRERVITKMGKWAHYFKTAFEKYFLWKVRNG
NIAPSFEEKVLEIFLKVHPIELCKDCEGAPGSRC
;
_entity_poly.pdbx_strand_id   A,B,C,D,E,F
#
loop_
_chem_comp.id
_chem_comp.type
_chem_comp.name
_chem_comp.formula
FAD non-polymer 'FLAVIN-ADENINE DINUCLEOTIDE' 'C27 H33 N9 O15 P2'
H2S non-polymer 'HYDROSULFURIC ACID' 'H2 S'
LMT D-saccharide DODECYL-BETA-D-MALTOSIDE 'C24 H46 O11'
MES non-polymer '2-(N-MORPHOLINO)-ETHANESULFONIC ACID' 'C6 H13 N O4 S'
PS9 non-polymer octathiocane S8
SO4 non-polymer 'SULFATE ION' 'O4 S -2'
#
# COMPACT_ATOMS: atom_id res chain seq x y z
N ALA A 2 -60.08 -12.45 -17.37
CA ALA A 2 -58.59 -12.56 -17.39
C ALA A 2 -58.09 -13.92 -16.91
N LYS A 3 -56.79 -14.16 -17.05
CA LYS A 3 -56.19 -15.40 -16.55
C LYS A 3 -55.83 -15.27 -15.08
N HIS A 4 -55.68 -16.41 -14.41
CA HIS A 4 -55.48 -16.46 -12.97
C HIS A 4 -54.23 -17.27 -12.61
N VAL A 5 -53.32 -16.64 -11.90
CA VAL A 5 -52.14 -17.28 -11.33
C VAL A 5 -52.25 -17.34 -9.81
N VAL A 6 -52.03 -18.53 -9.25
CA VAL A 6 -51.97 -18.72 -7.80
C VAL A 6 -50.50 -18.90 -7.42
N VAL A 7 -50.04 -18.09 -6.47
CA VAL A 7 -48.69 -18.20 -5.89
C VAL A 7 -48.82 -18.74 -4.46
N ILE A 8 -48.11 -19.83 -4.15
CA ILE A 8 -48.08 -20.38 -2.80
C ILE A 8 -46.78 -19.98 -2.08
N GLY A 9 -46.91 -19.17 -1.02
CA GLY A 9 -45.76 -18.74 -0.22
C GLY A 9 -45.48 -17.25 -0.33
N GLY A 10 -45.52 -16.55 0.80
CA GLY A 10 -45.22 -15.11 0.85
C GLY A 10 -43.82 -14.73 1.31
N GLY A 11 -42.79 -15.31 0.69
CA GLY A 11 -41.41 -15.00 1.05
C GLY A 11 -40.65 -14.42 -0.13
N VAL A 12 -39.32 -14.57 -0.12
CA VAL A 12 -38.47 -14.00 -1.18
C VAL A 12 -38.94 -14.43 -2.58
N GLY A 13 -39.06 -15.74 -2.80
CA GLY A 13 -39.49 -16.29 -4.10
C GLY A 13 -40.90 -15.95 -4.53
N GLY A 14 -41.85 -16.04 -3.60
CA GLY A 14 -43.26 -15.74 -3.87
C GLY A 14 -43.60 -14.28 -4.15
N ILE A 15 -43.06 -13.37 -3.33
CA ILE A 15 -43.26 -11.94 -3.54
C ILE A 15 -42.62 -11.46 -4.86
N ALA A 16 -41.39 -11.90 -5.11
CA ALA A 16 -40.67 -11.56 -6.34
C ALA A 16 -41.39 -12.03 -7.61
N THR A 17 -41.91 -13.26 -7.62
CA THR A 17 -42.67 -13.76 -8.78
C THR A 17 -43.98 -12.99 -8.99
N ALA A 18 -44.76 -12.84 -7.91
CA ALA A 18 -46.04 -12.10 -7.98
C ALA A 18 -45.87 -10.66 -8.46
N TYR A 19 -44.88 -9.95 -7.91
CA TYR A 19 -44.61 -8.56 -8.30
C TYR A 19 -44.11 -8.48 -9.74
N ASN A 20 -43.28 -9.45 -10.13
CA ASN A 20 -42.78 -9.52 -11.49
C ASN A 20 -43.93 -9.70 -12.47
N LEU A 21 -44.88 -10.58 -12.12
CA LEU A 21 -46.07 -10.84 -12.93
C LEU A 21 -47.00 -9.65 -13.04
N ARG A 22 -47.23 -8.96 -11.92
CA ARG A 22 -48.10 -7.78 -11.89
C ARG A 22 -47.61 -6.63 -12.78
N ASN A 23 -46.30 -6.35 -12.73
CA ASN A 23 -45.72 -5.28 -13.53
C ASN A 23 -45.58 -5.64 -15.02
N LEU A 24 -45.39 -6.92 -15.32
CA LEU A 24 -45.44 -7.41 -16.70
C LEU A 24 -46.84 -7.34 -17.33
N MET A 25 -47.87 -7.54 -16.50
CA MET A 25 -49.24 -7.68 -16.99
C MET A 25 -50.30 -7.19 -15.97
N PRO A 26 -50.66 -5.90 -16.03
CA PRO A 26 -51.68 -5.29 -15.14
C PRO A 26 -53.07 -5.95 -15.15
N ASP A 27 -53.46 -6.62 -16.24
CA ASP A 27 -54.78 -7.25 -16.37
C ASP A 27 -54.90 -8.61 -15.65
N LEU A 28 -53.75 -9.24 -15.38
CA LEU A 28 -53.68 -10.58 -14.79
C LEU A 28 -54.24 -10.65 -13.38
N LYS A 29 -55.08 -11.66 -13.11
CA LYS A 29 -55.57 -11.92 -11.76
C LYS A 29 -54.55 -12.78 -10.99
N ILE A 30 -54.10 -12.27 -9.83
CA ILE A 30 -53.07 -12.93 -9.03
C ILE A 30 -53.55 -13.14 -7.59
N THR A 31 -53.42 -14.38 -7.09
CA THR A 31 -53.77 -14.72 -5.72
C THR A 31 -52.52 -15.29 -5.02
N LEU A 32 -52.14 -14.70 -3.89
CA LEU A 32 -51.04 -15.20 -3.08
C LEU A 32 -51.54 -15.82 -1.78
N ILE A 33 -51.10 -17.05 -1.53
CA ILE A 33 -51.48 -17.85 -0.37
C ILE A 33 -50.27 -18.08 0.53
N SER A 34 -50.37 -17.69 1.79
CA SER A 34 -49.27 -17.89 2.75
C SER A 34 -49.78 -18.17 4.17
N ASP A 35 -49.08 -19.02 4.90
CA ASP A 35 -49.43 -19.30 6.29
C ASP A 35 -48.98 -18.22 7.29
N ARG A 36 -48.03 -17.38 6.89
CA ARG A 36 -47.56 -16.27 7.72
C ARG A 36 -48.17 -14.95 7.22
N PRO A 37 -48.60 -14.08 8.15
CA PRO A 37 -49.21 -12.82 7.72
C PRO A 37 -48.21 -11.71 7.34
N TYR A 38 -46.91 -12.02 7.38
CA TYR A 38 -45.84 -11.05 7.10
C TYR A 38 -44.84 -11.62 6.08
N PHE A 39 -44.14 -10.73 5.38
CA PHE A 39 -42.86 -11.07 4.75
C PHE A 39 -41.73 -10.85 5.74
N GLY A 40 -40.86 -11.84 5.90
CA GLY A 40 -39.70 -11.74 6.79
C GLY A 40 -38.39 -11.74 6.02
N PHE A 41 -37.50 -10.80 6.32
CA PHE A 41 -36.21 -10.68 5.61
C PHE A 41 -35.18 -11.62 6.22
N THR A 42 -35.13 -12.84 5.67
CA THR A 42 -34.28 -13.94 6.16
C THR A 42 -32.79 -13.63 6.46
N PRO A 43 -32.11 -12.85 5.58
CA PRO A 43 -30.70 -12.46 5.85
C PRO A 43 -30.44 -11.68 7.16
N ALA A 44 -31.50 -11.14 7.76
CA ALA A 44 -31.38 -10.44 9.04
C ALA A 44 -31.69 -11.32 10.26
N PHE A 45 -32.03 -12.59 10.03
CA PHE A 45 -32.33 -13.53 11.13
C PHE A 45 -31.17 -13.81 12.10
N PRO A 46 -29.93 -13.97 11.59
CA PRO A 46 -28.80 -14.09 12.52
C PRO A 46 -28.64 -12.86 13.42
N HIS A 47 -28.88 -11.68 12.87
CA HIS A 47 -28.84 -10.42 13.60
C HIS A 47 -30.01 -10.32 14.59
N LEU A 48 -31.19 -10.79 14.19
CA LEU A 48 -32.32 -10.94 15.14
C LEU A 48 -31.95 -11.86 16.31
N ALA A 49 -31.31 -12.99 16.02
CA ALA A 49 -30.86 -13.93 17.05
C ALA A 49 -29.83 -13.31 18.00
N MET A 50 -29.01 -12.39 17.48
CA MET A 50 -27.99 -11.70 18.29
C MET A 50 -28.56 -10.51 19.07
N GLY A 51 -29.82 -10.18 18.82
CA GLY A 51 -30.49 -9.07 19.48
C GLY A 51 -30.10 -7.72 18.88
N TRP A 52 -29.59 -7.74 17.65
CA TRP A 52 -29.21 -6.51 16.95
C TRP A 52 -30.32 -5.95 16.05
N ARG A 53 -31.46 -6.63 16.00
CA ARG A 53 -32.64 -6.13 15.25
C ARG A 53 -33.92 -6.28 16.06
N LYS A 54 -34.93 -5.48 15.74
CA LYS A 54 -36.30 -5.70 16.20
C LYS A 54 -37.09 -6.35 15.07
N PHE A 55 -38.00 -7.28 15.42
CA PHE A 55 -38.79 -7.99 14.40
C PHE A 55 -39.53 -7.07 13.41
N GLU A 56 -40.12 -5.99 13.93
CA GLU A 56 -40.91 -5.03 13.11
CA GLU A 56 -40.90 -5.04 13.12
C GLU A 56 -40.04 -4.28 12.09
N ASP A 57 -38.74 -4.20 12.36
CA ASP A 57 -37.80 -3.51 11.47
C ASP A 57 -37.31 -4.38 10.31
N ILE A 58 -37.56 -5.69 10.39
CA ILE A 58 -37.12 -6.64 9.35
C ILE A 58 -38.26 -7.47 8.77
N SER A 59 -39.49 -6.98 8.91
CA SER A 59 -40.68 -7.65 8.38
C SER A 59 -41.74 -6.68 7.84
N VAL A 60 -42.59 -7.15 6.92
CA VAL A 60 -43.66 -6.35 6.29
C VAL A 60 -45.02 -7.07 6.32
N PRO A 61 -46.05 -6.48 6.98
CA PRO A 61 -47.40 -7.09 6.96
C PRO A 61 -48.04 -7.09 5.54
N LEU A 62 -48.62 -8.22 5.14
CA LEU A 62 -49.06 -8.40 3.75
C LEU A 62 -50.50 -8.04 3.40
N ALA A 63 -51.44 -8.21 4.33
CA ALA A 63 -52.86 -7.99 4.05
C ALA A 63 -53.25 -6.54 3.74
N PRO A 64 -52.66 -5.55 4.47
CA PRO A 64 -52.98 -4.17 4.08
C PRO A 64 -52.15 -3.65 2.88
N LEU A 65 -51.13 -4.40 2.48
CA LEU A 65 -50.21 -4.00 1.42
C LEU A 65 -50.60 -4.55 0.04
N LEU A 66 -50.76 -5.87 -0.04
CA LEU A 66 -50.93 -6.58 -1.32
C LEU A 66 -52.10 -6.11 -2.20
N PRO A 67 -53.28 -5.79 -1.59
CA PRO A 67 -54.38 -5.20 -2.37
C PRO A 67 -54.04 -3.89 -3.11
N LYS A 68 -53.07 -3.13 -2.60
CA LYS A 68 -52.64 -1.87 -3.23
C LYS A 68 -52.00 -2.11 -4.61
N PHE A 69 -51.53 -3.34 -4.82
CA PHE A 69 -50.97 -3.77 -6.11
C PHE A 69 -51.91 -4.75 -6.83
N ASN A 70 -53.20 -4.72 -6.45
CA ASN A 70 -54.24 -5.60 -7.02
C ASN A 70 -53.94 -7.10 -6.95
N ILE A 71 -53.32 -7.53 -5.85
CA ILE A 71 -53.03 -8.93 -5.57
C ILE A 71 -53.91 -9.41 -4.40
N GLU A 72 -54.65 -10.49 -4.61
CA GLU A 72 -55.51 -11.06 -3.58
C GLU A 72 -54.70 -11.90 -2.59
N PHE A 73 -54.82 -11.60 -1.29
CA PHE A 73 -54.09 -12.31 -0.25
C PHE A 73 -54.99 -13.27 0.53
N ILE A 74 -54.59 -14.54 0.57
CA ILE A 74 -55.27 -15.53 1.41
C ILE A 74 -54.31 -16.04 2.49
N ASN A 75 -54.61 -15.70 3.74
CA ASN A 75 -53.75 -16.03 4.87
C ASN A 75 -54.12 -17.39 5.51
N GLU A 76 -53.73 -18.46 4.84
CA GLU A 76 -53.98 -19.84 5.24
C GLU A 76 -52.85 -20.71 4.71
N LYS A 77 -52.67 -21.87 5.33
CA LYS A 77 -51.82 -22.92 4.79
C LYS A 77 -52.48 -23.53 3.56
N ALA A 78 -51.73 -23.64 2.47
CA ALA A 78 -52.15 -24.46 1.34
C ALA A 78 -51.88 -25.93 1.68
N GLU A 79 -52.93 -26.76 1.55
CA GLU A 79 -52.95 -28.13 2.07
C GLU A 79 -52.74 -29.20 0.98
N SER A 80 -53.40 -29.05 -0.17
CA SER A 80 -53.26 -30.00 -1.28
C SER A 80 -53.34 -29.36 -2.67
N ILE A 81 -52.74 -30.05 -3.64
CA ILE A 81 -52.77 -29.63 -5.05
C ILE A 81 -53.31 -30.82 -5.85
N ASP A 82 -54.37 -30.62 -6.62
CA ASP A 82 -54.80 -31.59 -7.63
C ASP A 82 -54.39 -31.05 -9.01
N PRO A 83 -53.26 -31.53 -9.55
CA PRO A 83 -52.70 -31.03 -10.81
C PRO A 83 -53.55 -31.39 -12.04
N ASP A 84 -54.41 -32.40 -11.91
CA ASP A 84 -55.30 -32.82 -13.00
C ASP A 84 -56.52 -31.93 -13.08
N ALA A 85 -56.93 -31.38 -11.95
CA ALA A 85 -58.10 -30.50 -11.89
C ALA A 85 -57.71 -29.02 -11.81
N ASN A 86 -56.40 -28.76 -11.82
CA ASN A 86 -55.88 -27.39 -11.67
C ASN A 86 -56.47 -26.65 -10.47
N THR A 87 -56.38 -27.29 -9.31
CA THR A 87 -57.01 -26.77 -8.09
C THR A 87 -56.01 -26.77 -6.92
N VAL A 88 -56.13 -25.77 -6.06
CA VAL A 88 -55.42 -25.73 -4.78
C VAL A 88 -56.49 -25.74 -3.68
N THR A 89 -56.23 -26.49 -2.62
CA THR A 89 -57.15 -26.59 -1.50
C THR A 89 -56.45 -26.15 -0.23
N THR A 90 -57.03 -25.14 0.43
CA THR A 90 -56.46 -24.60 1.68
C THR A 90 -56.93 -25.43 2.86
N GLN A 91 -56.37 -25.13 4.04
CA GLN A 91 -56.64 -25.87 5.28
C GLN A 91 -58.11 -25.88 5.69
N SER A 92 -58.80 -24.75 5.47
CA SER A 92 -60.22 -24.64 5.85
C SER A 92 -61.17 -25.29 4.84
N GLY A 93 -60.61 -25.79 3.73
CA GLY A 93 -61.39 -26.50 2.71
C GLY A 93 -61.70 -25.70 1.46
N LYS A 94 -61.28 -24.44 1.42
CA LYS A 94 -61.51 -23.55 0.29
C LYS A 94 -60.77 -24.01 -0.98
N LYS A 95 -61.52 -24.19 -2.07
CA LYS A 95 -60.95 -24.66 -3.34
C LYS A 95 -60.76 -23.51 -4.34
N ILE A 96 -59.53 -23.33 -4.78
CA ILE A 96 -59.17 -22.25 -5.71
C ILE A 96 -58.60 -22.83 -7.00
N GLU A 97 -59.33 -22.65 -8.10
CA GLU A 97 -58.90 -23.14 -9.40
C GLU A 97 -57.87 -22.18 -10.02
N TYR A 98 -56.86 -22.73 -10.71
CA TYR A 98 -55.80 -21.90 -11.30
C TYR A 98 -55.61 -22.14 -12.80
N ASP A 99 -55.06 -21.14 -13.49
CA ASP A 99 -54.56 -21.33 -14.85
C ASP A 99 -53.08 -21.66 -14.81
N TYR A 100 -52.34 -20.98 -13.92
CA TYR A 100 -50.94 -21.26 -13.63
C TYR A 100 -50.69 -21.28 -12.11
N LEU A 101 -49.76 -22.14 -11.68
CA LEU A 101 -49.40 -22.28 -10.26
C LEU A 101 -47.90 -22.08 -10.02
N VAL A 102 -47.57 -21.19 -9.07
CA VAL A 102 -46.18 -21.01 -8.63
C VAL A 102 -46.05 -21.53 -7.19
N ILE A 103 -45.19 -22.53 -7.00
CA ILE A 103 -44.89 -23.08 -5.67
C ILE A 103 -43.61 -22.45 -5.13
N ALA A 104 -43.73 -21.78 -3.98
CA ALA A 104 -42.58 -21.07 -3.38
C ALA A 104 -42.65 -21.14 -1.85
N THR A 105 -42.78 -22.34 -1.32
CA THR A 105 -43.03 -22.54 0.12
C THR A 105 -41.77 -22.50 1.00
N GLY A 106 -40.60 -22.29 0.41
CA GLY A 106 -39.33 -22.30 1.16
C GLY A 106 -38.90 -23.65 1.76
N PRO A 107 -37.96 -23.63 2.74
CA PRO A 107 -37.47 -24.87 3.35
C PRO A 107 -38.40 -25.49 4.40
N LYS A 108 -38.53 -26.81 4.36
CA LYS A 108 -39.12 -27.51 5.51
C LYS A 108 -37.98 -28.09 6.36
N LEU A 109 -37.92 -27.67 7.62
CA LEU A 109 -36.76 -27.93 8.50
C LEU A 109 -36.72 -29.36 9.08
N VAL A 110 -35.56 -30.01 8.92
CA VAL A 110 -35.34 -31.34 9.53
C VAL A 110 -34.21 -31.33 10.57
N PHE A 111 -34.59 -31.54 11.83
CA PHE A 111 -33.64 -31.56 12.94
C PHE A 111 -33.11 -32.97 13.16
N GLY A 112 -32.22 -33.40 12.24
CA GLY A 112 -31.82 -34.80 12.10
C GLY A 112 -30.93 -35.45 13.14
N ALA A 113 -30.16 -34.65 13.88
CA ALA A 113 -29.34 -35.20 14.96
C ALA A 113 -30.21 -35.50 16.19
N GLU A 114 -29.92 -36.60 16.87
CA GLU A 114 -30.70 -37.02 18.03
C GLU A 114 -30.68 -35.91 19.10
N GLY A 115 -31.86 -35.45 19.48
CA GLY A 115 -32.00 -34.37 20.47
C GLY A 115 -31.74 -32.95 20.00
N GLN A 116 -31.61 -32.75 18.69
CA GLN A 116 -31.31 -31.42 18.15
C GLN A 116 -32.44 -30.43 18.42
N GLU A 117 -33.66 -30.77 18.01
CA GLU A 117 -34.80 -29.86 18.17
C GLU A 117 -35.09 -29.51 19.64
N GLU A 118 -34.86 -30.48 20.53
CA GLU A 118 -35.06 -30.28 21.98
C GLU A 118 -33.91 -29.52 22.66
N ASN A 119 -32.67 -29.88 22.34
CA ASN A 119 -31.51 -29.40 23.10
C ASN A 119 -30.63 -28.34 22.46
N SER A 120 -30.77 -28.14 21.14
CA SER A 120 -29.99 -27.12 20.43
C SER A 120 -30.81 -25.85 20.19
N THR A 121 -30.23 -24.89 19.46
CA THR A 121 -30.96 -23.72 18.96
C THR A 121 -30.77 -23.63 17.45
N SER A 122 -31.63 -22.85 16.80
CA SER A 122 -31.51 -22.58 15.38
C SER A 122 -32.02 -21.18 15.00
N ILE A 123 -31.61 -20.70 13.81
CA ILE A 123 -31.86 -19.31 13.40
C ILE A 123 -32.55 -19.17 12.04
N CYS A 124 -33.22 -20.22 11.61
CA CYS A 124 -33.80 -20.29 10.25
C CYS A 124 -35.14 -19.59 10.08
N THR A 125 -35.93 -19.50 11.15
CA THR A 125 -37.17 -18.72 11.16
C THR A 125 -37.07 -17.63 12.23
N ALA A 126 -37.89 -16.59 12.09
CA ALA A 126 -37.92 -15.49 13.07
C ALA A 126 -38.24 -16.02 14.47
N GLU A 127 -39.19 -16.95 14.56
CA GLU A 127 -39.59 -17.56 15.83
C GLU A 127 -38.45 -18.36 16.50
N HIS A 128 -37.71 -19.13 15.70
CA HIS A 128 -36.54 -19.85 16.22
C HIS A 128 -35.41 -18.89 16.62
N ALA A 129 -35.18 -17.85 15.82
CA ALA A 129 -34.16 -16.82 16.12
C ALA A 129 -34.42 -16.12 17.45
N LEU A 130 -35.69 -15.84 17.74
CA LEU A 130 -36.07 -15.19 19.00
C LEU A 130 -35.83 -16.08 20.22
N GLU A 131 -36.06 -17.38 20.05
CA GLU A 131 -35.78 -18.42 21.06
CA GLU A 131 -35.79 -18.36 21.10
C GLU A 131 -34.28 -18.48 21.33
N THR A 132 -33.49 -18.38 20.26
CA THR A 132 -32.02 -18.36 20.36
C THR A 132 -31.49 -17.15 21.14
N GLN A 133 -32.08 -15.98 20.90
CA GLN A 133 -31.72 -14.74 21.62
CA GLN A 133 -31.68 -14.76 21.63
C GLN A 133 -31.87 -14.94 23.14
N LYS A 134 -32.98 -15.57 23.54
CA LYS A 134 -33.25 -15.85 24.96
C LYS A 134 -32.20 -16.79 25.58
N LYS A 135 -31.77 -17.82 24.83
CA LYS A 135 -30.75 -18.76 25.29
C LYS A 135 -29.34 -18.16 25.39
N LEU A 136 -29.05 -17.19 24.53
CA LEU A 136 -27.75 -16.48 24.56
C LEU A 136 -27.55 -15.67 25.85
N GLN A 137 -28.66 -15.17 26.38
CA GLN A 137 -28.67 -14.41 27.63
C GLN A 137 -28.11 -15.26 28.78
N GLU A 138 -28.49 -16.54 28.80
CA GLU A 138 -28.01 -17.51 29.80
CA GLU A 138 -28.02 -17.52 29.79
C GLU A 138 -26.52 -17.82 29.64
N LEU A 139 -26.02 -17.76 28.40
CA LEU A 139 -24.59 -17.96 28.13
C LEU A 139 -23.70 -16.83 28.67
N TYR A 140 -24.15 -15.58 28.51
CA TYR A 140 -23.40 -14.43 29.02
C TYR A 140 -23.34 -14.38 30.56
N ALA A 141 -24.42 -14.82 31.21
CA ALA A 141 -24.48 -14.86 32.68
C ALA A 141 -23.59 -15.95 33.26
N ASN A 142 -23.60 -17.12 32.61
CA ASN A 142 -22.80 -18.27 33.03
C ASN A 142 -22.04 -18.82 31.83
N PRO A 143 -20.85 -18.27 31.55
CA PRO A 143 -20.09 -18.66 30.35
C PRO A 143 -19.60 -20.11 30.37
N GLY A 144 -19.71 -20.78 29.22
CA GLY A 144 -19.23 -22.16 29.05
C GLY A 144 -18.78 -22.39 27.62
N PRO A 145 -18.47 -23.65 27.26
CA PRO A 145 -18.04 -23.95 25.87
C PRO A 145 -19.18 -23.84 24.85
N VAL A 146 -18.88 -23.21 23.72
CA VAL A 146 -19.82 -23.05 22.62
C VAL A 146 -19.39 -23.93 21.45
N VAL A 147 -20.33 -24.70 20.90
CA VAL A 147 -20.12 -25.34 19.61
C VAL A 147 -21.24 -25.00 18.61
N ILE A 148 -20.84 -24.69 17.39
CA ILE A 148 -21.74 -24.19 16.34
C ILE A 148 -21.42 -24.96 15.05
N GLY A 149 -22.41 -25.19 14.21
CA GLY A 149 -22.14 -25.78 12.90
C GLY A 149 -23.30 -26.37 12.14
N ALA A 150 -23.02 -27.50 11.48
CA ALA A 150 -23.92 -28.09 10.50
C ALA A 150 -23.92 -29.61 10.58
N ILE A 151 -25.12 -30.17 10.67
CA ILE A 151 -25.33 -31.62 10.66
C ILE A 151 -25.20 -32.19 9.23
N PRO A 152 -25.23 -33.53 9.05
CA PRO A 152 -25.19 -34.11 7.69
C PRO A 152 -26.40 -33.75 6.82
N GLY A 153 -26.15 -33.49 5.54
CA GLY A 153 -27.24 -33.12 4.62
C GLY A 153 -27.60 -31.65 4.55
N VAL A 154 -26.90 -30.81 5.33
CA VAL A 154 -27.15 -29.36 5.32
C VAL A 154 -26.80 -28.79 3.93
N SER A 155 -27.55 -27.77 3.52
CA SER A 155 -27.29 -27.09 2.25
C SER A 155 -27.15 -25.56 2.38
N CSS A 156 -27.21 -25.04 3.57
CA CSS A 156 -27.09 -23.59 3.82
CB CSS A 156 -28.49 -23.08 4.22
SG CSS A 156 -28.84 -21.39 3.74
SG CSS A 156 -28.55 -21.31 4.39
SD CSS A 156 -28.22 -20.60 2.50
C CSS A 156 -26.11 -23.38 4.93
O CSS A 156 -26.52 -23.46 6.11
N PHE A 157 -24.87 -23.11 4.64
CA PHE A 157 -23.79 -23.03 5.64
C PHE A 157 -23.42 -21.61 6.10
N GLY A 158 -23.54 -20.65 5.20
CA GLY A 158 -23.20 -19.26 5.48
C GLY A 158 -23.65 -18.66 6.81
N PRO A 159 -24.94 -18.81 7.16
CA PRO A 159 -25.48 -18.24 8.39
C PRO A 159 -24.84 -18.79 9.66
N ALA A 160 -24.37 -20.05 9.60
CA ALA A 160 -23.63 -20.67 10.70
C ALA A 160 -22.25 -20.02 10.93
N TYR A 161 -21.54 -19.73 9.84
CA TYR A 161 -20.27 -18.98 9.90
C TYR A 161 -20.51 -17.54 10.41
N GLU A 162 -21.56 -16.89 9.92
CA GLU A 162 -21.93 -15.53 10.37
C GLU A 162 -22.18 -15.51 11.88
N PHE A 163 -23.03 -16.42 12.34
CA PHE A 163 -23.41 -16.51 13.76
C PHE A 163 -22.18 -16.72 14.65
N ALA A 164 -21.34 -17.69 14.30
CA ALA A 164 -20.10 -17.92 15.06
C ALA A 164 -19.23 -16.66 15.22
N LEU A 165 -19.01 -15.94 14.11
CA LEU A 165 -18.19 -14.72 14.15
C LEU A 165 -18.90 -13.52 14.82
N MET A 166 -20.22 -13.42 14.64
CA MET A 166 -21.00 -12.39 15.32
C MET A 166 -20.99 -12.58 16.82
N LEU A 167 -21.08 -13.84 17.26
CA LEU A 167 -21.02 -14.18 18.68
C LEU A 167 -19.65 -13.89 19.27
N HIS A 168 -18.58 -14.20 18.54
CA HIS A 168 -17.21 -13.89 18.98
C HIS A 168 -17.04 -12.39 19.23
N TYR A 169 -17.53 -11.58 18.29
CA TYR A 169 -17.56 -10.13 18.39
C TYR A 169 -18.33 -9.61 19.61
N GLU A 170 -19.55 -10.13 19.81
CA GLU A 170 -20.37 -9.81 20.98
C GLU A 170 -19.65 -10.11 22.30
N LEU A 171 -19.03 -11.30 22.37
CA LEU A 171 -18.31 -11.72 23.57
C LEU A 171 -17.11 -10.84 23.88
N LYS A 172 -16.42 -10.35 22.85
CA LYS A 172 -15.32 -9.41 23.03
C LYS A 172 -15.77 -7.99 23.43
N LYS A 173 -16.91 -7.56 22.91
CA LYS A 173 -17.46 -6.28 23.31
C LYS A 173 -17.91 -6.30 24.78
N ARG A 174 -18.29 -7.48 25.25
CA ARG A 174 -18.62 -7.71 26.67
C ARG A 174 -17.39 -8.03 27.52
N GLY A 175 -16.24 -8.21 26.87
CA GLY A 175 -14.96 -8.50 27.54
C GLY A 175 -14.87 -9.86 28.23
N ILE A 176 -15.52 -10.87 27.65
CA ILE A 176 -15.56 -12.21 28.25
C ILE A 176 -15.22 -13.36 27.27
N ARG A 177 -14.63 -13.01 26.13
CA ARG A 177 -14.21 -14.00 25.13
C ARG A 177 -13.18 -15.01 25.68
N TYR A 178 -12.32 -14.52 26.59
CA TYR A 178 -11.29 -15.35 27.21
C TYR A 178 -11.85 -16.41 28.19
N LYS A 179 -13.15 -16.35 28.44
CA LYS A 179 -13.84 -17.32 29.30
C LYS A 179 -14.66 -18.33 28.49
N VAL A 180 -14.72 -18.16 27.17
CA VAL A 180 -15.61 -18.96 26.31
C VAL A 180 -14.90 -19.66 25.14
N PRO A 181 -14.56 -20.96 25.31
CA PRO A 181 -14.07 -21.78 24.20
C PRO A 181 -15.08 -21.83 23.05
N MET A 182 -14.61 -21.71 21.82
CA MET A 182 -15.51 -21.84 20.67
C MET A 182 -15.01 -22.87 19.67
N THR A 183 -15.91 -23.76 19.25
CA THR A 183 -15.57 -24.81 18.31
C THR A 183 -16.61 -24.86 17.19
N PHE A 184 -16.13 -24.99 15.95
CA PHE A 184 -16.97 -25.06 14.76
C PHE A 184 -16.93 -26.49 14.18
N ILE A 185 -18.09 -27.14 14.08
CA ILE A 185 -18.17 -28.53 13.58
C ILE A 185 -19.07 -28.63 12.33
N THR A 186 -18.52 -29.16 11.24
CA THR A 186 -19.25 -29.12 9.96
C THR A 186 -19.15 -30.40 9.14
N SER A 187 -20.22 -30.69 8.38
CA SER A 187 -20.26 -31.79 7.41
C SER A 187 -19.48 -31.52 6.10
N GLU A 188 -19.15 -30.25 5.83
CA GLU A 188 -18.25 -29.87 4.74
C GLU A 188 -16.91 -30.58 4.86
N PRO A 189 -16.28 -30.95 3.71
CA PRO A 189 -14.98 -31.63 3.77
C PRO A 189 -13.83 -30.70 4.21
N TYR A 190 -14.05 -29.40 4.10
CA TYR A 190 -13.10 -28.40 4.59
C TYR A 190 -13.87 -27.11 4.83
N LEU A 191 -13.27 -26.20 5.61
CA LEU A 191 -13.87 -24.90 5.89
C LEU A 191 -13.97 -24.07 4.60
N GLY A 192 -15.07 -23.36 4.44
CA GLY A 192 -15.24 -22.48 3.28
C GLY A 192 -15.65 -23.23 2.02
N HIS A 193 -16.23 -24.41 2.18
CA HIS A 193 -16.77 -25.21 1.09
C HIS A 193 -18.15 -24.67 0.65
N PHE A 194 -19.05 -24.47 1.63
CA PHE A 194 -20.37 -23.83 1.44
C PHE A 194 -21.36 -24.69 0.66
N GLY A 195 -21.00 -25.94 0.37
CA GLY A 195 -21.82 -26.78 -0.49
C GLY A 195 -21.69 -26.42 -1.96
N VAL A 196 -20.65 -25.66 -2.29
CA VAL A 196 -20.41 -25.24 -3.69
C VAL A 196 -19.00 -25.61 -4.16
N GLY A 197 -18.30 -26.40 -3.35
CA GLY A 197 -16.90 -26.74 -3.60
C GLY A 197 -15.95 -25.56 -3.45
N GLY A 198 -16.34 -24.56 -2.66
CA GLY A 198 -15.52 -23.36 -2.47
C GLY A 198 -15.73 -22.26 -3.51
N ILE A 199 -15.38 -21.03 -3.12
CA ILE A 199 -15.45 -19.85 -3.97
C ILE A 199 -14.08 -19.19 -3.90
N GLY A 200 -13.26 -19.40 -4.94
CA GLY A 200 -11.88 -18.91 -4.93
C GLY A 200 -11.11 -19.53 -3.78
N ALA A 201 -10.29 -18.72 -3.12
CA ALA A 201 -9.56 -19.19 -1.95
C ALA A 201 -10.30 -18.93 -0.63
N SER A 202 -11.60 -19.29 -0.60
CA SER A 202 -12.42 -19.16 0.61
C SER A 202 -11.94 -20.05 1.76
N LYS A 203 -11.43 -21.24 1.44
CA LYS A 203 -10.89 -22.15 2.46
C LYS A 203 -9.75 -21.52 3.25
N ARG A 204 -8.80 -20.93 2.53
CA ARG A 204 -7.66 -20.23 3.12
C ARG A 204 -8.09 -18.96 3.87
N LEU A 205 -9.06 -18.24 3.32
CA LEU A 205 -9.61 -17.05 3.99
C LEU A 205 -10.21 -17.41 5.35
N VAL A 206 -11.08 -18.44 5.38
CA VAL A 206 -11.79 -18.80 6.63
C VAL A 206 -10.86 -19.47 7.65
N GLU A 207 -9.97 -20.35 7.19
CA GLU A 207 -8.93 -20.93 8.08
C GLU A 207 -8.11 -19.88 8.80
N ASP A 208 -7.68 -18.85 8.08
CA ASP A 208 -6.89 -17.75 8.65
C ASP A 208 -7.71 -16.90 9.60
N LEU A 209 -8.96 -16.65 9.25
CA LEU A 209 -9.88 -15.89 10.06
C LEU A 209 -10.20 -16.60 11.39
N PHE A 210 -10.40 -17.91 11.32
CA PHE A 210 -10.70 -18.70 12.52
C PHE A 210 -9.50 -18.77 13.49
N ALA A 211 -8.30 -18.93 12.92
CA ALA A 211 -7.06 -18.91 13.70
C ALA A 211 -6.75 -17.55 14.35
N GLU A 212 -7.06 -16.47 13.65
CA GLU A 212 -6.81 -15.11 14.14
C GLU A 212 -7.74 -14.73 15.28
N ARG A 213 -8.94 -15.32 15.26
CA ARG A 213 -10.00 -15.04 16.23
C ARG A 213 -10.29 -16.24 17.18
N ASN A 214 -9.35 -17.19 17.25
CA ASN A 214 -9.42 -18.31 18.21
C ASN A 214 -10.71 -19.15 18.14
N ILE A 215 -11.15 -19.48 16.93
CA ILE A 215 -12.26 -20.40 16.73
C ILE A 215 -11.67 -21.75 16.33
N ASP A 216 -11.79 -22.74 17.21
CA ASP A 216 -11.35 -24.12 16.91
C ASP A 216 -12.32 -24.76 15.92
N TRP A 217 -11.88 -25.79 15.21
CA TRP A 217 -12.77 -26.41 14.22
C TRP A 217 -12.46 -27.85 13.86
N ILE A 218 -13.51 -28.55 13.45
CA ILE A 218 -13.47 -29.93 12.99
C ILE A 218 -14.35 -30.02 11.74
N ALA A 219 -13.75 -30.39 10.61
CA ALA A 219 -14.52 -30.58 9.39
C ALA A 219 -14.55 -32.04 8.98
N ASN A 220 -15.45 -32.37 8.05
CA ASN A 220 -15.53 -33.71 7.43
C ASN A 220 -15.96 -34.80 8.43
N VAL A 221 -16.87 -34.43 9.34
CA VAL A 221 -17.44 -35.37 10.33
C VAL A 221 -18.95 -35.25 10.36
N ALA A 222 -19.61 -36.24 10.95
CA ALA A 222 -21.07 -36.30 11.00
C ALA A 222 -21.57 -36.17 12.43
N VAL A 223 -22.24 -35.06 12.70
CA VAL A 223 -22.86 -34.84 14.00
C VAL A 223 -24.05 -35.77 14.19
N LYS A 224 -23.95 -36.63 15.21
CA LYS A 224 -24.92 -37.71 15.46
C LYS A 224 -25.93 -37.35 16.56
N ALA A 225 -25.46 -36.63 17.57
CA ALA A 225 -26.29 -36.31 18.73
C ALA A 225 -25.89 -34.99 19.41
N ILE A 226 -26.91 -34.27 19.89
CA ILE A 226 -26.71 -33.07 20.69
C ILE A 226 -27.42 -33.25 22.03
N GLU A 227 -26.63 -33.29 23.09
CA GLU A 227 -27.15 -33.47 24.43
C GLU A 227 -27.15 -32.11 25.14
N PRO A 228 -27.74 -32.03 26.35
CA PRO A 228 -27.63 -30.82 27.16
C PRO A 228 -26.19 -30.38 27.49
N ASP A 229 -25.24 -31.31 27.45
CA ASP A 229 -23.88 -31.04 27.94
C ASP A 229 -22.72 -31.37 26.98
N LYS A 230 -23.04 -31.97 25.84
CA LYS A 230 -22.02 -32.35 24.85
C LYS A 230 -22.57 -32.55 23.44
N VAL A 231 -21.68 -32.52 22.45
CA VAL A 231 -22.03 -32.82 21.07
C VAL A 231 -21.29 -34.08 20.65
N ILE A 232 -22.01 -35.00 20.04
CA ILE A 232 -21.44 -36.29 19.63
C ILE A 232 -21.37 -36.37 18.11
N TYR A 233 -20.16 -36.54 17.60
CA TYR A 233 -19.95 -36.72 16.16
C TYR A 233 -19.22 -38.02 15.86
N GLU A 234 -19.40 -38.51 14.63
CA GLU A 234 -18.73 -39.69 14.14
C GLU A 234 -17.78 -39.31 12.99
N ASP A 235 -16.60 -39.91 12.96
CA ASP A 235 -15.66 -39.69 11.85
C ASP A 235 -15.80 -40.76 10.75
N LEU A 236 -15.00 -40.64 9.69
CA LEU A 236 -15.09 -41.52 8.52
C LEU A 236 -14.57 -42.94 8.77
N ASN A 237 -13.78 -43.11 9.83
CA ASN A 237 -13.39 -44.44 10.31
C ASN A 237 -14.51 -45.13 11.10
N GLY A 238 -15.58 -44.39 11.38
CA GLY A 238 -16.73 -44.93 12.11
C GLY A 238 -16.61 -44.85 13.62
N ASN A 239 -15.53 -44.22 14.08
CA ASN A 239 -15.31 -43.97 15.51
C ASN A 239 -16.04 -42.70 15.97
N THR A 240 -16.60 -42.73 17.18
CA THR A 240 -17.37 -41.62 17.74
C THR A 240 -16.57 -40.80 18.76
N HIS A 241 -16.82 -39.50 18.80
CA HIS A 241 -16.14 -38.57 19.70
C HIS A 241 -17.12 -37.64 20.43
N GLU A 242 -16.61 -36.95 21.44
CA GLU A 242 -17.40 -35.99 22.21
C GLU A 242 -16.65 -34.67 22.35
N VAL A 243 -17.42 -33.58 22.37
CA VAL A 243 -16.91 -32.26 22.71
C VAL A 243 -17.86 -31.65 23.76
N PRO A 244 -17.30 -31.11 24.87
CA PRO A 244 -18.16 -30.44 25.86
C PRO A 244 -18.86 -29.20 25.28
N ALA A 245 -20.12 -28.99 25.67
CA ALA A 245 -20.94 -27.92 25.12
C ALA A 245 -22.01 -27.43 26.09
N LYS A 246 -21.99 -26.12 26.36
CA LYS A 246 -22.99 -25.48 27.20
C LYS A 246 -24.08 -24.79 26.34
N PHE A 247 -23.66 -24.21 25.22
CA PHE A 247 -24.57 -23.58 24.25
C PHE A 247 -24.24 -24.07 22.86
N THR A 248 -25.25 -24.43 22.09
CA THR A 248 -25.06 -24.88 20.70
C THR A 248 -26.05 -24.21 19.75
N MET A 249 -25.61 -24.01 18.51
CA MET A 249 -26.47 -23.58 17.42
C MET A 249 -26.11 -24.40 16.17
N PHE A 250 -27.04 -25.24 15.72
CA PHE A 250 -26.82 -26.05 14.52
C PHE A 250 -27.84 -25.77 13.40
N MET A 251 -27.37 -25.81 12.17
CA MET A 251 -28.26 -25.74 11.02
C MET A 251 -28.98 -27.08 10.85
N PRO A 252 -30.31 -27.05 10.58
CA PRO A 252 -30.98 -28.28 10.17
C PRO A 252 -30.78 -28.53 8.67
N SER A 253 -31.13 -29.72 8.20
CA SER A 253 -31.25 -30.00 6.76
C SER A 253 -32.65 -29.65 6.27
N PHE A 254 -32.84 -29.65 4.95
CA PHE A 254 -34.11 -29.24 4.34
C PHE A 254 -34.78 -30.38 3.58
N GLN A 255 -36.10 -30.45 3.69
CA GLN A 255 -36.92 -31.26 2.79
C GLN A 255 -38.03 -30.36 2.23
N GLY A 256 -38.89 -30.90 1.35
CA GLY A 256 -40.08 -30.19 0.88
C GLY A 256 -41.33 -30.47 1.71
N PRO A 257 -42.44 -29.74 1.42
CA PRO A 257 -43.67 -29.79 2.22
C PRO A 257 -44.66 -30.88 1.80
N GLU A 258 -45.68 -31.08 2.62
CA GLU A 258 -46.73 -32.06 2.35
C GLU A 258 -47.69 -31.63 1.24
N VAL A 259 -47.85 -30.33 1.03
CA VAL A 259 -48.67 -29.80 -0.07
C VAL A 259 -48.11 -30.20 -1.44
N VAL A 260 -46.78 -30.23 -1.56
CA VAL A 260 -46.11 -30.70 -2.75
C VAL A 260 -46.23 -32.22 -2.87
N ALA A 261 -45.98 -32.94 -1.77
CA ALA A 261 -46.15 -34.41 -1.75
C ALA A 261 -47.53 -34.88 -2.23
N SER A 262 -48.58 -34.11 -1.97
CA SER A 262 -49.95 -34.48 -2.37
C SER A 262 -50.22 -34.43 -3.88
N ALA A 263 -49.35 -33.78 -4.64
CA ALA A 263 -49.53 -33.68 -6.10
C ALA A 263 -49.04 -34.92 -6.86
N GLY A 264 -48.41 -35.86 -6.14
CA GLY A 264 -47.95 -37.13 -6.73
C GLY A 264 -46.47 -37.09 -7.07
N ASP A 265 -45.93 -38.21 -7.55
CA ASP A 265 -44.49 -38.32 -7.81
C ASP A 265 -44.01 -37.68 -9.13
N LYS A 266 -44.94 -37.13 -9.92
CA LYS A 266 -44.59 -36.36 -11.11
C LYS A 266 -44.25 -34.91 -10.77
N VAL A 267 -44.68 -34.46 -9.58
CA VAL A 267 -44.42 -33.10 -9.10
C VAL A 267 -43.45 -33.12 -7.91
N ALA A 268 -43.70 -34.04 -6.96
CA ALA A 268 -42.87 -34.19 -5.77
C ALA A 268 -41.72 -35.17 -5.95
N ASN A 269 -40.49 -34.71 -5.76
CA ASN A 269 -39.31 -35.59 -5.80
C ASN A 269 -39.34 -36.57 -4.63
N PRO A 270 -39.44 -37.88 -4.93
CA PRO A 270 -39.56 -38.90 -3.88
C PRO A 270 -38.47 -38.85 -2.80
N ALA A 271 -37.23 -38.54 -3.20
CA ALA A 271 -36.09 -38.52 -2.29
C ALA A 271 -36.11 -37.40 -1.25
N ASN A 272 -36.70 -36.25 -1.60
CA ASN A 272 -36.65 -35.06 -0.73
C ASN A 272 -37.93 -34.21 -0.62
N LYS A 273 -38.97 -34.61 -1.36
CA LYS A 273 -40.27 -33.89 -1.46
C LYS A 273 -40.22 -32.47 -2.06
N MET A 274 -39.10 -32.12 -2.70
CA MET A 274 -39.00 -30.82 -3.35
C MET A 274 -39.59 -30.86 -4.76
N VAL A 275 -39.79 -29.67 -5.34
CA VAL A 275 -40.48 -29.55 -6.65
C VAL A 275 -39.56 -29.96 -7.80
N ILE A 276 -39.97 -31.00 -8.53
CA ILE A 276 -39.29 -31.41 -9.75
C ILE A 276 -39.46 -30.34 -10.84
N VAL A 277 -38.33 -29.73 -11.21
CA VAL A 277 -38.26 -28.68 -12.25
C VAL A 277 -37.18 -28.94 -13.31
N ASN A 278 -37.37 -28.36 -14.49
CA ASN A 278 -36.34 -28.38 -15.52
C ASN A 278 -35.49 -27.10 -15.50
N ARG A 279 -34.64 -26.92 -16.53
CA ARG A 279 -33.81 -25.73 -16.72
C ARG A 279 -34.57 -24.40 -16.61
N CYS A 280 -35.85 -24.44 -16.97
CA CYS A 280 -36.71 -23.24 -17.03
C CYS A 280 -37.55 -23.06 -15.77
N PHE A 281 -37.24 -23.87 -14.76
CA PHE A 281 -37.93 -23.91 -13.46
C PHE A 281 -39.45 -24.19 -13.60
N GLN A 282 -39.76 -24.97 -14.63
CA GLN A 282 -41.10 -25.46 -14.95
C GLN A 282 -41.15 -26.98 -14.69
N ASN A 283 -42.28 -27.47 -14.19
CA ASN A 283 -42.47 -28.93 -14.05
C ASN A 283 -42.54 -29.64 -15.42
N PRO A 284 -41.81 -30.76 -15.56
CA PRO A 284 -41.79 -31.53 -16.82
C PRO A 284 -43.12 -32.15 -17.29
N THR A 285 -43.99 -32.60 -16.38
CA THR A 285 -45.23 -33.26 -16.82
C THR A 285 -46.48 -32.36 -16.75
N TYR A 286 -46.53 -31.45 -15.77
CA TYR A 286 -47.57 -30.43 -15.67
C TYR A 286 -47.00 -29.04 -15.95
N LYS A 287 -47.16 -28.59 -17.20
CA LYS A 287 -46.42 -27.43 -17.69
C LYS A 287 -46.99 -26.06 -17.28
N ASN A 288 -48.12 -26.08 -16.56
CA ASN A 288 -48.64 -24.90 -15.90
C ASN A 288 -48.26 -24.82 -14.42
N ILE A 289 -47.32 -25.68 -14.00
CA ILE A 289 -46.75 -25.63 -12.65
C ILE A 289 -45.25 -25.22 -12.68
N PHE A 290 -44.90 -24.26 -11.82
CA PHE A 290 -43.54 -23.71 -11.70
C PHE A 290 -43.08 -23.73 -10.23
N GLY A 291 -41.75 -23.77 -10.04
CA GLY A 291 -41.13 -23.74 -8.72
C GLY A 291 -40.10 -22.62 -8.61
N VAL A 292 -40.12 -21.90 -7.49
CA VAL A 292 -39.19 -20.80 -7.25
C VAL A 292 -38.65 -20.90 -5.81
N GLY A 293 -37.33 -20.88 -5.65
CA GLY A 293 -36.71 -20.79 -4.32
C GLY A 293 -36.15 -22.09 -3.76
N VAL A 294 -36.00 -22.13 -2.44
CA VAL A 294 -35.43 -23.28 -1.73
C VAL A 294 -36.20 -24.58 -1.96
N VAL A 295 -37.52 -24.50 -2.17
CA VAL A 295 -38.36 -25.70 -2.41
C VAL A 295 -38.08 -26.45 -3.74
N THR A 296 -37.25 -25.89 -4.61
CA THR A 296 -36.95 -26.53 -5.89
C THR A 296 -35.85 -27.58 -5.74
N ALA A 297 -35.99 -28.70 -6.45
CA ALA A 297 -35.05 -29.80 -6.36
C ALA A 297 -33.87 -29.59 -7.33
N ILE A 298 -32.72 -29.25 -6.77
CA ILE A 298 -31.47 -29.08 -7.53
C ILE A 298 -30.43 -30.07 -6.98
N PRO A 299 -29.75 -30.82 -7.89
CA PRO A 299 -28.71 -31.77 -7.48
C PRO A 299 -27.51 -31.10 -6.79
N PRO A 300 -26.83 -31.82 -5.87
CA PRO A 300 -25.60 -31.32 -5.26
C PRO A 300 -24.50 -31.08 -6.29
N ILE A 301 -23.67 -30.07 -6.02
CA ILE A 301 -22.56 -29.71 -6.91
C ILE A 301 -21.46 -30.77 -6.85
N GLU A 302 -21.29 -31.39 -5.69
CA GLU A 302 -20.39 -32.53 -5.56
C GLU A 302 -20.83 -33.49 -4.43
N LYS A 303 -20.57 -34.78 -4.63
CA LYS A 303 -20.82 -35.80 -3.61
C LYS A 303 -19.67 -35.80 -2.60
N THR A 304 -19.95 -35.30 -1.40
CA THR A 304 -18.94 -35.16 -0.35
C THR A 304 -18.99 -36.38 0.58
N PRO A 305 -17.86 -36.73 1.24
CA PRO A 305 -17.83 -37.92 2.12
C PRO A 305 -18.93 -37.92 3.19
N ILE A 306 -19.17 -36.77 3.83
CA ILE A 306 -20.39 -36.55 4.61
C ILE A 306 -21.35 -35.78 3.69
N PRO A 307 -22.57 -36.30 3.46
CA PRO A 307 -23.52 -35.68 2.53
C PRO A 307 -23.84 -34.20 2.80
N THR A 308 -23.87 -33.43 1.72
CA THR A 308 -24.04 -31.99 1.71
C THR A 308 -24.90 -31.63 0.49
N GLY A 309 -25.62 -30.50 0.56
CA GLY A 309 -26.49 -30.04 -0.55
C GLY A 309 -26.19 -28.63 -1.02
N VAL A 310 -26.88 -28.20 -2.08
CA VAL A 310 -26.64 -26.87 -2.71
C VAL A 310 -27.47 -25.73 -2.10
N PRO A 311 -26.82 -24.62 -1.72
CA PRO A 311 -27.56 -23.41 -1.31
C PRO A 311 -28.39 -22.75 -2.42
N LYS A 312 -29.56 -22.23 -2.05
CA LYS A 312 -30.34 -21.31 -2.89
C LYS A 312 -30.34 -19.93 -2.21
N THR A 313 -29.53 -19.03 -2.76
CA THR A 313 -29.27 -17.71 -2.19
C THR A 313 -30.24 -16.68 -2.78
N GLY A 314 -30.26 -15.48 -2.19
CA GLY A 314 -31.21 -14.43 -2.59
C GLY A 314 -31.13 -14.03 -4.05
N MET A 315 -29.92 -13.82 -4.54
CA MET A 315 -29.70 -13.47 -5.94
C MET A 315 -30.14 -14.57 -6.94
N MET A 316 -29.86 -15.83 -6.62
CA MET A 316 -30.30 -16.98 -7.43
C MET A 316 -31.83 -17.03 -7.55
N ILE A 317 -32.52 -16.83 -6.43
CA ILE A 317 -33.98 -16.91 -6.33
C ILE A 317 -34.69 -15.76 -7.07
N GLU A 318 -34.17 -14.54 -6.92
CA GLU A 318 -34.63 -13.40 -7.71
C GLU A 318 -34.53 -13.64 -9.22
N GLN A 319 -33.44 -14.26 -9.64
CA GLN A 319 -33.27 -14.69 -11.04
C GLN A 319 -34.30 -15.78 -11.43
N MET A 320 -34.58 -16.74 -10.54
CA MET A 320 -35.64 -17.76 -10.77
C MET A 320 -36.99 -17.08 -11.00
N ALA A 321 -37.26 -16.05 -10.20
CA ALA A 321 -38.51 -15.30 -10.23
C ALA A 321 -38.70 -14.55 -11.54
N MET A 322 -37.63 -13.92 -12.05
CA MET A 322 -37.67 -13.21 -13.34
C MET A 322 -38.00 -14.17 -14.47
N ALA A 323 -37.27 -15.29 -14.51
CA ALA A 323 -37.42 -16.30 -15.55
C ALA A 323 -38.84 -16.91 -15.55
N VAL A 324 -39.33 -17.26 -14.36
CA VAL A 324 -40.67 -17.85 -14.21
C VAL A 324 -41.77 -16.89 -14.64
N ALA A 325 -41.70 -15.63 -14.20
CA ALA A 325 -42.72 -14.63 -14.56
C ALA A 325 -42.82 -14.40 -16.07
N HIS A 326 -41.68 -14.24 -16.73
CA HIS A 326 -41.59 -14.14 -18.19
C HIS A 326 -42.13 -15.37 -18.92
N ASN A 327 -41.89 -16.57 -18.38
CA ASN A 327 -42.34 -17.81 -19.02
C ASN A 327 -43.86 -17.98 -19.03
N ILE A 328 -44.50 -17.59 -17.93
CA ILE A 328 -45.96 -17.63 -17.78
C ILE A 328 -46.64 -16.60 -18.72
N VAL A 329 -46.16 -15.37 -18.64
CA VAL A 329 -46.66 -14.26 -19.45
C VAL A 329 -46.49 -14.52 -20.96
N ASN A 330 -45.38 -15.15 -21.33
CA ASN A 330 -45.15 -15.56 -22.73
C ASN A 330 -46.09 -16.68 -23.19
N ASP A 331 -46.47 -17.57 -22.28
CA ASP A 331 -47.45 -18.63 -22.58
C ASP A 331 -48.84 -18.04 -22.87
N ILE A 332 -49.27 -17.12 -22.02
CA ILE A 332 -50.55 -16.43 -22.17
C ILE A 332 -50.63 -15.70 -23.53
N ARG A 333 -49.53 -15.09 -23.93
CA ARG A 333 -49.47 -14.30 -25.17
C ARG A 333 -49.07 -15.12 -26.40
N ASN A 334 -48.78 -16.41 -26.20
CA ASN A 334 -48.33 -17.31 -27.27
C ASN A 334 -46.97 -16.88 -27.87
N ASN A 335 -46.07 -16.44 -27.00
CA ASN A 335 -44.68 -16.16 -27.36
C ASN A 335 -43.83 -17.37 -26.95
N PRO A 336 -43.22 -18.08 -27.93
CA PRO A 336 -42.48 -19.32 -27.67
C PRO A 336 -41.12 -19.15 -26.98
N ASP A 337 -40.71 -17.90 -26.75
CA ASP A 337 -39.48 -17.61 -25.99
C ASP A 337 -39.61 -18.11 -24.55
N LYS A 338 -38.55 -18.77 -24.09
CA LYS A 338 -38.46 -19.23 -22.69
C LYS A 338 -37.08 -18.93 -22.11
N TYR A 339 -37.02 -18.80 -20.79
CA TYR A 339 -35.83 -18.30 -20.09
C TYR A 339 -35.37 -19.21 -18.94
N ALA A 340 -34.06 -19.35 -18.83
CA ALA A 340 -33.41 -19.97 -17.70
C ALA A 340 -32.68 -18.90 -16.86
N PRO A 341 -32.75 -19.01 -15.52
CA PRO A 341 -31.96 -18.11 -14.67
C PRO A 341 -30.47 -18.40 -14.79
N ARG A 342 -29.64 -17.36 -14.69
CA ARG A 342 -28.20 -17.50 -14.70
C ARG A 342 -27.71 -18.25 -13.45
N LEU A 343 -28.37 -18.02 -12.32
CA LEU A 343 -28.04 -18.62 -11.01
C LEU A 343 -26.63 -18.23 -10.51
N SER A 344 -26.34 -16.94 -10.58
CA SER A 344 -25.11 -16.40 -9.98
C SER A 344 -25.45 -15.88 -8.58
N ALA A 345 -24.43 -15.65 -7.76
CA ALA A 345 -24.65 -15.25 -6.37
C ALA A 345 -23.62 -14.25 -5.87
N ILE A 346 -24.12 -13.17 -5.27
CA ILE A 346 -23.33 -12.22 -4.49
C ILE A 346 -23.73 -12.46 -3.04
N CYS A 347 -22.83 -13.03 -2.25
CA CYS A 347 -23.09 -13.29 -0.82
C CYS A 347 -22.16 -12.53 0.11
N ILE A 348 -22.74 -11.94 1.17
CA ILE A 348 -21.97 -11.26 2.20
C ILE A 348 -22.18 -11.94 3.56
N ALA A 349 -21.08 -12.43 4.14
CA ALA A 349 -21.12 -12.98 5.50
C ALA A 349 -20.70 -11.91 6.50
N ASP A 350 -21.66 -11.42 7.25
CA ASP A 350 -21.44 -10.35 8.24
C ASP A 350 -20.83 -10.93 9.51
N PHE A 351 -19.71 -10.37 9.95
CA PHE A 351 -19.00 -10.88 11.14
C PHE A 351 -19.09 -9.94 12.35
N GLY A 352 -19.94 -8.92 12.25
CA GLY A 352 -20.07 -7.90 13.30
C GLY A 352 -19.75 -6.48 12.86
N GLU A 353 -18.46 -6.19 12.73
CA GLU A 353 -17.97 -4.88 12.33
C GLU A 353 -17.27 -4.94 10.97
N ASP A 354 -17.01 -6.16 10.51
CA ASP A 354 -16.49 -6.40 9.17
C ASP A 354 -17.20 -7.62 8.55
N ALA A 355 -16.80 -8.00 7.34
CA ALA A 355 -17.55 -9.03 6.61
C ALA A 355 -16.76 -9.60 5.45
N GLY A 356 -17.12 -10.81 5.05
CA GLY A 356 -16.56 -11.45 3.85
C GLY A 356 -17.51 -11.33 2.66
N PHE A 357 -16.97 -10.96 1.52
CA PHE A 357 -17.72 -10.80 0.27
C PHE A 357 -17.36 -11.92 -0.69
N PHE A 358 -18.37 -12.67 -1.12
CA PHE A 358 -18.17 -13.81 -2.02
C PHE A 358 -19.04 -13.66 -3.26
N PHE A 359 -18.42 -13.73 -4.44
CA PHE A 359 -19.12 -13.64 -5.71
C PHE A 359 -18.75 -14.85 -6.56
N ALA A 360 -19.75 -15.49 -7.13
CA ALA A 360 -19.57 -16.68 -7.96
C ALA A 360 -20.49 -16.61 -9.18
N ASP A 361 -19.90 -16.58 -10.37
CA ASP A 361 -20.71 -16.53 -11.59
C ASP A 361 -20.35 -17.63 -12.61
N PRO A 362 -21.23 -18.65 -12.78
CA PRO A 362 -22.38 -18.96 -11.92
C PRO A 362 -21.93 -19.69 -10.66
N VAL A 363 -22.87 -19.98 -9.77
CA VAL A 363 -22.58 -20.74 -8.55
C VAL A 363 -22.16 -22.18 -8.90
N ILE A 364 -22.92 -22.81 -9.79
CA ILE A 364 -22.66 -24.16 -10.27
C ILE A 364 -21.60 -24.14 -11.39
N PRO A 365 -20.42 -24.77 -11.16
CA PRO A 365 -19.28 -24.79 -12.09
C PRO A 365 -19.57 -25.50 -13.42
N PRO A 366 -18.73 -25.26 -14.45
CA PRO A 366 -17.57 -24.35 -14.49
C PRO A 366 -17.97 -22.86 -14.42
N ARG A 367 -17.19 -22.09 -13.66
CA ARG A 367 -17.47 -20.67 -13.39
C ARG A 367 -16.72 -19.73 -14.33
N GLU A 368 -17.32 -18.59 -14.64
CA GLU A 368 -16.67 -17.55 -15.46
C GLU A 368 -15.69 -16.73 -14.61
N ARG A 369 -16.11 -16.38 -13.40
CA ARG A 369 -15.25 -15.64 -12.46
C ARG A 369 -15.74 -15.73 -11.02
N VAL A 370 -14.82 -15.48 -10.09
CA VAL A 370 -15.15 -15.33 -8.67
C VAL A 370 -14.49 -14.06 -8.13
N ILE A 371 -15.01 -13.55 -7.02
CA ILE A 371 -14.34 -12.52 -6.23
C ILE A 371 -14.52 -12.89 -4.77
N THR A 372 -13.44 -12.91 -4.00
CA THR A 372 -13.51 -13.15 -2.56
C THR A 372 -12.68 -12.15 -1.77
N LYS A 373 -13.36 -11.31 -1.00
CA LYS A 373 -12.73 -10.22 -0.26
C LYS A 373 -13.31 -10.11 1.14
N MET A 374 -12.66 -9.29 1.95
CA MET A 374 -13.06 -9.06 3.33
C MET A 374 -12.60 -7.68 3.76
N GLY A 375 -13.47 -6.95 4.45
CA GLY A 375 -13.14 -5.63 4.98
C GLY A 375 -14.32 -5.02 5.73
N LYS A 376 -14.10 -3.85 6.33
CA LYS A 376 -15.16 -3.11 7.01
C LYS A 376 -16.27 -2.71 6.05
N TRP A 377 -15.88 -2.27 4.85
CA TRP A 377 -16.82 -1.80 3.84
C TRP A 377 -17.98 -2.79 3.56
N ALA A 378 -17.66 -4.08 3.55
CA ALA A 378 -18.62 -5.14 3.21
C ALA A 378 -19.71 -5.30 4.28
N HIS A 379 -19.39 -4.96 5.53
CA HIS A 379 -20.39 -4.92 6.60
C HIS A 379 -21.45 -3.84 6.32
N TYR A 380 -21.01 -2.65 5.92
CA TYR A 380 -21.91 -1.53 5.67
C TYR A 380 -22.79 -1.72 4.45
N PHE A 381 -22.26 -2.45 3.45
CA PHE A 381 -23.05 -2.83 2.28
C PHE A 381 -24.19 -3.77 2.65
N LYS A 382 -23.93 -4.75 3.52
CA LYS A 382 -24.96 -5.70 3.97
C LYS A 382 -26.15 -4.98 4.64
N THR A 383 -25.84 -4.10 5.59
CA THR A 383 -26.87 -3.25 6.23
C THR A 383 -27.62 -2.42 5.18
N ALA A 384 -26.89 -1.83 4.23
CA ALA A 384 -27.48 -0.98 3.20
C ALA A 384 -28.47 -1.75 2.32
N PHE A 385 -28.09 -2.96 1.94
CA PHE A 385 -28.94 -3.83 1.13
C PHE A 385 -30.21 -4.30 1.86
N GLU A 386 -30.12 -4.53 3.17
CA GLU A 386 -31.27 -4.86 4.00
C GLU A 386 -32.36 -3.78 3.88
N LYS A 387 -31.97 -2.52 4.02
CA LYS A 387 -32.88 -1.39 3.88
C LYS A 387 -33.48 -1.33 2.48
N TYR A 388 -32.63 -1.52 1.47
CA TYR A 388 -33.03 -1.49 0.07
C TYR A 388 -34.09 -2.54 -0.26
N PHE A 389 -33.88 -3.77 0.21
CA PHE A 389 -34.79 -4.88 -0.11
C PHE A 389 -36.18 -4.74 0.55
N LEU A 390 -36.20 -4.30 1.80
CA LEU A 390 -37.46 -4.05 2.51
C LEU A 390 -38.25 -2.91 1.87
N TRP A 391 -37.55 -1.89 1.36
CA TRP A 391 -38.20 -0.84 0.57
C TRP A 391 -38.91 -1.41 -0.69
N LYS A 392 -38.20 -2.27 -1.43
CA LYS A 392 -38.76 -2.90 -2.64
C LYS A 392 -40.07 -3.66 -2.39
N VAL A 393 -40.10 -4.49 -1.34
CA VAL A 393 -41.32 -5.21 -0.93
C VAL A 393 -42.50 -4.24 -0.67
N ARG A 394 -42.21 -3.13 0.01
CA ARG A 394 -43.25 -2.12 0.30
C ARG A 394 -43.69 -1.30 -0.90
N ASN A 395 -42.84 -1.20 -1.92
CA ASN A 395 -43.16 -0.34 -3.06
C ASN A 395 -43.49 -1.07 -4.38
N GLY A 396 -43.61 -2.40 -4.32
CA GLY A 396 -44.26 -3.18 -5.38
C GLY A 396 -43.42 -3.52 -6.60
N ASN A 397 -42.10 -3.55 -6.43
CA ASN A 397 -41.20 -3.85 -7.53
C ASN A 397 -39.90 -4.43 -7.01
N ILE A 398 -39.75 -5.75 -7.13
CA ILE A 398 -38.55 -6.44 -6.66
C ILE A 398 -37.44 -6.41 -7.72
N ALA A 399 -37.77 -5.95 -8.92
CA ALA A 399 -36.80 -5.90 -10.00
C ALA A 399 -36.76 -4.54 -10.76
N PRO A 400 -36.35 -3.45 -10.08
CA PRO A 400 -36.30 -2.15 -10.79
C PRO A 400 -35.23 -2.16 -11.88
N SER A 401 -35.54 -1.61 -13.04
CA SER A 401 -34.63 -1.66 -14.20
C SER A 401 -33.20 -1.23 -13.89
N PHE A 402 -33.04 -0.16 -13.09
CA PHE A 402 -31.73 0.40 -12.76
C PHE A 402 -30.80 -0.60 -12.05
N GLU A 403 -31.38 -1.52 -11.28
CA GLU A 403 -30.62 -2.53 -10.53
C GLU A 403 -29.86 -3.50 -11.44
N GLU A 404 -30.56 -4.03 -12.45
CA GLU A 404 -29.96 -4.88 -13.46
C GLU A 404 -28.81 -4.16 -14.19
N LYS A 405 -28.98 -2.87 -14.47
CA LYS A 405 -27.95 -2.09 -15.15
C LYS A 405 -26.70 -1.88 -14.31
N VAL A 406 -26.87 -1.59 -13.03
CA VAL A 406 -25.75 -1.41 -12.08
C VAL A 406 -24.94 -2.71 -11.88
N LEU A 407 -25.64 -3.85 -11.80
CA LEU A 407 -25.01 -5.16 -11.67
C LEU A 407 -24.24 -5.55 -12.93
N GLU A 408 -24.75 -5.15 -14.08
CA GLU A 408 -24.05 -5.31 -15.35
C GLU A 408 -22.74 -4.51 -15.35
N ILE A 409 -22.80 -3.20 -15.07
CA ILE A 409 -21.58 -2.39 -15.15
C ILE A 409 -20.51 -2.66 -14.08
N PHE A 410 -20.92 -3.19 -12.92
CA PHE A 410 -19.97 -3.51 -11.83
C PHE A 410 -19.44 -4.95 -11.79
N LEU A 411 -20.28 -5.93 -12.13
CA LEU A 411 -19.86 -7.34 -12.05
C LEU A 411 -20.11 -8.15 -13.33
N LYS A 412 -20.60 -7.47 -14.37
CA LYS A 412 -20.89 -8.08 -15.67
C LYS A 412 -21.96 -9.19 -15.65
N VAL A 413 -22.89 -9.12 -14.70
CA VAL A 413 -23.95 -10.13 -14.61
C VAL A 413 -25.20 -9.83 -15.46
N HIS A 414 -25.73 -10.88 -16.09
CA HIS A 414 -27.04 -10.85 -16.74
CA HIS A 414 -27.03 -10.85 -16.74
C HIS A 414 -27.93 -11.84 -16.00
N PRO A 415 -29.11 -11.38 -15.51
CA PRO A 415 -29.92 -12.28 -14.67
C PRO A 415 -30.53 -13.54 -15.32
N ILE A 416 -30.99 -13.44 -16.56
CA ILE A 416 -31.63 -14.57 -17.27
C ILE A 416 -31.10 -14.77 -18.70
N GLU A 417 -31.21 -16.00 -19.20
CA GLU A 417 -30.76 -16.35 -20.55
C GLU A 417 -31.87 -17.02 -21.34
N LEU A 418 -31.99 -16.66 -22.61
CA LEU A 418 -32.88 -17.35 -23.55
C LEU A 418 -32.44 -18.80 -23.71
N CYS A 419 -33.34 -19.71 -23.35
CA CYS A 419 -33.03 -21.13 -23.36
C CYS A 419 -33.68 -21.83 -24.57
N LYS A 420 -32.85 -22.48 -25.36
CA LYS A 420 -33.32 -23.17 -26.56
C LYS A 420 -33.98 -24.50 -26.24
N ASP A 421 -33.54 -25.13 -25.14
CA ASP A 421 -34.06 -26.44 -24.73
C ASP A 421 -34.16 -26.54 -23.21
N CYS A 422 -35.39 -26.46 -22.69
CA CYS A 422 -35.63 -26.51 -21.25
C CYS A 422 -35.42 -27.91 -20.67
N GLU A 423 -35.37 -28.92 -21.53
CA GLU A 423 -35.33 -30.32 -21.10
C GLU A 423 -33.96 -30.74 -20.55
N GLY A 424 -33.76 -30.48 -19.26
CA GLY A 424 -32.56 -30.88 -18.55
C GLY A 424 -32.64 -30.44 -17.10
N ALA A 425 -31.70 -30.88 -16.29
CA ALA A 425 -31.66 -30.53 -14.86
C ALA A 425 -31.52 -29.00 -14.64
N PRO A 426 -32.07 -28.49 -13.52
CA PRO A 426 -31.87 -27.08 -13.20
C PRO A 426 -30.38 -26.78 -12.96
N GLY A 427 -29.85 -25.76 -13.62
CA GLY A 427 -28.44 -25.39 -13.48
C GLY A 427 -27.54 -25.87 -14.61
N SER A 428 -27.97 -26.87 -15.37
CA SER A 428 -27.18 -27.37 -16.50
C SER A 428 -27.40 -26.43 -17.69
N ARG A 429 -26.43 -26.40 -18.60
CA ARG A 429 -26.37 -25.40 -19.66
C ARG A 429 -27.16 -25.81 -20.91
N CYS A 430 -28.07 -24.91 -21.34
CA CYS A 430 -28.95 -25.16 -22.51
C CYS A 430 -28.11 -25.41 -23.78
N ALA B 2 -60.13 20.25 -2.03
CA ALA B 2 -58.67 20.11 -1.79
C ALA B 2 -57.96 21.43 -2.07
N LYS B 3 -56.79 21.61 -1.46
CA LYS B 3 -55.92 22.73 -1.76
C LYS B 3 -55.20 22.51 -3.09
N HIS B 4 -54.72 23.60 -3.69
CA HIS B 4 -54.09 23.55 -5.01
C HIS B 4 -52.68 24.18 -5.02
N VAL B 5 -51.70 23.38 -5.40
CA VAL B 5 -50.31 23.82 -5.57
C VAL B 5 -49.97 23.88 -7.05
N VAL B 6 -49.42 25.03 -7.47
CA VAL B 6 -48.81 25.18 -8.79
C VAL B 6 -47.29 25.12 -8.69
N VAL B 7 -46.68 24.26 -9.51
CA VAL B 7 -45.23 24.20 -9.65
C VAL B 7 -44.79 24.71 -11.03
N ILE B 8 -43.86 25.67 -11.05
CA ILE B 8 -43.28 26.15 -12.32
C ILE B 8 -41.89 25.55 -12.57
N GLY B 9 -41.78 24.69 -13.58
CA GLY B 9 -40.52 24.05 -13.92
C GLY B 9 -40.58 22.53 -13.83
N GLY B 10 -40.34 21.85 -14.95
CA GLY B 10 -40.23 20.39 -14.94
C GLY B 10 -38.79 19.88 -14.92
N GLY B 11 -38.00 20.35 -13.97
CA GLY B 11 -36.60 19.90 -13.82
C GLY B 11 -36.34 19.19 -12.49
N VAL B 12 -35.07 19.14 -12.08
CA VAL B 12 -34.68 18.46 -10.84
C VAL B 12 -35.55 18.96 -9.67
N GLY B 13 -35.60 20.29 -9.48
CA GLY B 13 -36.33 20.92 -8.39
C GLY B 13 -37.84 20.75 -8.47
N GLY B 14 -38.40 20.99 -9.65
CA GLY B 14 -39.85 20.89 -9.88
C GLY B 14 -40.45 19.51 -9.70
N ILE B 15 -39.84 18.52 -10.35
CA ILE B 15 -40.30 17.13 -10.25
C ILE B 15 -40.16 16.61 -8.81
N ALA B 16 -39.01 16.90 -8.19
CA ALA B 16 -38.76 16.44 -6.83
C ALA B 16 -39.80 16.97 -5.84
N THR B 17 -40.13 18.26 -5.95
CA THR B 17 -41.10 18.89 -5.05
C THR B 17 -42.53 18.35 -5.28
N ALA B 18 -42.91 18.20 -6.56
CA ALA B 18 -44.24 17.72 -6.90
C ALA B 18 -44.43 16.26 -6.46
N TYR B 19 -43.39 15.44 -6.62
CA TYR B 19 -43.46 14.02 -6.24
C TYR B 19 -43.48 13.88 -4.71
N ASN B 20 -42.68 14.68 -4.01
CA ASN B 20 -42.68 14.68 -2.55
C ASN B 20 -44.06 15.10 -2.01
N LEU B 21 -44.65 16.13 -2.62
CA LEU B 21 -45.99 16.58 -2.26
C LEU B 21 -47.06 15.50 -2.49
N ARG B 22 -47.03 14.86 -3.67
CA ARG B 22 -48.00 13.81 -4.01
C ARG B 22 -47.96 12.61 -3.05
N ASN B 23 -46.75 12.18 -2.68
CA ASN B 23 -46.59 11.03 -1.80
C ASN B 23 -46.92 11.33 -0.34
N LEU B 24 -46.69 12.59 0.06
CA LEU B 24 -47.10 13.08 1.38
C LEU B 24 -48.62 13.29 1.51
N MET B 25 -49.26 13.75 0.44
CA MET B 25 -50.69 14.09 0.49
C MET B 25 -51.45 13.71 -0.80
N PRO B 26 -52.03 12.50 -0.85
CA PRO B 26 -52.71 11.93 -2.02
C PRO B 26 -53.91 12.73 -2.57
N ASP B 27 -54.55 13.54 -1.72
CA ASP B 27 -55.74 14.30 -2.11
C ASP B 27 -55.49 15.76 -2.52
N LEU B 28 -54.21 16.17 -2.52
CA LEU B 28 -53.80 17.49 -2.98
C LEU B 28 -53.96 17.60 -4.50
N LYS B 29 -54.44 18.74 -4.97
CA LYS B 29 -54.41 19.07 -6.39
C LYS B 29 -53.05 19.69 -6.73
N ILE B 30 -52.39 19.15 -7.76
CA ILE B 30 -51.05 19.57 -8.14
C ILE B 30 -51.01 19.80 -9.65
N THR B 31 -50.58 21.00 -10.03
CA THR B 31 -50.44 21.41 -11.44
C THR B 31 -48.99 21.78 -11.72
N LEU B 32 -48.38 21.11 -12.69
CA LEU B 32 -47.02 21.44 -13.10
C LEU B 32 -47.00 22.14 -14.48
N ILE B 33 -46.36 23.31 -14.52
CA ILE B 33 -46.24 24.13 -15.74
C ILE B 33 -44.79 24.15 -16.19
N SER B 34 -44.50 23.71 -17.41
CA SER B 34 -43.13 23.75 -17.96
C SER B 34 -43.09 24.03 -19.46
N ASP B 35 -42.06 24.74 -19.90
CA ASP B 35 -41.92 25.07 -21.33
C ASP B 35 -41.28 23.94 -22.14
N ARG B 36 -40.56 23.07 -21.46
CA ARG B 36 -40.01 21.84 -22.06
C ARG B 36 -40.96 20.67 -21.83
N PRO B 37 -41.22 19.86 -22.87
CA PRO B 37 -42.13 18.73 -22.74
C PRO B 37 -41.48 17.45 -22.14
N TYR B 38 -40.28 17.59 -21.59
CA TYR B 38 -39.53 16.45 -21.04
C TYR B 38 -38.78 16.85 -19.76
N PHE B 39 -38.42 15.86 -18.94
CA PHE B 39 -37.39 16.05 -17.89
C PHE B 39 -36.02 15.78 -18.48
N GLY B 40 -35.04 16.64 -18.20
CA GLY B 40 -33.66 16.46 -18.72
C GLY B 40 -32.59 16.19 -17.66
N PHE B 41 -31.92 15.04 -17.76
CA PHE B 41 -30.88 14.71 -16.77
C PHE B 41 -29.56 15.49 -17.01
N THR B 42 -29.51 16.69 -16.40
CA THR B 42 -28.41 17.66 -16.55
C THR B 42 -26.99 17.15 -16.30
N PRO B 43 -26.75 16.32 -15.24
CA PRO B 43 -25.40 15.77 -15.09
C PRO B 43 -24.86 14.98 -16.29
N ALA B 44 -25.72 14.61 -17.24
CA ALA B 44 -25.28 13.88 -18.44
C ALA B 44 -25.10 14.75 -19.70
N PHE B 45 -25.32 16.06 -19.57
CA PHE B 45 -25.18 17.00 -20.69
C PHE B 45 -23.72 17.15 -21.19
N PRO B 46 -22.71 17.15 -20.29
CA PRO B 46 -21.33 17.10 -20.82
C PRO B 46 -21.06 15.86 -21.67
N HIS B 47 -21.64 14.71 -21.26
CA HIS B 47 -21.50 13.44 -22.01
C HIS B 47 -22.25 13.51 -23.34
N LEU B 48 -23.42 14.14 -23.33
CA LEU B 48 -24.20 14.42 -24.53
C LEU B 48 -23.41 15.28 -25.51
N ALA B 49 -22.71 16.30 -25.00
CA ALA B 49 -21.86 17.19 -25.83
C ALA B 49 -20.68 16.45 -26.46
N MET B 50 -20.19 15.40 -25.80
CA MET B 50 -19.05 14.61 -26.27
C MET B 50 -19.50 13.50 -27.24
N GLY B 51 -20.82 13.28 -27.33
CA GLY B 51 -21.37 12.20 -28.16
C GLY B 51 -21.41 10.84 -27.48
N TRP B 52 -21.24 10.82 -26.15
CA TRP B 52 -21.22 9.58 -25.38
C TRP B 52 -22.61 9.16 -24.89
N ARG B 53 -23.64 9.92 -25.26
CA ARG B 53 -25.02 9.56 -24.93
C ARG B 53 -26.00 10.01 -26.00
N LYS B 54 -27.16 9.33 -26.04
CA LYS B 54 -28.29 9.71 -26.87
C LYS B 54 -29.31 10.44 -26.01
N PHE B 55 -29.86 11.51 -26.56
CA PHE B 55 -30.81 12.35 -25.85
C PHE B 55 -31.98 11.56 -25.23
N GLU B 56 -32.50 10.57 -25.97
CA GLU B 56 -33.60 9.70 -25.54
CA GLU B 56 -33.62 9.77 -25.49
C GLU B 56 -33.28 8.84 -24.30
N ASP B 57 -31.99 8.63 -24.04
CA ASP B 57 -31.54 7.82 -22.90
C ASP B 57 -31.34 8.63 -21.61
N ILE B 58 -31.36 9.95 -21.72
CA ILE B 58 -31.14 10.84 -20.59
C ILE B 58 -32.29 11.83 -20.36
N SER B 59 -33.46 11.51 -20.89
CA SER B 59 -34.65 12.38 -20.79
C SER B 59 -35.93 11.58 -20.60
N VAL B 60 -36.99 12.22 -20.11
CA VAL B 60 -38.29 11.58 -19.89
C VAL B 60 -39.43 12.51 -20.33
N PRO B 61 -40.30 12.05 -21.28
CA PRO B 61 -41.49 12.83 -21.66
C PRO B 61 -42.55 12.90 -20.54
N LEU B 62 -43.06 14.09 -20.26
CA LEU B 62 -43.91 14.30 -19.09
C LEU B 62 -45.42 14.15 -19.29
N ALA B 63 -45.93 14.48 -20.47
CA ALA B 63 -47.39 14.42 -20.73
C ALA B 63 -48.04 13.04 -20.49
N PRO B 64 -47.42 11.93 -20.95
CA PRO B 64 -48.02 10.62 -20.66
C PRO B 64 -47.72 10.10 -19.24
N LEU B 65 -46.78 10.73 -18.54
CA LEU B 65 -46.29 10.22 -17.26
C LEU B 65 -46.96 10.82 -16.01
N LEU B 66 -47.04 12.15 -15.95
CA LEU B 66 -47.55 12.86 -14.77
C LEU B 66 -49.01 12.54 -14.34
N PRO B 67 -49.94 12.37 -15.31
CA PRO B 67 -51.29 11.88 -14.98
C PRO B 67 -51.33 10.54 -14.21
N LYS B 68 -50.35 9.67 -14.44
CA LYS B 68 -50.26 8.40 -13.71
C LYS B 68 -50.04 8.62 -12.21
N PHE B 69 -49.46 9.76 -11.84
CA PHE B 69 -49.30 10.11 -10.43
C PHE B 69 -50.30 11.20 -9.99
N ASN B 70 -51.38 11.34 -10.76
CA ASN B 70 -52.42 12.35 -10.53
C ASN B 70 -51.96 13.80 -10.54
N ILE B 71 -50.96 14.09 -11.37
CA ILE B 71 -50.40 15.44 -11.50
C ILE B 71 -50.78 16.00 -12.87
N GLU B 72 -51.41 17.17 -12.90
CA GLU B 72 -51.76 17.84 -14.15
C GLU B 72 -50.52 18.50 -14.76
N PHE B 73 -50.31 18.29 -16.06
CA PHE B 73 -49.21 18.89 -16.78
C PHE B 73 -49.69 19.93 -17.78
N ILE B 74 -49.15 21.14 -17.66
CA ILE B 74 -49.39 22.21 -18.64
C ILE B 74 -48.07 22.52 -19.35
N ASN B 75 -47.95 22.07 -20.59
CA ASN B 75 -46.74 22.30 -21.40
C ASN B 75 -46.74 23.70 -22.04
N GLU B 76 -46.56 24.71 -21.19
CA GLU B 76 -46.51 26.11 -21.61
C GLU B 76 -45.45 26.85 -20.82
N LYS B 77 -45.07 28.03 -21.32
CA LYS B 77 -44.20 28.92 -20.55
C LYS B 77 -45.04 29.82 -19.65
N ALA B 78 -44.66 29.91 -18.38
CA ALA B 78 -45.23 30.90 -17.47
C ALA B 78 -44.63 32.27 -17.79
N GLU B 79 -45.47 33.29 -17.85
CA GLU B 79 -45.06 34.64 -18.26
C GLU B 79 -45.00 35.63 -17.11
N SER B 80 -46.02 35.61 -16.25
CA SER B 80 -46.12 36.53 -15.13
C SER B 80 -46.73 35.84 -13.93
N ILE B 81 -46.47 36.40 -12.75
CA ILE B 81 -47.16 35.99 -11.52
C ILE B 81 -47.65 37.22 -10.80
N ASP B 82 -48.91 37.16 -10.38
CA ASP B 82 -49.52 38.19 -9.56
C ASP B 82 -49.66 37.63 -8.13
N PRO B 83 -48.67 37.92 -7.26
CA PRO B 83 -48.65 37.36 -5.90
C PRO B 83 -49.82 37.83 -5.02
N ASP B 84 -50.37 39.01 -5.32
CA ASP B 84 -51.53 39.55 -4.60
C ASP B 84 -52.83 38.82 -4.96
N ALA B 85 -53.00 38.51 -6.24
CA ALA B 85 -54.18 37.80 -6.72
C ALA B 85 -53.98 36.28 -6.70
N ASN B 86 -52.78 35.84 -6.31
CA ASN B 86 -52.42 34.41 -6.29
C ASN B 86 -52.66 33.68 -7.62
N THR B 87 -52.14 34.26 -8.71
CA THR B 87 -52.31 33.68 -10.05
C THR B 87 -51.01 33.62 -10.85
N VAL B 88 -50.92 32.64 -11.75
CA VAL B 88 -49.85 32.54 -12.74
C VAL B 88 -50.53 32.66 -14.11
N THR B 89 -49.94 33.46 -14.99
CA THR B 89 -50.44 33.65 -16.35
C THR B 89 -49.44 33.05 -17.36
N THR B 90 -49.96 32.22 -18.25
CA THR B 90 -49.12 31.52 -19.23
C THR B 90 -49.02 32.34 -20.51
N GLN B 91 -48.13 31.92 -21.41
CA GLN B 91 -47.82 32.69 -22.61
C GLN B 91 -49.00 32.78 -23.59
N SER B 92 -50.02 31.97 -23.36
CA SER B 92 -51.26 32.02 -24.15
C SER B 92 -52.35 32.85 -23.47
N GLY B 93 -52.10 33.27 -22.22
CA GLY B 93 -53.06 34.08 -21.47
C GLY B 93 -53.93 33.33 -20.47
N LYS B 94 -53.70 32.03 -20.34
CA LYS B 94 -54.38 31.21 -19.32
C LYS B 94 -54.02 31.67 -17.91
N LYS B 95 -55.04 31.85 -17.07
CA LYS B 95 -54.82 32.20 -15.68
C LYS B 95 -55.11 30.99 -14.78
N ILE B 96 -54.13 30.61 -13.97
CA ILE B 96 -54.30 29.51 -13.03
C ILE B 96 -54.16 30.04 -11.60
N GLU B 97 -55.20 29.86 -10.80
CA GLU B 97 -55.24 30.28 -9.40
C GLU B 97 -54.56 29.23 -8.52
N TYR B 98 -53.81 29.69 -7.51
CA TYR B 98 -53.11 28.78 -6.59
C TYR B 98 -53.36 29.08 -5.13
N ASP B 99 -53.25 28.04 -4.30
CA ASP B 99 -53.18 28.18 -2.85
C ASP B 99 -51.70 28.29 -2.41
N TYR B 100 -50.81 27.62 -3.15
CA TYR B 100 -49.36 27.67 -2.92
C TYR B 100 -48.63 27.62 -4.25
N LEU B 101 -47.47 28.28 -4.32
CA LEU B 101 -46.66 28.31 -5.53
C LEU B 101 -45.21 27.90 -5.27
N VAL B 102 -44.68 27.00 -6.10
CA VAL B 102 -43.27 26.60 -6.05
C VAL B 102 -42.56 27.05 -7.33
N ILE B 103 -41.56 27.93 -7.21
CA ILE B 103 -40.83 28.44 -8.37
C ILE B 103 -39.55 27.66 -8.55
N ALA B 104 -39.42 26.95 -9.67
CA ALA B 104 -38.25 26.10 -9.92
C ALA B 104 -37.81 26.11 -11.40
N THR B 105 -37.55 27.31 -11.92
CA THR B 105 -37.29 27.51 -13.36
C THR B 105 -35.83 27.35 -13.81
N GLY B 106 -34.93 27.04 -12.87
CA GLY B 106 -33.51 26.88 -13.17
C GLY B 106 -32.78 28.16 -13.54
N PRO B 107 -31.61 28.03 -14.19
CA PRO B 107 -30.81 29.19 -14.59
C PRO B 107 -31.29 29.86 -15.88
N LYS B 108 -31.27 31.18 -15.88
CA LYS B 108 -31.40 31.97 -17.09
C LYS B 108 -29.98 32.36 -17.51
N LEU B 109 -29.63 32.00 -18.75
CA LEU B 109 -28.25 32.08 -19.24
C LEU B 109 -27.84 33.47 -19.72
N VAL B 110 -26.71 33.93 -19.18
CA VAL B 110 -26.13 35.22 -19.52
C VAL B 110 -24.73 35.00 -20.12
N PHE B 111 -24.63 35.23 -21.43
CA PHE B 111 -23.35 35.12 -22.13
C PHE B 111 -22.64 36.48 -22.10
N GLY B 112 -21.97 36.76 -21.00
CA GLY B 112 -21.46 38.10 -20.67
C GLY B 112 -20.23 38.63 -21.38
N ALA B 113 -19.46 37.74 -22.03
CA ALA B 113 -18.30 38.15 -22.82
C ALA B 113 -18.72 38.61 -24.22
N GLU B 114 -18.01 39.59 -24.76
CA GLU B 114 -18.30 40.15 -26.08
C GLU B 114 -18.05 39.07 -27.14
N GLY B 115 -19.12 38.67 -27.82
CA GLY B 115 -19.06 37.60 -28.84
C GLY B 115 -19.27 36.16 -28.36
N GLN B 116 -19.66 35.97 -27.11
CA GLN B 116 -19.70 34.63 -26.52
C GLN B 116 -20.75 33.74 -27.18
N GLU B 117 -22.01 34.15 -27.10
CA GLU B 117 -23.16 33.41 -27.63
C GLU B 117 -22.98 33.07 -29.10
N GLU B 118 -22.26 33.94 -29.81
CA GLU B 118 -22.05 33.83 -31.24
C GLU B 118 -20.87 32.94 -31.62
N ASN B 119 -19.75 33.08 -30.89
CA ASN B 119 -18.47 32.50 -31.30
C ASN B 119 -17.99 31.32 -30.46
N SER B 120 -18.59 31.14 -29.29
CA SER B 120 -18.20 30.07 -28.37
C SER B 120 -19.24 28.95 -28.38
N THR B 121 -19.02 27.92 -27.56
CA THR B 121 -20.04 26.90 -27.34
C THR B 121 -20.35 26.81 -25.84
N SER B 122 -21.50 26.24 -25.50
CA SER B 122 -21.86 25.96 -24.12
C SER B 122 -22.62 24.65 -24.00
N ILE B 123 -22.67 24.11 -22.78
CA ILE B 123 -23.25 22.79 -22.51
C ILE B 123 -24.39 22.78 -21.47
N CYS B 124 -25.01 23.93 -21.23
CA CYS B 124 -25.97 24.09 -20.11
C CYS B 124 -27.39 23.58 -20.35
N THR B 125 -27.78 23.47 -21.61
CA THR B 125 -29.05 22.86 -22.00
C THR B 125 -28.75 21.74 -22.99
N ALA B 126 -29.69 20.80 -23.13
CA ALA B 126 -29.54 19.70 -24.08
C ALA B 126 -29.34 20.23 -25.50
N GLU B 127 -30.11 21.26 -25.86
CA GLU B 127 -30.01 21.81 -27.21
C GLU B 127 -28.68 22.56 -27.47
N HIS B 128 -28.13 23.22 -26.45
CA HIS B 128 -26.78 23.78 -26.54
C HIS B 128 -25.70 22.70 -26.59
N ALA B 129 -25.83 21.66 -25.77
CA ALA B 129 -24.88 20.53 -25.77
C ALA B 129 -24.81 19.82 -27.13
N LEU B 130 -25.98 19.62 -27.75
CA LEU B 130 -26.06 19.06 -29.09
C LEU B 130 -25.39 19.93 -30.16
N GLU B 131 -25.41 21.25 -30.00
CA GLU B 131 -24.73 22.16 -30.92
CA GLU B 131 -24.73 22.15 -30.92
C GLU B 131 -23.20 22.04 -30.74
N THR B 132 -22.77 21.94 -29.48
CA THR B 132 -21.35 21.73 -29.14
C THR B 132 -20.82 20.42 -29.76
N GLN B 133 -21.61 19.34 -29.66
CA GLN B 133 -21.26 18.06 -30.28
C GLN B 133 -20.90 18.19 -31.77
N LYS B 134 -21.75 18.87 -32.54
CA LYS B 134 -21.51 19.10 -33.98
C LYS B 134 -20.25 19.93 -34.25
N LYS B 135 -19.97 20.90 -33.38
CA LYS B 135 -18.77 21.74 -33.52
C LYS B 135 -17.45 21.00 -33.19
N LEU B 136 -17.50 20.02 -32.29
CA LEU B 136 -16.32 19.20 -31.98
C LEU B 136 -15.79 18.39 -33.17
N GLN B 137 -16.69 17.91 -34.03
CA GLN B 137 -16.31 17.18 -35.25
C GLN B 137 -15.33 17.98 -36.13
N GLU B 138 -15.51 19.30 -36.17
CA GLU B 138 -14.60 20.20 -36.89
C GLU B 138 -13.22 20.34 -36.22
N LEU B 139 -13.16 20.26 -34.89
CA LEU B 139 -11.88 20.22 -34.18
C LEU B 139 -11.08 18.96 -34.50
N TYR B 140 -11.74 17.80 -34.50
CA TYR B 140 -11.06 16.53 -34.77
C TYR B 140 -10.45 16.51 -36.18
N ALA B 141 -11.15 17.15 -37.13
CA ALA B 141 -10.72 17.24 -38.52
C ALA B 141 -9.59 18.25 -38.73
N ASN B 142 -9.71 19.43 -38.10
CA ASN B 142 -8.69 20.48 -38.18
C ASN B 142 -8.18 20.87 -36.80
N PRO B 143 -7.28 20.05 -36.22
CA PRO B 143 -6.78 20.29 -34.87
C PRO B 143 -6.09 21.64 -34.68
N GLY B 144 -6.38 22.30 -33.56
CA GLY B 144 -5.78 23.57 -33.21
C GLY B 144 -6.00 23.85 -31.75
N PRO B 145 -5.50 25.02 -31.26
CA PRO B 145 -5.62 25.45 -29.86
C PRO B 145 -7.05 25.42 -29.28
N VAL B 146 -7.19 24.77 -28.13
CA VAL B 146 -8.46 24.71 -27.40
C VAL B 146 -8.39 25.59 -26.15
N VAL B 147 -9.40 26.43 -25.94
CA VAL B 147 -9.51 27.23 -24.72
C VAL B 147 -10.88 27.02 -24.03
N ILE B 148 -10.84 26.58 -22.77
CA ILE B 148 -12.04 26.24 -22.00
C ILE B 148 -12.02 27.03 -20.69
N GLY B 149 -13.19 27.33 -20.13
CA GLY B 149 -13.23 27.96 -18.81
C GLY B 149 -14.53 28.63 -18.43
N ALA B 150 -14.40 29.66 -17.59
CA ALA B 150 -15.54 30.38 -17.02
C ALA B 150 -15.29 31.88 -17.00
N ILE B 151 -16.30 32.65 -17.40
CA ILE B 151 -16.28 34.13 -17.38
C ILE B 151 -16.55 34.67 -15.96
N PRO B 152 -16.48 36.00 -15.74
CA PRO B 152 -16.86 36.56 -14.44
C PRO B 152 -18.35 36.32 -14.09
N GLY B 153 -18.63 36.10 -12.80
CA GLY B 153 -20.00 35.90 -12.32
C GLY B 153 -20.52 34.47 -12.43
N VAL B 154 -19.69 33.57 -12.96
CA VAL B 154 -20.07 32.16 -13.10
C VAL B 154 -20.22 31.52 -11.71
N SER B 155 -21.19 30.62 -11.59
CA SER B 155 -21.49 29.98 -10.30
C SER B 155 -21.46 28.45 -10.36
N CSS B 156 -21.32 27.89 -11.53
CA CSS B 156 -21.26 26.44 -11.76
CB CSS B 156 -22.48 26.07 -12.60
SG CSS B 156 -22.77 24.33 -12.79
SG CSS B 156 -23.51 24.83 -11.86
SD CSS B 156 -22.36 23.49 -10.86
C CSS B 156 -20.00 26.14 -12.54
O CSS B 156 -19.99 26.33 -13.78
N PHE B 157 -18.96 25.72 -11.86
CA PHE B 157 -17.62 25.51 -12.45
C PHE B 157 -17.30 24.06 -12.83
N GLY B 158 -17.83 23.10 -12.06
CA GLY B 158 -17.58 21.67 -12.27
C GLY B 158 -17.70 21.10 -13.69
N PRO B 159 -18.80 21.42 -14.40
CA PRO B 159 -18.97 20.97 -15.80
C PRO B 159 -17.85 21.41 -16.75
N ALA B 160 -17.28 22.59 -16.51
CA ALA B 160 -16.16 23.10 -17.31
C ALA B 160 -14.90 22.23 -17.10
N TYR B 161 -14.65 21.84 -15.86
CA TYR B 161 -13.54 20.95 -15.52
C TYR B 161 -13.75 19.56 -16.13
N GLU B 162 -14.96 19.02 -15.99
CA GLU B 162 -15.32 17.74 -16.59
C GLU B 162 -15.08 17.74 -18.09
N PHE B 163 -15.62 18.76 -18.77
CA PHE B 163 -15.54 18.87 -20.22
C PHE B 163 -14.09 18.88 -20.69
N ALA B 164 -13.24 19.67 -20.01
CA ALA B 164 -11.82 19.76 -20.35
C ALA B 164 -11.11 18.41 -20.30
N LEU B 165 -11.31 17.66 -19.21
CA LEU B 165 -10.68 16.33 -19.07
C LEU B 165 -11.26 15.26 -20.00
N MET B 166 -12.58 15.28 -20.20
CA MET B 166 -13.24 14.37 -21.15
C MET B 166 -12.74 14.57 -22.59
N LEU B 167 -12.52 15.82 -22.97
CA LEU B 167 -11.99 16.15 -24.30
C LEU B 167 -10.56 15.66 -24.46
N HIS B 168 -9.74 15.86 -23.42
CA HIS B 168 -8.36 15.35 -23.38
C HIS B 168 -8.33 13.82 -23.57
N TYR B 169 -9.20 13.12 -22.84
CA TYR B 169 -9.37 11.66 -22.96
C TYR B 169 -9.79 11.24 -24.37
N GLU B 170 -10.75 11.98 -24.96
CA GLU B 170 -11.25 11.70 -26.32
C GLU B 170 -10.15 11.91 -27.36
N LEU B 171 -9.34 12.97 -27.18
CA LEU B 171 -8.23 13.29 -28.10
C LEU B 171 -7.09 12.27 -28.03
N LYS B 172 -6.87 11.67 -26.86
CA LYS B 172 -5.90 10.59 -26.71
C LYS B 172 -6.37 9.28 -27.34
N LYS B 173 -7.67 9.02 -27.24
CA LYS B 173 -8.26 7.84 -27.88
CA LYS B 173 -8.31 7.86 -27.89
C LYS B 173 -8.12 7.90 -29.40
N ARG B 174 -8.15 9.12 -29.95
CA ARG B 174 -8.01 9.39 -31.37
C ARG B 174 -6.54 9.55 -31.79
N GLY B 175 -5.64 9.64 -30.81
CA GLY B 175 -4.19 9.75 -31.07
C GLY B 175 -3.72 11.10 -31.57
N ILE B 176 -4.47 12.16 -31.21
CA ILE B 176 -4.23 13.52 -31.73
C ILE B 176 -4.00 14.58 -30.64
N ARG B 177 -3.91 14.15 -29.39
CA ARG B 177 -3.70 15.07 -28.27
C ARG B 177 -2.42 15.92 -28.44
N TYR B 178 -1.36 15.29 -28.96
CA TYR B 178 -0.10 16.00 -29.19
C TYR B 178 -0.18 17.09 -30.29
N LYS B 179 -1.36 17.23 -30.90
CA LYS B 179 -1.61 18.30 -31.89
C LYS B 179 -2.56 19.37 -31.35
N VAL B 180 -3.17 19.11 -30.19
CA VAL B 180 -4.13 20.04 -29.60
C VAL B 180 -3.62 20.64 -28.28
N PRO B 181 -3.08 21.88 -28.32
CA PRO B 181 -2.77 22.59 -27.08
C PRO B 181 -4.07 22.83 -26.31
N MET B 182 -4.00 22.73 -24.98
CA MET B 182 -5.19 22.92 -24.15
C MET B 182 -4.91 23.91 -23.04
N THR B 183 -5.78 24.89 -22.91
CA THR B 183 -5.66 25.97 -21.93
C THR B 183 -7.00 26.17 -21.21
N PHE B 184 -6.93 26.24 -19.88
CA PHE B 184 -8.11 26.43 -19.04
C PHE B 184 -8.07 27.81 -18.37
N ILE B 185 -9.11 28.61 -18.58
CA ILE B 185 -9.14 30.00 -18.08
C ILE B 185 -10.37 30.28 -17.22
N THR B 186 -10.13 30.67 -15.97
CA THR B 186 -11.21 30.78 -14.99
C THR B 186 -11.20 32.08 -14.18
N SER B 187 -12.40 32.50 -13.78
CA SER B 187 -12.56 33.63 -12.87
C SER B 187 -12.26 33.25 -11.40
N GLU B 188 -12.25 31.95 -11.10
CA GLU B 188 -11.82 31.46 -9.79
C GLU B 188 -10.45 32.04 -9.46
N PRO B 189 -10.21 32.39 -8.18
CA PRO B 189 -8.88 32.91 -7.79
C PRO B 189 -7.78 31.84 -7.84
N TYR B 190 -8.17 30.58 -7.81
CA TYR B 190 -7.26 29.45 -7.99
C TYR B 190 -8.03 28.25 -8.54
N LEU B 191 -7.31 27.26 -9.06
CA LEU B 191 -7.95 26.02 -9.53
C LEU B 191 -8.60 25.24 -8.39
N GLY B 192 -9.77 24.68 -8.63
CA GLY B 192 -10.49 23.90 -7.61
C GLY B 192 -11.12 24.68 -6.47
N HIS B 193 -11.54 25.91 -6.76
CA HIS B 193 -12.24 26.79 -5.82
C HIS B 193 -13.75 26.49 -5.89
N PHE B 194 -14.25 26.31 -7.11
CA PHE B 194 -15.62 25.84 -7.40
C PHE B 194 -16.75 26.79 -6.96
N GLY B 195 -16.41 28.03 -6.61
CA GLY B 195 -17.37 28.98 -6.06
C GLY B 195 -17.69 28.64 -4.62
N VAL B 196 -16.84 27.81 -4.00
CA VAL B 196 -17.10 27.26 -2.67
C VAL B 196 -15.92 27.45 -1.70
N GLY B 197 -14.83 28.04 -2.19
CA GLY B 197 -13.60 28.15 -1.41
C GLY B 197 -12.81 26.85 -1.32
N GLY B 198 -13.04 25.93 -2.26
CA GLY B 198 -12.38 24.63 -2.26
C GLY B 198 -13.06 23.59 -1.38
N ILE B 199 -12.77 22.33 -1.68
CA ILE B 199 -13.23 21.18 -0.90
C ILE B 199 -12.01 20.34 -0.54
N GLY B 200 -11.60 20.40 0.73
CA GLY B 200 -10.33 19.80 1.15
C GLY B 200 -9.19 20.30 0.29
N ALA B 201 -8.31 19.39 -0.12
CA ALA B 201 -7.17 19.74 -0.96
C ALA B 201 -7.48 19.66 -2.47
N SER B 202 -8.60 20.24 -2.88
CA SER B 202 -9.02 20.23 -4.28
C SER B 202 -8.09 21.07 -5.18
N LYS B 203 -7.44 22.09 -4.63
CA LYS B 203 -6.52 22.89 -5.42
C LYS B 203 -5.32 22.06 -5.86
N ARG B 204 -4.68 21.40 -4.88
CA ARG B 204 -3.58 20.47 -5.09
C ARG B 204 -3.93 19.32 -6.04
N LEU B 205 -5.14 18.77 -5.89
CA LEU B 205 -5.62 17.69 -6.77
C LEU B 205 -5.71 18.14 -8.24
N VAL B 206 -6.47 19.21 -8.50
CA VAL B 206 -6.66 19.72 -9.86
C VAL B 206 -5.37 20.21 -10.52
N GLU B 207 -4.54 20.93 -9.76
CA GLU B 207 -3.22 21.40 -10.24
C GLU B 207 -2.35 20.24 -10.71
N ASP B 208 -2.26 19.20 -9.87
CA ASP B 208 -1.50 17.99 -10.21
C ASP B 208 -2.01 17.28 -11.46
N LEU B 209 -3.34 17.14 -11.55
CA LEU B 209 -4.02 16.49 -12.67
C LEU B 209 -3.82 17.23 -14.00
N PHE B 210 -3.92 18.56 -13.97
CA PHE B 210 -3.65 19.43 -15.11
C PHE B 210 -2.21 19.33 -15.59
N ALA B 211 -1.25 19.32 -14.66
CA ALA B 211 0.18 19.13 -15.00
C ALA B 211 0.47 17.75 -15.60
N GLU B 212 -0.11 16.71 -15.01
CA GLU B 212 0.03 15.35 -15.50
C GLU B 212 -0.63 15.12 -16.88
N ARG B 213 -1.74 15.79 -17.13
CA ARG B 213 -2.44 15.62 -18.40
C ARG B 213 -2.24 16.79 -19.40
N ASN B 214 -1.22 17.62 -19.13
CA ASN B 214 -0.77 18.73 -19.98
C ASN B 214 -1.84 19.77 -20.35
N ILE B 215 -2.56 20.24 -19.33
CA ILE B 215 -3.53 21.30 -19.53
C ILE B 215 -2.97 22.55 -18.85
N ASP B 216 -2.57 23.54 -19.66
CA ASP B 216 -2.15 24.84 -19.17
C ASP B 216 -3.34 25.57 -18.53
N TRP B 217 -3.06 26.49 -17.61
CA TRP B 217 -4.14 27.25 -16.95
C TRP B 217 -3.81 28.70 -16.60
N ILE B 218 -4.85 29.53 -16.56
CA ILE B 218 -4.74 30.92 -16.11
C ILE B 218 -5.92 31.21 -15.18
N ALA B 219 -5.62 31.44 -13.90
CA ALA B 219 -6.68 31.69 -12.94
C ALA B 219 -6.63 33.14 -12.46
N ASN B 220 -7.70 33.59 -11.81
CA ASN B 220 -7.80 34.95 -11.25
C ASN B 220 -7.85 36.05 -12.33
N VAL B 221 -8.53 35.76 -13.43
CA VAL B 221 -8.65 36.71 -14.55
C VAL B 221 -10.10 36.85 -15.07
N ALA B 222 -10.34 37.93 -15.80
CA ALA B 222 -11.65 38.19 -16.38
C ALA B 222 -11.62 38.12 -17.90
N VAL B 223 -12.23 37.06 -18.44
CA VAL B 223 -12.41 36.92 -19.88
C VAL B 223 -13.38 38.00 -20.35
N LYS B 224 -12.92 38.83 -21.27
CA LYS B 224 -13.68 39.99 -21.77
C LYS B 224 -14.33 39.76 -23.13
N ALA B 225 -13.67 38.97 -23.99
CA ALA B 225 -14.15 38.72 -25.34
C ALA B 225 -13.72 37.37 -25.90
N ILE B 226 -14.64 36.76 -26.65
CA ILE B 226 -14.34 35.55 -27.43
C ILE B 226 -14.57 35.84 -28.91
N GLU B 227 -13.48 35.83 -29.66
CA GLU B 227 -13.52 36.05 -31.10
C GLU B 227 -13.37 34.70 -31.82
N PRO B 228 -13.48 34.68 -33.17
CA PRO B 228 -13.32 33.40 -33.88
C PRO B 228 -11.90 32.79 -33.85
N ASP B 229 -10.90 33.58 -33.45
CA ASP B 229 -9.52 33.12 -33.50
C ASP B 229 -8.72 33.34 -32.20
N LYS B 230 -9.36 33.94 -31.21
CA LYS B 230 -8.68 34.29 -29.96
C LYS B 230 -9.63 34.50 -28.77
N VAL B 231 -9.08 34.35 -27.57
CA VAL B 231 -9.76 34.72 -26.34
C VAL B 231 -9.02 35.91 -25.76
N ILE B 232 -9.76 36.92 -25.31
CA ILE B 232 -9.18 38.11 -24.71
C ILE B 232 -9.59 38.23 -23.24
N TYR B 233 -8.59 38.37 -22.36
CA TYR B 233 -8.82 38.53 -20.92
C TYR B 233 -8.09 39.73 -20.31
N GLU B 234 -8.53 40.13 -19.12
CA GLU B 234 -7.93 41.23 -18.38
C GLU B 234 -7.46 40.71 -17.01
N ASP B 235 -6.27 41.12 -16.58
CA ASP B 235 -5.78 40.76 -15.24
C ASP B 235 -6.14 41.80 -14.19
N LEU B 236 -5.74 41.57 -12.93
CA LEU B 236 -6.06 42.49 -11.83
C LEU B 236 -5.38 43.86 -11.98
N ASN B 237 -4.19 43.87 -12.57
CA ASN B 237 -3.45 45.12 -12.81
C ASN B 237 -3.97 45.98 -13.96
N GLY B 238 -5.03 45.52 -14.62
CA GLY B 238 -5.66 46.26 -15.72
C GLY B 238 -5.16 45.89 -17.11
N ASN B 239 -4.05 45.15 -17.16
CA ASN B 239 -3.44 44.72 -18.41
C ASN B 239 -4.29 43.72 -19.19
N THR B 240 -4.29 43.85 -20.51
CA THR B 240 -5.11 43.02 -21.39
C THR B 240 -4.25 42.02 -22.17
N HIS B 241 -4.65 40.76 -22.17
CA HIS B 241 -3.89 39.70 -22.82
C HIS B 241 -4.70 38.90 -23.86
N GLU B 242 -3.97 38.16 -24.70
CA GLU B 242 -4.54 37.32 -25.75
C GLU B 242 -3.98 35.90 -25.71
N VAL B 243 -4.83 34.92 -26.07
CA VAL B 243 -4.42 33.54 -26.31
C VAL B 243 -5.16 33.04 -27.58
N PRO B 244 -4.43 32.41 -28.54
CA PRO B 244 -5.06 31.84 -29.75
C PRO B 244 -6.06 30.71 -29.48
N ALA B 245 -7.08 30.60 -30.32
CA ALA B 245 -8.17 29.65 -30.08
C ALA B 245 -8.92 29.18 -31.34
N LYS B 246 -8.78 27.90 -31.65
CA LYS B 246 -9.50 27.26 -32.74
C LYS B 246 -10.92 26.89 -32.28
N PHE B 247 -11.00 26.34 -31.07
CA PHE B 247 -12.27 25.88 -30.49
C PHE B 247 -12.40 26.40 -29.04
N THR B 248 -13.60 26.84 -28.66
CA THR B 248 -13.83 27.23 -27.27
C THR B 248 -15.16 26.75 -26.67
N MET B 249 -15.16 26.56 -25.36
CA MET B 249 -16.36 26.20 -24.60
C MET B 249 -16.29 27.02 -23.32
N PHE B 250 -17.24 27.95 -23.16
CA PHE B 250 -17.28 28.75 -21.94
C PHE B 250 -18.61 28.67 -21.20
N MET B 251 -18.51 28.60 -19.87
CA MET B 251 -19.69 28.62 -19.03
C MET B 251 -20.23 30.05 -18.94
N PRO B 252 -21.56 30.23 -19.13
CA PRO B 252 -22.23 31.50 -18.87
C PRO B 252 -22.47 31.74 -17.38
N SER B 253 -22.72 33.00 -17.01
CA SER B 253 -23.19 33.32 -15.67
C SER B 253 -24.72 33.17 -15.62
N PHE B 254 -25.28 33.16 -14.42
CA PHE B 254 -26.73 32.91 -14.25
C PHE B 254 -27.48 34.16 -13.78
N GLN B 255 -28.73 34.27 -14.20
CA GLN B 255 -29.61 35.35 -13.79
C GLN B 255 -30.97 34.71 -13.46
N GLY B 256 -31.85 35.46 -12.81
CA GLY B 256 -33.26 35.04 -12.71
C GLY B 256 -34.04 35.38 -13.97
N PRO B 257 -35.20 34.71 -14.20
CA PRO B 257 -36.06 34.91 -15.37
C PRO B 257 -37.05 36.08 -15.25
N GLU B 258 -37.65 36.47 -16.38
CA GLU B 258 -38.62 37.57 -16.39
C GLU B 258 -39.94 37.26 -15.69
N VAL B 259 -40.32 35.98 -15.64
CA VAL B 259 -41.53 35.56 -14.89
C VAL B 259 -41.40 35.89 -13.39
N VAL B 260 -40.19 35.73 -12.85
CA VAL B 260 -39.87 36.11 -11.48
C VAL B 260 -39.83 37.65 -11.32
N ALA B 261 -39.12 38.33 -12.23
CA ALA B 261 -39.10 39.80 -12.31
C ALA B 261 -40.48 40.46 -12.22
N SER B 262 -41.47 39.85 -12.88
CA SER B 262 -42.83 40.40 -12.96
C SER B 262 -43.55 40.52 -11.61
N ALA B 263 -43.12 39.72 -10.63
CA ALA B 263 -43.73 39.72 -9.30
C ALA B 263 -43.26 40.84 -8.35
N GLY B 264 -42.28 41.63 -8.78
CA GLY B 264 -41.77 42.77 -8.00
C GLY B 264 -40.54 42.50 -7.14
N ASP B 265 -40.00 43.56 -6.53
CA ASP B 265 -38.76 43.52 -5.72
C ASP B 265 -38.83 42.72 -4.42
N LYS B 266 -40.04 42.42 -3.96
CA LYS B 266 -40.22 41.59 -2.78
C LYS B 266 -40.08 40.09 -3.09
N VAL B 267 -40.29 39.72 -4.35
CA VAL B 267 -40.09 38.34 -4.82
C VAL B 267 -38.77 38.17 -5.58
N ALA B 268 -38.44 39.14 -6.44
CA ALA B 268 -37.23 39.08 -7.27
C ALA B 268 -36.10 39.96 -6.71
N ASN B 269 -34.96 39.34 -6.42
CA ASN B 269 -33.78 40.06 -5.95
C ASN B 269 -33.43 41.16 -6.97
N PRO B 270 -33.43 42.44 -6.54
CA PRO B 270 -33.12 43.56 -7.45
C PRO B 270 -31.75 43.47 -8.13
N ALA B 271 -30.77 42.84 -7.46
CA ALA B 271 -29.42 42.71 -8.02
C ALA B 271 -29.26 41.65 -9.14
N ASN B 272 -30.08 40.60 -9.11
CA ASN B 272 -29.93 39.46 -10.06
C ASN B 272 -31.21 38.75 -10.55
N LYS B 273 -32.36 39.11 -9.98
CA LYS B 273 -33.68 38.58 -10.37
C LYS B 273 -34.00 37.15 -9.90
N MET B 274 -33.16 36.59 -9.03
CA MET B 274 -33.40 35.28 -8.44
C MET B 274 -34.40 35.38 -7.29
N VAL B 275 -35.04 34.26 -6.94
CA VAL B 275 -36.11 34.25 -5.94
C VAL B 275 -35.59 34.51 -4.53
N ILE B 276 -36.11 35.57 -3.91
CA ILE B 276 -35.79 35.90 -2.52
C ILE B 276 -36.43 34.87 -1.59
N VAL B 277 -35.59 34.21 -0.79
CA VAL B 277 -36.03 33.11 0.09
C VAL B 277 -35.30 33.16 1.44
N ASN B 278 -35.97 32.67 2.48
CA ASN B 278 -35.37 32.51 3.81
C ASN B 278 -34.77 31.11 4.02
N ARG B 279 -34.41 30.78 5.27
CA ARG B 279 -33.82 29.48 5.64
C ARG B 279 -34.69 28.29 5.25
N CYS B 280 -36.00 28.50 5.22
CA CYS B 280 -36.98 27.47 4.94
C CYS B 280 -37.39 27.52 3.45
N PHE B 281 -36.58 28.21 2.66
CA PHE B 281 -36.78 28.40 1.22
C PHE B 281 -38.17 28.95 0.85
N GLN B 282 -38.63 29.87 1.68
CA GLN B 282 -39.93 30.52 1.60
C GLN B 282 -39.69 32.00 1.33
N ASN B 283 -40.55 32.64 0.53
CA ASN B 283 -40.49 34.10 0.37
C ASN B 283 -40.95 34.83 1.65
N PRO B 284 -40.10 35.73 2.17
CA PRO B 284 -40.39 36.51 3.39
C PRO B 284 -41.72 37.30 3.42
N THR B 285 -42.16 37.87 2.29
CA THR B 285 -43.38 38.71 2.28
C THR B 285 -44.65 37.99 1.76
N TYR B 286 -44.48 37.11 0.78
CA TYR B 286 -45.57 36.26 0.30
C TYR B 286 -45.33 34.83 0.74
N LYS B 287 -46.01 34.45 1.82
CA LYS B 287 -45.67 33.24 2.56
C LYS B 287 -46.20 31.94 1.94
N ASN B 288 -47.02 32.09 0.91
CA ASN B 288 -47.45 30.94 0.11
C ASN B 288 -46.59 30.70 -1.14
N ILE B 289 -45.45 31.39 -1.22
CA ILE B 289 -44.50 31.25 -2.33
C ILE B 289 -43.17 30.69 -1.83
N PHE B 290 -42.69 29.65 -2.52
CA PHE B 290 -41.42 28.97 -2.22
C PHE B 290 -40.54 28.89 -3.46
N GLY B 291 -39.23 28.74 -3.25
CA GLY B 291 -38.25 28.60 -4.34
C GLY B 291 -37.39 27.37 -4.15
N VAL B 292 -37.18 26.64 -5.23
CA VAL B 292 -36.36 25.43 -5.23
C VAL B 292 -35.45 25.40 -6.45
N GLY B 293 -34.14 25.21 -6.21
CA GLY B 293 -33.17 25.00 -7.29
C GLY B 293 -32.28 26.19 -7.55
N VAL B 294 -31.66 26.20 -8.72
CA VAL B 294 -30.74 27.27 -9.16
C VAL B 294 -31.37 28.68 -9.11
N VAL B 295 -32.69 28.75 -9.27
CA VAL B 295 -33.42 30.01 -9.32
C VAL B 295 -33.43 30.81 -8.01
N THR B 296 -33.01 30.16 -6.91
CA THR B 296 -33.04 30.78 -5.57
C THR B 296 -31.85 31.70 -5.34
N ALA B 297 -32.08 32.82 -4.67
CA ALA B 297 -31.02 33.78 -4.39
C ALA B 297 -30.25 33.41 -3.13
N ILE B 298 -28.99 33.01 -3.31
CA ILE B 298 -28.09 32.67 -2.21
C ILE B 298 -26.77 33.42 -2.37
N PRO B 299 -26.36 34.20 -1.34
CA PRO B 299 -25.15 35.02 -1.44
C PRO B 299 -23.86 34.19 -1.56
N PRO B 300 -22.82 34.75 -2.23
CA PRO B 300 -21.51 34.11 -2.38
C PRO B 300 -20.92 33.62 -1.05
N ILE B 301 -20.23 32.48 -1.08
CA ILE B 301 -19.54 31.96 0.11
C ILE B 301 -18.33 32.85 0.44
N GLU B 302 -17.73 33.41 -0.60
CA GLU B 302 -16.73 34.48 -0.44
C GLU B 302 -16.73 35.42 -1.64
N LYS B 303 -16.35 36.67 -1.40
CA LYS B 303 -16.18 37.64 -2.46
C LYS B 303 -14.75 37.53 -3.01
N THR B 304 -14.63 37.05 -4.24
CA THR B 304 -13.32 36.83 -4.86
C THR B 304 -12.95 38.02 -5.76
N PRO B 305 -11.63 38.23 -6.02
CA PRO B 305 -11.16 39.37 -6.80
C PRO B 305 -11.89 39.57 -8.14
N ILE B 306 -12.08 38.49 -8.88
CA ILE B 306 -13.00 38.45 -10.02
C ILE B 306 -14.27 37.82 -9.46
N PRO B 307 -15.44 38.51 -9.59
CA PRO B 307 -16.69 38.05 -8.98
C PRO B 307 -17.08 36.61 -9.32
N THR B 308 -17.60 35.89 -8.33
CA THR B 308 -17.87 34.45 -8.36
C THR B 308 -19.13 34.15 -7.53
N GLY B 309 -19.90 33.13 -7.89
CA GLY B 309 -21.12 32.76 -7.17
C GLY B 309 -21.18 31.31 -6.71
N VAL B 310 -22.20 30.98 -5.91
CA VAL B 310 -22.33 29.65 -5.29
C VAL B 310 -23.13 28.64 -6.16
N PRO B 311 -22.59 27.42 -6.35
CA PRO B 311 -23.31 26.37 -7.06
C PRO B 311 -24.50 25.83 -6.28
N LYS B 312 -25.53 25.40 -7.01
CA LYS B 312 -26.64 24.64 -6.44
C LYS B 312 -26.60 23.25 -7.06
N THR B 313 -26.12 22.29 -6.27
CA THR B 313 -25.86 20.91 -6.66
C THR B 313 -27.17 20.10 -6.61
N GLY B 314 -27.18 18.96 -7.29
CA GLY B 314 -28.34 18.06 -7.29
C GLY B 314 -28.79 17.63 -5.90
N MET B 315 -27.84 17.27 -5.04
CA MET B 315 -28.14 16.87 -3.66
C MET B 315 -28.69 18.04 -2.84
N MET B 316 -28.11 19.23 -3.02
CA MET B 316 -28.61 20.45 -2.37
C MET B 316 -30.07 20.71 -2.75
N ILE B 317 -30.39 20.51 -4.02
CA ILE B 317 -31.70 20.81 -4.59
C ILE B 317 -32.76 19.81 -4.14
N GLU B 318 -32.40 18.53 -4.13
CA GLU B 318 -33.23 17.47 -3.53
C GLU B 318 -33.58 17.75 -2.06
N GLN B 319 -32.62 18.27 -1.30
CA GLN B 319 -32.87 18.65 0.10
C GLN B 319 -33.84 19.86 0.21
N MET B 320 -33.63 20.89 -0.63
CA MET B 320 -34.59 22.02 -0.74
C MET B 320 -36.04 21.57 -0.99
N ALA B 321 -36.22 20.62 -1.91
CA ALA B 321 -37.55 20.10 -2.29
C ALA B 321 -38.23 19.33 -1.15
N MET B 322 -37.44 18.54 -0.41
CA MET B 322 -37.89 17.86 0.80
C MET B 322 -38.39 18.87 1.82
N ALA B 323 -37.57 19.90 2.07
CA ALA B 323 -37.91 20.94 3.05
C ALA B 323 -39.17 21.72 2.67
N VAL B 324 -39.27 22.14 1.41
CA VAL B 324 -40.42 22.90 0.89
C VAL B 324 -41.74 22.11 0.93
N ALA B 325 -41.70 20.85 0.48
CA ALA B 325 -42.87 19.96 0.50
C ALA B 325 -43.43 19.71 1.91
N HIS B 326 -42.58 19.41 2.88
CA HIS B 326 -43.03 19.28 4.27
C HIS B 326 -43.61 20.60 4.82
N ASN B 327 -43.03 21.73 4.44
CA ASN B 327 -43.49 23.07 4.88
C ASN B 327 -44.88 23.44 4.36
N ILE B 328 -45.15 23.13 3.10
CA ILE B 328 -46.48 23.37 2.51
C ILE B 328 -47.52 22.48 3.19
N VAL B 329 -47.21 21.19 3.27
CA VAL B 329 -48.11 20.20 3.83
C VAL B 329 -48.47 20.50 5.29
N ASN B 330 -47.46 20.91 6.08
CA ASN B 330 -47.68 21.28 7.49
C ASN B 330 -48.57 22.51 7.67
N ASP B 331 -48.46 23.46 6.73
CA ASP B 331 -49.33 24.63 6.73
C ASP B 331 -50.79 24.21 6.54
N ILE B 332 -51.04 23.34 5.57
CA ILE B 332 -52.38 22.82 5.26
C ILE B 332 -53.00 22.10 6.46
N ARG B 333 -52.19 21.31 7.17
CA ARG B 333 -52.63 20.53 8.32
C ARG B 333 -52.60 21.27 9.65
N ASN B 334 -52.10 22.51 9.64
CA ASN B 334 -51.96 23.32 10.85
C ASN B 334 -50.93 22.74 11.85
N ASN B 335 -49.83 22.23 11.28
CA ASN B 335 -48.70 21.70 12.03
C ASN B 335 -47.59 22.76 12.03
N PRO B 336 -47.19 23.27 13.22
CA PRO B 336 -46.23 24.38 13.36
C PRO B 336 -44.77 24.07 12.97
N ASP B 337 -44.41 22.79 12.83
CA ASP B 337 -43.04 22.40 12.48
C ASP B 337 -42.63 22.90 11.09
N LYS B 338 -41.47 23.52 11.00
CA LYS B 338 -40.88 24.02 9.76
C LYS B 338 -39.44 23.52 9.58
N TYR B 339 -38.99 23.44 8.32
CA TYR B 339 -37.74 22.75 7.99
C TYR B 339 -36.82 23.56 7.07
N ALA B 340 -35.54 23.54 7.38
CA ALA B 340 -34.49 24.01 6.49
C ALA B 340 -33.73 22.81 5.90
N PRO B 341 -33.32 22.88 4.62
CA PRO B 341 -32.45 21.84 4.07
C PRO B 341 -31.04 21.92 4.67
N ARG B 342 -30.39 20.76 4.84
CA ARG B 342 -29.00 20.71 5.28
C ARG B 342 -28.04 21.37 4.28
N LEU B 343 -28.31 21.20 2.99
CA LEU B 343 -27.49 21.75 1.91
C LEU B 343 -26.07 21.13 1.85
N SER B 344 -25.99 19.82 2.06
CA SER B 344 -24.76 19.07 1.79
C SER B 344 -24.73 18.64 0.31
N ALA B 345 -23.55 18.20 -0.15
CA ALA B 345 -23.38 17.82 -1.55
C ALA B 345 -22.34 16.72 -1.77
N ILE B 346 -22.69 15.75 -2.61
CA ILE B 346 -21.75 14.78 -3.17
C ILE B 346 -21.66 15.13 -4.65
N CYS B 347 -20.49 15.57 -5.08
CA CYS B 347 -20.27 15.83 -6.50
C CYS B 347 -19.20 14.91 -7.08
N ILE B 348 -19.49 14.41 -8.27
CA ILE B 348 -18.53 13.60 -9.03
C ILE B 348 -18.23 14.27 -10.37
N ALA B 349 -16.97 14.67 -10.55
CA ALA B 349 -16.49 15.22 -11.81
C ALA B 349 -15.87 14.11 -12.66
N ASP B 350 -16.58 13.74 -13.71
CA ASP B 350 -16.21 12.64 -14.58
C ASP B 350 -15.13 13.11 -15.57
N PHE B 351 -14.03 12.36 -15.66
CA PHE B 351 -12.89 12.71 -16.52
C PHE B 351 -12.77 11.81 -17.73
N GLY B 352 -13.67 10.84 -17.84
CA GLY B 352 -13.65 9.88 -18.95
C GLY B 352 -13.64 8.44 -18.48
N GLU B 353 -12.50 8.01 -17.95
CA GLU B 353 -12.27 6.64 -17.48
C GLU B 353 -12.10 6.59 -15.96
N ASP B 354 -11.82 7.76 -15.38
CA ASP B 354 -11.76 7.96 -13.94
C ASP B 354 -12.45 9.28 -13.59
N ALA B 355 -12.49 9.62 -12.32
CA ALA B 355 -13.29 10.73 -11.84
C ALA B 355 -12.82 11.23 -10.47
N GLY B 356 -13.15 12.49 -10.16
CA GLY B 356 -12.93 13.05 -8.84
C GLY B 356 -14.19 12.98 -7.99
N PHE B 357 -14.05 12.56 -6.74
CA PHE B 357 -15.16 12.50 -5.79
C PHE B 357 -15.02 13.63 -4.77
N PHE B 358 -16.05 14.48 -4.68
CA PHE B 358 -16.06 15.58 -3.73
C PHE B 358 -17.31 15.56 -2.86
N PHE B 359 -17.09 15.48 -1.54
CA PHE B 359 -18.17 15.54 -0.57
C PHE B 359 -17.93 16.74 0.37
N ALA B 360 -18.95 17.56 0.55
CA ALA B 360 -18.90 18.70 1.46
C ALA B 360 -20.17 18.75 2.31
N ASP B 361 -20.04 18.62 3.63
CA ASP B 361 -21.18 18.67 4.56
C ASP B 361 -21.02 19.72 5.66
N PRO B 362 -21.70 20.87 5.53
CA PRO B 362 -22.46 21.31 4.36
C PRO B 362 -21.55 22.02 3.35
N VAL B 363 -22.09 22.35 2.19
CA VAL B 363 -21.38 23.12 1.17
C VAL B 363 -20.96 24.51 1.69
N ILE B 364 -21.90 25.21 2.33
CA ILE B 364 -21.67 26.52 2.91
C ILE B 364 -21.06 26.38 4.33
N PRO B 365 -19.83 26.91 4.51
CA PRO B 365 -19.05 26.78 5.75
C PRO B 365 -19.71 27.52 6.93
N PRO B 366 -19.34 27.17 8.18
CA PRO B 366 -18.36 26.15 8.60
C PRO B 366 -18.80 24.73 8.26
N ARG B 367 -17.84 23.88 7.90
CA ARG B 367 -18.14 22.49 7.52
C ARG B 367 -17.86 21.48 8.63
N GLU B 368 -18.67 20.42 8.71
CA GLU B 368 -18.46 19.32 9.65
C GLU B 368 -17.36 18.38 9.14
N ARG B 369 -17.43 18.03 7.86
CA ARG B 369 -16.39 17.21 7.22
C ARG B 369 -16.41 17.33 5.70
N VAL B 370 -15.28 17.00 5.06
CA VAL B 370 -15.19 16.89 3.60
C VAL B 370 -14.51 15.58 3.19
N ILE B 371 -14.73 15.17 1.94
CA ILE B 371 -13.99 14.03 1.38
C ILE B 371 -13.64 14.35 -0.06
N THR B 372 -12.34 14.34 -0.37
CA THR B 372 -11.87 14.45 -1.76
C THR B 372 -11.01 13.25 -2.12
N LYS B 373 -11.39 12.59 -3.22
CA LYS B 373 -10.73 11.37 -3.69
C LYS B 373 -10.77 11.31 -5.22
N MET B 374 -9.95 10.42 -5.80
CA MET B 374 -9.94 10.21 -7.24
C MET B 374 -9.59 8.76 -7.59
N GLY B 375 -10.35 8.18 -8.51
CA GLY B 375 -10.10 6.83 -9.04
C GLY B 375 -11.04 6.44 -10.16
N LYS B 376 -10.78 5.28 -10.77
CA LYS B 376 -11.67 4.68 -11.76
C LYS B 376 -13.05 4.38 -11.17
N TRP B 377 -13.08 3.98 -9.90
CA TRP B 377 -14.31 3.61 -9.21
C TRP B 377 -15.36 4.72 -9.27
N ALA B 378 -14.91 5.97 -9.09
CA ALA B 378 -15.81 7.13 -9.07
C ALA B 378 -16.49 7.38 -10.42
N HIS B 379 -15.86 6.92 -11.51
CA HIS B 379 -16.46 7.02 -12.83
C HIS B 379 -17.68 6.09 -12.96
N TYR B 380 -17.53 4.84 -12.52
CA TYR B 380 -18.61 3.85 -12.57
C TYR B 380 -19.77 4.21 -11.64
N PHE B 381 -19.45 4.83 -10.50
CA PHE B 381 -20.44 5.37 -9.58
C PHE B 381 -21.31 6.45 -10.25
N LYS B 382 -20.67 7.33 -11.03
CA LYS B 382 -21.38 8.39 -11.76
C LYS B 382 -22.41 7.81 -12.75
N THR B 383 -21.98 6.82 -13.53
CA THR B 383 -22.87 6.16 -14.49
C THR B 383 -24.05 5.47 -13.80
N ALA B 384 -23.78 4.80 -12.67
CA ALA B 384 -24.81 4.07 -11.93
C ALA B 384 -25.87 5.00 -11.34
N PHE B 385 -25.45 6.16 -10.85
CA PHE B 385 -26.41 7.12 -10.31
C PHE B 385 -27.32 7.75 -11.37
N GLU B 386 -26.78 7.93 -12.57
CA GLU B 386 -27.56 8.39 -13.74
C GLU B 386 -28.76 7.49 -13.99
N LYS B 387 -28.53 6.17 -14.00
CA LYS B 387 -29.56 5.17 -14.27
C LYS B 387 -30.64 5.17 -13.20
N TYR B 388 -30.20 5.29 -11.94
CA TYR B 388 -31.07 5.28 -10.75
C TYR B 388 -31.98 6.51 -10.66
N PHE B 389 -31.42 7.70 -10.90
CA PHE B 389 -32.22 8.93 -10.87
C PHE B 389 -33.29 8.99 -11.97
N LEU B 390 -32.92 8.57 -13.18
CA LEU B 390 -33.88 8.49 -14.28
C LEU B 390 -34.99 7.48 -14.01
N TRP B 391 -34.67 6.40 -13.31
CA TRP B 391 -35.67 5.44 -12.87
C TRP B 391 -36.63 6.07 -11.85
N LYS B 392 -36.08 6.86 -10.91
CA LYS B 392 -36.90 7.56 -9.91
C LYS B 392 -37.95 8.49 -10.52
N VAL B 393 -37.55 9.28 -11.51
CA VAL B 393 -38.48 10.11 -12.30
C VAL B 393 -39.61 9.26 -12.93
N ARG B 394 -39.27 8.15 -13.58
CA ARG B 394 -40.27 7.30 -14.22
C ARG B 394 -41.17 6.51 -13.23
N ASN B 395 -40.73 6.37 -11.99
CA ASN B 395 -41.49 5.55 -11.04
C ASN B 395 -42.13 6.31 -9.87
N GLY B 396 -42.06 7.64 -9.96
CA GLY B 396 -42.87 8.52 -9.12
C GLY B 396 -42.42 8.81 -7.70
N ASN B 397 -41.12 8.67 -7.42
CA ASN B 397 -40.56 8.91 -6.08
C ASN B 397 -39.10 9.32 -6.16
N ILE B 398 -38.82 10.60 -5.92
CA ILE B 398 -37.44 11.12 -5.94
C ILE B 398 -36.78 10.96 -4.55
N ALA B 399 -37.57 10.58 -3.55
CA ALA B 399 -37.07 10.44 -2.17
C ALA B 399 -37.44 9.09 -1.51
N PRO B 400 -36.91 7.98 -2.06
CA PRO B 400 -37.14 6.68 -1.40
C PRO B 400 -36.51 6.65 -0.01
N SER B 401 -37.26 6.16 0.98
CA SER B 401 -36.78 6.09 2.37
C SER B 401 -35.43 5.37 2.56
N PHE B 402 -35.11 4.38 1.71
CA PHE B 402 -33.85 3.64 1.84
C PHE B 402 -32.62 4.48 1.48
N GLU B 403 -32.77 5.42 0.55
CA GLU B 403 -31.68 6.29 0.10
C GLU B 403 -31.17 7.18 1.25
N GLU B 404 -32.13 7.74 1.98
CA GLU B 404 -31.84 8.53 3.18
C GLU B 404 -31.10 7.69 4.24
N LYS B 405 -31.48 6.42 4.36
CA LYS B 405 -30.82 5.49 5.29
C LYS B 405 -29.39 5.13 4.88
N VAL B 406 -29.16 4.94 3.57
CA VAL B 406 -27.82 4.59 3.06
C VAL B 406 -26.82 5.76 3.18
N LEU B 407 -27.27 6.96 2.88
CA LEU B 407 -26.48 8.18 3.04
C LEU B 407 -26.06 8.43 4.50
N GLU B 408 -26.96 8.08 5.41
CA GLU B 408 -26.68 8.09 6.85
C GLU B 408 -25.57 7.10 7.24
N ILE B 409 -25.71 5.83 6.87
CA ILE B 409 -24.71 4.82 7.24
C ILE B 409 -23.31 5.04 6.61
N PHE B 410 -23.26 5.52 5.37
CA PHE B 410 -21.99 5.71 4.68
C PHE B 410 -21.35 7.09 4.88
N LEU B 411 -22.16 8.12 5.07
CA LEU B 411 -21.62 9.48 5.16
C LEU B 411 -22.15 10.33 6.31
N LYS B 412 -22.99 9.72 7.16
CA LYS B 412 -23.75 10.42 8.22
C LYS B 412 -24.41 11.75 7.79
N VAL B 413 -25.03 11.71 6.61
CA VAL B 413 -25.81 12.80 6.07
C VAL B 413 -27.24 12.73 6.61
N HIS B 414 -27.71 13.84 7.16
CA HIS B 414 -29.15 14.03 7.38
CA HIS B 414 -29.14 14.05 7.42
C HIS B 414 -29.63 15.15 6.46
N PRO B 415 -30.69 14.88 5.67
CA PRO B 415 -31.08 15.83 4.61
C PRO B 415 -31.75 17.16 5.00
N ILE B 416 -32.61 17.16 6.02
CA ILE B 416 -33.31 18.38 6.48
C ILE B 416 -33.24 18.51 8.00
N GLU B 417 -33.40 19.74 8.50
CA GLU B 417 -33.36 20.00 9.95
C GLU B 417 -34.56 20.84 10.40
N LEU B 418 -35.04 20.58 11.62
CA LEU B 418 -36.09 21.41 12.21
C LEU B 418 -35.54 22.80 12.49
N CYS B 419 -36.23 23.82 11.97
CA CYS B 419 -35.77 25.20 12.07
C CYS B 419 -36.70 25.98 13.00
N LYS B 420 -36.15 26.45 14.12
CA LYS B 420 -36.93 27.20 15.10
C LYS B 420 -37.18 28.66 14.68
N ASP B 421 -36.42 29.12 13.68
CA ASP B 421 -36.51 30.50 13.18
C ASP B 421 -36.12 30.57 11.71
N CYS B 422 -37.12 30.60 10.82
CA CYS B 422 -36.87 30.71 9.37
C CYS B 422 -36.25 32.04 8.96
N GLU B 423 -36.36 33.05 9.83
CA GLU B 423 -35.98 34.42 9.50
C GLU B 423 -34.46 34.66 9.48
N GLY B 424 -33.88 34.47 8.30
CA GLY B 424 -32.46 34.70 8.02
C GLY B 424 -32.15 34.23 6.62
N ALA B 425 -30.94 34.52 6.15
CA ALA B 425 -30.50 34.15 4.80
C ALA B 425 -30.46 32.63 4.63
N PRO B 426 -30.65 32.14 3.38
CA PRO B 426 -30.61 30.68 3.18
C PRO B 426 -29.19 30.15 3.37
N GLY B 427 -29.06 29.00 4.02
CA GLY B 427 -27.76 28.44 4.35
C GLY B 427 -27.17 28.94 5.67
N SER B 428 -27.74 30.01 6.22
CA SER B 428 -27.40 30.45 7.58
C SER B 428 -28.07 29.52 8.59
N ARG B 429 -27.56 29.50 9.82
CA ARG B 429 -27.96 28.48 10.81
C ARG B 429 -29.06 28.95 11.78
N CYS B 430 -30.10 28.14 11.92
CA CYS B 430 -31.24 28.42 12.80
C CYS B 430 -30.80 28.40 14.28
N ALA C 2 12.21 -7.27 61.41
CA ALA C 2 11.70 -7.33 60.02
C ALA C 2 11.65 -8.77 59.52
N LYS C 3 10.75 -9.05 58.58
CA LYS C 3 10.60 -10.37 57.98
C LYS C 3 11.73 -10.71 57.00
N HIS C 4 11.88 -11.99 56.71
CA HIS C 4 12.99 -12.46 55.90
C HIS C 4 12.54 -13.34 54.71
N VAL C 5 12.82 -12.85 53.50
CA VAL C 5 12.56 -13.59 52.27
C VAL C 5 13.87 -14.11 51.67
N VAL C 6 13.93 -15.41 51.38
CA VAL C 6 15.04 -15.95 50.60
C VAL C 6 14.61 -16.29 49.16
N VAL C 7 15.45 -15.87 48.20
CA VAL C 7 15.19 -16.09 46.79
C VAL C 7 16.26 -17.05 46.27
N ILE C 8 15.84 -18.17 45.70
CA ILE C 8 16.79 -19.12 45.10
C ILE C 8 16.86 -18.94 43.58
N GLY C 9 17.96 -18.34 43.12
CA GLY C 9 18.22 -18.16 41.69
C GLY C 9 18.36 -16.70 41.28
N GLY C 10 19.52 -16.34 40.74
CA GLY C 10 19.80 -14.98 40.25
C GLY C 10 19.61 -14.77 38.76
N GLY C 11 18.42 -15.09 38.25
CA GLY C 11 18.08 -14.86 36.84
C GLY C 11 16.93 -13.86 36.68
N VAL C 12 16.15 -14.02 35.61
CA VAL C 12 15.01 -13.12 35.34
C VAL C 12 13.96 -13.13 36.46
N GLY C 13 13.49 -14.31 36.84
CA GLY C 13 12.41 -14.42 37.82
C GLY C 13 12.83 -14.01 39.23
N GLY C 14 14.07 -14.33 39.58
CA GLY C 14 14.60 -14.08 40.93
C GLY C 14 14.95 -12.62 41.20
N ILE C 15 15.67 -12.01 40.26
CA ILE C 15 15.99 -10.58 40.32
C ILE C 15 14.72 -9.73 40.31
N ALA C 16 13.76 -10.09 39.46
CA ALA C 16 12.51 -9.36 39.36
C ALA C 16 11.67 -9.45 40.63
N THR C 17 11.55 -10.65 41.20
CA THR C 17 10.82 -10.79 42.47
C THR C 17 11.54 -10.04 43.61
N ALA C 18 12.86 -10.23 43.74
CA ALA C 18 13.66 -9.55 44.77
C ALA C 18 13.53 -8.03 44.70
N TYR C 19 13.73 -7.47 43.51
CA TYR C 19 13.58 -6.04 43.26
C TYR C 19 12.14 -5.52 43.54
N ASN C 20 11.14 -6.27 43.11
CA ASN C 20 9.72 -5.91 43.38
C ASN C 20 9.47 -5.84 44.89
N LEU C 21 9.92 -6.86 45.62
CA LEU C 21 9.86 -6.89 47.09
C LEU C 21 10.55 -5.70 47.74
N ARG C 22 11.78 -5.40 47.30
CA ARG C 22 12.58 -4.30 47.85
C ARG C 22 11.92 -2.93 47.65
N ASN C 23 11.28 -2.74 46.50
CA ASN C 23 10.61 -1.48 46.18
C ASN C 23 9.24 -1.31 46.86
N LEU C 24 8.58 -2.43 47.12
CA LEU C 24 7.34 -2.48 47.90
C LEU C 24 7.58 -2.32 49.41
N MET C 25 8.73 -2.77 49.90
CA MET C 25 9.00 -2.84 51.33
C MET C 25 10.49 -2.59 51.68
N PRO C 26 10.86 -1.31 51.86
CA PRO C 26 12.21 -0.83 52.20
C PRO C 26 13.00 -1.59 53.27
N ASP C 27 12.33 -2.03 54.33
CA ASP C 27 13.05 -2.62 55.48
C ASP C 27 12.93 -4.14 55.59
N LEU C 28 12.25 -4.76 54.62
CA LEU C 28 12.22 -6.22 54.50
C LEU C 28 13.62 -6.77 54.23
N LYS C 29 13.96 -7.87 54.89
CA LYS C 29 15.24 -8.55 54.61
C LYS C 29 15.14 -9.50 53.42
N ILE C 30 16.08 -9.33 52.47
CA ILE C 30 16.11 -10.15 51.26
C ILE C 30 17.51 -10.75 51.03
N THR C 31 17.56 -12.07 50.92
CA THR C 31 18.81 -12.74 50.58
C THR C 31 18.62 -13.58 49.32
N LEU C 32 19.52 -13.40 48.36
CA LEU C 32 19.48 -14.12 47.10
C LEU C 32 20.65 -15.09 47.02
N ILE C 33 20.34 -16.33 46.66
CA ILE C 33 21.33 -17.40 46.55
C ILE C 33 21.39 -17.85 45.08
N SER C 34 22.60 -17.91 44.52
CA SER C 34 22.80 -18.32 43.12
C SER C 34 24.17 -18.95 42.91
N ASP C 35 24.22 -20.03 42.12
CA ASP C 35 25.50 -20.67 41.79
C ASP C 35 26.39 -19.85 40.83
N ARG C 36 25.78 -19.00 40.01
CA ARG C 36 26.53 -18.09 39.13
C ARG C 36 26.73 -16.70 39.76
N PRO C 37 27.97 -16.16 39.72
CA PRO C 37 28.27 -14.79 40.20
C PRO C 37 27.69 -13.66 39.34
N TYR C 38 26.97 -14.00 38.27
CA TYR C 38 26.47 -12.98 37.34
C TYR C 38 24.99 -13.19 37.02
N PHE C 39 24.32 -12.11 36.62
CA PHE C 39 23.06 -12.23 35.91
C PHE C 39 23.34 -12.23 34.42
N GLY C 40 22.79 -13.20 33.70
CA GLY C 40 22.93 -13.25 32.25
C GLY C 40 21.61 -13.02 31.55
N PHE C 41 21.62 -12.14 30.56
CA PHE C 41 20.43 -11.80 29.77
C PHE C 41 20.18 -12.90 28.71
N THR C 42 19.35 -13.85 29.10
CA THR C 42 19.04 -15.07 28.31
C THR C 42 18.58 -14.85 26.86
N PRO C 43 17.70 -13.84 26.61
CA PRO C 43 17.30 -13.56 25.21
C PRO C 43 18.44 -13.24 24.24
N ALA C 44 19.62 -12.92 24.78
CA ALA C 44 20.82 -12.67 23.97
C ALA C 44 21.81 -13.85 23.87
N PHE C 45 21.45 -15.01 24.43
CA PHE C 45 22.32 -16.20 24.33
C PHE C 45 22.51 -16.70 22.87
N PRO C 46 21.44 -16.75 22.06
CA PRO C 46 21.63 -17.12 20.64
C PRO C 46 22.59 -16.19 19.90
N HIS C 47 22.50 -14.89 20.20
CA HIS C 47 23.42 -13.88 19.65
C HIS C 47 24.87 -14.13 20.08
N LEU C 48 25.04 -14.54 21.33
CA LEU C 48 26.37 -14.84 21.88
C LEU C 48 27.01 -16.07 21.20
N ALA C 49 26.20 -17.12 21.03
CA ALA C 49 26.59 -18.30 20.25
C ALA C 49 26.95 -17.97 18.80
N MET C 50 26.28 -16.97 18.20
CA MET C 50 26.60 -16.49 16.84
C MET C 50 27.87 -15.63 16.78
N GLY C 51 28.42 -15.26 17.95
CA GLY C 51 29.53 -14.33 18.03
C GLY C 51 29.16 -12.86 17.83
N TRP C 52 27.88 -12.54 18.00
CA TRP C 52 27.39 -11.17 17.83
C TRP C 52 27.37 -10.38 19.14
N ARG C 53 27.78 -11.03 20.23
CA ARG C 53 27.94 -10.37 21.54
C ARG C 53 29.23 -10.82 22.25
N LYS C 54 29.75 -9.95 23.10
CA LYS C 54 30.75 -10.33 24.09
C LYS C 54 30.02 -10.64 25.40
N PHE C 55 30.43 -11.71 26.08
CA PHE C 55 29.82 -12.11 27.36
C PHE C 55 29.66 -10.95 28.34
N GLU C 56 30.67 -10.08 28.40
CA GLU C 56 30.72 -8.94 29.31
CA GLU C 56 30.70 -8.96 29.33
C GLU C 56 29.62 -7.90 29.05
N ASP C 57 29.06 -7.92 27.84
CA ASP C 57 28.04 -6.94 27.44
C ASP C 57 26.59 -7.35 27.71
N ILE C 58 26.38 -8.62 28.06
CA ILE C 58 25.04 -9.16 28.26
C ILE C 58 24.91 -9.88 29.62
N SER C 59 25.81 -9.52 30.55
CA SER C 59 25.86 -10.10 31.89
C SER C 59 26.17 -9.01 32.92
N VAL C 60 25.75 -9.21 34.16
CA VAL C 60 25.91 -8.23 35.25
C VAL C 60 26.43 -8.91 36.53
N PRO C 61 27.68 -8.60 36.96
CA PRO C 61 28.21 -9.18 38.22
C PRO C 61 27.38 -8.79 39.44
N LEU C 62 26.93 -9.78 40.21
CA LEU C 62 25.95 -9.55 41.28
C LEU C 62 26.53 -9.09 42.64
N ALA C 63 27.72 -9.57 42.99
CA ALA C 63 28.33 -9.27 44.29
C ALA C 63 28.54 -7.77 44.58
N PRO C 64 29.07 -7.01 43.59
CA PRO C 64 29.21 -5.56 43.83
C PRO C 64 27.91 -4.76 43.65
N LEU C 65 26.87 -5.39 43.10
CA LEU C 65 25.63 -4.69 42.74
C LEU C 65 24.49 -4.78 43.77
N LEU C 66 24.19 -5.99 44.22
CA LEU C 66 23.03 -6.20 45.12
C LEU C 66 23.04 -5.47 46.47
N PRO C 67 24.23 -5.33 47.13
CA PRO C 67 24.30 -4.54 48.37
C PRO C 67 23.97 -3.05 48.23
N LYS C 68 23.97 -2.55 47.00
CA LYS C 68 23.54 -1.17 46.74
C LYS C 68 22.03 -1.03 46.89
N PHE C 69 21.30 -2.14 46.67
CA PHE C 69 19.85 -2.16 46.82
C PHE C 69 19.45 -2.90 48.09
N ASN C 70 20.42 -3.04 49.00
CA ASN C 70 20.24 -3.67 50.32
C ASN C 70 19.82 -5.13 50.28
N ILE C 71 20.35 -5.86 49.30
CA ILE C 71 20.05 -7.29 49.13
C ILE C 71 21.34 -8.11 49.34
N GLU C 72 21.27 -9.12 50.20
CA GLU C 72 22.44 -9.97 50.44
C GLU C 72 22.59 -11.08 49.41
N PHE C 73 23.79 -11.19 48.83
CA PHE C 73 24.10 -12.18 47.80
C PHE C 73 24.99 -13.30 48.36
N ILE C 74 24.49 -14.53 48.25
CA ILE C 74 25.26 -15.72 48.61
C ILE C 74 25.59 -16.48 47.32
N ASN C 75 26.83 -16.34 46.87
CA ASN C 75 27.30 -17.01 45.68
C ASN C 75 27.62 -18.48 45.95
N GLU C 76 26.55 -19.28 46.06
CA GLU C 76 26.66 -20.71 46.28
C GLU C 76 25.46 -21.40 45.65
N LYS C 77 25.57 -22.70 45.48
CA LYS C 77 24.43 -23.51 45.05
C LYS C 77 23.57 -23.87 46.26
N ALA C 78 22.24 -23.79 46.10
CA ALA C 78 21.32 -24.31 47.11
C ALA C 78 21.13 -25.79 46.88
N GLU C 79 21.24 -26.57 47.96
CA GLU C 79 21.26 -28.03 47.89
C GLU C 79 19.96 -28.74 48.26
N SER C 80 19.34 -28.33 49.37
CA SER C 80 18.09 -28.97 49.82
C SER C 80 17.11 -27.97 50.47
N ILE C 81 15.84 -28.37 50.55
CA ILE C 81 14.80 -27.56 51.18
C ILE C 81 14.05 -28.38 52.23
N ASP C 82 14.06 -27.91 53.48
CA ASP C 82 13.24 -28.51 54.54
C ASP C 82 12.07 -27.56 54.84
N PRO C 83 10.89 -27.82 54.22
CA PRO C 83 9.73 -26.92 54.30
C PRO C 83 8.98 -26.93 55.62
N ASP C 84 9.14 -28.00 56.39
CA ASP C 84 8.57 -28.05 57.73
C ASP C 84 9.42 -27.22 58.70
N ALA C 85 10.72 -27.16 58.44
CA ALA C 85 11.64 -26.39 59.27
C ALA C 85 11.88 -24.97 58.76
N ASN C 86 11.37 -24.66 57.56
CA ASN C 86 11.56 -23.34 56.92
C ASN C 86 13.04 -23.02 56.65
N THR C 87 13.76 -23.98 56.07
CA THR C 87 15.21 -23.85 55.89
C THR C 87 15.67 -24.24 54.48
N VAL C 88 16.73 -23.59 54.01
CA VAL C 88 17.48 -23.98 52.82
C VAL C 88 18.92 -24.25 53.25
N THR C 89 19.51 -25.34 52.75
CA THR C 89 20.91 -25.66 53.02
C THR C 89 21.73 -25.55 51.74
N THR C 90 22.83 -24.80 51.78
CA THR C 90 23.70 -24.65 50.61
C THR C 90 24.74 -25.77 50.49
N GLN C 91 25.50 -25.76 49.39
CA GLN C 91 26.49 -26.81 49.11
C GLN C 91 27.58 -26.95 50.17
N SER C 92 28.02 -25.83 50.75
CA SER C 92 29.04 -25.88 51.79
C SER C 92 28.46 -26.25 53.17
N GLY C 93 27.13 -26.24 53.30
CA GLY C 93 26.48 -26.66 54.52
C GLY C 93 25.80 -25.56 55.33
N LYS C 94 25.87 -24.32 54.83
CA LYS C 94 25.19 -23.18 55.44
C LYS C 94 23.68 -23.40 55.46
N LYS C 95 23.06 -23.18 56.62
CA LYS C 95 21.60 -23.24 56.72
C LYS C 95 21.01 -21.83 56.87
N ILE C 96 20.21 -21.42 55.88
CA ILE C 96 19.50 -20.14 55.96
C ILE C 96 18.01 -20.38 56.26
N GLU C 97 17.55 -19.87 57.41
CA GLU C 97 16.14 -19.96 57.77
C GLU C 97 15.35 -18.87 57.01
N TYR C 98 14.07 -19.12 56.75
CA TYR C 98 13.24 -18.15 56.02
C TYR C 98 11.83 -18.00 56.59
N ASP C 99 11.23 -16.83 56.35
CA ASP C 99 9.79 -16.63 56.56
C ASP C 99 9.04 -16.95 55.27
N TYR C 100 9.59 -16.50 54.13
CA TYR C 100 9.06 -16.84 52.81
C TYR C 100 10.18 -17.30 51.89
N LEU C 101 9.86 -18.26 51.02
CA LEU C 101 10.79 -18.80 50.04
C LEU C 101 10.26 -18.57 48.63
N VAL C 102 11.14 -18.05 47.77
CA VAL C 102 10.84 -17.91 46.35
C VAL C 102 11.85 -18.75 45.57
N ILE C 103 11.33 -19.78 44.92
CA ILE C 103 12.13 -20.69 44.12
C ILE C 103 12.07 -20.26 42.65
N ALA C 104 13.24 -19.95 42.10
CA ALA C 104 13.35 -19.42 40.75
C ALA C 104 14.63 -19.90 40.08
N THR C 105 14.83 -21.23 40.11
CA THR C 105 16.06 -21.86 39.65
C THR C 105 16.17 -22.09 38.13
N GLY C 106 15.11 -21.75 37.38
CA GLY C 106 15.09 -21.92 35.94
C GLY C 106 15.05 -23.38 35.52
N PRO C 107 15.49 -23.67 34.28
CA PRO C 107 15.44 -25.05 33.79
C PRO C 107 16.57 -25.94 34.32
N LYS C 108 16.26 -27.20 34.59
CA LYS C 108 17.24 -28.27 34.66
C LYS C 108 17.16 -28.99 33.30
N LEU C 109 18.27 -29.03 32.58
CA LEU C 109 18.28 -29.48 31.20
C LEU C 109 18.41 -31.01 31.07
N VAL C 110 17.58 -31.58 30.22
CA VAL C 110 17.60 -33.02 29.95
C VAL C 110 17.90 -33.23 28.46
N PHE C 111 19.06 -33.81 28.19
CA PHE C 111 19.43 -34.13 26.83
C PHE C 111 18.93 -35.53 26.53
N GLY C 112 17.61 -35.62 26.29
CA GLY C 112 16.90 -36.89 26.18
C GLY C 112 17.23 -37.78 24.99
N ALA C 113 17.70 -37.19 23.89
CA ALA C 113 18.11 -37.97 22.74
C ALA C 113 19.45 -38.65 22.96
N GLU C 114 19.51 -39.92 22.56
CA GLU C 114 20.75 -40.71 22.57
C GLU C 114 21.88 -39.99 21.85
N GLY C 115 22.96 -39.71 22.58
CA GLY C 115 24.13 -39.04 22.02
C GLY C 115 24.05 -37.52 21.92
N GLN C 116 22.96 -36.94 22.42
CA GLN C 116 22.73 -35.50 22.32
C GLN C 116 23.77 -34.66 23.06
N GLU C 117 24.10 -35.05 24.28
CA GLU C 117 25.01 -34.28 25.13
C GLU C 117 26.45 -34.26 24.60
N GLU C 118 26.83 -35.32 23.90
CA GLU C 118 28.18 -35.50 23.39
C GLU C 118 28.36 -35.05 21.93
N ASN C 119 27.30 -35.20 21.13
CA ASN C 119 27.41 -35.00 19.68
C ASN C 119 26.83 -33.68 19.16
N SER C 120 26.00 -33.04 19.97
CA SER C 120 25.26 -31.85 19.56
C SER C 120 25.71 -30.61 20.34
N THR C 121 25.10 -29.46 20.06
CA THR C 121 25.35 -28.24 20.80
C THR C 121 24.02 -27.73 21.35
N SER C 122 24.10 -26.78 22.27
CA SER C 122 22.93 -26.09 22.79
C SER C 122 23.28 -24.65 23.15
N ILE C 123 22.25 -23.83 23.36
CA ILE C 123 22.44 -22.39 23.61
C ILE C 123 21.71 -21.88 24.87
N CYS C 124 21.31 -22.79 25.74
CA CYS C 124 20.52 -22.47 26.94
C CYS C 124 21.28 -21.76 28.06
N THR C 125 22.59 -21.98 28.14
CA THR C 125 23.42 -21.24 29.10
C THR C 125 24.53 -20.48 28.36
N ALA C 126 25.17 -19.52 29.02
CA ALA C 126 26.29 -18.78 28.42
C ALA C 126 27.48 -19.69 28.12
N GLU C 127 27.72 -20.69 28.97
CA GLU C 127 28.81 -21.64 28.78
C GLU C 127 28.59 -22.57 27.57
N HIS C 128 27.36 -23.04 27.39
CA HIS C 128 26.99 -23.86 26.23
C HIS C 128 27.01 -23.05 24.93
N ALA C 129 26.65 -21.76 25.03
CA ALA C 129 26.63 -20.86 23.87
C ALA C 129 28.03 -20.56 23.34
N LEU C 130 28.97 -20.30 24.25
CA LEU C 130 30.35 -19.97 23.86
C LEU C 130 31.07 -21.18 23.25
N GLU C 131 30.63 -22.38 23.62
CA GLU C 131 31.17 -23.60 23.04
CA GLU C 131 31.18 -23.61 23.03
C GLU C 131 30.55 -23.86 21.66
N THR C 132 29.31 -23.41 21.48
CA THR C 132 28.63 -23.51 20.18
C THR C 132 29.34 -22.61 19.16
N GLN C 133 29.72 -21.41 19.60
CA GLN C 133 30.49 -20.47 18.77
C GLN C 133 31.79 -21.07 18.21
N LYS C 134 32.49 -21.87 19.03
CA LYS C 134 33.70 -22.54 18.58
C LYS C 134 33.44 -23.58 17.51
N LYS C 135 32.30 -24.27 17.61
CA LYS C 135 31.91 -25.28 16.62
C LYS C 135 31.47 -24.66 15.29
N LEU C 136 30.96 -23.42 15.37
CA LEU C 136 30.53 -22.68 14.18
C LEU C 136 31.70 -22.22 13.30
N GLN C 137 32.83 -21.86 13.93
CA GLN C 137 34.03 -21.51 13.19
C GLN C 137 34.59 -22.70 12.42
N GLU C 138 34.45 -23.89 13.00
CA GLU C 138 34.81 -25.15 12.34
C GLU C 138 33.89 -25.42 11.14
N LEU C 139 32.62 -25.05 11.27
CA LEU C 139 31.65 -25.21 10.18
C LEU C 139 31.96 -24.28 9.01
N TYR C 140 32.21 -23.00 9.28
CA TYR C 140 32.52 -22.02 8.24
C TYR C 140 33.78 -22.40 7.44
N ALA C 141 34.74 -23.02 8.10
CA ALA C 141 35.99 -23.46 7.46
C ALA C 141 35.80 -24.64 6.50
N ASN C 142 35.00 -25.63 6.90
CA ASN C 142 34.54 -26.68 5.99
C ASN C 142 33.05 -27.01 6.12
N PRO C 143 32.20 -26.29 5.37
CA PRO C 143 30.74 -26.46 5.40
C PRO C 143 30.23 -27.90 5.28
N GLY C 144 29.00 -28.10 5.74
CA GLY C 144 28.31 -29.37 5.64
C GLY C 144 26.86 -29.25 6.11
N PRO C 145 26.10 -30.36 6.02
CA PRO C 145 24.68 -30.38 6.43
C PRO C 145 24.46 -29.96 7.89
N VAL C 146 23.46 -29.11 8.09
CA VAL C 146 23.10 -28.60 9.42
C VAL C 146 21.67 -29.06 9.73
N VAL C 147 21.47 -29.55 10.96
CA VAL C 147 20.11 -29.83 11.45
C VAL C 147 19.86 -29.21 12.84
N ILE C 148 18.76 -28.47 12.96
CA ILE C 148 18.42 -27.77 14.20
C ILE C 148 17.01 -28.20 14.63
N GLY C 149 16.72 -28.16 15.93
CA GLY C 149 15.32 -28.33 16.36
C GLY C 149 15.07 -28.68 17.82
N ALA C 150 14.02 -29.48 18.03
CA ALA C 150 13.50 -29.80 19.35
C ALA C 150 13.16 -31.29 19.51
N ILE C 151 13.66 -31.88 20.60
CA ILE C 151 13.36 -33.29 20.96
C ILE C 151 11.98 -33.38 21.63
N PRO C 152 11.45 -34.61 21.85
CA PRO C 152 10.18 -34.73 22.58
C PRO C 152 10.27 -34.17 24.00
N GLY C 153 9.18 -33.56 24.48
CA GLY C 153 9.14 -32.99 25.82
C GLY C 153 9.55 -31.53 25.90
N VAL C 154 9.99 -30.95 24.79
CA VAL C 154 10.46 -29.57 24.77
C VAL C 154 9.30 -28.58 25.01
N SER C 155 9.62 -27.45 25.65
CA SER C 155 8.64 -26.42 25.97
C SER C 155 9.12 -25.00 25.63
N CSS C 156 10.30 -24.87 25.10
CA CSS C 156 10.88 -23.59 24.70
CB CSS C 156 12.01 -23.27 25.68
SG CSS C 156 12.42 -21.55 25.64
SG CSS C 156 12.62 -21.62 25.43
SD CSS C 156 11.00 -20.44 25.74
C CSS C 156 11.37 -23.72 23.26
O CSS C 156 12.52 -24.17 23.03
N PHE C 157 10.54 -23.34 22.33
CA PHE C 157 10.77 -23.58 20.91
C PHE C 157 11.36 -22.38 20.16
N GLY C 158 10.98 -21.19 20.58
CA GLY C 158 11.44 -19.93 19.97
C GLY C 158 12.93 -19.69 19.68
N PRO C 159 13.83 -19.99 20.66
CA PRO C 159 15.29 -19.81 20.41
C PRO C 159 15.88 -20.74 19.34
N ALA C 160 15.26 -21.91 19.15
CA ALA C 160 15.58 -22.82 18.05
C ALA C 160 15.27 -22.19 16.68
N TYR C 161 14.09 -21.59 16.55
CA TYR C 161 13.66 -20.89 15.32
C TYR C 161 14.59 -19.71 15.02
N GLU C 162 14.87 -18.94 16.08
CA GLU C 162 15.78 -17.82 16.07
C GLU C 162 17.18 -18.19 15.56
N PHE C 163 17.80 -19.17 16.20
CA PHE C 163 19.15 -19.63 15.89
C PHE C 163 19.26 -20.08 14.43
N ALA C 164 18.29 -20.88 13.97
CA ALA C 164 18.19 -21.29 12.56
C ALA C 164 18.20 -20.11 11.59
N LEU C 165 17.33 -19.12 11.82
CA LEU C 165 17.22 -17.97 10.91
C LEU C 165 18.46 -17.05 10.98
N MET C 166 19.03 -16.91 12.17
CA MET C 166 20.27 -16.15 12.38
C MET C 166 21.45 -16.80 11.70
N LEU C 167 21.52 -18.14 11.76
CA LEU C 167 22.59 -18.89 11.12
C LEU C 167 22.45 -18.83 9.59
N HIS C 168 21.22 -18.89 9.09
CA HIS C 168 20.95 -18.65 7.68
C HIS C 168 21.54 -17.31 7.23
N TYR C 169 21.23 -16.26 8.00
CA TYR C 169 21.68 -14.90 7.71
C TYR C 169 23.21 -14.74 7.71
N GLU C 170 23.89 -15.35 8.69
CA GLU C 170 25.36 -15.28 8.80
C GLU C 170 26.06 -16.04 7.68
N LEU C 171 25.55 -17.23 7.36
CA LEU C 171 26.05 -18.02 6.25
C LEU C 171 25.92 -17.26 4.93
N LYS C 172 24.81 -16.54 4.80
CA LYS C 172 24.51 -15.76 3.60
C LYS C 172 25.42 -14.55 3.47
N LYS C 173 25.72 -13.89 4.58
CA LYS C 173 26.61 -12.73 4.57
C LYS C 173 28.06 -13.12 4.25
N ARG C 174 28.44 -14.35 4.57
CA ARG C 174 29.75 -14.84 4.15
C ARG C 174 29.74 -15.59 2.79
N GLY C 175 28.58 -15.60 2.13
CA GLY C 175 28.43 -16.12 0.76
C GLY C 175 28.56 -17.63 0.62
N ILE C 176 28.19 -18.35 1.67
CA ILE C 176 28.49 -19.77 1.81
C ILE C 176 27.23 -20.64 2.04
N ARG C 177 26.07 -19.99 2.12
CA ARG C 177 24.79 -20.67 2.38
C ARG C 177 24.47 -21.82 1.38
N TYR C 178 24.88 -21.64 0.12
CA TYR C 178 24.62 -22.61 -0.94
C TYR C 178 25.46 -23.88 -0.77
N LYS C 179 26.37 -23.86 0.20
CA LYS C 179 27.19 -25.02 0.54
C LYS C 179 26.69 -25.70 1.81
N VAL C 180 25.69 -25.11 2.46
CA VAL C 180 25.18 -25.63 3.74
C VAL C 180 23.68 -25.98 3.70
N PRO C 181 23.35 -27.29 3.56
CA PRO C 181 21.97 -27.75 3.80
C PRO C 181 21.47 -27.40 5.21
N MET C 182 20.20 -27.02 5.32
CA MET C 182 19.57 -26.66 6.60
C MET C 182 18.22 -27.37 6.76
N THR C 183 18.07 -28.13 7.84
CA THR C 183 16.83 -28.87 8.15
C THR C 183 16.41 -28.63 9.60
N PHE C 184 15.12 -28.37 9.79
CA PHE C 184 14.51 -28.10 11.08
C PHE C 184 13.57 -29.25 11.48
N ILE C 185 13.77 -29.81 12.67
CA ILE C 185 12.90 -30.90 13.09
C ILE C 185 12.31 -30.69 14.48
N THR C 186 10.99 -30.83 14.59
CA THR C 186 10.28 -30.60 15.87
C THR C 186 9.28 -31.64 16.28
N SER C 187 9.12 -31.73 17.60
CA SER C 187 8.01 -32.43 18.25
C SER C 187 6.64 -31.71 18.17
N GLU C 188 6.65 -30.41 17.83
CA GLU C 188 5.42 -29.64 17.55
C GLU C 188 4.60 -30.35 16.47
N PRO C 189 3.26 -30.39 16.60
CA PRO C 189 2.46 -31.04 15.55
C PRO C 189 2.53 -30.28 14.22
N TYR C 190 2.90 -29.01 14.27
CA TYR C 190 3.11 -28.19 13.06
C TYR C 190 4.03 -27.02 13.41
N LEU C 191 4.69 -26.45 12.40
CA LEU C 191 5.51 -25.24 12.57
C LEU C 191 4.69 -24.09 13.14
N GLY C 192 5.29 -23.34 14.09
CA GLY C 192 4.61 -22.21 14.72
C GLY C 192 3.52 -22.60 15.72
N HIS C 193 3.62 -23.80 16.29
CA HIS C 193 2.73 -24.23 17.38
C HIS C 193 3.22 -23.60 18.69
N PHE C 194 4.54 -23.66 18.92
CA PHE C 194 5.24 -23.06 20.08
C PHE C 194 4.84 -23.65 21.45
N GLY C 195 4.17 -24.80 21.46
CA GLY C 195 3.61 -25.35 22.68
C GLY C 195 2.38 -24.59 23.19
N VAL C 196 1.79 -23.74 22.34
CA VAL C 196 0.64 -22.89 22.72
C VAL C 196 -0.59 -23.01 21.79
N GLY C 197 -0.53 -23.93 20.83
CA GLY C 197 -1.62 -24.11 19.87
C GLY C 197 -1.61 -23.07 18.76
N GLY C 198 -0.45 -22.50 18.49
CA GLY C 198 -0.33 -21.40 17.53
C GLY C 198 -0.72 -20.06 18.13
N ILE C 199 -0.21 -18.99 17.53
CA ILE C 199 -0.62 -17.62 17.89
C ILE C 199 -1.11 -16.98 16.61
N GLY C 200 -2.43 -16.85 16.50
CA GLY C 200 -3.07 -16.40 15.26
C GLY C 200 -2.70 -17.33 14.11
N ALA C 201 -2.32 -16.74 12.98
CA ALA C 201 -1.90 -17.49 11.82
C ALA C 201 -0.36 -17.71 11.76
N SER C 202 0.22 -18.09 12.89
CA SER C 202 1.67 -18.31 13.00
C SER C 202 2.17 -19.54 12.23
N LYS C 203 1.29 -20.52 12.02
CA LYS C 203 1.64 -21.72 11.24
C LYS C 203 1.90 -21.36 9.76
N ARG C 204 0.95 -20.65 9.16
CA ARG C 204 1.05 -20.16 7.79
C ARG C 204 2.26 -19.23 7.60
N LEU C 205 2.49 -18.34 8.57
CA LEU C 205 3.62 -17.40 8.55
C LEU C 205 5.00 -18.08 8.63
N VAL C 206 5.16 -19.04 9.54
CA VAL C 206 6.46 -19.72 9.70
C VAL C 206 6.76 -20.66 8.50
N GLU C 207 5.74 -21.36 8.01
CA GLU C 207 5.85 -22.15 6.78
C GLU C 207 6.29 -21.31 5.57
N ASP C 208 5.71 -20.13 5.43
CA ASP C 208 6.04 -19.24 4.32
C ASP C 208 7.49 -18.74 4.43
N LEU C 209 7.87 -18.30 5.62
CA LEU C 209 9.23 -17.83 5.89
C LEU C 209 10.33 -18.88 5.62
N PHE C 210 10.15 -20.10 6.13
CA PHE C 210 11.07 -21.23 5.90
C PHE C 210 11.21 -21.59 4.41
N ALA C 211 10.10 -21.50 3.67
CA ALA C 211 10.07 -21.73 2.23
C ALA C 211 10.89 -20.70 1.46
N GLU C 212 10.72 -19.43 1.81
CA GLU C 212 11.44 -18.31 1.21
C GLU C 212 12.93 -18.31 1.48
N ARG C 213 13.33 -18.89 2.62
CA ARG C 213 14.73 -18.88 3.04
C ARG C 213 15.40 -20.28 2.95
N ASN C 214 14.70 -21.19 2.25
CA ASN C 214 15.15 -22.58 2.00
C ASN C 214 15.54 -23.39 3.24
N ILE C 215 14.72 -23.32 4.28
CA ILE C 215 14.90 -24.22 5.42
C ILE C 215 13.87 -25.34 5.34
N ASP C 216 14.36 -26.56 5.10
CA ASP C 216 13.54 -27.77 5.07
C ASP C 216 13.07 -28.06 6.47
N TRP C 217 11.94 -28.75 6.62
CA TRP C 217 11.40 -29.07 7.94
C TRP C 217 10.62 -30.38 8.04
N ILE C 218 10.63 -30.96 9.24
CA ILE C 218 9.84 -32.13 9.60
C ILE C 218 9.23 -31.89 10.99
N ALA C 219 7.91 -32.02 11.07
CA ALA C 219 7.16 -31.72 12.27
C ALA C 219 6.34 -32.92 12.71
N ASN C 220 5.96 -32.97 13.99
CA ASN C 220 5.10 -34.05 14.51
C ASN C 220 5.84 -35.42 14.53
N VAL C 221 7.16 -35.36 14.74
CA VAL C 221 8.03 -36.53 14.89
C VAL C 221 8.85 -36.46 16.18
N ALA C 222 9.47 -37.59 16.55
CA ALA C 222 10.31 -37.67 17.75
C ALA C 222 11.78 -37.97 17.40
N VAL C 223 12.65 -37.01 17.67
CA VAL C 223 14.11 -37.17 17.53
C VAL C 223 14.62 -38.13 18.59
N LYS C 224 15.19 -39.25 18.13
CA LYS C 224 15.57 -40.36 19.01
C LYS C 224 17.08 -40.49 19.25
N ALA C 225 17.90 -40.10 18.27
CA ALA C 225 19.36 -40.19 18.39
C ALA C 225 20.09 -39.13 17.58
N ILE C 226 21.18 -38.61 18.14
CA ILE C 226 22.05 -37.65 17.46
C ILE C 226 23.46 -38.22 17.44
N GLU C 227 23.88 -38.67 16.25
CA GLU C 227 25.20 -39.28 16.07
C GLU C 227 26.17 -38.24 15.50
N PRO C 228 27.50 -38.51 15.52
CA PRO C 228 28.43 -37.53 14.94
C PRO C 228 28.19 -37.23 13.46
N ASP C 229 27.40 -38.07 12.78
CA ASP C 229 27.22 -37.98 11.33
C ASP C 229 25.76 -37.91 10.86
N LYS C 230 24.81 -38.07 11.78
CA LYS C 230 23.38 -38.04 11.44
C LYS C 230 22.44 -37.85 12.62
N VAL C 231 21.18 -37.52 12.29
CA VAL C 231 20.12 -37.39 13.26
C VAL C 231 19.03 -38.41 12.92
N ILE C 232 18.61 -39.19 13.91
CA ILE C 232 17.57 -40.22 13.71
C ILE C 232 16.29 -39.79 14.41
N TYR C 233 15.16 -39.82 13.69
CA TYR C 233 13.86 -39.50 14.28
C TYR C 233 12.84 -40.58 13.91
N GLU C 234 11.71 -40.59 14.61
CA GLU C 234 10.65 -41.60 14.43
C GLU C 234 9.27 -40.93 14.25
N ASP C 235 8.45 -41.49 13.36
CA ASP C 235 7.11 -40.95 13.11
C ASP C 235 6.00 -41.66 13.88
N LEU C 236 4.77 -41.19 13.71
CA LEU C 236 3.61 -41.71 14.45
C LEU C 236 3.20 -43.15 14.09
N ASN C 237 3.63 -43.62 12.93
CA ASN C 237 3.44 -45.01 12.57
C ASN C 237 4.44 -45.95 13.25
N GLY C 238 5.50 -45.35 13.82
CA GLY C 238 6.61 -46.12 14.39
C GLY C 238 7.75 -46.39 13.42
N ASN C 239 7.70 -45.75 12.24
CA ASN C 239 8.80 -45.82 11.27
C ASN C 239 9.95 -44.89 11.64
N THR C 240 11.18 -45.36 11.44
CA THR C 240 12.40 -44.62 11.74
C THR C 240 13.04 -44.03 10.46
N HIS C 241 13.60 -42.82 10.60
CA HIS C 241 14.26 -42.11 9.49
C HIS C 241 15.55 -41.43 9.94
N GLU C 242 16.52 -41.33 9.03
CA GLU C 242 17.80 -40.66 9.31
C GLU C 242 18.04 -39.48 8.35
N VAL C 243 18.76 -38.47 8.84
CA VAL C 243 19.07 -37.28 8.07
C VAL C 243 20.54 -36.89 8.32
N PRO C 244 21.34 -36.68 7.24
CA PRO C 244 22.76 -36.35 7.40
C PRO C 244 23.01 -35.03 8.15
N ALA C 245 24.11 -34.95 8.88
CA ALA C 245 24.43 -33.77 9.69
C ALA C 245 25.90 -33.72 10.12
N LYS C 246 26.55 -32.58 9.86
CA LYS C 246 27.91 -32.30 10.32
C LYS C 246 27.93 -31.43 11.59
N PHE C 247 26.95 -30.53 11.70
CA PHE C 247 26.76 -29.67 12.86
C PHE C 247 25.28 -29.72 13.26
N THR C 248 25.01 -29.85 14.55
CA THR C 248 23.63 -29.83 15.06
C THR C 248 23.45 -28.89 16.25
N MET C 249 22.24 -28.38 16.44
CA MET C 249 21.88 -27.62 17.63
C MET C 249 20.44 -27.96 18.00
N PHE C 250 20.27 -28.67 19.12
CA PHE C 250 18.94 -29.03 19.59
C PHE C 250 18.61 -28.49 20.96
N MET C 251 17.32 -28.18 21.15
CA MET C 251 16.80 -27.81 22.47
C MET C 251 16.64 -29.06 23.36
N PRO C 252 17.20 -29.02 24.57
CA PRO C 252 16.84 -30.05 25.56
C PRO C 252 15.43 -29.81 26.10
N SER C 253 14.86 -30.81 26.78
CA SER C 253 13.63 -30.62 27.52
C SER C 253 13.98 -30.24 28.96
N PHE C 254 13.00 -29.77 29.72
CA PHE C 254 13.24 -29.30 31.07
C PHE C 254 12.58 -30.22 32.11
N GLN C 255 13.26 -30.38 33.24
CA GLN C 255 12.67 -30.95 34.46
C GLN C 255 13.03 -30.05 35.65
N GLY C 256 12.44 -30.31 36.81
CA GLY C 256 12.82 -29.58 38.02
C GLY C 256 14.13 -30.06 38.62
N PRO C 257 14.75 -29.22 39.48
CA PRO C 257 16.05 -29.56 40.07
C PRO C 257 15.94 -30.46 41.31
N GLU C 258 17.07 -31.00 41.76
CA GLU C 258 17.12 -31.84 42.94
C GLU C 258 16.81 -31.11 44.24
N VAL C 259 17.15 -29.82 44.31
CA VAL C 259 16.89 -28.99 45.48
C VAL C 259 15.38 -28.88 45.76
N VAL C 260 14.58 -28.93 44.69
CA VAL C 260 13.12 -28.93 44.78
C VAL C 260 12.58 -30.31 45.17
N ALA C 261 13.15 -31.36 44.57
CA ALA C 261 12.81 -32.74 44.88
C ALA C 261 13.00 -33.07 46.36
N SER C 262 14.03 -32.47 46.97
CA SER C 262 14.36 -32.66 48.39
C SER C 262 13.24 -32.23 49.33
N ALA C 263 12.40 -31.30 48.89
CA ALA C 263 11.16 -30.97 49.63
C ALA C 263 10.17 -32.14 49.49
N GLY C 264 8.93 -31.96 49.94
CA GLY C 264 7.96 -33.08 49.88
C GLY C 264 7.54 -33.50 48.48
N ASP C 265 6.58 -34.43 48.41
CA ASP C 265 5.82 -34.66 47.17
C ASP C 265 4.62 -33.70 47.08
N LYS C 266 4.50 -32.82 48.08
CA LYS C 266 3.51 -31.75 48.08
C LYS C 266 4.11 -30.46 47.51
N VAL C 267 5.42 -30.47 47.26
CA VAL C 267 6.14 -29.33 46.71
C VAL C 267 6.71 -29.65 45.32
N ALA C 268 7.34 -30.81 45.19
CA ALA C 268 7.92 -31.27 43.93
C ALA C 268 6.93 -32.16 43.17
N ASN C 269 6.51 -31.69 42.00
CA ASN C 269 5.60 -32.44 41.13
C ASN C 269 6.16 -33.83 40.80
N PRO C 270 5.38 -34.88 41.08
CA PRO C 270 5.86 -36.26 40.95
C PRO C 270 6.21 -36.69 39.52
N ALA C 271 5.64 -36.00 38.52
CA ALA C 271 5.89 -36.34 37.12
C ALA C 271 7.16 -35.68 36.56
N ASN C 272 7.49 -34.48 37.05
CA ASN C 272 8.57 -33.69 36.46
C ASN C 272 9.51 -32.96 37.43
N LYS C 273 9.24 -33.05 38.74
CA LYS C 273 10.01 -32.33 39.79
C LYS C 273 9.89 -30.79 39.79
N MET C 274 8.97 -30.22 39.02
CA MET C 274 8.77 -28.77 39.06
C MET C 274 7.90 -28.36 40.27
N VAL C 275 7.95 -27.08 40.65
CA VAL C 275 7.22 -26.59 41.82
C VAL C 275 5.71 -26.61 41.61
N ILE C 276 5.00 -27.32 42.48
CA ILE C 276 3.52 -27.31 42.49
C ILE C 276 3.02 -25.93 42.96
N VAL C 277 2.26 -25.24 42.09
CA VAL C 277 1.73 -23.91 42.38
C VAL C 277 0.25 -23.81 42.00
N ASN C 278 -0.47 -22.87 42.62
CA ASN C 278 -1.85 -22.58 42.23
C ASN C 278 -1.96 -21.35 41.30
N ARG C 279 -3.17 -20.80 41.15
CA ARG C 279 -3.41 -19.59 40.32
C ARG C 279 -2.57 -18.41 40.79
N CYS C 280 -2.30 -18.37 42.09
CA CYS C 280 -1.57 -17.27 42.72
C CYS C 280 -0.07 -17.56 42.82
N PHE C 281 0.37 -18.61 42.11
CA PHE C 281 1.77 -19.05 42.06
C PHE C 281 2.37 -19.39 43.43
N GLN C 282 1.48 -19.92 44.27
CA GLN C 282 1.74 -20.25 45.65
C GLN C 282 1.56 -21.74 45.83
N ASN C 283 2.42 -22.38 46.63
CA ASN C 283 2.24 -23.80 46.91
C ASN C 283 0.95 -24.04 47.70
N PRO C 284 0.10 -24.98 47.24
CA PRO C 284 -1.15 -25.24 47.98
C PRO C 284 -0.97 -25.69 49.44
N THR C 285 0.07 -26.48 49.75
CA THR C 285 0.23 -26.98 51.13
C THR C 285 1.11 -26.13 52.05
N TYR C 286 2.25 -25.64 51.54
CA TYR C 286 3.13 -24.71 52.28
C TYR C 286 2.94 -23.28 51.74
N LYS C 287 2.13 -22.50 52.44
CA LYS C 287 1.65 -21.21 51.91
C LYS C 287 2.68 -20.08 51.91
N ASN C 288 3.83 -20.31 52.53
CA ASN C 288 4.94 -19.36 52.48
C ASN C 288 6.02 -19.69 51.41
N ILE C 289 5.72 -20.66 50.56
CA ILE C 289 6.59 -21.03 49.42
C ILE C 289 5.90 -20.65 48.11
N PHE C 290 6.64 -19.93 47.26
CA PHE C 290 6.14 -19.44 45.96
C PHE C 290 7.07 -19.87 44.82
N GLY C 291 6.49 -20.06 43.63
CA GLY C 291 7.27 -20.40 42.44
C GLY C 291 7.23 -19.31 41.40
N VAL C 292 8.40 -18.96 40.86
CA VAL C 292 8.53 -17.96 39.79
C VAL C 292 9.47 -18.45 38.66
N GLY C 293 8.95 -18.43 37.43
CA GLY C 293 9.75 -18.70 36.23
C GLY C 293 9.54 -20.08 35.66
N VAL C 294 10.54 -20.56 34.92
CA VAL C 294 10.49 -21.85 34.22
C VAL C 294 10.34 -23.05 35.18
N VAL C 295 10.77 -22.87 36.43
CA VAL C 295 10.74 -23.92 37.43
C VAL C 295 9.30 -24.29 37.90
N THR C 296 8.32 -23.47 37.52
CA THR C 296 6.92 -23.71 37.93
C THR C 296 6.22 -24.77 37.08
N ALA C 297 5.42 -25.61 37.74
CA ALA C 297 4.62 -26.64 37.07
C ALA C 297 3.31 -26.06 36.52
N ILE C 298 3.21 -26.00 35.19
CA ILE C 298 2.01 -25.55 34.49
C ILE C 298 1.63 -26.65 33.48
N PRO C 299 0.35 -27.11 33.52
CA PRO C 299 -0.15 -28.12 32.58
C PRO C 299 -0.05 -27.68 31.10
N PRO C 300 0.25 -28.63 30.19
CA PRO C 300 0.26 -28.33 28.76
C PRO C 300 -1.07 -27.75 28.28
N ILE C 301 -0.99 -26.80 27.35
CA ILE C 301 -2.16 -26.20 26.73
C ILE C 301 -2.89 -27.24 25.88
N GLU C 302 -2.13 -28.20 25.38
CA GLU C 302 -2.61 -29.17 24.41
C GLU C 302 -1.83 -30.47 24.56
N LYS C 303 -2.55 -31.59 24.61
CA LYS C 303 -1.96 -32.92 24.59
C LYS C 303 -1.64 -33.30 23.14
N THR C 304 -0.38 -33.09 22.73
CA THR C 304 0.05 -33.33 21.36
C THR C 304 0.55 -34.78 21.17
N PRO C 305 0.39 -35.36 19.95
CA PRO C 305 0.82 -36.74 19.66
C PRO C 305 2.26 -37.01 20.10
N ILE C 306 3.19 -36.14 19.74
CA ILE C 306 4.52 -36.14 20.35
C ILE C 306 4.47 -35.09 21.47
N PRO C 307 4.69 -35.53 22.73
CA PRO C 307 4.58 -34.66 23.90
C PRO C 307 5.39 -33.36 23.80
N THR C 308 4.72 -32.24 24.09
CA THR C 308 5.35 -30.92 24.20
C THR C 308 4.81 -30.20 25.44
N GLY C 309 5.52 -29.20 25.93
CA GLY C 309 5.06 -28.40 27.07
C GLY C 309 4.88 -26.92 26.78
N VAL C 310 4.43 -26.17 27.80
CA VAL C 310 4.11 -24.74 27.67
C VAL C 310 5.33 -23.85 28.03
N PRO C 311 5.66 -22.86 27.18
CA PRO C 311 6.76 -21.96 27.50
C PRO C 311 6.42 -20.98 28.64
N LYS C 312 7.45 -20.55 29.37
CA LYS C 312 7.33 -19.45 30.32
C LYS C 312 8.23 -18.32 29.81
N THR C 313 7.62 -17.35 29.13
CA THR C 313 8.33 -16.26 28.49
C THR C 313 8.64 -15.13 29.49
N GLY C 314 9.51 -14.20 29.09
CA GLY C 314 9.91 -13.05 29.92
C GLY C 314 8.79 -12.21 30.50
N MET C 315 7.82 -11.84 29.66
CA MET C 315 6.67 -11.05 30.10
C MET C 315 5.78 -11.85 31.09
N MET C 316 5.57 -13.14 30.83
CA MET C 316 4.85 -14.04 31.77
C MET C 316 5.56 -14.09 33.12
N ILE C 317 6.88 -14.28 33.10
CA ILE C 317 7.69 -14.37 34.33
C ILE C 317 7.69 -13.06 35.14
N GLU C 318 7.77 -11.92 34.45
CA GLU C 318 7.65 -10.59 35.07
C GLU C 318 6.27 -10.37 35.72
N GLN C 319 5.20 -10.89 35.11
CA GLN C 319 3.86 -10.87 35.71
C GLN C 319 3.76 -11.79 36.94
N MET C 320 4.30 -13.01 36.84
CA MET C 320 4.46 -13.92 38.00
C MET C 320 5.18 -13.24 39.18
N ALA C 321 6.29 -12.55 38.87
CA ALA C 321 7.09 -11.83 39.85
C ALA C 321 6.35 -10.68 40.53
N MET C 322 5.49 -10.00 39.79
CA MET C 322 4.65 -8.94 40.31
C MET C 322 3.57 -9.48 41.25
N ALA C 323 2.83 -10.49 40.76
CA ALA C 323 1.80 -11.17 41.55
C ALA C 323 2.37 -11.70 42.87
N VAL C 324 3.44 -12.48 42.76
CA VAL C 324 4.10 -13.12 43.92
C VAL C 324 4.59 -12.08 44.95
N ALA C 325 5.23 -11.02 44.48
CA ALA C 325 5.71 -9.95 45.36
C ALA C 325 4.58 -9.20 46.09
N HIS C 326 3.46 -8.95 45.43
CA HIS C 326 2.27 -8.38 46.08
C HIS C 326 1.66 -9.36 47.07
N ASN C 327 1.65 -10.64 46.71
CA ASN C 327 1.08 -11.69 47.56
C ASN C 327 1.85 -11.86 48.91
N ILE C 328 3.18 -11.83 48.84
CA ILE C 328 4.04 -11.88 50.04
C ILE C 328 3.85 -10.63 50.93
N VAL C 329 3.95 -9.45 50.33
CA VAL C 329 3.76 -8.19 51.05
C VAL C 329 2.37 -8.05 51.69
N ASN C 330 1.31 -8.44 50.96
CA ASN C 330 -0.05 -8.47 51.52
C ASN C 330 -0.22 -9.43 52.70
N ASP C 331 0.46 -10.57 52.64
CA ASP C 331 0.44 -11.56 53.72
C ASP C 331 1.11 -11.01 54.98
N ILE C 332 2.28 -10.39 54.80
CA ILE C 332 3.00 -9.73 55.90
C ILE C 332 2.12 -8.69 56.58
N ARG C 333 1.30 -7.97 55.79
CA ARG C 333 0.47 -6.88 56.32
C ARG C 333 -0.97 -7.31 56.66
N ASN C 334 -1.26 -8.61 56.54
CA ASN C 334 -2.62 -9.13 56.77
C ASN C 334 -3.71 -8.49 55.88
N ASN C 335 -3.33 -8.18 54.65
CA ASN C 335 -4.26 -7.76 53.59
C ASN C 335 -4.71 -9.03 52.85
N PRO C 336 -6.04 -9.30 52.82
CA PRO C 336 -6.54 -10.57 52.27
C PRO C 336 -6.60 -10.62 50.73
N ASP C 337 -6.36 -9.48 50.07
CA ASP C 337 -6.31 -9.45 48.60
C ASP C 337 -5.14 -10.26 48.02
N LYS C 338 -5.45 -11.09 47.03
CA LYS C 338 -4.51 -12.00 46.39
C LYS C 338 -4.60 -11.86 44.87
N TYR C 339 -3.44 -11.90 44.21
CA TYR C 339 -3.33 -11.61 42.78
C TYR C 339 -2.85 -12.82 41.95
N ALA C 340 -3.52 -13.01 40.81
CA ALA C 340 -3.09 -13.93 39.79
C ALA C 340 -2.48 -13.12 38.64
N PRO C 341 -1.38 -13.63 38.02
CA PRO C 341 -0.86 -12.96 36.84
C PRO C 341 -1.75 -13.21 35.62
N ARG C 342 -1.84 -12.23 34.73
CA ARG C 342 -2.64 -12.38 33.52
C ARG C 342 -2.05 -13.47 32.62
N LEU C 343 -0.72 -13.58 32.58
CA LEU C 343 0.01 -14.54 31.76
C LEU C 343 -0.20 -14.29 30.24
N SER C 344 -0.12 -13.02 29.87
CA SER C 344 -0.03 -12.62 28.48
C SER C 344 1.45 -12.49 28.11
N ALA C 345 1.75 -12.43 26.82
CA ALA C 345 3.15 -12.36 26.35
C ALA C 345 3.34 -11.54 25.08
N ILE C 346 4.41 -10.74 25.06
CA ILE C 346 4.98 -10.15 23.85
C ILE C 346 6.30 -10.86 23.62
N CYS C 347 6.43 -11.56 22.49
CA CYS C 347 7.67 -12.24 22.12
C CYS C 347 8.18 -11.76 20.76
N ILE C 348 9.49 -11.50 20.68
CA ILE C 348 10.14 -11.20 19.40
C ILE C 348 11.21 -12.24 19.09
N ALA C 349 11.07 -12.86 17.92
CA ALA C 349 12.05 -13.82 17.43
C ALA C 349 12.95 -13.15 16.40
N ASP C 350 14.21 -12.95 16.78
CA ASP C 350 15.19 -12.25 15.95
C ASP C 350 15.70 -13.16 14.83
N PHE C 351 15.72 -12.66 13.60
CA PHE C 351 16.17 -13.46 12.46
C PHE C 351 17.51 -12.99 11.88
N GLY C 352 18.02 -11.87 12.39
CA GLY C 352 19.25 -11.28 11.86
C GLY C 352 19.15 -9.79 11.68
N GLU C 353 18.51 -9.34 10.60
CA GLU C 353 18.27 -7.91 10.39
C GLU C 353 16.77 -7.59 10.36
N ASP C 354 15.95 -8.64 10.48
CA ASP C 354 14.51 -8.48 10.71
C ASP C 354 14.03 -9.50 11.77
N ALA C 355 12.74 -9.48 12.10
CA ALA C 355 12.23 -10.30 13.20
C ALA C 355 10.70 -10.49 13.20
N GLY C 356 10.24 -11.53 13.87
CA GLY C 356 8.81 -11.79 14.04
C GLY C 356 8.28 -11.26 15.38
N PHE C 357 7.15 -10.57 15.33
CA PHE C 357 6.48 -10.03 16.52
C PHE C 357 5.19 -10.79 16.85
N PHE C 358 5.19 -11.45 18.01
CA PHE C 358 4.03 -12.20 18.50
C PHE C 358 3.50 -11.64 19.82
N PHE C 359 2.19 -11.43 19.87
CA PHE C 359 1.52 -10.99 21.09
C PHE C 359 0.30 -11.89 21.31
N ALA C 360 0.19 -12.45 22.51
CA ALA C 360 -0.94 -13.30 22.85
C ALA C 360 -1.52 -12.91 24.21
N ASP C 361 -2.84 -12.73 24.27
CA ASP C 361 -3.54 -12.22 25.47
C ASP C 361 -4.83 -13.00 25.80
N PRO C 362 -4.76 -13.97 26.72
CA PRO C 362 -3.54 -14.48 27.35
C PRO C 362 -2.88 -15.57 26.49
N VAL C 363 -1.75 -16.10 26.95
CA VAL C 363 -1.03 -17.16 26.24
C VAL C 363 -1.83 -18.47 26.19
N ILE C 364 -2.52 -18.76 27.30
CA ILE C 364 -3.38 -19.95 27.41
C ILE C 364 -4.79 -19.59 26.93
N PRO C 365 -5.23 -20.21 25.81
CA PRO C 365 -6.53 -19.96 25.17
C PRO C 365 -7.68 -20.40 26.07
N PRO C 366 -8.91 -19.90 25.82
CA PRO C 366 -9.32 -19.00 24.74
C PRO C 366 -8.74 -17.60 24.92
N ARG C 367 -8.37 -16.95 23.81
CA ARG C 367 -7.71 -15.66 23.85
C ARG C 367 -8.66 -14.52 23.54
N GLU C 368 -8.40 -13.36 24.16
CA GLU C 368 -9.14 -12.13 23.83
C GLU C 368 -8.63 -11.55 22.50
N ARG C 369 -7.31 -11.61 22.28
CA ARG C 369 -6.68 -11.15 21.03
C ARG C 369 -5.22 -11.59 20.84
N VAL C 370 -4.77 -11.52 19.58
CA VAL C 370 -3.37 -11.80 19.20
C VAL C 370 -2.86 -10.77 18.19
N ILE C 371 -1.53 -10.64 18.10
CA ILE C 371 -0.88 -9.88 17.02
C ILE C 371 0.29 -10.70 16.49
N THR C 372 0.32 -10.89 15.17
CA THR C 372 1.42 -11.56 14.49
C THR C 372 1.90 -10.71 13.33
N LYS C 373 3.10 -10.13 13.48
CA LYS C 373 3.67 -9.28 12.44
C LYS C 373 5.17 -9.52 12.26
N MET C 374 5.72 -9.00 11.17
CA MET C 374 7.10 -9.26 10.79
C MET C 374 7.68 -8.05 10.08
N GLY C 375 8.88 -7.65 10.47
CA GLY C 375 9.59 -6.54 9.80
C GLY C 375 10.95 -6.22 10.41
N LYS C 376 11.67 -5.33 9.74
CA LYS C 376 12.95 -4.81 10.25
C LYS C 376 12.78 -4.10 11.59
N TRP C 377 11.66 -3.39 11.74
CA TRP C 377 11.40 -2.58 12.93
C TRP C 377 11.50 -3.44 14.18
N ALA C 378 11.08 -4.70 14.07
CA ALA C 378 11.04 -5.61 15.20
C ALA C 378 12.43 -6.04 15.67
N HIS C 379 13.40 -6.09 14.74
CA HIS C 379 14.78 -6.40 15.09
C HIS C 379 15.44 -5.30 15.93
N TYR C 380 15.18 -4.05 15.56
CA TYR C 380 15.70 -2.91 16.32
C TYR C 380 15.03 -2.74 17.67
N PHE C 381 13.76 -3.12 17.75
CA PHE C 381 13.04 -3.12 19.02
C PHE C 381 13.61 -4.17 19.97
N LYS C 382 14.04 -5.31 19.42
CA LYS C 382 14.68 -6.39 20.19
C LYS C 382 16.02 -5.92 20.79
N THR C 383 16.87 -5.29 19.98
CA THR C 383 18.15 -4.74 20.45
C THR C 383 17.95 -3.64 21.49
N ALA C 384 16.92 -2.81 21.28
CA ALA C 384 16.56 -1.76 22.22
C ALA C 384 16.06 -2.29 23.57
N PHE C 385 15.24 -3.35 23.54
CA PHE C 385 14.76 -3.92 24.80
C PHE C 385 15.89 -4.55 25.62
N GLU C 386 16.88 -5.13 24.93
CA GLU C 386 18.08 -5.67 25.56
C GLU C 386 18.81 -4.63 26.40
N LYS C 387 19.07 -3.46 25.81
CA LYS C 387 19.75 -2.36 26.51
C LYS C 387 18.92 -1.79 27.66
N TYR C 388 17.61 -1.68 27.45
CA TYR C 388 16.68 -1.25 28.51
C TYR C 388 16.65 -2.23 29.68
N PHE C 389 16.43 -3.51 29.41
CA PHE C 389 16.35 -4.52 30.48
C PHE C 389 17.63 -4.67 31.32
N LEU C 390 18.80 -4.56 30.66
CA LEU C 390 20.09 -4.57 31.36
C LEU C 390 20.28 -3.30 32.22
N TRP C 391 19.77 -2.17 31.75
CA TRP C 391 19.75 -0.93 32.55
C TRP C 391 18.92 -1.14 33.83
N LYS C 392 17.77 -1.79 33.68
CA LYS C 392 16.85 -2.05 34.78
C LYS C 392 17.47 -2.91 35.88
N VAL C 393 18.22 -3.95 35.46
CA VAL C 393 18.97 -4.80 36.39
C VAL C 393 20.02 -4.01 37.17
N ARG C 394 20.72 -3.10 36.49
CA ARG C 394 21.79 -2.32 37.11
C ARG C 394 21.29 -1.16 37.99
N ASN C 395 20.04 -0.74 37.78
CA ASN C 395 19.48 0.42 38.48
C ASN C 395 18.42 0.10 39.54
N GLY C 396 18.08 -1.17 39.67
CA GLY C 396 17.31 -1.66 40.81
C GLY C 396 15.81 -1.53 40.72
N ASN C 397 15.28 -1.52 39.50
CA ASN C 397 13.83 -1.51 39.30
C ASN C 397 13.45 -2.23 38.02
N ILE C 398 12.84 -3.40 38.16
CA ILE C 398 12.41 -4.22 37.02
C ILE C 398 10.98 -3.86 36.56
N ALA C 399 10.28 -3.02 37.33
CA ALA C 399 8.91 -2.68 36.95
C ALA C 399 8.56 -1.19 37.17
N PRO C 400 9.21 -0.28 36.40
CA PRO C 400 8.97 1.16 36.56
C PRO C 400 7.54 1.46 36.14
N SER C 401 6.91 2.45 36.79
CA SER C 401 5.47 2.71 36.62
C SER C 401 5.07 3.01 35.17
N PHE C 402 5.93 3.76 34.46
CA PHE C 402 5.61 4.22 33.10
C PHE C 402 5.49 3.04 32.12
N GLU C 403 6.19 1.94 32.41
CA GLU C 403 6.19 0.77 31.56
C GLU C 403 4.81 0.12 31.53
N GLU C 404 4.23 -0.11 32.70
CA GLU C 404 2.87 -0.64 32.80
C GLU C 404 1.85 0.25 32.08
N LYS C 405 2.01 1.56 32.22
CA LYS C 405 1.10 2.53 31.58
C LYS C 405 1.19 2.49 30.06
N VAL C 406 2.42 2.37 29.54
CA VAL C 406 2.68 2.25 28.11
C VAL C 406 2.08 0.97 27.50
N LEU C 407 2.29 -0.16 28.15
CA LEU C 407 1.69 -1.44 27.70
C LEU C 407 0.17 -1.41 27.76
N GLU C 408 -0.38 -0.59 28.67
CA GLU C 408 -1.82 -0.42 28.77
C GLU C 408 -2.35 0.50 27.66
N ILE C 409 -1.62 1.58 27.37
CA ILE C 409 -1.98 2.49 26.28
C ILE C 409 -1.98 1.77 24.91
N PHE C 410 -0.90 1.07 24.61
CA PHE C 410 -0.73 0.42 23.31
C PHE C 410 -1.45 -0.94 23.15
N LEU C 411 -1.41 -1.78 24.18
CA LEU C 411 -1.90 -3.16 24.04
C LEU C 411 -3.09 -3.53 24.94
N LYS C 412 -3.56 -2.59 25.75
CA LYS C 412 -4.62 -2.83 26.73
C LYS C 412 -4.24 -3.93 27.74
N VAL C 413 -2.96 -3.99 28.10
CA VAL C 413 -2.46 -5.02 29.02
C VAL C 413 -2.61 -4.60 30.48
N HIS C 414 -3.19 -5.50 31.26
CA HIS C 414 -3.21 -5.40 32.73
CA HIS C 414 -3.21 -5.40 32.73
C HIS C 414 -2.46 -6.61 33.29
N PRO C 415 -1.27 -6.37 33.89
CA PRO C 415 -0.40 -7.51 34.20
C PRO C 415 -0.88 -8.49 35.26
N ILE C 416 -1.62 -8.00 36.26
CA ILE C 416 -2.11 -8.85 37.36
C ILE C 416 -3.59 -8.59 37.65
N GLU C 417 -4.28 -9.61 38.14
CA GLU C 417 -5.71 -9.53 38.45
C GLU C 417 -5.97 -9.95 39.90
N LEU C 418 -6.88 -9.24 40.56
CA LEU C 418 -7.37 -9.64 41.87
C LEU C 418 -8.08 -10.99 41.76
N CYS C 419 -7.58 -11.99 42.50
CA CYS C 419 -8.12 -13.35 42.42
C CYS C 419 -8.86 -13.73 43.70
N LYS C 420 -10.16 -13.98 43.56
CA LYS C 420 -11.07 -14.30 44.65
C LYS C 420 -10.91 -15.73 45.19
N ASP C 421 -10.42 -16.65 44.35
CA ASP C 421 -10.14 -18.04 44.76
C ASP C 421 -8.90 -18.58 44.03
N CYS C 422 -7.79 -18.72 44.78
CA CYS C 422 -6.51 -19.18 44.21
C CYS C 422 -6.47 -20.66 43.84
N GLU C 423 -7.38 -21.45 44.41
CA GLU C 423 -7.27 -22.91 44.29
C GLU C 423 -7.72 -23.44 42.92
N GLY C 424 -6.73 -23.70 42.08
CA GLY C 424 -6.91 -24.24 40.73
C GLY C 424 -5.55 -24.26 40.06
N ALA C 425 -5.45 -24.94 38.93
CA ALA C 425 -4.21 -24.97 38.17
C ALA C 425 -3.82 -23.55 37.71
N PRO C 426 -2.51 -23.25 37.67
CA PRO C 426 -2.06 -21.94 37.16
C PRO C 426 -2.45 -21.77 35.69
N GLY C 427 -2.99 -20.61 35.34
CA GLY C 427 -3.54 -20.38 34.01
C GLY C 427 -5.05 -20.55 33.87
N SER C 428 -5.69 -21.22 34.83
CA SER C 428 -7.15 -21.30 34.87
C SER C 428 -7.71 -20.00 35.45
N ARG C 429 -8.92 -19.62 35.03
CA ARG C 429 -9.50 -18.32 35.36
C ARG C 429 -10.27 -18.33 36.71
N CYS C 430 -10.08 -17.28 37.52
CA CYS C 430 -10.76 -17.18 38.84
C CYS C 430 -12.24 -16.82 38.66
N ALA D 2 33.15 20.82 48.65
CA ALA D 2 33.19 20.97 47.17
C ALA D 2 32.74 22.35 46.71
N LYS D 3 32.70 22.54 45.40
CA LYS D 3 32.23 23.79 44.81
C LYS D 3 30.71 23.90 44.89
N HIS D 4 30.18 25.08 44.58
CA HIS D 4 28.76 25.37 44.73
C HIS D 4 28.16 25.89 43.42
N VAL D 5 27.11 25.22 42.94
CA VAL D 5 26.37 25.69 41.77
C VAL D 5 24.95 26.08 42.14
N VAL D 6 24.59 27.31 41.80
CA VAL D 6 23.21 27.80 41.90
C VAL D 6 22.49 27.61 40.56
N VAL D 7 21.30 27.01 40.59
CA VAL D 7 20.46 26.85 39.40
C VAL D 7 19.17 27.64 39.61
N ILE D 8 18.87 28.57 38.71
CA ILE D 8 17.60 29.31 38.81
C ILE D 8 16.54 28.83 37.82
N GLY D 9 15.48 28.20 38.34
CA GLY D 9 14.37 27.74 37.53
C GLY D 9 14.06 26.26 37.70
N GLY D 10 12.83 25.96 38.13
CA GLY D 10 12.40 24.58 38.36
C GLY D 10 11.59 23.99 37.23
N GLY D 11 12.04 24.20 36.00
CA GLY D 11 11.39 23.63 34.82
C GLY D 11 12.25 22.58 34.14
N VAL D 12 11.97 22.33 32.86
CA VAL D 12 12.71 21.34 32.08
C VAL D 12 14.22 21.60 32.13
N GLY D 13 14.63 22.84 31.87
CA GLY D 13 16.05 23.22 31.81
C GLY D 13 16.80 23.13 33.13
N GLY D 14 16.19 23.63 34.20
CA GLY D 14 16.83 23.67 35.51
C GLY D 14 16.90 22.29 36.18
N ILE D 15 15.83 21.51 36.05
CA ILE D 15 15.80 20.16 36.60
C ILE D 15 16.77 19.24 35.85
N ALA D 16 16.80 19.34 34.52
CA ALA D 16 17.73 18.53 33.72
C ALA D 16 19.19 18.81 34.10
N THR D 17 19.56 20.09 34.16
CA THR D 17 20.95 20.47 34.47
C THR D 17 21.35 20.00 35.88
N ALA D 18 20.46 20.20 36.86
CA ALA D 18 20.74 19.83 38.25
C ALA D 18 20.83 18.32 38.47
N TYR D 19 19.99 17.56 37.77
CA TYR D 19 20.05 16.09 37.82
C TYR D 19 21.32 15.57 37.12
N ASN D 20 21.69 16.21 36.00
CA ASN D 20 22.95 15.88 35.32
C ASN D 20 24.16 16.11 36.22
N LEU D 21 24.35 17.35 36.67
CA LEU D 21 25.39 17.73 37.63
C LEU D 21 25.53 16.79 38.83
N ARG D 22 24.39 16.36 39.39
CA ARG D 22 24.38 15.46 40.56
C ARG D 22 24.90 14.07 40.24
N ASN D 23 24.37 13.46 39.18
CA ASN D 23 24.78 12.11 38.76
C ASN D 23 26.22 12.05 38.25
N LEU D 24 26.73 13.20 37.81
CA LEU D 24 28.09 13.35 37.30
C LEU D 24 29.10 13.60 38.43
N MET D 25 28.64 14.18 39.53
CA MET D 25 29.52 14.54 40.66
C MET D 25 28.75 14.59 41.98
N PRO D 26 28.61 13.43 42.66
CA PRO D 26 27.83 13.30 43.91
C PRO D 26 28.29 14.23 45.05
N ASP D 27 29.53 14.70 44.99
CA ASP D 27 30.11 15.59 45.99
C ASP D 27 29.72 17.06 45.83
N LEU D 28 29.23 17.41 44.64
CA LEU D 28 28.89 18.80 44.32
C LEU D 28 27.76 19.33 45.20
N LYS D 29 27.84 20.61 45.56
CA LYS D 29 26.74 21.30 46.24
C LYS D 29 25.85 21.95 45.20
N ILE D 30 24.57 21.59 45.23
CA ILE D 30 23.59 22.07 44.23
C ILE D 30 22.38 22.70 44.92
N THR D 31 22.12 23.97 44.60
CA THR D 31 20.92 24.65 45.09
C THR D 31 20.06 25.13 43.92
N LEU D 32 18.78 24.78 43.95
CA LEU D 32 17.84 25.18 42.90
C LEU D 32 16.83 26.17 43.46
N ILE D 33 16.72 27.33 42.80
CA ILE D 33 15.77 28.37 43.19
C ILE D 33 14.66 28.49 42.15
N SER D 34 13.41 28.39 42.59
CA SER D 34 12.23 28.52 41.73
C SER D 34 11.04 29.17 42.45
N ASP D 35 10.35 30.09 41.77
CA ASP D 35 9.15 30.76 42.31
C ASP D 35 7.92 29.85 42.51
N ARG D 36 7.80 28.80 41.69
CA ARG D 36 6.68 27.85 41.78
C ARG D 36 7.07 26.59 42.57
N PRO D 37 6.15 26.10 43.43
CA PRO D 37 6.46 24.91 44.24
C PRO D 37 6.42 23.58 43.47
N TYR D 38 6.08 23.62 42.19
CA TYR D 38 5.90 22.41 41.40
C TYR D 38 6.66 22.44 40.07
N PHE D 39 7.03 21.26 39.56
CA PHE D 39 7.40 21.13 38.15
C PHE D 39 6.12 20.92 37.34
N GLY D 40 5.94 21.71 36.29
CA GLY D 40 4.78 21.53 35.41
C GLY D 40 5.19 21.01 34.04
N PHE D 41 4.54 19.92 33.61
CA PHE D 41 4.85 19.33 32.31
C PHE D 41 4.18 20.13 31.18
N THR D 42 4.92 21.12 30.69
CA THR D 42 4.47 22.08 29.68
C THR D 42 3.78 21.49 28.43
N PRO D 43 4.36 20.42 27.83
CA PRO D 43 3.68 19.80 26.66
C PRO D 43 2.23 19.33 26.86
N ALA D 44 1.77 19.20 28.10
CA ALA D 44 0.37 18.83 28.37
C ALA D 44 -0.54 20.01 28.79
N PHE D 45 0.00 21.23 28.76
CA PHE D 45 -0.78 22.44 29.04
C PHE D 45 -1.95 22.70 28.06
N PRO D 46 -1.77 22.42 26.75
CA PRO D 46 -2.94 22.50 25.85
C PRO D 46 -4.07 21.54 26.21
N HIS D 47 -3.71 20.31 26.59
CA HIS D 47 -4.66 19.31 27.07
C HIS D 47 -5.38 19.77 28.34
N LEU D 48 -4.63 20.37 29.26
CA LEU D 48 -5.19 20.98 30.47
C LEU D 48 -6.24 22.01 30.08
N ALA D 49 -5.89 22.88 29.13
CA ALA D 49 -6.78 23.92 28.61
C ALA D 49 -8.04 23.37 27.95
N MET D 50 -7.94 22.18 27.33
CA MET D 50 -9.11 21.52 26.73
C MET D 50 -9.93 20.73 27.74
N GLY D 51 -9.40 20.59 28.95
CA GLY D 51 -10.05 19.82 30.00
C GLY D 51 -9.82 18.32 29.89
N TRP D 52 -8.73 17.93 29.21
CA TRP D 52 -8.40 16.51 29.02
C TRP D 52 -7.37 16.00 30.01
N ARG D 53 -6.90 16.89 30.89
CA ARG D 53 -6.04 16.51 32.01
C ARG D 53 -6.56 17.16 33.29
N LYS D 54 -6.21 16.55 34.43
CA LYS D 54 -6.26 17.22 35.72
C LYS D 54 -4.87 17.77 36.02
N PHE D 55 -4.80 18.93 36.69
CA PHE D 55 -3.53 19.59 36.99
C PHE D 55 -2.54 18.68 37.76
N GLU D 56 -3.09 17.89 38.69
CA GLU D 56 -2.31 16.98 39.53
CA GLU D 56 -2.33 16.97 39.54
C GLU D 56 -1.69 15.83 38.74
N ASP D 57 -2.18 15.58 37.54
CA ASP D 57 -1.65 14.51 36.69
C ASP D 57 -0.41 14.93 35.91
N ILE D 58 -0.23 16.24 35.74
CA ILE D 58 0.83 16.77 34.89
C ILE D 58 1.84 17.67 35.63
N SER D 59 1.85 17.57 36.96
CA SER D 59 2.76 18.36 37.81
C SER D 59 3.39 17.52 38.92
N VAL D 60 4.56 17.94 39.40
CA VAL D 60 5.26 17.25 40.50
C VAL D 60 5.71 18.27 41.56
N PRO D 61 5.29 18.10 42.83
CA PRO D 61 5.76 18.92 43.95
C PRO D 61 7.26 18.72 44.22
N LEU D 62 8.01 19.82 44.29
CA LEU D 62 9.48 19.74 44.35
C LEU D 62 10.09 19.66 45.75
N ALA D 63 9.49 20.35 46.72
CA ALA D 63 10.02 20.39 48.10
C ALA D 63 10.29 19.02 48.76
N PRO D 64 9.36 18.04 48.61
CA PRO D 64 9.68 16.73 49.20
C PRO D 64 10.44 15.79 48.24
N LEU D 65 10.74 16.27 47.04
CA LEU D 65 11.43 15.45 46.03
C LEU D 65 12.94 15.67 46.00
N LEU D 66 13.34 16.92 45.74
CA LEU D 66 14.75 17.28 45.50
C LEU D 66 15.76 16.92 46.61
N PRO D 67 15.37 17.01 47.91
CA PRO D 67 16.25 16.50 48.98
C PRO D 67 16.62 15.02 48.86
N LYS D 68 15.78 14.20 48.22
CA LYS D 68 16.10 12.78 48.06
C LYS D 68 17.30 12.52 47.13
N PHE D 69 17.65 13.53 46.32
CA PHE D 69 18.83 13.48 45.46
C PHE D 69 19.90 14.48 45.93
N ASN D 70 19.77 14.93 47.19
CA ASN D 70 20.73 15.83 47.84
C ASN D 70 20.81 17.23 47.23
N ILE D 71 19.69 17.69 46.68
CA ILE D 71 19.58 19.01 46.08
C ILE D 71 18.76 19.93 46.99
N GLU D 72 19.29 21.11 47.25
CA GLU D 72 18.63 22.11 48.10
C GLU D 72 17.61 22.90 47.28
N PHE D 73 16.38 22.98 47.79
CA PHE D 73 15.30 23.69 47.11
C PHE D 73 14.86 24.97 47.86
N ILE D 74 15.08 26.11 47.21
CA ILE D 74 14.63 27.40 47.73
C ILE D 74 13.42 27.86 46.90
N ASN D 75 12.23 27.74 47.51
CA ASN D 75 10.98 28.13 46.87
C ASN D 75 10.75 29.64 46.96
N GLU D 76 11.46 30.38 46.10
CA GLU D 76 11.37 31.84 46.04
C GLU D 76 11.68 32.36 44.64
N LYS D 77 11.23 33.57 44.34
CA LYS D 77 11.62 34.24 43.12
C LYS D 77 12.99 34.91 43.30
N ALA D 78 13.84 34.80 42.28
CA ALA D 78 15.12 35.51 42.25
C ALA D 78 14.93 36.90 41.64
N GLU D 79 15.45 37.92 42.33
CA GLU D 79 15.27 39.31 41.93
C GLU D 79 16.41 39.87 41.07
N SER D 80 17.65 39.51 41.39
CA SER D 80 18.81 40.12 40.74
C SER D 80 20.10 39.29 40.81
N ILE D 81 21.00 39.54 39.88
CA ILE D 81 22.30 38.88 39.81
C ILE D 81 23.41 39.92 39.82
N ASP D 82 24.36 39.75 40.74
CA ASP D 82 25.61 40.53 40.72
C ASP D 82 26.73 39.60 40.24
N PRO D 83 27.11 39.69 38.95
CA PRO D 83 28.11 38.78 38.38
C PRO D 83 29.55 39.13 38.76
N ASP D 84 29.79 40.37 39.19
CA ASP D 84 31.11 40.78 39.69
C ASP D 84 31.40 40.14 41.05
N ALA D 85 30.37 40.06 41.88
CA ALA D 85 30.47 39.51 43.24
C ALA D 85 30.10 38.03 43.29
N ASN D 86 29.56 37.52 42.19
CA ASN D 86 29.01 36.15 42.12
C ASN D 86 27.83 35.92 43.07
N THR D 87 26.85 36.81 43.01
CA THR D 87 25.72 36.78 43.93
C THR D 87 24.37 36.73 43.22
N VAL D 88 23.47 35.90 43.75
CA VAL D 88 22.04 35.93 43.38
C VAL D 88 21.23 36.39 44.60
N THR D 89 20.33 37.35 44.36
CA THR D 89 19.49 37.91 45.42
C THR D 89 18.01 37.57 45.16
N THR D 90 17.37 36.93 46.14
CA THR D 90 15.94 36.60 46.05
C THR D 90 15.07 37.83 46.33
N GLN D 91 13.77 37.72 46.03
CA GLN D 91 12.80 38.81 46.22
C GLN D 91 12.68 39.26 47.69
N SER D 92 13.01 38.36 48.61
CA SER D 92 12.96 38.66 50.05
C SER D 92 14.22 39.38 50.55
N GLY D 93 15.32 39.29 49.80
CA GLY D 93 16.55 39.99 50.12
C GLY D 93 17.71 39.10 50.54
N LYS D 94 17.53 37.78 50.35
CA LYS D 94 18.54 36.79 50.68
C LYS D 94 19.64 36.73 49.62
N LYS D 95 20.90 36.85 50.05
CA LYS D 95 22.05 36.80 49.14
C LYS D 95 22.73 35.44 49.16
N ILE D 96 22.77 34.82 47.99
CA ILE D 96 23.33 33.49 47.80
C ILE D 96 24.53 33.58 46.86
N GLU D 97 25.70 33.21 47.38
CA GLU D 97 26.94 33.23 46.60
C GLU D 97 27.13 31.91 45.85
N TYR D 98 27.81 31.98 44.71
CA TYR D 98 28.02 30.79 43.87
C TYR D 98 29.43 30.71 43.29
N ASP D 99 29.86 29.48 42.98
CA ASP D 99 31.05 29.25 42.18
C ASP D 99 30.68 29.25 40.70
N TYR D 100 29.51 28.66 40.42
CA TYR D 100 28.94 28.62 39.07
C TYR D 100 27.45 28.95 39.10
N LEU D 101 26.97 29.64 38.06
CA LEU D 101 25.56 29.99 37.92
C LEU D 101 24.97 29.37 36.67
N VAL D 102 23.76 28.81 36.81
CA VAL D 102 22.99 28.30 35.67
C VAL D 102 21.62 28.99 35.64
N ILE D 103 21.41 29.85 34.65
CA ILE D 103 20.15 30.58 34.50
C ILE D 103 19.18 29.81 33.59
N ALA D 104 18.07 29.35 34.17
CA ALA D 104 17.03 28.58 33.45
C ALA D 104 15.62 29.00 33.83
N THR D 105 15.30 30.28 33.62
CA THR D 105 14.05 30.87 34.12
C THR D 105 12.86 30.78 33.14
N GLY D 106 13.12 30.32 31.92
CA GLY D 106 12.09 30.20 30.91
C GLY D 106 11.64 31.51 30.30
N PRO D 107 10.44 31.51 29.67
CA PRO D 107 9.86 32.67 28.99
C PRO D 107 9.31 33.73 29.94
N LYS D 108 9.61 35.00 29.64
CA LYS D 108 8.89 36.13 30.21
C LYS D 108 7.89 36.58 29.14
N LEU D 109 6.60 36.55 29.48
CA LEU D 109 5.54 36.69 28.48
C LEU D 109 5.20 38.13 28.11
N VAL D 110 5.18 38.40 26.81
CA VAL D 110 4.84 39.72 26.28
C VAL D 110 3.56 39.68 25.42
N PHE D 111 2.49 40.25 25.95
CA PHE D 111 1.20 40.34 25.25
C PHE D 111 1.18 41.59 24.38
N GLY D 112 1.89 41.52 23.25
CA GLY D 112 2.19 42.67 22.39
C GLY D 112 1.07 43.29 21.56
N ALA D 113 -0.08 42.59 21.46
CA ALA D 113 -1.27 43.16 20.82
C ALA D 113 -2.09 43.93 21.85
N GLU D 114 -2.77 44.98 21.40
CA GLU D 114 -3.57 45.82 22.31
C GLU D 114 -4.86 45.13 22.74
N GLY D 115 -5.05 44.99 24.05
CA GLY D 115 -6.21 44.31 24.62
C GLY D 115 -6.04 42.81 24.75
N GLN D 116 -4.88 42.30 24.32
CA GLN D 116 -4.60 40.86 24.31
C GLN D 116 -4.72 40.20 25.66
N GLU D 117 -4.10 40.79 26.69
CA GLU D 117 -4.09 40.22 28.02
C GLU D 117 -5.47 40.24 28.69
N GLU D 118 -6.29 41.21 28.30
CA GLU D 118 -7.59 41.45 28.91
C GLU D 118 -8.74 40.71 28.20
N ASN D 119 -8.68 40.64 26.87
CA ASN D 119 -9.77 40.11 26.06
C ASN D 119 -9.56 38.67 25.57
N SER D 120 -8.30 38.27 25.43
CA SER D 120 -7.93 36.98 24.83
C SER D 120 -7.63 35.91 25.89
N THR D 121 -7.22 34.73 25.43
CA THR D 121 -6.81 33.62 26.29
C THR D 121 -5.41 33.13 25.89
N SER D 122 -4.78 32.39 26.80
CA SER D 122 -3.39 31.92 26.61
C SER D 122 -3.21 30.56 27.32
N ILE D 123 -2.22 29.79 26.88
CA ILE D 123 -2.00 28.44 27.41
C ILE D 123 -0.55 28.17 27.85
N CYS D 124 0.28 29.22 27.87
CA CYS D 124 1.71 29.12 28.18
C CYS D 124 2.07 28.73 29.61
N THR D 125 1.17 28.96 30.55
CA THR D 125 1.35 28.50 31.93
C THR D 125 0.11 27.72 32.37
N ALA D 126 0.23 26.90 33.40
CA ALA D 126 -0.90 26.10 33.87
C ALA D 126 -2.07 26.97 34.34
N GLU D 127 -1.74 28.09 35.00
CA GLU D 127 -2.69 29.07 35.47
C GLU D 127 -3.53 29.67 34.33
N HIS D 128 -2.88 30.03 33.23
CA HIS D 128 -3.58 30.56 32.05
C HIS D 128 -4.44 29.49 31.34
N ALA D 129 -3.97 28.25 31.36
CA ALA D 129 -4.66 27.13 30.73
C ALA D 129 -5.98 26.79 31.44
N LEU D 130 -5.95 26.85 32.77
CA LEU D 130 -7.16 26.66 33.58
C LEU D 130 -8.17 27.79 33.37
N GLU D 131 -7.68 29.00 33.06
CA GLU D 131 -8.55 30.13 32.70
C GLU D 131 -9.16 29.99 31.31
N THR D 132 -8.38 29.48 30.36
CA THR D 132 -8.85 29.18 29.00
C THR D 132 -9.99 28.14 29.00
N GLN D 133 -9.90 27.16 29.89
CA GLN D 133 -10.90 26.10 30.01
C GLN D 133 -12.28 26.65 30.40
N LYS D 134 -12.32 27.57 31.37
CA LYS D 134 -13.56 28.24 31.77
C LYS D 134 -14.21 28.98 30.60
N LYS D 135 -13.38 29.71 29.85
CA LYS D 135 -13.82 30.53 28.72
C LYS D 135 -14.31 29.68 27.53
N LEU D 136 -13.78 28.45 27.40
CA LEU D 136 -14.22 27.52 26.37
C LEU D 136 -15.61 26.94 26.66
N GLN D 137 -15.87 26.66 27.93
CA GLN D 137 -17.15 26.14 28.39
C GLN D 137 -18.26 27.17 28.11
N GLU D 138 -17.90 28.45 28.24
CA GLU D 138 -18.74 29.59 27.88
C GLU D 138 -19.07 29.63 26.36
N LEU D 139 -18.14 29.17 25.53
CA LEU D 139 -18.34 29.08 24.07
C LEU D 139 -19.30 27.96 23.62
N TYR D 140 -19.23 26.80 24.27
CA TYR D 140 -20.10 25.66 23.91
C TYR D 140 -21.57 25.95 24.21
N ALA D 141 -21.82 26.80 25.21
CA ALA D 141 -23.17 27.17 25.61
C ALA D 141 -23.78 28.22 24.67
N ASN D 142 -22.94 29.15 24.21
CA ASN D 142 -23.32 30.14 23.20
C ASN D 142 -22.27 30.20 22.07
N PRO D 143 -22.43 29.34 21.04
CA PRO D 143 -21.47 29.25 19.93
C PRO D 143 -21.32 30.54 19.10
N GLY D 144 -20.08 30.82 18.68
CA GLY D 144 -19.74 31.96 17.81
C GLY D 144 -18.35 31.76 17.19
N PRO D 145 -17.92 32.69 16.30
CA PRO D 145 -16.64 32.59 15.56
C PRO D 145 -15.37 32.58 16.45
N VAL D 146 -14.39 31.77 16.05
CA VAL D 146 -13.17 31.51 16.83
C VAL D 146 -11.95 31.94 16.02
N VAL D 147 -11.00 32.62 16.69
CA VAL D 147 -9.76 33.05 16.05
C VAL D 147 -8.55 32.70 16.91
N ILE D 148 -7.61 31.96 16.34
CA ILE D 148 -6.44 31.45 17.06
C ILE D 148 -5.16 31.82 16.31
N GLY D 149 -4.05 32.02 17.01
CA GLY D 149 -2.76 32.23 16.35
C GLY D 149 -1.61 32.86 17.12
N ALA D 150 -0.77 33.60 16.39
CA ALA D 150 0.46 34.18 16.93
C ALA D 150 0.67 35.65 16.52
N ILE D 151 1.18 36.46 17.45
CA ILE D 151 1.46 37.88 17.21
C ILE D 151 2.89 38.09 16.67
N PRO D 152 3.27 39.34 16.32
CA PRO D 152 4.67 39.57 15.92
C PRO D 152 5.66 39.22 17.03
N GLY D 153 6.79 38.61 16.65
CA GLY D 153 7.88 38.31 17.59
C GLY D 153 7.82 36.97 18.31
N VAL D 154 6.78 36.19 18.02
CA VAL D 154 6.58 34.85 18.60
C VAL D 154 7.72 33.91 18.20
N SER D 155 8.06 32.98 19.10
CA SER D 155 9.09 31.99 18.83
C SER D 155 8.62 30.56 19.14
N CSS D 156 7.40 30.42 19.59
CA CSS D 156 6.82 29.13 19.93
CB CSS D 156 6.66 29.07 21.45
SG CSS D 156 7.11 27.46 21.99
SG CSS D 156 6.19 27.47 22.02
SD CSS D 156 7.41 26.16 21.06
C CSS D 156 5.47 28.98 19.26
O CSS D 156 4.48 29.55 19.75
N PHE D 157 5.42 28.21 18.20
CA PHE D 157 4.22 28.11 17.36
C PHE D 157 3.42 26.80 17.47
N GLY D 158 4.12 25.69 17.68
CA GLY D 158 3.50 24.36 17.78
C GLY D 158 2.24 24.30 18.65
N PRO D 159 2.32 24.79 19.89
CA PRO D 159 1.17 24.80 20.81
C PRO D 159 -0.11 25.42 20.24
N ALA D 160 0.03 26.49 19.45
CA ALA D 160 -1.12 27.13 18.79
C ALA D 160 -1.76 26.26 17.71
N TYR D 161 -0.93 25.58 16.91
CA TYR D 161 -1.42 24.60 15.90
C TYR D 161 -2.12 23.41 16.55
N GLU D 162 -1.55 22.96 17.67
CA GLU D 162 -2.09 21.91 18.50
C GLU D 162 -3.47 22.29 19.04
N PHE D 163 -3.57 23.49 19.62
CA PHE D 163 -4.81 23.95 20.28
C PHE D 163 -5.96 24.09 19.31
N ALA D 164 -5.68 24.62 18.12
CA ALA D 164 -6.66 24.79 17.05
C ALA D 164 -7.28 23.46 16.60
N LEU D 165 -6.44 22.44 16.40
CA LEU D 165 -6.93 21.14 15.92
C LEU D 165 -7.66 20.32 17.00
N MET D 166 -7.22 20.45 18.25
CA MET D 166 -7.86 19.80 19.38
C MET D 166 -9.26 20.35 19.61
N LEU D 167 -9.39 21.67 19.46
CA LEU D 167 -10.67 22.35 19.60
C LEU D 167 -11.64 21.95 18.47
N HIS D 168 -11.15 21.91 17.23
CA HIS D 168 -11.93 21.37 16.12
C HIS D 168 -12.50 19.97 16.41
N TYR D 169 -11.64 19.08 16.93
CA TYR D 169 -12.01 17.72 17.35
C TYR D 169 -13.13 17.69 18.41
N GLU D 170 -13.02 18.58 19.40
CA GLU D 170 -14.01 18.71 20.48
C GLU D 170 -15.39 19.17 19.99
N LEU D 171 -15.40 20.18 19.12
CA LEU D 171 -16.64 20.74 18.56
C LEU D 171 -17.41 19.74 17.71
N LYS D 172 -16.68 18.89 16.98
CA LYS D 172 -17.27 17.81 16.20
C LYS D 172 -17.86 16.68 17.07
N LYS D 173 -17.15 16.30 18.13
CA LYS D 173 -17.66 15.31 19.08
C LYS D 173 -18.95 15.81 19.77
N ARG D 174 -19.02 17.12 20.00
CA ARG D 174 -20.24 17.77 20.50
C ARG D 174 -21.23 18.06 19.37
N GLY D 175 -20.78 17.90 18.12
CA GLY D 175 -21.66 18.06 16.94
C GLY D 175 -22.00 19.49 16.54
N ILE D 176 -21.26 20.46 17.09
CA ILE D 176 -21.56 21.88 16.87
C ILE D 176 -20.52 22.65 16.04
N ARG D 177 -19.59 21.91 15.42
CA ARG D 177 -18.56 22.51 14.56
C ARG D 177 -19.11 23.26 13.33
N TYR D 178 -20.28 22.85 12.84
CA TYR D 178 -20.89 23.50 11.68
C TYR D 178 -21.54 24.87 12.03
N LYS D 179 -21.60 25.17 13.32
CA LYS D 179 -22.09 26.46 13.83
C LYS D 179 -20.92 27.37 14.26
N VAL D 180 -19.70 26.83 14.19
CA VAL D 180 -18.51 27.52 14.68
C VAL D 180 -17.45 27.72 13.58
N PRO D 181 -17.36 28.95 13.03
CA PRO D 181 -16.26 29.34 12.14
C PRO D 181 -14.90 29.39 12.84
N MET D 182 -13.86 28.88 12.20
CA MET D 182 -12.51 28.84 12.78
C MET D 182 -11.47 29.45 11.84
N THR D 183 -10.69 30.41 12.37
CA THR D 183 -9.67 31.13 11.61
C THR D 183 -8.37 31.17 12.40
N PHE D 184 -7.24 30.92 11.72
CA PHE D 184 -5.91 30.84 12.31
C PHE D 184 -5.06 31.93 11.67
N ILE D 185 -4.55 32.86 12.47
CA ILE D 185 -3.75 33.99 11.98
C ILE D 185 -2.34 33.99 12.60
N THR D 186 -1.31 34.00 11.75
CA THR D 186 0.08 33.87 12.22
C THR D 186 1.05 34.91 11.63
N SER D 187 2.13 35.18 12.37
CA SER D 187 3.23 36.03 11.91
C SER D 187 4.28 35.30 11.07
N GLU D 188 4.29 33.96 11.10
CA GLU D 188 5.07 33.14 10.17
C GLU D 188 4.81 33.56 8.73
N PRO D 189 5.87 33.57 7.88
CA PRO D 189 5.69 33.93 6.47
C PRO D 189 4.76 32.97 5.71
N TYR D 190 4.67 31.73 6.18
CA TYR D 190 3.75 30.72 5.65
C TYR D 190 3.45 29.71 6.76
N LEU D 191 2.35 28.98 6.63
CA LEU D 191 1.98 27.91 7.56
C LEU D 191 3.05 26.80 7.61
N GLY D 192 3.38 26.36 8.81
CA GLY D 192 4.36 25.31 9.01
C GLY D 192 5.81 25.78 8.95
N HIS D 193 6.02 27.07 9.17
CA HIS D 193 7.36 27.64 9.24
C HIS D 193 8.03 27.33 10.60
N PHE D 194 7.25 27.50 11.67
CA PHE D 194 7.63 27.15 13.06
C PHE D 194 8.79 27.97 13.65
N GLY D 195 9.23 29.00 12.92
CA GLY D 195 10.38 29.84 13.32
C GLY D 195 11.70 29.19 13.01
N VAL D 196 11.67 28.24 12.08
CA VAL D 196 12.76 27.29 11.88
C VAL D 196 13.03 27.12 10.37
N GLY D 197 12.26 27.80 9.54
CA GLY D 197 12.37 27.69 8.09
C GLY D 197 11.74 26.41 7.58
N GLY D 198 10.87 25.82 8.40
CA GLY D 198 10.19 24.57 8.07
C GLY D 198 10.99 23.33 8.43
N ILE D 199 10.27 22.22 8.58
CA ILE D 199 10.85 20.90 8.78
C ILE D 199 10.31 19.99 7.66
N GLY D 200 11.15 19.67 6.69
CA GLY D 200 10.71 18.93 5.50
C GLY D 200 9.58 19.67 4.79
N ALA D 201 8.56 18.93 4.37
CA ALA D 201 7.40 19.52 3.71
C ALA D 201 6.29 19.90 4.71
N SER D 202 6.71 20.42 5.88
CA SER D 202 5.80 20.88 6.91
C SER D 202 4.73 21.86 6.39
N LYS D 203 5.13 22.73 5.47
CA LYS D 203 4.20 23.70 4.86
C LYS D 203 3.05 23.02 4.10
N ARG D 204 3.38 22.03 3.28
CA ARG D 204 2.42 21.25 2.50
C ARG D 204 1.49 20.41 3.40
N LEU D 205 2.06 19.79 4.43
CA LEU D 205 1.32 19.00 5.42
C LEU D 205 0.27 19.82 6.17
N VAL D 206 0.68 20.97 6.70
CA VAL D 206 -0.20 21.82 7.53
C VAL D 206 -1.33 22.47 6.72
N GLU D 207 -1.01 22.93 5.51
CA GLU D 207 -2.01 23.52 4.61
C GLU D 207 -3.10 22.51 4.22
N ASP D 208 -2.71 21.29 3.88
CA ASP D 208 -3.66 20.24 3.50
C ASP D 208 -4.53 19.81 4.68
N LEU D 209 -3.93 19.84 5.87
CA LEU D 209 -4.63 19.48 7.11
CA LEU D 209 -4.64 19.48 7.10
C LEU D 209 -5.72 20.48 7.42
N PHE D 210 -5.37 21.77 7.39
CA PHE D 210 -6.32 22.87 7.64
C PHE D 210 -7.46 22.87 6.59
N ALA D 211 -7.12 22.62 5.33
CA ALA D 211 -8.12 22.55 4.26
C ALA D 211 -9.13 21.41 4.49
N GLU D 212 -8.62 20.23 4.88
CA GLU D 212 -9.47 19.06 5.15
C GLU D 212 -10.41 19.28 6.33
N ARG D 213 -9.97 20.04 7.32
CA ARG D 213 -10.73 20.22 8.56
C ARG D 213 -11.38 21.62 8.69
N ASN D 214 -11.36 22.38 7.59
CA ASN D 214 -12.01 23.70 7.49
C ASN D 214 -11.54 24.70 8.55
N ILE D 215 -10.22 24.85 8.67
CA ILE D 215 -9.63 25.92 9.44
C ILE D 215 -9.10 26.94 8.44
N ASP D 216 -9.77 28.10 8.40
CA ASP D 216 -9.34 29.21 7.56
C ASP D 216 -8.05 29.77 8.14
N TRP D 217 -7.25 30.43 7.31
CA TRP D 217 -5.98 30.98 7.77
C TRP D 217 -5.50 32.24 7.03
N ILE D 218 -4.76 33.08 7.77
CA ILE D 218 -4.09 34.25 7.22
C ILE D 218 -2.65 34.26 7.73
N ALA D 219 -1.68 34.25 6.80
CA ALA D 219 -0.26 34.24 7.17
C ALA D 219 0.49 35.50 6.71
N ASN D 220 1.65 35.72 7.32
CA ASN D 220 2.57 36.83 6.98
C ASN D 220 2.02 38.20 7.33
N VAL D 221 1.22 38.26 8.40
CA VAL D 221 0.58 39.50 8.84
C VAL D 221 0.88 39.80 10.31
N ALA D 222 0.73 41.06 10.68
CA ALA D 222 0.97 41.50 12.07
C ALA D 222 -0.35 41.78 12.76
N VAL D 223 -0.65 41.00 13.80
CA VAL D 223 -1.85 41.19 14.62
C VAL D 223 -1.63 42.39 15.54
N LYS D 224 -2.52 43.38 15.44
CA LYS D 224 -2.40 44.65 16.14
C LYS D 224 -3.28 44.78 17.38
N ALA D 225 -4.50 44.26 17.32
CA ALA D 225 -5.47 44.45 18.41
C ALA D 225 -6.49 43.31 18.56
N ILE D 226 -6.87 43.05 19.81
CA ILE D 226 -7.88 42.06 20.16
C ILE D 226 -8.99 42.72 21.00
N GLU D 227 -10.15 42.94 20.40
CA GLU D 227 -11.33 43.50 21.08
C GLU D 227 -12.23 42.37 21.62
N PRO D 228 -13.31 42.72 22.37
CA PRO D 228 -14.19 41.66 22.86
C PRO D 228 -15.05 41.01 21.76
N ASP D 229 -14.99 41.54 20.54
CA ASP D 229 -15.87 41.11 19.45
C ASP D 229 -15.17 41.01 18.09
N LYS D 230 -13.86 41.27 18.06
CA LYS D 230 -13.08 41.28 16.81
C LYS D 230 -11.56 41.20 17.02
N VAL D 231 -10.85 40.78 15.96
CA VAL D 231 -9.39 40.79 15.90
C VAL D 231 -8.94 41.69 14.75
N ILE D 232 -7.95 42.54 14.99
CA ILE D 232 -7.43 43.47 13.97
C ILE D 232 -5.96 43.17 13.59
N TYR D 233 -5.69 43.12 12.28
CA TYR D 233 -4.34 42.86 11.77
C TYR D 233 -3.96 43.80 10.62
N GLU D 234 -2.65 43.96 10.39
CA GLU D 234 -2.15 44.77 9.27
C GLU D 234 -1.25 43.92 8.36
N ASP D 235 -1.51 43.96 7.05
CA ASP D 235 -0.65 43.26 6.08
C ASP D 235 0.60 44.07 5.68
N LEU D 236 1.37 43.56 4.73
CA LEU D 236 2.66 44.16 4.38
C LEU D 236 2.54 45.38 3.45
N ASN D 237 1.40 45.51 2.77
CA ASN D 237 1.14 46.67 1.91
C ASN D 237 0.74 47.91 2.70
N GLY D 238 0.43 47.73 3.99
CA GLY D 238 0.12 48.84 4.89
C GLY D 238 -1.37 49.02 5.17
N ASN D 239 -2.17 48.00 4.88
CA ASN D 239 -3.62 48.06 5.05
C ASN D 239 -4.13 47.23 6.23
N THR D 240 -5.06 47.82 6.99
CA THR D 240 -5.62 47.18 8.19
C THR D 240 -6.94 46.44 7.90
N HIS D 241 -7.12 45.27 8.52
CA HIS D 241 -8.33 44.44 8.37
C HIS D 241 -8.87 43.94 9.71
N GLU D 242 -10.15 43.60 9.73
CA GLU D 242 -10.79 43.05 10.94
C GLU D 242 -11.52 41.72 10.67
N VAL D 243 -11.51 40.84 11.67
CA VAL D 243 -12.21 39.55 11.59
C VAL D 243 -13.07 39.38 12.85
N PRO D 244 -14.36 39.02 12.70
CA PRO D 244 -15.21 38.81 13.88
C PRO D 244 -14.75 37.64 14.76
N ALA D 245 -14.95 37.77 16.08
CA ALA D 245 -14.49 36.76 17.05
C ALA D 245 -15.27 36.80 18.36
N LYS D 246 -15.74 35.63 18.78
CA LYS D 246 -16.41 35.48 20.07
C LYS D 246 -15.44 34.93 21.11
N PHE D 247 -14.52 34.07 20.64
CA PHE D 247 -13.49 33.47 21.48
C PHE D 247 -12.17 33.51 20.72
N THR D 248 -11.08 33.82 21.44
CA THR D 248 -9.72 33.84 20.85
C THR D 248 -8.66 33.22 21.76
N MET D 249 -7.60 32.69 21.13
CA MET D 249 -6.42 32.22 21.84
C MET D 249 -5.19 32.60 21.01
N PHE D 250 -4.34 33.46 21.56
CA PHE D 250 -3.12 33.89 20.87
C PHE D 250 -1.86 33.63 21.67
N MET D 251 -0.77 33.32 20.98
CA MET D 251 0.54 33.13 21.61
C MET D 251 1.21 34.49 21.82
N PRO D 252 1.74 34.73 23.03
CA PRO D 252 2.55 35.91 23.31
C PRO D 252 3.98 35.70 22.83
N SER D 253 4.72 36.79 22.66
CA SER D 253 6.14 36.71 22.38
C SER D 253 6.92 36.58 23.70
N PHE D 254 8.21 36.26 23.60
CA PHE D 254 9.06 36.07 24.78
C PHE D 254 10.17 37.12 24.85
N GLN D 255 10.53 37.51 26.07
CA GLN D 255 11.75 38.27 26.31
C GLN D 255 12.41 37.77 27.59
N GLY D 256 13.61 38.24 27.88
CA GLY D 256 14.29 37.88 29.13
C GLY D 256 13.66 38.57 30.33
N PRO D 257 13.82 37.97 31.53
CA PRO D 257 13.27 38.52 32.76
C PRO D 257 14.10 39.69 33.30
N GLU D 258 13.67 40.25 34.42
CA GLU D 258 14.35 41.40 35.03
C GLU D 258 15.59 40.98 35.82
N VAL D 259 15.53 39.75 36.35
CA VAL D 259 16.65 39.18 37.11
C VAL D 259 17.90 39.02 36.22
N VAL D 260 17.70 38.89 34.91
CA VAL D 260 18.80 38.84 33.96
C VAL D 260 19.27 40.25 33.54
N ALA D 261 18.33 41.17 33.33
CA ALA D 261 18.62 42.56 32.97
C ALA D 261 19.48 43.29 33.97
N SER D 262 19.32 42.95 35.25
CA SER D 262 20.06 43.58 36.34
C SER D 262 21.54 43.23 36.35
N ALA D 263 21.93 42.21 35.58
CA ALA D 263 23.31 41.73 35.56
C ALA D 263 24.24 42.52 34.63
N GLY D 264 23.67 43.46 33.88
CA GLY D 264 24.45 44.31 32.97
C GLY D 264 24.34 43.96 31.50
N ASP D 265 24.94 44.79 30.66
CA ASP D 265 24.85 44.64 29.20
C ASP D 265 25.75 43.54 28.62
N LYS D 266 26.54 42.89 29.46
CA LYS D 266 27.42 41.79 29.03
C LYS D 266 26.87 40.41 29.41
N VAL D 267 25.81 40.42 30.23
CA VAL D 267 25.07 39.21 30.56
C VAL D 267 23.71 39.21 29.83
N ALA D 268 23.04 40.36 29.85
CA ALA D 268 21.71 40.50 29.25
C ALA D 268 21.75 41.15 27.87
N ASN D 269 21.27 40.42 26.87
CA ASN D 269 21.21 40.93 25.50
C ASN D 269 20.50 42.28 25.47
N PRO D 270 21.13 43.30 24.84
CA PRO D 270 20.55 44.65 24.79
C PRO D 270 19.21 44.76 24.02
N ALA D 271 18.91 43.78 23.17
CA ALA D 271 17.72 43.82 22.32
C ALA D 271 16.50 43.07 22.87
N ASN D 272 16.71 42.11 23.76
CA ASN D 272 15.62 41.25 24.25
C ASN D 272 15.73 40.80 25.72
N LYS D 273 16.82 41.18 26.38
CA LYS D 273 17.11 40.81 27.78
C LYS D 273 17.38 39.31 28.05
N MET D 274 17.55 38.52 26.99
CA MET D 274 17.91 37.11 27.13
C MET D 274 19.41 36.93 27.40
N VAL D 275 19.78 35.79 28.00
CA VAL D 275 21.16 35.53 28.46
C VAL D 275 22.15 35.35 27.30
N ILE D 276 23.11 36.27 27.19
CA ILE D 276 24.18 36.17 26.18
C ILE D 276 25.02 34.93 26.46
N VAL D 277 25.24 34.13 25.42
CA VAL D 277 25.80 32.79 25.59
C VAL D 277 26.64 32.41 24.36
N ASN D 278 27.66 31.57 24.55
CA ASN D 278 28.47 31.10 23.40
C ASN D 278 28.04 29.71 22.90
N ARG D 279 28.85 29.11 22.02
CA ARG D 279 28.62 27.74 21.51
C ARG D 279 28.41 26.73 22.64
N CYS D 280 29.17 26.90 23.72
CA CYS D 280 29.17 25.98 24.84
C CYS D 280 28.13 26.38 25.90
N PHE D 281 27.24 27.30 25.51
CA PHE D 281 26.17 27.84 26.37
C PHE D 281 26.71 28.48 27.65
N GLN D 282 27.82 29.20 27.46
CA GLN D 282 28.57 29.88 28.51
C GLN D 282 28.67 31.38 28.18
N ASN D 283 28.60 32.23 29.21
CA ASN D 283 28.77 33.67 29.00
C ASN D 283 30.22 34.03 28.64
N PRO D 284 30.42 34.82 27.56
CA PRO D 284 31.74 35.17 27.07
C PRO D 284 32.62 35.94 28.06
N THR D 285 32.04 36.87 28.81
CA THR D 285 32.81 37.70 29.74
C THR D 285 32.92 37.08 31.14
N TYR D 286 31.81 36.62 31.69
CA TYR D 286 31.80 35.90 32.96
C TYR D 286 31.70 34.40 32.71
N LYS D 287 32.82 33.71 32.81
CA LYS D 287 32.95 32.33 32.35
C LYS D 287 32.36 31.27 33.30
N ASN D 288 31.93 31.70 34.48
CA ASN D 288 31.31 30.80 35.44
C ASN D 288 29.77 30.85 35.40
N ILE D 289 29.25 31.65 34.46
CA ILE D 289 27.80 31.76 34.23
C ILE D 289 27.39 31.02 32.96
N PHE D 290 26.40 30.13 33.11
CA PHE D 290 25.82 29.40 31.98
C PHE D 290 24.31 29.65 31.85
N GLY D 291 23.76 29.38 30.66
CA GLY D 291 22.33 29.54 30.42
C GLY D 291 21.74 28.32 29.73
N VAL D 292 20.56 27.90 30.18
CA VAL D 292 19.82 26.79 29.57
C VAL D 292 18.32 27.09 29.41
N GLY D 293 17.78 26.77 28.24
CA GLY D 293 16.34 26.82 28.02
C GLY D 293 15.87 27.93 27.11
N VAL D 294 14.62 28.35 27.33
CA VAL D 294 14.01 29.44 26.55
C VAL D 294 14.70 30.79 26.81
N VAL D 295 15.31 30.94 27.99
CA VAL D 295 15.95 32.20 28.41
C VAL D 295 17.24 32.55 27.65
N THR D 296 17.86 31.55 27.00
CA THR D 296 19.12 31.76 26.28
C THR D 296 18.91 32.61 25.03
N ALA D 297 19.86 33.49 24.73
CA ALA D 297 19.75 34.33 23.54
C ALA D 297 20.33 33.60 22.34
N ILE D 298 19.46 33.16 21.45
CA ILE D 298 19.86 32.49 20.21
C ILE D 298 19.37 33.32 19.03
N PRO D 299 20.27 33.65 18.09
CA PRO D 299 19.86 34.43 16.91
C PRO D 299 18.77 33.68 16.11
N PRO D 300 17.83 34.44 15.50
CA PRO D 300 16.78 33.78 14.70
C PRO D 300 17.39 33.01 13.53
N ILE D 301 16.78 31.89 13.16
CA ILE D 301 17.25 31.07 12.06
C ILE D 301 17.15 31.84 10.73
N GLU D 302 16.06 32.58 10.59
CA GLU D 302 15.71 33.32 9.38
C GLU D 302 15.13 34.67 9.82
N LYS D 303 15.46 35.74 9.11
CA LYS D 303 14.82 37.04 9.33
C LYS D 303 13.60 37.19 8.42
N THR D 304 12.40 37.20 9.02
CA THR D 304 11.14 37.17 8.27
C THR D 304 10.45 38.56 8.24
N PRO D 305 9.64 38.85 7.18
CA PRO D 305 8.99 40.16 7.03
C PRO D 305 8.23 40.64 8.27
N ILE D 306 7.52 39.73 8.94
CA ILE D 306 7.04 39.97 10.30
C ILE D 306 8.03 39.29 11.24
N PRO D 307 8.56 40.02 12.25
CA PRO D 307 9.57 39.46 13.15
C PRO D 307 9.20 38.09 13.70
N THR D 308 10.17 37.18 13.73
CA THR D 308 9.97 35.79 14.16
C THR D 308 11.21 35.27 14.91
N GLY D 309 10.98 34.48 15.96
CA GLY D 309 12.08 33.88 16.73
C GLY D 309 12.20 32.37 16.57
N VAL D 310 13.29 31.81 17.11
CA VAL D 310 13.56 30.37 17.04
C VAL D 310 13.10 29.66 18.33
N PRO D 311 12.40 28.52 18.21
CA PRO D 311 11.95 27.80 19.39
C PRO D 311 13.06 27.04 20.13
N LYS D 312 12.87 26.85 21.42
CA LYS D 312 13.69 25.92 22.19
C LYS D 312 12.78 24.81 22.73
N THR D 313 12.93 23.63 22.15
CA THR D 313 12.09 22.47 22.45
C THR D 313 12.72 21.55 23.50
N GLY D 314 11.93 20.62 24.02
CA GLY D 314 12.35 19.68 25.06
C GLY D 314 13.70 19.02 24.85
N MET D 315 13.88 18.36 23.71
CA MET D 315 15.12 17.65 23.38
C MET D 315 16.33 18.58 23.28
N MET D 316 16.14 19.73 22.63
CA MET D 316 17.17 20.78 22.56
C MET D 316 17.67 21.21 23.95
N ILE D 317 16.75 21.38 24.87
CA ILE D 317 17.06 21.84 26.22
C ILE D 317 17.69 20.72 27.08
N GLU D 318 17.25 19.48 26.89
CA GLU D 318 17.91 18.32 27.50
C GLU D 318 19.37 18.18 27.07
N GLN D 319 19.66 18.58 25.84
CA GLN D 319 21.03 18.57 25.32
C GLN D 319 21.86 19.75 25.83
N MET D 320 21.25 20.93 25.93
CA MET D 320 21.89 22.10 26.55
C MET D 320 22.37 21.75 27.97
N ALA D 321 21.47 21.17 28.76
CA ALA D 321 21.74 20.77 30.14
C ALA D 321 22.93 19.81 30.27
N MET D 322 22.95 18.78 29.41
CA MET D 322 24.07 17.83 29.33
C MET D 322 25.40 18.53 29.04
N ALA D 323 25.38 19.45 28.08
CA ALA D 323 26.57 20.23 27.73
C ALA D 323 27.08 21.07 28.90
N VAL D 324 26.18 21.83 29.53
CA VAL D 324 26.53 22.73 30.63
C VAL D 324 27.08 21.96 31.84
N ALA D 325 26.42 20.85 32.18
CA ALA D 325 26.85 19.98 33.28
C ALA D 325 28.29 19.47 33.11
N HIS D 326 28.64 19.05 31.90
CA HIS D 326 29.98 18.56 31.59
C HIS D 326 31.01 19.68 31.59
N ASN D 327 30.61 20.87 31.14
CA ASN D 327 31.51 22.04 31.15
C ASN D 327 31.86 22.55 32.55
N ILE D 328 30.89 22.45 33.46
CA ILE D 328 31.11 22.82 34.86
C ILE D 328 32.00 21.79 35.56
N VAL D 329 31.68 20.51 35.39
CA VAL D 329 32.44 19.41 35.98
C VAL D 329 33.89 19.34 35.44
N ASN D 330 34.07 19.62 34.15
CA ASN D 330 35.40 19.68 33.55
C ASN D 330 36.24 20.84 34.05
N ASP D 331 35.62 22.00 34.28
CA ASP D 331 36.35 23.15 34.82
C ASP D 331 36.87 22.85 36.23
N ILE D 332 36.03 22.19 37.04
CA ILE D 332 36.37 21.80 38.41
C ILE D 332 37.59 20.87 38.44
N ARG D 333 37.60 19.89 37.54
CA ARG D 333 38.72 18.96 37.39
C ARG D 333 39.83 19.52 36.46
N ASN D 334 39.82 20.83 36.25
CA ASN D 334 40.64 21.51 35.21
C ASN D 334 40.97 20.65 33.99
N ASN D 335 39.91 20.02 33.47
CA ASN D 335 39.91 19.29 32.21
C ASN D 335 39.63 20.30 31.10
N PRO D 336 40.55 20.43 30.14
CA PRO D 336 40.41 21.49 29.13
C PRO D 336 39.30 21.25 28.11
N ASP D 337 38.81 20.01 28.03
CA ASP D 337 37.75 19.63 27.08
C ASP D 337 36.41 20.30 27.37
N LYS D 338 35.77 20.83 26.31
CA LYS D 338 34.46 21.48 26.41
C LYS D 338 33.46 20.92 25.40
N TYR D 339 32.17 21.07 25.71
CA TYR D 339 31.09 20.49 24.93
C TYR D 339 30.00 21.48 24.52
N ALA D 340 29.59 21.38 23.25
CA ALA D 340 28.43 22.08 22.71
C ALA D 340 27.29 21.08 22.46
N PRO D 341 26.02 21.50 22.68
CA PRO D 341 24.92 20.58 22.40
C PRO D 341 24.69 20.46 20.89
N ARG D 342 24.15 19.33 20.47
CA ARG D 342 23.84 19.06 19.06
C ARG D 342 22.63 19.88 18.58
N LEU D 343 21.71 20.16 19.51
CA LEU D 343 20.47 20.90 19.26
C LEU D 343 19.54 20.28 18.20
N SER D 344 19.30 18.97 18.32
CA SER D 344 18.26 18.30 17.53
C SER D 344 16.94 18.26 18.32
N ALA D 345 15.86 17.88 17.64
CA ALA D 345 14.52 17.85 18.27
C ALA D 345 13.56 16.86 17.62
N ILE D 346 12.90 16.07 18.47
CA ILE D 346 11.71 15.32 18.10
C ILE D 346 10.56 16.09 18.72
N CYS D 347 9.64 16.58 17.88
CA CYS D 347 8.41 17.24 18.33
C CYS D 347 7.18 16.49 17.86
N ILE D 348 6.18 16.40 18.73
CA ILE D 348 4.86 15.86 18.35
C ILE D 348 3.77 16.90 18.61
N ALA D 349 2.97 17.17 17.57
CA ALA D 349 1.82 18.04 17.71
C ALA D 349 0.54 17.18 17.71
N ASP D 350 -0.08 17.12 18.87
CA ASP D 350 -1.28 16.33 19.13
C ASP D 350 -2.53 17.02 18.57
N PHE D 351 -3.40 16.27 17.89
CA PHE D 351 -4.58 16.87 17.23
C PHE D 351 -5.92 16.40 17.81
N GLY D 352 -5.87 15.49 18.78
CA GLY D 352 -7.09 14.90 19.34
C GLY D 352 -6.95 13.40 19.43
N GLU D 353 -7.25 12.71 18.33
CA GLU D 353 -7.06 11.26 18.23
C GLU D 353 -5.96 10.86 17.24
N ASP D 354 -5.39 11.84 16.55
CA ASP D 354 -4.17 11.65 15.77
C ASP D 354 -3.22 12.83 16.01
N ALA D 355 -2.03 12.78 15.43
CA ALA D 355 -0.99 13.75 15.70
C ALA D 355 0.07 13.83 14.59
N GLY D 356 0.85 14.90 14.59
CA GLY D 356 1.97 15.07 13.66
C GLY D 356 3.30 14.89 14.35
N PHE D 357 4.22 14.16 13.70
CA PHE D 357 5.53 13.84 14.25
C PHE D 357 6.59 14.54 13.42
N PHE D 358 7.40 15.38 14.07
CA PHE D 358 8.46 16.12 13.39
C PHE D 358 9.81 15.81 14.05
N PHE D 359 10.81 15.43 13.24
CA PHE D 359 12.20 15.28 13.70
C PHE D 359 13.12 16.16 12.85
N ALA D 360 14.05 16.87 13.50
CA ALA D 360 15.02 17.68 12.78
C ALA D 360 16.40 17.60 13.46
N ASP D 361 17.42 17.18 12.72
CA ASP D 361 18.77 17.01 13.26
C ASP D 361 19.88 17.71 12.47
N PRO D 362 20.39 18.85 12.97
CA PRO D 362 19.87 19.67 14.06
C PRO D 362 18.72 20.57 13.62
N VAL D 363 18.01 21.18 14.57
CA VAL D 363 16.98 22.17 14.28
C VAL D 363 17.56 23.38 13.51
N ILE D 364 18.70 23.88 13.96
CA ILE D 364 19.42 24.97 13.29
C ILE D 364 20.22 24.43 12.09
N PRO D 365 19.87 24.85 10.85
CA PRO D 365 20.49 24.36 9.62
C PRO D 365 21.96 24.79 9.48
N PRO D 366 22.74 24.12 8.59
CA PRO D 366 22.40 22.97 7.73
C PRO D 366 22.03 21.71 8.50
N ARG D 367 21.08 20.94 7.96
CA ARG D 367 20.60 19.73 8.61
C ARG D 367 21.16 18.45 8.00
N GLU D 368 21.51 17.50 8.87
CA GLU D 368 21.88 16.14 8.47
C GLU D 368 20.63 15.39 7.96
N ARG D 369 19.50 15.48 8.69
CA ARG D 369 18.24 14.82 8.27
C ARG D 369 16.98 15.33 9.01
N VAL D 370 15.82 15.04 8.43
CA VAL D 370 14.49 15.35 9.03
C VAL D 370 13.51 14.19 8.78
N ILE D 371 12.48 14.12 9.61
CA ILE D 371 11.34 13.22 9.40
C ILE D 371 10.04 14.00 9.67
N THR D 372 9.03 13.77 8.82
CA THR D 372 7.76 14.47 8.89
C THR D 372 6.64 13.44 8.61
N LYS D 373 5.87 13.12 9.66
CA LYS D 373 4.83 12.08 9.58
C LYS D 373 3.56 12.42 10.35
N MET D 374 2.52 11.62 10.16
CA MET D 374 1.24 11.84 10.82
C MET D 374 0.46 10.52 10.93
N GLY D 375 -0.18 10.32 12.07
CA GLY D 375 -1.02 9.13 12.27
C GLY D 375 -1.62 9.04 13.66
N LYS D 376 -2.48 8.05 13.85
CA LYS D 376 -3.04 7.76 15.17
C LYS D 376 -1.93 7.37 16.15
N TRP D 377 -0.97 6.58 15.67
CA TRP D 377 0.19 6.14 16.46
C TRP D 377 0.94 7.29 17.16
N ALA D 378 1.01 8.45 16.51
CA ALA D 378 1.72 9.61 17.06
C ALA D 378 1.00 10.23 18.26
N HIS D 379 -0.32 10.05 18.32
CA HIS D 379 -1.09 10.48 19.49
C HIS D 379 -0.78 9.63 20.72
N TYR D 380 -0.81 8.31 20.55
CA TYR D 380 -0.50 7.36 21.63
C TYR D 380 0.96 7.43 22.09
N PHE D 381 1.84 7.80 21.17
CA PHE D 381 3.23 8.03 21.48
C PHE D 381 3.43 9.27 22.37
N LYS D 382 2.66 10.32 22.14
CA LYS D 382 2.81 11.55 22.93
C LYS D 382 2.31 11.38 24.37
N THR D 383 1.26 10.60 24.56
CA THR D 383 0.77 10.27 25.90
C THR D 383 1.79 9.41 26.63
N ALA D 384 2.42 8.48 25.89
CA ALA D 384 3.43 7.58 26.45
C ALA D 384 4.67 8.32 26.94
N PHE D 385 5.17 9.27 26.16
CA PHE D 385 6.31 10.08 26.59
C PHE D 385 6.02 10.99 27.79
N GLU D 386 4.83 11.59 27.80
CA GLU D 386 4.31 12.31 28.97
C GLU D 386 4.46 11.45 30.25
N LYS D 387 3.93 10.24 30.21
CA LYS D 387 4.08 9.31 31.34
C LYS D 387 5.56 9.03 31.68
N TYR D 388 6.40 8.89 30.65
CA TYR D 388 7.83 8.60 30.83
C TYR D 388 8.65 9.75 31.40
N PHE D 389 8.45 10.96 30.89
CA PHE D 389 9.19 12.13 31.39
C PHE D 389 8.88 12.47 32.85
N LEU D 390 7.61 12.33 33.25
CA LEU D 390 7.21 12.55 34.63
C LEU D 390 7.81 11.49 35.58
N TRP D 391 7.96 10.26 35.10
CA TRP D 391 8.69 9.24 35.83
C TRP D 391 10.15 9.64 36.07
N LYS D 392 10.80 10.18 35.04
CA LYS D 392 12.20 10.63 35.12
C LYS D 392 12.40 11.71 36.17
N VAL D 393 11.49 12.68 36.21
CA VAL D 393 11.51 13.76 37.20
C VAL D 393 11.37 13.18 38.61
N ARG D 394 10.45 12.23 38.78
CA ARG D 394 10.17 11.62 40.08
C ARG D 394 11.26 10.67 40.59
N ASN D 395 12.15 10.24 39.69
CA ASN D 395 13.13 9.22 40.03
C ASN D 395 14.59 9.66 39.95
N GLY D 396 14.83 10.93 39.62
CA GLY D 396 16.17 11.51 39.71
C GLY D 396 17.17 11.15 38.62
N ASN D 397 16.68 10.89 37.41
CA ASN D 397 17.53 10.64 36.24
C ASN D 397 16.88 11.16 34.97
N ILE D 398 17.34 12.29 34.46
CA ILE D 398 16.77 12.85 33.23
C ILE D 398 17.47 12.27 31.98
N ALA D 399 18.65 11.69 32.17
CA ALA D 399 19.37 11.02 31.07
C ALA D 399 19.79 9.58 31.40
N PRO D 400 18.82 8.66 31.54
CA PRO D 400 19.25 7.26 31.73
C PRO D 400 19.96 6.74 30.47
N SER D 401 20.99 5.92 30.66
CA SER D 401 21.88 5.53 29.57
C SER D 401 21.22 4.70 28.47
N PHE D 402 20.17 3.94 28.79
CA PHE D 402 19.42 3.22 27.76
C PHE D 402 18.74 4.19 26.77
N GLU D 403 18.40 5.40 27.24
CA GLU D 403 17.74 6.40 26.40
C GLU D 403 18.66 6.94 25.29
N GLU D 404 19.92 7.25 25.63
CA GLU D 404 20.91 7.65 24.61
C GLU D 404 21.12 6.55 23.56
N LYS D 405 21.21 5.30 24.02
CA LYS D 405 21.40 4.15 23.13
C LYS D 405 20.24 3.91 22.16
N VAL D 406 19.01 4.05 22.65
CA VAL D 406 17.79 3.87 21.87
C VAL D 406 17.62 4.96 20.80
N LEU D 407 17.87 6.21 21.20
CA LEU D 407 17.89 7.35 20.29
C LEU D 407 18.92 7.18 19.18
N GLU D 408 20.04 6.55 19.50
CA GLU D 408 21.10 6.35 18.52
C GLU D 408 20.74 5.26 17.50
N ILE D 409 20.20 4.13 17.99
CA ILE D 409 19.86 3.03 17.11
C ILE D 409 18.65 3.31 16.21
N PHE D 410 17.75 4.19 16.66
CA PHE D 410 16.54 4.54 15.91
C PHE D 410 16.68 5.80 15.04
N LEU D 411 17.44 6.78 15.49
CA LEU D 411 17.49 8.09 14.81
C LEU D 411 18.90 8.64 14.60
N LYS D 412 19.91 7.82 14.93
CA LYS D 412 21.33 8.18 14.82
C LYS D 412 21.76 9.47 15.53
N VAL D 413 21.06 9.83 16.61
CA VAL D 413 21.37 11.07 17.35
C VAL D 413 22.37 10.88 18.49
N HIS D 414 23.34 11.80 18.54
CA HIS D 414 24.20 11.96 19.71
CA HIS D 414 24.25 11.97 19.69
C HIS D 414 23.96 13.34 20.30
N PRO D 415 23.83 13.43 21.64
CA PRO D 415 23.37 14.70 22.24
C PRO D 415 24.36 15.87 22.30
N ILE D 416 25.65 15.59 22.45
CA ILE D 416 26.67 16.64 22.63
C ILE D 416 27.94 16.34 21.81
N GLU D 417 28.70 17.39 21.47
CA GLU D 417 29.95 17.25 20.73
C GLU D 417 31.11 18.02 21.39
N LEU D 418 32.33 17.49 21.24
CA LEU D 418 33.54 18.21 21.65
C LEU D 418 33.71 19.48 20.83
N CYS D 419 33.91 20.60 21.53
CA CYS D 419 34.08 21.89 20.87
C CYS D 419 35.51 22.40 21.07
N LYS D 420 36.26 22.49 19.96
CA LYS D 420 37.65 22.94 20.02
C LYS D 420 37.76 24.47 20.16
N ASP D 421 36.64 25.16 19.95
CA ASP D 421 36.58 26.62 20.10
C ASP D 421 35.16 27.11 20.43
N CYS D 422 34.95 27.54 21.68
CA CYS D 422 33.61 27.99 22.12
C CYS D 422 33.21 29.36 21.55
N GLU D 423 34.18 30.12 21.05
CA GLU D 423 33.93 31.51 20.62
C GLU D 423 33.04 31.67 19.38
N GLY D 424 31.75 31.88 19.62
CA GLY D 424 30.79 32.13 18.55
C GLY D 424 29.37 32.01 19.05
N ALA D 425 28.42 32.42 18.21
CA ALA D 425 27.00 32.31 18.50
C ALA D 425 26.58 30.87 18.84
N PRO D 426 25.64 30.71 19.79
CA PRO D 426 25.05 29.40 20.03
C PRO D 426 24.39 28.86 18.77
N GLY D 427 24.66 27.59 18.46
CA GLY D 427 24.10 26.96 17.26
C GLY D 427 25.07 26.94 16.09
N SER D 428 26.07 27.81 16.09
CA SER D 428 27.09 27.82 15.05
C SER D 428 28.12 26.70 15.30
N ARG D 429 28.74 26.21 14.22
CA ARG D 429 29.58 25.01 14.30
C ARG D 429 31.04 25.32 14.66
N CYS D 430 31.63 24.52 15.56
CA CYS D 430 33.05 24.70 15.99
C CYS D 430 34.01 24.34 14.85
N ALA E 2 45.66 -25.34 -35.49
CA ALA E 2 44.18 -25.14 -35.44
C ALA E 2 43.47 -26.33 -34.79
N LYS E 3 42.80 -26.10 -33.67
CA LYS E 3 42.06 -27.15 -32.98
C LYS E 3 40.60 -27.14 -33.45
N HIS E 4 39.95 -28.30 -33.39
CA HIS E 4 38.61 -28.47 -33.95
C HIS E 4 37.63 -29.02 -32.93
N VAL E 5 36.56 -28.27 -32.69
CA VAL E 5 35.46 -28.76 -31.84
C VAL E 5 34.16 -28.96 -32.65
N VAL E 6 33.52 -30.11 -32.41
CA VAL E 6 32.24 -30.45 -33.00
C VAL E 6 31.14 -30.29 -31.95
N VAL E 7 30.03 -29.69 -32.37
CA VAL E 7 28.86 -29.47 -31.53
C VAL E 7 27.67 -30.17 -32.19
N ILE E 8 27.01 -31.06 -31.44
CA ILE E 8 25.81 -31.72 -31.95
C ILE E 8 24.56 -31.09 -31.32
N GLY E 9 23.74 -30.45 -32.15
CA GLY E 9 22.49 -29.81 -31.69
C GLY E 9 22.49 -28.31 -31.84
N GLY E 10 21.58 -27.80 -32.67
CA GLY E 10 21.42 -26.35 -32.85
C GLY E 10 20.28 -25.77 -32.03
N GLY E 11 20.30 -26.04 -30.72
CA GLY E 11 19.31 -25.49 -29.79
C GLY E 11 19.95 -24.47 -28.86
N VAL E 12 19.34 -24.25 -27.70
CA VAL E 12 19.87 -23.30 -26.74
C VAL E 12 21.32 -23.63 -26.35
N GLY E 13 21.56 -24.86 -25.90
CA GLY E 13 22.88 -25.29 -25.46
C GLY E 13 23.95 -25.30 -26.55
N GLY E 14 23.58 -25.80 -27.73
CA GLY E 14 24.51 -25.85 -28.88
C GLY E 14 24.92 -24.50 -29.45
N ILE E 15 23.95 -23.63 -29.68
CA ILE E 15 24.22 -22.26 -30.17
C ILE E 15 25.07 -21.49 -29.17
N ALA E 16 24.71 -21.60 -27.89
CA ALA E 16 25.37 -20.88 -26.81
C ALA E 16 26.82 -21.33 -26.58
N THR E 17 27.09 -22.63 -26.70
CA THR E 17 28.46 -23.14 -26.54
C THR E 17 29.37 -22.71 -27.70
N ALA E 18 28.87 -22.86 -28.92
CA ALA E 18 29.60 -22.46 -30.15
C ALA E 18 29.96 -20.97 -30.17
N TYR E 19 28.98 -20.11 -29.85
CA TYR E 19 29.17 -18.66 -29.83
C TYR E 19 30.19 -18.25 -28.77
N ASN E 20 30.06 -18.80 -27.56
CA ASN E 20 31.04 -18.62 -26.49
C ASN E 20 32.48 -19.00 -26.91
N LEU E 21 32.63 -20.17 -27.53
CA LEU E 21 33.92 -20.64 -28.05
C LEU E 21 34.48 -19.69 -29.11
N ARG E 22 33.64 -19.29 -30.07
CA ARG E 22 34.03 -18.35 -31.12
C ARG E 22 34.56 -17.04 -30.55
N ASN E 23 33.84 -16.46 -29.59
CA ASN E 23 34.23 -15.19 -28.99
C ASN E 23 35.47 -15.29 -28.08
N LEU E 24 35.73 -16.47 -27.55
CA LEU E 24 36.91 -16.71 -26.70
C LEU E 24 38.18 -16.96 -27.52
N MET E 25 38.01 -17.45 -28.74
CA MET E 25 39.11 -17.94 -29.56
C MET E 25 38.71 -17.84 -31.04
N PRO E 26 38.86 -16.63 -31.63
CA PRO E 26 38.51 -16.35 -33.03
C PRO E 26 39.09 -17.31 -34.08
N ASP E 27 40.18 -18.01 -33.74
CA ASP E 27 40.90 -18.86 -34.69
C ASP E 27 40.63 -20.36 -34.50
N LEU E 28 39.65 -20.67 -33.65
CA LEU E 28 39.23 -22.04 -33.41
C LEU E 28 38.33 -22.50 -34.57
N LYS E 29 38.50 -23.76 -34.99
CA LYS E 29 37.58 -24.35 -35.95
C LYS E 29 36.37 -24.92 -35.22
N ILE E 30 35.17 -24.57 -35.69
CA ILE E 30 33.92 -24.97 -35.05
C ILE E 30 32.93 -25.50 -36.08
N THR E 31 32.47 -26.74 -35.88
CA THR E 31 31.39 -27.32 -36.69
C THR E 31 30.18 -27.67 -35.82
N LEU E 32 29.01 -27.19 -36.25
CA LEU E 32 27.75 -27.49 -35.58
C LEU E 32 26.89 -28.40 -36.45
N ILE E 33 26.49 -29.54 -35.88
CA ILE E 33 25.65 -30.52 -36.57
C ILE E 33 24.24 -30.49 -35.98
N SER E 34 23.24 -30.28 -36.83
CA SER E 34 21.85 -30.29 -36.39
C SER E 34 20.91 -30.85 -37.44
N ASP E 35 19.90 -31.61 -37.00
CA ASP E 35 18.92 -32.21 -37.92
C ASP E 35 17.87 -31.22 -38.43
N ARG E 36 17.50 -30.25 -37.59
CA ARG E 36 16.60 -29.17 -37.99
C ARG E 36 17.38 -28.03 -38.64
N PRO E 37 16.83 -27.45 -39.72
CA PRO E 37 17.51 -26.32 -40.38
C PRO E 37 17.32 -24.95 -39.69
N TYR E 38 16.62 -24.92 -38.56
CA TYR E 38 16.31 -23.67 -37.84
C TYR E 38 16.60 -23.77 -36.34
N PHE E 39 16.86 -22.61 -35.72
CA PHE E 39 16.80 -22.50 -34.28
C PHE E 39 15.36 -22.14 -33.89
N GLY E 40 14.81 -22.86 -32.91
CA GLY E 40 13.44 -22.63 -32.45
C GLY E 40 13.40 -22.16 -31.01
N PHE E 41 12.86 -20.95 -30.79
CA PHE E 41 12.74 -20.38 -29.45
C PHE E 41 11.65 -21.11 -28.66
N THR E 42 12.08 -22.20 -28.01
CA THR E 42 11.25 -23.14 -27.26
C THR E 42 10.24 -22.48 -26.29
N PRO E 43 10.67 -21.46 -25.53
CA PRO E 43 9.73 -20.78 -24.59
C PRO E 43 8.45 -20.17 -25.19
N ALA E 44 8.40 -20.01 -26.51
CA ALA E 44 7.18 -19.52 -27.18
C ALA E 44 6.39 -20.61 -27.93
N PHE E 45 6.69 -21.89 -27.66
CA PHE E 45 5.90 -22.99 -28.22
C PHE E 45 4.46 -23.08 -27.66
N PRO E 46 4.27 -22.86 -26.34
CA PRO E 46 2.89 -22.78 -25.84
C PRO E 46 2.05 -21.68 -26.52
N HIS E 47 2.65 -20.51 -26.70
CA HIS E 47 2.06 -19.38 -27.44
C HIS E 47 1.73 -19.75 -28.89
N LEU E 48 2.64 -20.49 -29.53
CA LEU E 48 2.43 -21.00 -30.87
C LEU E 48 1.22 -21.94 -30.93
N ALA E 49 1.13 -22.88 -29.99
CA ALA E 49 -0.01 -23.79 -29.89
C ALA E 49 -1.36 -23.08 -29.67
N MET E 50 -1.32 -21.93 -28.99
CA MET E 50 -2.53 -21.15 -28.76
C MET E 50 -2.92 -20.29 -29.98
N GLY E 51 -2.01 -20.17 -30.94
CA GLY E 51 -2.26 -19.37 -32.14
C GLY E 51 -1.91 -17.91 -31.91
N TRP E 52 -1.10 -17.65 -30.89
CA TRP E 52 -0.70 -16.28 -30.56
C TRP E 52 0.62 -15.89 -31.20
N ARG E 53 1.23 -16.81 -31.94
CA ARG E 53 2.46 -16.55 -32.68
C ARG E 53 2.41 -17.18 -34.04
N LYS E 54 3.18 -16.60 -34.97
CA LYS E 54 3.50 -17.23 -36.24
C LYS E 54 4.86 -17.89 -36.11
N PHE E 55 5.00 -19.09 -36.67
CA PHE E 55 6.25 -19.84 -36.64
C PHE E 55 7.48 -19.03 -37.06
N GLU E 56 7.32 -18.18 -38.08
CA GLU E 56 8.42 -17.38 -38.62
C GLU E 56 8.94 -16.30 -37.67
N ASP E 57 8.12 -15.92 -36.69
CA ASP E 57 8.48 -14.91 -35.70
C ASP E 57 9.31 -15.46 -34.52
N ILE E 58 9.39 -16.79 -34.40
CA ILE E 58 10.07 -17.42 -33.25
C ILE E 58 11.18 -18.40 -33.66
N SER E 59 11.65 -18.28 -34.89
CA SER E 59 12.67 -19.18 -35.45
C SER E 59 13.72 -18.43 -36.25
N VAL E 60 14.90 -19.04 -36.40
CA VAL E 60 16.03 -18.46 -37.11
C VAL E 60 16.68 -19.54 -37.98
N PRO E 61 16.60 -19.41 -39.32
CA PRO E 61 17.35 -20.33 -40.20
C PRO E 61 18.87 -20.23 -40.01
N LEU E 62 19.53 -21.37 -39.87
CA LEU E 62 20.94 -21.41 -39.45
C LEU E 62 21.97 -21.40 -40.60
N ALA E 63 21.58 -21.94 -41.75
CA ALA E 63 22.49 -22.04 -42.91
C ALA E 63 23.03 -20.69 -43.41
N PRO E 64 22.14 -19.69 -43.63
CA PRO E 64 22.73 -18.38 -43.99
C PRO E 64 23.32 -17.56 -42.82
N LEU E 65 23.15 -18.00 -41.57
CA LEU E 65 23.60 -17.23 -40.40
C LEU E 65 24.99 -17.60 -39.86
N LEU E 66 25.19 -18.89 -39.58
CA LEU E 66 26.42 -19.36 -38.93
C LEU E 66 27.75 -19.04 -39.65
N PRO E 67 27.79 -19.14 -41.00
CA PRO E 67 28.98 -18.65 -41.73
C PRO E 67 29.43 -17.23 -41.35
N LYS E 68 28.48 -16.36 -40.99
CA LYS E 68 28.79 -14.96 -40.63
C LYS E 68 29.75 -14.85 -39.44
N PHE E 69 29.71 -15.84 -38.55
CA PHE E 69 30.60 -15.89 -37.38
C PHE E 69 31.63 -17.02 -37.49
N ASN E 70 31.95 -17.40 -38.73
CA ASN E 70 32.91 -18.49 -39.03
C ASN E 70 32.61 -19.85 -38.37
N ILE E 71 31.33 -20.23 -38.39
CA ILE E 71 30.90 -21.52 -37.84
C ILE E 71 30.35 -22.36 -38.99
N GLU E 72 30.92 -23.55 -39.15
CA GLU E 72 30.50 -24.51 -40.18
C GLU E 72 29.20 -25.17 -39.73
N PHE E 73 28.16 -25.08 -40.58
CA PHE E 73 26.87 -25.71 -40.31
C PHE E 73 26.58 -26.89 -41.24
N ILE E 74 26.32 -28.05 -40.64
CA ILE E 74 25.83 -29.19 -41.40
C ILE E 74 24.44 -29.66 -40.93
N ASN E 75 23.49 -29.59 -41.86
CA ASN E 75 22.07 -29.89 -41.61
C ASN E 75 21.76 -31.38 -41.77
N GLU E 76 22.31 -32.19 -40.86
CA GLU E 76 22.11 -33.62 -40.84
C GLU E 76 21.97 -34.12 -39.41
N LYS E 77 21.30 -35.25 -39.25
CA LYS E 77 21.18 -35.92 -37.96
C LYS E 77 22.45 -36.72 -37.67
N ALA E 78 22.99 -36.54 -36.47
CA ALA E 78 24.14 -37.33 -36.02
C ALA E 78 23.67 -38.70 -35.52
N GLU E 79 24.23 -39.78 -36.07
CA GLU E 79 23.75 -41.12 -35.72
C GLU E 79 24.64 -41.97 -34.79
N SER E 80 25.96 -41.81 -34.88
CA SER E 80 26.86 -42.53 -33.97
C SER E 80 28.11 -41.74 -33.53
N ILE E 81 28.66 -42.12 -32.36
CA ILE E 81 29.90 -41.53 -31.82
C ILE E 81 30.93 -42.62 -31.48
N ASP E 82 32.17 -42.43 -31.92
CA ASP E 82 33.28 -43.33 -31.59
C ASP E 82 34.28 -42.58 -30.71
N PRO E 83 34.18 -42.78 -29.37
CA PRO E 83 35.01 -42.02 -28.41
C PRO E 83 36.49 -42.38 -28.47
N ASP E 84 36.80 -43.64 -28.77
CA ASP E 84 38.17 -44.12 -28.84
C ASP E 84 38.91 -43.60 -30.08
N ALA E 85 38.14 -43.25 -31.11
CA ALA E 85 38.69 -42.76 -32.37
C ALA E 85 38.50 -41.25 -32.57
N ASN E 86 37.76 -40.62 -31.65
CA ASN E 86 37.39 -39.21 -31.75
C ASN E 86 36.61 -38.86 -33.02
N THR E 87 35.57 -39.63 -33.30
CA THR E 87 34.80 -39.49 -34.53
C THR E 87 33.29 -39.35 -34.30
N VAL E 88 32.60 -38.70 -35.24
CA VAL E 88 31.15 -38.60 -35.26
C VAL E 88 30.65 -38.97 -36.65
N THR E 89 29.67 -39.86 -36.72
CA THR E 89 29.10 -40.31 -38.00
C THR E 89 27.65 -39.84 -38.18
N THR E 90 27.38 -39.20 -39.32
CA THR E 90 26.05 -38.65 -39.61
C THR E 90 25.16 -39.67 -40.32
N GLN E 91 23.89 -39.32 -40.51
CA GLN E 91 22.92 -40.24 -41.12
C GLN E 91 23.26 -40.64 -42.56
N SER E 92 23.90 -39.73 -43.29
CA SER E 92 24.34 -40.02 -44.65
C SER E 92 25.60 -40.90 -44.65
N GLY E 93 26.57 -40.56 -43.81
CA GLY E 93 27.80 -41.35 -43.70
C GLY E 93 29.08 -40.54 -43.54
N LYS E 94 28.95 -39.23 -43.34
CA LYS E 94 30.10 -38.35 -43.11
C LYS E 94 30.78 -38.68 -41.78
N LYS E 95 32.09 -38.90 -41.80
CA LYS E 95 32.87 -39.07 -40.58
C LYS E 95 33.60 -37.77 -40.26
N ILE E 96 33.28 -37.18 -39.10
CA ILE E 96 33.94 -35.95 -38.67
C ILE E 96 34.84 -36.19 -37.46
N GLU E 97 36.13 -35.91 -37.64
CA GLU E 97 37.14 -36.00 -36.59
C GLU E 97 37.07 -34.77 -35.67
N TYR E 98 37.21 -34.97 -34.36
CA TYR E 98 37.21 -33.84 -33.41
C TYR E 98 38.41 -33.88 -32.44
N ASP E 99 38.82 -32.70 -31.98
CA ASP E 99 39.74 -32.60 -30.84
C ASP E 99 38.92 -32.57 -29.53
N TYR E 100 37.75 -31.92 -29.59
CA TYR E 100 36.79 -31.85 -28.50
C TYR E 100 35.37 -32.03 -29.04
N LEU E 101 34.49 -32.66 -28.25
CA LEU E 101 33.09 -32.84 -28.64
C LEU E 101 32.13 -32.29 -27.58
N VAL E 102 31.08 -31.60 -28.05
CA VAL E 102 29.99 -31.12 -27.21
C VAL E 102 28.65 -31.74 -27.66
N ILE E 103 28.02 -32.51 -26.76
CA ILE E 103 26.73 -33.14 -27.05
C ILE E 103 25.59 -32.31 -26.44
N ALA E 104 24.66 -31.87 -27.30
CA ALA E 104 23.57 -30.99 -26.87
C ALA E 104 22.32 -31.20 -27.71
N THR E 105 21.82 -32.42 -27.72
CA THR E 105 20.72 -32.83 -28.62
C THR E 105 19.32 -32.67 -28.02
N GLY E 106 19.24 -32.08 -26.84
CA GLY E 106 17.96 -31.82 -26.17
C GLY E 106 17.23 -33.07 -25.72
N PRO E 107 15.90 -32.97 -25.56
CA PRO E 107 15.06 -34.08 -25.11
C PRO E 107 14.67 -35.05 -26.20
N LYS E 108 14.71 -36.34 -25.88
CA LYS E 108 14.04 -37.36 -26.69
C LYS E 108 12.76 -37.80 -25.97
N LEU E 109 11.63 -37.58 -26.65
CA LEU E 109 10.29 -37.64 -26.04
C LEU E 109 9.75 -39.05 -25.89
N VAL E 110 9.18 -39.34 -24.71
CA VAL E 110 8.54 -40.62 -24.45
C VAL E 110 7.08 -40.42 -24.03
N PHE E 111 6.17 -40.88 -24.88
CA PHE E 111 4.73 -40.81 -24.61
C PHE E 111 4.30 -42.07 -23.85
N GLY E 112 4.71 -42.12 -22.58
CA GLY E 112 4.55 -43.30 -21.72
C GLY E 112 3.14 -43.80 -21.48
N ALA E 113 2.16 -42.92 -21.44
CA ALA E 113 0.77 -43.34 -21.26
C ALA E 113 0.21 -44.10 -22.47
N GLU E 114 -0.64 -45.09 -22.19
CA GLU E 114 -1.35 -45.84 -23.23
C GLU E 114 -2.30 -44.96 -24.04
N GLY E 115 -2.01 -44.84 -25.34
CA GLY E 115 -2.84 -44.04 -26.23
C GLY E 115 -2.49 -42.55 -26.26
N GLN E 116 -1.43 -42.17 -25.55
CA GLN E 116 -1.06 -40.76 -25.43
C GLN E 116 -0.66 -40.15 -26.77
N GLU E 117 0.27 -40.79 -27.48
CA GLU E 117 0.76 -40.23 -28.74
C GLU E 117 -0.36 -40.05 -29.76
N GLU E 118 -1.27 -41.02 -29.82
CA GLU E 118 -2.36 -41.04 -30.80
C GLU E 118 -3.58 -40.18 -30.42
N ASN E 119 -3.93 -40.15 -29.13
CA ASN E 119 -5.17 -39.50 -28.68
C ASN E 119 -5.02 -38.11 -28.04
N SER E 120 -3.86 -37.85 -27.45
CA SER E 120 -3.61 -36.58 -26.75
C SER E 120 -2.97 -35.56 -27.68
N THR E 121 -2.61 -34.41 -27.12
CA THR E 121 -1.77 -33.42 -27.81
C THR E 121 -0.56 -33.04 -26.96
N SER E 122 0.48 -32.51 -27.61
CA SER E 122 1.64 -31.99 -26.91
C SER E 122 2.16 -30.70 -27.56
N ILE E 123 3.10 -30.03 -26.87
CA ILE E 123 3.61 -28.71 -27.27
C ILE E 123 5.14 -28.60 -27.20
N CYS E 124 5.84 -29.72 -27.11
CA CYS E 124 7.30 -29.75 -26.95
C CYS E 124 8.14 -29.42 -28.18
N THR E 125 7.57 -29.56 -29.38
CA THR E 125 8.22 -29.14 -30.62
C THR E 125 7.28 -28.19 -31.36
N ALA E 126 7.81 -27.45 -32.33
CA ALA E 126 7.00 -26.54 -33.15
C ALA E 126 6.01 -27.32 -34.01
N GLU E 127 6.43 -28.50 -34.47
CA GLU E 127 5.55 -29.41 -35.21
C GLU E 127 4.37 -29.86 -34.36
N HIS E 128 4.63 -30.34 -33.14
CA HIS E 128 3.56 -30.75 -32.22
C HIS E 128 2.66 -29.58 -31.83
N ALA E 129 3.29 -28.44 -31.53
CA ALA E 129 2.58 -27.19 -31.17
C ALA E 129 1.58 -26.70 -32.22
N LEU E 130 1.96 -26.82 -33.50
CA LEU E 130 1.10 -26.39 -34.60
C LEU E 130 -0.08 -27.34 -34.82
N GLU E 131 0.14 -28.62 -34.52
CA GLU E 131 -0.91 -29.63 -34.60
C GLU E 131 -1.92 -29.49 -33.46
N THR E 132 -1.43 -29.09 -32.28
CA THR E 132 -2.30 -28.80 -31.12
C THR E 132 -3.28 -27.64 -31.39
N GLN E 133 -2.82 -26.63 -32.13
CA GLN E 133 -3.65 -25.48 -32.52
C GLN E 133 -4.87 -25.92 -33.35
N LYS E 134 -4.67 -26.91 -34.22
CA LYS E 134 -5.74 -27.48 -35.03
C LYS E 134 -6.87 -28.10 -34.21
N LYS E 135 -6.50 -28.84 -33.16
CA LYS E 135 -7.48 -29.48 -32.28
C LYS E 135 -8.22 -28.51 -31.36
N LEU E 136 -7.59 -27.38 -31.06
CA LEU E 136 -8.22 -26.33 -30.23
C LEU E 136 -9.40 -25.67 -30.93
N GLN E 137 -9.29 -25.52 -32.25
CA GLN E 137 -10.38 -25.02 -33.08
C GLN E 137 -11.59 -25.97 -33.08
N GLU E 138 -11.32 -27.27 -33.02
CA GLU E 138 -12.36 -28.29 -32.87
C GLU E 138 -13.07 -28.16 -31.53
N LEU E 139 -12.31 -27.79 -30.49
CA LEU E 139 -12.84 -27.61 -29.14
C LEU E 139 -13.78 -26.41 -29.01
N TYR E 140 -13.40 -25.29 -29.63
CA TYR E 140 -14.23 -24.07 -29.60
C TYR E 140 -15.56 -24.28 -30.33
N ALA E 141 -15.53 -25.06 -31.41
CA ALA E 141 -16.70 -25.33 -32.22
C ALA E 141 -17.70 -26.24 -31.47
N ASN E 142 -17.17 -27.25 -30.79
CA ASN E 142 -17.95 -28.18 -29.97
C ASN E 142 -17.37 -28.28 -28.55
N PRO E 143 -17.76 -27.37 -27.63
CA PRO E 143 -17.23 -27.34 -26.26
C PRO E 143 -17.42 -28.66 -25.47
N GLY E 144 -16.44 -28.99 -24.64
CA GLY E 144 -16.46 -30.20 -23.81
C GLY E 144 -15.37 -30.19 -22.75
N PRO E 145 -15.32 -31.25 -21.91
CA PRO E 145 -14.34 -31.36 -20.80
C PRO E 145 -12.88 -31.38 -21.26
N VAL E 146 -12.03 -30.65 -20.54
CA VAL E 146 -10.60 -30.55 -20.85
C VAL E 146 -9.76 -31.14 -19.70
N VAL E 147 -8.74 -31.94 -20.04
CA VAL E 147 -7.72 -32.31 -19.03
C VAL E 147 -6.25 -32.17 -19.51
N ILE E 148 -5.45 -31.50 -18.69
CA ILE E 148 -4.07 -31.16 -19.00
C ILE E 148 -3.21 -31.69 -17.86
N GLY E 149 -1.94 -32.00 -18.13
CA GLY E 149 -1.03 -32.41 -17.06
C GLY E 149 0.28 -33.07 -17.46
N ALA E 150 0.83 -33.85 -16.53
CA ALA E 150 2.10 -34.57 -16.70
C ALA E 150 1.96 -36.05 -16.33
N ILE E 151 2.70 -36.91 -17.02
CA ILE E 151 2.73 -38.36 -16.75
C ILE E 151 3.90 -38.70 -15.82
N PRO E 152 4.02 -39.96 -15.36
CA PRO E 152 5.20 -40.31 -14.55
C PRO E 152 6.51 -40.14 -15.32
N GLY E 153 7.55 -39.64 -14.65
CA GLY E 153 8.89 -39.50 -15.25
C GLY E 153 9.16 -38.12 -15.81
N VAL E 154 8.12 -37.29 -15.88
CA VAL E 154 8.24 -35.95 -16.44
C VAL E 154 9.24 -35.09 -15.66
N SER E 155 9.99 -34.26 -16.38
CA SER E 155 10.98 -33.39 -15.76
C SER E 155 10.78 -31.90 -16.10
N CSS E 156 9.78 -31.61 -16.89
CA CSS E 156 9.51 -30.26 -17.38
CB CSS E 156 9.90 -30.21 -18.87
SG CSS E 156 10.43 -28.60 -19.39
SG CSS E 156 9.78 -28.57 -19.54
SD CSS E 156 11.16 -27.48 -18.53
C CSS E 156 8.03 -29.98 -17.19
O CSS E 156 7.22 -30.44 -18.02
N PHE E 157 7.69 -29.30 -16.13
CA PHE E 157 6.30 -29.10 -15.72
C PHE E 157 5.74 -27.70 -16.05
N GLY E 158 6.59 -26.69 -15.99
CA GLY E 158 6.21 -25.29 -16.26
C GLY E 158 5.28 -25.03 -17.44
N PRO E 159 5.64 -25.52 -18.65
CA PRO E 159 4.85 -25.35 -19.88
C PRO E 159 3.41 -25.90 -19.82
N ALA E 160 3.20 -26.92 -19.00
CA ALA E 160 1.87 -27.48 -18.76
C ALA E 160 0.99 -26.53 -17.94
N TYR E 161 1.59 -25.92 -16.91
CA TYR E 161 0.91 -24.87 -16.13
C TYR E 161 0.60 -23.63 -17.00
N GLU E 162 1.56 -23.22 -17.83
CA GLU E 162 1.40 -22.09 -18.77
C GLU E 162 0.21 -22.33 -19.70
N PHE E 163 0.16 -23.53 -20.27
CA PHE E 163 -0.84 -23.90 -21.28
C PHE E 163 -2.26 -23.93 -20.70
N ALA E 164 -2.41 -24.53 -19.51
CA ALA E 164 -3.68 -24.55 -18.79
C ALA E 164 -4.23 -23.14 -18.56
N LEU E 165 -3.39 -22.24 -18.08
CA LEU E 165 -3.83 -20.87 -17.79
C LEU E 165 -4.09 -20.01 -19.01
N MET E 166 -3.23 -20.15 -20.03
CA MET E 166 -3.44 -19.50 -21.32
C MET E 166 -4.75 -19.94 -21.98
N LEU E 167 -5.05 -21.25 -21.88
CA LEU E 167 -6.30 -21.80 -22.42
C LEU E 167 -7.54 -21.31 -21.66
N HIS E 168 -7.44 -21.25 -20.33
CA HIS E 168 -8.50 -20.66 -19.52
C HIS E 168 -8.78 -19.22 -19.98
N TYR E 169 -7.70 -18.47 -20.22
CA TYR E 169 -7.77 -17.08 -20.66
C TYR E 169 -8.46 -16.91 -22.02
N GLU E 170 -8.12 -17.78 -22.96
CA GLU E 170 -8.71 -17.79 -24.30
C GLU E 170 -10.23 -18.00 -24.24
N LEU E 171 -10.65 -19.03 -23.50
CA LEU E 171 -12.06 -19.37 -23.31
C LEU E 171 -12.87 -18.22 -22.69
N LYS E 172 -12.27 -17.53 -21.73
CA LYS E 172 -12.87 -16.35 -21.10
C LYS E 172 -13.13 -15.21 -22.10
N LYS E 173 -12.16 -14.96 -22.99
CA LYS E 173 -12.31 -13.93 -24.01
C LYS E 173 -13.38 -14.31 -25.05
N ARG E 174 -13.55 -15.61 -25.27
CA ARG E 174 -14.60 -16.13 -26.16
C ARG E 174 -15.96 -16.27 -25.46
N GLY E 175 -15.98 -16.09 -24.14
CA GLY E 175 -17.20 -16.17 -23.35
C GLY E 175 -17.83 -17.56 -23.28
N ILE E 176 -17.01 -18.60 -23.33
CA ILE E 176 -17.50 -19.99 -23.25
C ILE E 176 -16.88 -20.83 -22.10
N ARG E 177 -16.21 -20.17 -21.16
CA ARG E 177 -15.51 -20.86 -20.06
C ARG E 177 -16.50 -21.55 -19.11
N TYR E 178 -17.70 -20.96 -18.96
CA TYR E 178 -18.75 -21.57 -18.14
C TYR E 178 -19.34 -22.84 -18.77
N LYS E 179 -18.86 -23.20 -19.95
CA LYS E 179 -19.29 -24.40 -20.67
C LYS E 179 -18.20 -25.47 -20.74
N VAL E 180 -17.01 -25.14 -20.21
CA VAL E 180 -15.83 -26.01 -20.32
C VAL E 180 -15.22 -26.33 -18.96
N PRO E 181 -15.46 -27.55 -18.43
CA PRO E 181 -14.73 -28.02 -17.26
C PRO E 181 -13.25 -28.20 -17.59
N MET E 182 -12.38 -27.89 -16.63
CA MET E 182 -10.92 -28.03 -16.76
C MET E 182 -10.33 -28.74 -15.52
N THR E 183 -9.52 -29.77 -15.77
CA THR E 183 -8.82 -30.54 -14.73
C THR E 183 -7.33 -30.67 -15.08
N PHE E 184 -6.48 -30.39 -14.09
CA PHE E 184 -5.02 -30.54 -14.20
C PHE E 184 -4.57 -31.77 -13.38
N ILE E 185 -3.97 -32.76 -14.05
CA ILE E 185 -3.49 -33.99 -13.38
C ILE E 185 -1.97 -34.13 -13.47
N THR E 186 -1.30 -34.26 -12.32
CA THR E 186 0.17 -34.31 -12.29
C THR E 186 0.82 -35.46 -11.47
N SER E 187 2.02 -35.88 -11.91
CA SER E 187 2.88 -36.80 -11.16
C SER E 187 3.60 -36.14 -9.98
N GLU E 188 3.66 -34.80 -9.99
CA GLU E 188 4.18 -34.04 -8.85
C GLU E 188 3.48 -34.47 -7.58
N PRO E 189 4.20 -34.51 -6.43
CA PRO E 189 3.54 -34.78 -5.15
C PRO E 189 2.53 -33.70 -4.76
N TYR E 190 2.74 -32.47 -5.25
CA TYR E 190 1.85 -31.33 -5.01
C TYR E 190 1.99 -30.29 -6.12
N LEU E 191 1.00 -29.41 -6.26
CA LEU E 191 1.08 -28.28 -7.23
C LEU E 191 2.26 -27.37 -6.93
N GLY E 192 2.99 -26.96 -7.96
CA GLY E 192 4.15 -26.09 -7.78
C GLY E 192 5.41 -26.77 -7.27
N HIS E 193 5.48 -28.09 -7.40
CA HIS E 193 6.72 -28.81 -7.09
C HIS E 193 7.78 -28.57 -8.20
N PHE E 194 7.34 -28.68 -9.46
CA PHE E 194 8.19 -28.43 -10.66
C PHE E 194 9.42 -29.34 -10.79
N GLY E 195 9.50 -30.40 -9.98
CA GLY E 195 10.68 -31.28 -9.98
C GLY E 195 11.89 -30.65 -9.29
N VAL E 196 11.66 -29.56 -8.55
CA VAL E 196 12.74 -28.87 -7.83
C VAL E 196 12.47 -28.79 -6.31
N GLY E 197 11.40 -29.42 -5.85
CA GLY E 197 11.00 -29.35 -4.45
C GLY E 197 10.43 -28.00 -4.06
N GLY E 198 9.89 -27.27 -5.04
CA GLY E 198 9.29 -25.96 -4.79
C GLY E 198 10.28 -24.82 -4.94
N ILE E 199 9.77 -23.64 -5.27
CA ILE E 199 10.55 -22.40 -5.31
C ILE E 199 9.81 -21.39 -4.43
N GLY E 200 10.37 -21.15 -3.24
CA GLY E 200 9.69 -20.34 -2.24
C GLY E 200 8.33 -20.94 -1.94
N ALA E 201 7.33 -20.08 -1.86
CA ALA E 201 5.95 -20.53 -1.61
C ALA E 201 5.17 -20.75 -2.91
N SER E 202 5.80 -21.42 -3.89
CA SER E 202 5.18 -21.71 -5.18
C SER E 202 3.92 -22.60 -5.08
N LYS E 203 3.90 -23.53 -4.12
CA LYS E 203 2.74 -24.42 -3.91
C LYS E 203 1.47 -23.64 -3.52
N ARG E 204 1.60 -22.77 -2.52
CA ARG E 204 0.51 -21.89 -2.08
C ARG E 204 -0.01 -21.01 -3.22
N LEU E 205 0.91 -20.37 -3.96
CA LEU E 205 0.59 -19.47 -5.10
C LEU E 205 -0.24 -20.13 -6.19
N VAL E 206 0.23 -21.28 -6.69
CA VAL E 206 -0.47 -22.02 -7.75
C VAL E 206 -1.81 -22.58 -7.25
N GLU E 207 -1.84 -23.04 -6.00
CA GLU E 207 -3.08 -23.51 -5.38
C GLU E 207 -4.16 -22.42 -5.37
N ASP E 208 -3.80 -21.22 -4.92
CA ASP E 208 -4.72 -20.07 -4.92
C ASP E 208 -5.10 -19.64 -6.32
N LEU E 209 -4.13 -19.66 -7.23
CA LEU E 209 -4.37 -19.34 -8.63
C LEU E 209 -5.42 -20.25 -9.30
N PHE E 210 -5.32 -21.55 -9.03
CA PHE E 210 -6.21 -22.56 -9.61
C PHE E 210 -7.63 -22.44 -9.04
N ALA E 211 -7.72 -22.10 -7.76
CA ALA E 211 -8.99 -21.82 -7.09
C ALA E 211 -9.73 -20.61 -7.67
N GLU E 212 -9.03 -19.48 -7.82
CA GLU E 212 -9.60 -18.24 -8.38
C GLU E 212 -10.04 -18.39 -9.84
N ARG E 213 -9.39 -19.26 -10.58
CA ARG E 213 -9.68 -19.42 -12.00
C ARG E 213 -10.39 -20.73 -12.36
N ASN E 214 -10.92 -21.41 -11.34
CA ASN E 214 -11.71 -22.65 -11.47
C ASN E 214 -11.03 -23.77 -12.26
N ILE E 215 -9.75 -24.02 -11.97
CA ILE E 215 -9.08 -25.19 -12.54
C ILE E 215 -8.92 -26.29 -11.49
N ASP E 216 -9.70 -27.37 -11.64
CA ASP E 216 -9.64 -28.51 -10.73
C ASP E 216 -8.29 -29.21 -10.91
N TRP E 217 -7.88 -30.00 -9.92
CA TRP E 217 -6.57 -30.67 -9.99
C TRP E 217 -6.49 -31.96 -9.17
N ILE E 218 -5.59 -32.84 -9.62
CA ILE E 218 -5.28 -34.13 -8.98
C ILE E 218 -3.76 -34.30 -9.05
N ALA E 219 -3.12 -34.34 -7.89
CA ALA E 219 -1.67 -34.48 -7.80
C ALA E 219 -1.30 -35.85 -7.21
N ASN E 220 -0.01 -36.21 -7.31
CA ASN E 220 0.53 -37.45 -6.71
C ASN E 220 -0.07 -38.75 -7.29
N VAL E 221 -0.46 -38.73 -8.57
CA VAL E 221 -1.02 -39.91 -9.25
C VAL E 221 -0.31 -40.22 -10.58
N ALA E 222 -0.51 -41.42 -11.08
CA ALA E 222 0.14 -41.86 -12.32
C ALA E 222 -0.86 -42.09 -13.46
N VAL E 223 -0.86 -41.18 -14.44
CA VAL E 223 -1.67 -41.29 -15.66
C VAL E 223 -1.21 -42.52 -16.45
N LYS E 224 -2.13 -43.46 -16.69
CA LYS E 224 -1.83 -44.75 -17.33
C LYS E 224 -2.32 -44.83 -18.78
N ALA E 225 -3.41 -44.11 -19.07
CA ALA E 225 -4.07 -44.21 -20.38
C ALA E 225 -4.83 -42.94 -20.75
N ILE E 226 -4.73 -42.55 -22.02
CA ILE E 226 -5.54 -41.46 -22.59
C ILE E 226 -6.38 -41.98 -23.77
N GLU E 227 -7.68 -42.08 -23.54
CA GLU E 227 -8.62 -42.55 -24.56
C GLU E 227 -9.38 -41.36 -25.18
N PRO E 228 -10.08 -41.58 -26.31
CA PRO E 228 -10.75 -40.48 -27.04
C PRO E 228 -11.82 -39.74 -26.23
N ASP E 229 -12.27 -40.34 -25.14
CA ASP E 229 -13.38 -39.82 -24.35
C ASP E 229 -13.10 -39.77 -22.84
N LYS E 230 -11.95 -40.29 -22.43
CA LYS E 230 -11.56 -40.33 -21.02
C LYS E 230 -10.05 -40.41 -20.80
N VAL E 231 -9.63 -40.03 -19.59
CA VAL E 231 -8.24 -40.13 -19.14
C VAL E 231 -8.25 -41.02 -17.89
N ILE E 232 -7.34 -42.01 -17.87
CA ILE E 232 -7.29 -43.00 -16.77
C ILE E 232 -6.00 -42.88 -15.96
N TYR E 233 -6.13 -42.81 -14.64
CA TYR E 233 -4.98 -42.73 -13.75
C TYR E 233 -5.05 -43.74 -12.58
N GLU E 234 -3.91 -43.94 -11.94
CA GLU E 234 -3.79 -44.86 -10.83
C GLU E 234 -3.19 -44.12 -9.62
N ASP E 235 -3.80 -44.30 -8.45
CA ASP E 235 -3.32 -43.66 -7.22
C ASP E 235 -2.32 -44.55 -6.47
N LEU E 236 -1.78 -44.03 -5.37
CA LEU E 236 -0.76 -44.74 -4.59
C LEU E 236 -1.23 -46.04 -3.92
N ASN E 237 -2.54 -46.18 -3.69
CA ASN E 237 -3.08 -47.43 -3.17
C ASN E 237 -3.32 -48.47 -4.28
N GLY E 238 -3.04 -48.08 -5.53
CA GLY E 238 -3.20 -48.97 -6.68
C GLY E 238 -4.60 -49.06 -7.25
N ASN E 239 -5.48 -48.13 -6.86
CA ASN E 239 -6.85 -48.08 -7.40
C ASN E 239 -6.94 -47.24 -8.68
N THR E 240 -7.77 -47.71 -9.61
CA THR E 240 -7.94 -47.06 -10.91
C THR E 240 -9.11 -46.07 -10.94
N HIS E 241 -8.96 -44.97 -11.68
CA HIS E 241 -10.00 -43.94 -11.83
C HIS E 241 -10.05 -43.41 -13.25
N GLU E 242 -11.19 -42.80 -13.61
CA GLU E 242 -11.33 -42.15 -14.92
C GLU E 242 -11.96 -40.75 -14.84
N VAL E 243 -11.62 -39.91 -15.81
CA VAL E 243 -12.13 -38.53 -15.92
C VAL E 243 -12.55 -38.26 -17.39
N PRO E 244 -13.78 -37.76 -17.61
CA PRO E 244 -14.28 -37.41 -18.96
C PRO E 244 -13.43 -36.35 -19.67
N ALA E 245 -13.27 -36.47 -20.99
CA ALA E 245 -12.40 -35.56 -21.74
C ALA E 245 -12.62 -35.53 -23.25
N LYS E 246 -12.97 -34.37 -23.78
CA LYS E 246 -13.02 -34.17 -25.23
C LYS E 246 -11.66 -33.70 -25.78
N PHE E 247 -10.94 -32.91 -24.97
CA PHE E 247 -9.63 -32.41 -25.35
C PHE E 247 -8.63 -32.61 -24.21
N THR E 248 -7.41 -33.02 -24.56
CA THR E 248 -6.32 -33.19 -23.58
C THR E 248 -4.97 -32.73 -24.13
N MET E 249 -4.07 -32.34 -23.20
CA MET E 249 -2.68 -31.99 -23.51
C MET E 249 -1.79 -32.47 -22.37
N PHE E 250 -0.92 -33.47 -22.64
CA PHE E 250 -0.01 -33.99 -21.63
C PHE E 250 1.48 -33.84 -21.96
N MET E 251 2.31 -33.63 -20.94
CA MET E 251 3.77 -33.63 -21.10
C MET E 251 4.29 -35.06 -21.17
N PRO E 252 5.14 -35.36 -22.16
CA PRO E 252 5.84 -36.65 -22.17
C PRO E 252 7.08 -36.58 -21.29
N SER E 253 7.64 -37.74 -20.93
CA SER E 253 8.92 -37.83 -20.22
C SER E 253 10.09 -37.81 -21.20
N PHE E 254 11.30 -37.64 -20.66
CA PHE E 254 12.51 -37.52 -21.50
C PHE E 254 13.49 -38.67 -21.27
N GLN E 255 14.16 -39.10 -22.34
CA GLN E 255 15.33 -39.96 -22.24
C GLN E 255 16.42 -39.43 -23.17
N GLY E 256 17.57 -40.12 -23.22
CA GLY E 256 18.65 -39.75 -24.12
C GLY E 256 18.49 -40.36 -25.51
N PRO E 257 19.26 -39.86 -26.50
CA PRO E 257 19.14 -40.32 -27.88
C PRO E 257 19.99 -41.56 -28.17
N GLU E 258 19.72 -42.21 -29.29
CA GLU E 258 20.49 -43.41 -29.68
C GLU E 258 21.93 -43.08 -30.08
N VAL E 259 22.18 -41.84 -30.50
CA VAL E 259 23.53 -41.38 -30.87
C VAL E 259 24.47 -41.33 -29.65
N VAL E 260 23.92 -41.05 -28.47
CA VAL E 260 24.68 -41.11 -27.22
C VAL E 260 24.89 -42.58 -26.79
N ALA E 261 23.83 -43.38 -26.87
CA ALA E 261 23.90 -44.81 -26.57
C ALA E 261 24.98 -45.52 -27.40
N SER E 262 25.18 -45.06 -28.63
CA SER E 262 26.16 -45.66 -29.55
C SER E 262 27.60 -45.57 -29.03
N ALA E 263 27.86 -44.59 -28.17
CA ALA E 263 29.15 -44.52 -27.46
C ALA E 263 29.16 -45.55 -26.31
N GLY E 264 30.23 -45.58 -25.52
CA GLY E 264 30.33 -46.57 -24.43
C GLY E 264 29.27 -46.42 -23.36
N ASP E 265 29.15 -47.42 -22.48
CA ASP E 265 28.38 -47.22 -21.25
C ASP E 265 29.20 -46.41 -20.24
N LYS E 266 30.27 -45.81 -20.75
CA LYS E 266 31.06 -44.82 -20.02
C LYS E 266 30.62 -43.40 -20.41
N VAL E 267 29.85 -43.31 -21.49
CA VAL E 267 29.31 -42.04 -22.00
C VAL E 267 27.78 -41.96 -21.78
N ALA E 268 27.08 -43.04 -22.15
CA ALA E 268 25.64 -43.14 -22.01
C ALA E 268 25.27 -43.73 -20.65
N ASN E 269 24.49 -42.99 -19.87
CA ASN E 269 23.94 -43.45 -18.60
C ASN E 269 23.08 -44.70 -18.84
N PRO E 270 23.38 -45.80 -18.13
CA PRO E 270 22.73 -47.08 -18.42
C PRO E 270 21.26 -47.17 -17.99
N ALA E 271 20.73 -46.10 -17.40
CA ALA E 271 19.34 -46.07 -16.95
C ALA E 271 18.42 -45.27 -17.89
N ASN E 272 18.93 -44.16 -18.44
CA ASN E 272 18.11 -43.23 -19.23
C ASN E 272 18.73 -42.75 -20.55
N LYS E 273 19.93 -43.25 -20.86
CA LYS E 273 20.67 -42.89 -22.09
C LYS E 273 21.22 -41.45 -22.18
N MET E 274 21.06 -40.64 -21.12
CA MET E 274 21.58 -39.26 -21.11
C MET E 274 23.11 -39.23 -20.87
N VAL E 275 23.74 -38.09 -21.18
CA VAL E 275 25.20 -37.99 -21.14
C VAL E 275 25.75 -37.92 -19.72
N ILE E 276 26.65 -38.86 -19.40
CA ILE E 276 27.37 -38.88 -18.12
C ILE E 276 28.39 -37.75 -18.06
N VAL E 277 28.19 -36.82 -17.14
CA VAL E 277 29.11 -35.69 -16.93
C VAL E 277 29.48 -35.56 -15.45
N ASN E 278 30.54 -34.78 -15.19
CA ASN E 278 30.92 -34.43 -13.83
C ASN E 278 30.54 -32.98 -13.50
N ARG E 279 31.13 -32.41 -12.45
CA ARG E 279 30.79 -31.06 -12.00
C ARG E 279 31.09 -29.98 -13.03
N CYS E 280 32.12 -30.22 -13.84
CA CYS E 280 32.58 -29.30 -14.85
C CYS E 280 31.92 -29.61 -16.21
N PHE E 281 30.88 -30.44 -16.16
CA PHE E 281 30.12 -30.87 -17.36
C PHE E 281 30.98 -31.59 -18.42
N GLN E 282 31.98 -32.31 -17.91
CA GLN E 282 32.95 -33.08 -18.69
C GLN E 282 32.74 -34.57 -18.38
N ASN E 283 32.83 -35.44 -19.40
CA ASN E 283 32.79 -36.89 -19.19
C ASN E 283 33.99 -37.36 -18.37
N PRO E 284 33.76 -38.21 -17.35
CA PRO E 284 34.88 -38.62 -16.49
C PRO E 284 35.97 -39.45 -17.19
N THR E 285 35.59 -40.27 -18.17
CA THR E 285 36.58 -41.16 -18.79
C THR E 285 37.18 -40.62 -20.09
N TYR E 286 36.32 -40.06 -20.95
CA TYR E 286 36.76 -39.34 -22.16
C TYR E 286 36.71 -37.84 -21.89
N LYS E 287 37.86 -37.28 -21.54
CA LYS E 287 37.95 -35.93 -21.03
C LYS E 287 37.79 -34.82 -22.08
N ASN E 288 37.76 -35.20 -23.35
CA ASN E 288 37.51 -34.25 -24.43
C ASN E 288 36.06 -34.28 -24.91
N ILE E 289 35.21 -34.95 -24.15
CA ILE E 289 33.77 -34.96 -24.39
C ILE E 289 33.04 -34.20 -23.27
N PHE E 290 32.15 -33.28 -23.68
CA PHE E 290 31.38 -32.44 -22.77
C PHE E 290 29.89 -32.54 -23.12
N GLY E 291 29.02 -32.27 -22.15
CA GLY E 291 27.57 -32.22 -22.38
C GLY E 291 26.92 -30.92 -21.96
N VAL E 292 25.92 -30.48 -22.74
CA VAL E 292 25.22 -29.23 -22.45
C VAL E 292 23.70 -29.38 -22.69
N GLY E 293 22.91 -28.97 -21.69
CA GLY E 293 21.46 -28.82 -21.86
C GLY E 293 20.65 -29.99 -21.33
N VAL E 294 19.46 -30.18 -21.87
CA VAL E 294 18.56 -31.25 -21.41
C VAL E 294 19.15 -32.67 -21.46
N VAL E 295 20.10 -32.88 -22.37
CA VAL E 295 20.68 -34.22 -22.62
C VAL E 295 21.63 -34.70 -21.52
N THR E 296 22.01 -33.82 -20.60
CA THR E 296 22.94 -34.20 -19.54
C THR E 296 22.20 -34.96 -18.45
N ALA E 297 22.87 -35.93 -17.85
CA ALA E 297 22.29 -36.73 -16.77
C ALA E 297 22.61 -36.10 -15.42
N ILE E 298 21.57 -35.53 -14.81
CA ILE E 298 21.65 -34.90 -13.50
C ILE E 298 20.69 -35.65 -12.59
N PRO E 299 21.17 -36.07 -11.40
CA PRO E 299 20.29 -36.80 -10.47
C PRO E 299 19.09 -35.95 -10.06
N PRO E 300 17.92 -36.59 -9.82
CA PRO E 300 16.77 -35.86 -9.27
C PRO E 300 17.09 -35.19 -7.95
N ILE E 301 16.46 -34.04 -7.71
CA ILE E 301 16.64 -33.30 -6.46
C ILE E 301 16.07 -34.11 -5.29
N GLU E 302 14.91 -34.74 -5.51
CA GLU E 302 14.33 -35.68 -4.56
C GLU E 302 13.60 -36.84 -5.26
N LYS E 303 13.56 -37.98 -4.59
CA LYS E 303 12.82 -39.15 -5.04
C LYS E 303 11.35 -39.04 -4.58
N THR E 304 10.46 -38.76 -5.53
CA THR E 304 9.05 -38.52 -5.23
C THR E 304 8.24 -39.82 -5.40
N PRO E 305 7.10 -39.95 -4.68
CA PRO E 305 6.27 -41.16 -4.72
C PRO E 305 5.94 -41.65 -6.14
N ILE E 306 5.52 -40.74 -7.01
CA ILE E 306 5.47 -41.01 -8.45
C ILE E 306 6.75 -40.41 -9.07
N PRO E 307 7.51 -41.20 -9.85
CA PRO E 307 8.81 -40.74 -10.36
C PRO E 307 8.76 -39.38 -11.07
N THR E 308 9.78 -38.57 -10.82
CA THR E 308 9.84 -37.18 -11.24
C THR E 308 11.31 -36.75 -11.38
N GLY E 309 11.59 -35.85 -12.33
CA GLY E 309 12.97 -35.43 -12.63
C GLY E 309 13.22 -33.92 -12.64
N VAL E 310 14.48 -33.54 -12.81
CA VAL E 310 14.91 -32.14 -12.66
C VAL E 310 14.92 -31.40 -14.02
N PRO E 311 14.33 -30.19 -14.07
CA PRO E 311 14.34 -29.45 -15.33
C PRO E 311 15.68 -28.80 -15.63
N LYS E 312 15.95 -28.58 -16.92
CA LYS E 312 17.07 -27.78 -17.37
C LYS E 312 16.51 -26.57 -18.09
N THR E 313 16.50 -25.42 -17.39
CA THR E 313 15.91 -24.19 -17.93
C THR E 313 16.94 -23.40 -18.71
N GLY E 314 16.47 -22.43 -19.48
CA GLY E 314 17.32 -21.60 -20.33
C GLY E 314 18.56 -21.02 -19.67
N MET E 315 18.39 -20.41 -18.50
CA MET E 315 19.50 -19.77 -17.79
C MET E 315 20.53 -20.80 -17.29
N MET E 316 20.06 -21.93 -16.78
CA MET E 316 20.91 -23.05 -16.36
C MET E 316 21.79 -23.49 -17.53
N ILE E 317 21.16 -23.64 -18.70
CA ILE E 317 21.85 -24.10 -19.91
C ILE E 317 22.89 -23.09 -20.42
N GLU E 318 22.58 -21.80 -20.35
CA GLU E 318 23.53 -20.74 -20.74
C GLU E 318 24.82 -20.75 -19.90
N GLN E 319 24.68 -21.08 -18.61
CA GLN E 319 25.81 -21.15 -17.69
C GLN E 319 26.65 -22.44 -17.90
N MET E 320 25.99 -23.55 -18.21
CA MET E 320 26.66 -24.80 -18.65
C MET E 320 27.55 -24.52 -19.87
N ALA E 321 27.01 -23.77 -20.82
CA ALA E 321 27.70 -23.38 -22.04
C ALA E 321 28.95 -22.53 -21.78
N MET E 322 28.85 -21.55 -20.90
CA MET E 322 30.01 -20.74 -20.47
C MET E 322 31.11 -21.58 -19.82
N ALA E 323 30.72 -22.46 -18.89
CA ALA E 323 31.70 -23.30 -18.17
C ALA E 323 32.42 -24.24 -19.12
N VAL E 324 31.67 -24.89 -20.01
CA VAL E 324 32.23 -25.83 -21.01
C VAL E 324 33.17 -25.13 -22.01
N ALA E 325 32.75 -23.98 -22.51
CA ALA E 325 33.57 -23.17 -23.42
C ALA E 325 34.92 -22.80 -22.77
N HIS E 326 34.87 -22.36 -21.51
CA HIS E 326 36.09 -22.00 -20.76
C HIS E 326 36.99 -23.20 -20.44
N ASN E 327 36.36 -24.35 -20.15
CA ASN E 327 37.09 -25.59 -19.87
C ASN E 327 37.86 -26.14 -21.09
N ILE E 328 37.24 -26.05 -22.27
CA ILE E 328 37.92 -26.39 -23.53
C ILE E 328 39.10 -25.44 -23.83
N VAL E 329 38.85 -24.12 -23.77
CA VAL E 329 39.87 -23.10 -24.05
C VAL E 329 41.10 -23.21 -23.13
N ASN E 330 40.86 -23.39 -21.82
CA ASN E 330 41.92 -23.60 -20.85
C ASN E 330 42.76 -24.87 -21.08
N ASP E 331 42.11 -25.95 -21.55
CA ASP E 331 42.84 -27.16 -21.87
C ASP E 331 43.82 -26.93 -23.01
N ILE E 332 43.39 -26.19 -24.03
CA ILE E 332 44.23 -25.83 -25.17
C ILE E 332 45.44 -24.98 -24.74
N ARG E 333 45.21 -24.08 -23.78
CA ARG E 333 46.20 -23.10 -23.35
C ARG E 333 47.06 -23.59 -22.18
N ASN E 334 47.02 -24.89 -21.92
CA ASN E 334 47.73 -25.52 -20.79
C ASN E 334 47.48 -24.82 -19.44
N ASN E 335 46.25 -24.40 -19.22
CA ASN E 335 45.84 -23.77 -17.98
C ASN E 335 45.06 -24.79 -17.15
N PRO E 336 45.56 -25.12 -15.94
CA PRO E 336 44.96 -26.14 -15.07
C PRO E 336 43.57 -25.78 -14.52
N ASP E 337 43.25 -24.48 -14.45
CA ASP E 337 41.97 -23.97 -13.95
C ASP E 337 40.76 -24.56 -14.68
N LYS E 338 39.76 -24.94 -13.89
CA LYS E 338 38.52 -25.55 -14.38
C LYS E 338 37.31 -24.87 -13.74
N TYR E 339 36.18 -24.90 -14.45
CA TYR E 339 34.97 -24.16 -14.07
C TYR E 339 33.70 -25.00 -14.02
N ALA E 340 32.87 -24.71 -13.03
CA ALA E 340 31.55 -25.30 -12.90
C ALA E 340 30.48 -24.21 -13.06
N PRO E 341 29.33 -24.54 -13.70
CA PRO E 341 28.25 -23.56 -13.79
C PRO E 341 27.54 -23.40 -12.44
N ARG E 342 27.00 -22.22 -12.20
CA ARG E 342 26.28 -21.92 -10.95
C ARG E 342 24.92 -22.60 -10.92
N LEU E 343 24.30 -22.72 -12.10
CA LEU E 343 22.98 -23.37 -12.25
C LEU E 343 21.86 -22.61 -11.51
N SER E 344 21.91 -21.28 -11.57
CA SER E 344 20.76 -20.48 -11.13
C SER E 344 19.74 -20.41 -12.27
N ALA E 345 18.52 -19.93 -11.98
CA ALA E 345 17.51 -19.73 -13.04
C ALA E 345 16.48 -18.64 -12.76
N ILE E 346 16.11 -17.91 -13.82
CA ILE E 346 14.94 -17.04 -13.84
C ILE E 346 13.95 -17.68 -14.82
N CYS E 347 12.77 -18.06 -14.32
CA CYS E 347 11.71 -18.62 -15.15
C CYS E 347 10.42 -17.82 -15.02
N ILE E 348 9.82 -17.49 -16.16
CA ILE E 348 8.54 -16.78 -16.20
C ILE E 348 7.46 -17.68 -16.82
N ALA E 349 6.40 -17.94 -16.06
CA ALA E 349 5.24 -18.69 -16.57
C ALA E 349 4.17 -17.71 -16.99
N ASP E 350 3.88 -17.68 -18.29
CA ASP E 350 2.95 -16.72 -18.90
C ASP E 350 1.51 -17.25 -18.84
N PHE E 351 0.58 -16.40 -18.37
CA PHE E 351 -0.83 -16.81 -18.24
C PHE E 351 -1.77 -16.15 -19.24
N GLY E 352 -1.26 -15.25 -20.08
CA GLY E 352 -2.10 -14.51 -21.02
C GLY E 352 -1.86 -13.01 -20.95
N GLU E 353 -2.44 -12.38 -19.94
CA GLU E 353 -2.26 -10.95 -19.66
C GLU E 353 -1.43 -10.71 -18.39
N ASP E 354 -1.24 -11.76 -17.60
CA ASP E 354 -0.34 -11.70 -16.46
C ASP E 354 0.52 -12.96 -16.36
N ALA E 355 1.49 -12.96 -15.46
CA ALA E 355 2.48 -14.04 -15.43
C ALA E 355 3.10 -14.24 -14.05
N GLY E 356 3.71 -15.42 -13.86
CA GLY E 356 4.44 -15.72 -12.63
C GLY E 356 5.95 -15.61 -12.83
N PHE E 357 6.62 -14.93 -11.92
CA PHE E 357 8.06 -14.77 -11.93
C PHE E 357 8.72 -15.63 -10.84
N PHE E 358 9.57 -16.56 -11.26
CA PHE E 358 10.28 -17.45 -10.33
C PHE E 358 11.79 -17.33 -10.51
N PHE E 359 12.50 -16.97 -9.44
CA PHE E 359 13.97 -16.93 -9.42
C PHE E 359 14.52 -17.85 -8.31
N ALA E 360 15.45 -18.73 -8.66
CA ALA E 360 16.11 -19.64 -7.70
C ALA E 360 17.63 -19.72 -7.96
N ASP E 361 18.44 -19.44 -6.93
CA ASP E 361 19.90 -19.42 -7.04
C ASP E 361 20.62 -20.20 -5.92
N PRO E 362 21.14 -21.41 -6.23
CA PRO E 362 20.97 -22.23 -7.43
C PRO E 362 19.63 -22.95 -7.46
N VAL E 363 19.24 -23.46 -8.62
CA VAL E 363 18.03 -24.28 -8.74
C VAL E 363 18.12 -25.52 -7.85
N ILE E 364 19.26 -26.20 -7.88
CA ILE E 364 19.55 -27.34 -7.02
C ILE E 364 19.99 -26.85 -5.63
N PRO E 365 19.19 -27.15 -4.57
CA PRO E 365 19.42 -26.77 -3.17
C PRO E 365 20.69 -27.36 -2.53
N PRO E 366 21.17 -26.75 -1.43
CA PRO E 366 20.65 -25.58 -0.71
C PRO E 366 20.79 -24.29 -1.50
N ARG E 367 19.82 -23.39 -1.34
CA ARG E 367 19.77 -22.15 -2.11
C ARG E 367 20.28 -20.94 -1.34
N GLU E 368 20.92 -20.02 -2.05
CA GLU E 368 21.30 -18.72 -1.50
C GLU E 368 20.09 -17.78 -1.42
N ARG E 369 19.20 -17.82 -2.42
CA ARG E 369 17.95 -17.04 -2.41
C ARG E 369 16.93 -17.40 -3.50
N VAL E 370 15.66 -17.04 -3.28
CA VAL E 370 14.57 -17.21 -4.26
C VAL E 370 13.68 -15.95 -4.34
N ILE E 371 12.94 -15.81 -5.45
CA ILE E 371 11.91 -14.77 -5.60
C ILE E 371 10.71 -15.35 -6.34
N THR E 372 9.52 -15.23 -5.74
CA THR E 372 8.25 -15.65 -6.39
C THR E 372 7.27 -14.48 -6.43
N LYS E 373 6.91 -14.05 -7.64
CA LYS E 373 6.02 -12.90 -7.86
C LYS E 373 5.02 -13.14 -8.99
N MET E 374 3.98 -12.32 -9.05
CA MET E 374 2.93 -12.43 -10.07
C MET E 374 2.33 -11.05 -10.40
N GLY E 375 2.20 -10.77 -11.70
CA GLY E 375 1.57 -9.54 -12.15
C GLY E 375 1.62 -9.36 -13.65
N LYS E 376 1.02 -8.26 -14.12
CA LYS E 376 0.98 -7.91 -15.54
C LYS E 376 2.37 -7.63 -16.11
N TRP E 377 3.21 -6.94 -15.33
CA TRP E 377 4.58 -6.59 -15.73
C TRP E 377 5.40 -7.80 -16.18
N ALA E 378 5.17 -8.95 -15.54
CA ALA E 378 5.94 -10.15 -15.83
C ALA E 378 5.59 -10.74 -17.21
N HIS E 379 4.34 -10.55 -17.64
CA HIS E 379 3.94 -10.98 -18.97
C HIS E 379 4.68 -10.17 -20.05
N TYR E 380 4.76 -8.85 -19.85
CA TYR E 380 5.48 -7.97 -20.77
C TYR E 380 6.99 -8.22 -20.73
N PHE E 381 7.47 -8.69 -19.58
CA PHE E 381 8.87 -9.06 -19.41
C PHE E 381 9.24 -10.28 -20.25
N LYS E 382 8.34 -11.27 -20.29
CA LYS E 382 8.56 -12.49 -21.06
C LYS E 382 8.60 -12.20 -22.56
N THR E 383 7.69 -11.34 -23.03
CA THR E 383 7.68 -10.91 -24.42
C THR E 383 8.97 -10.15 -24.77
N ALA E 384 9.42 -9.30 -23.84
CA ALA E 384 10.67 -8.55 -24.02
C ALA E 384 11.89 -9.46 -24.08
N PHE E 385 11.95 -10.49 -23.24
CA PHE E 385 13.06 -11.45 -23.33
C PHE E 385 13.04 -12.29 -24.62
N GLU E 386 11.84 -12.65 -25.07
CA GLU E 386 11.65 -13.29 -26.36
C GLU E 386 12.41 -12.53 -27.47
N LYS E 387 12.15 -11.22 -27.61
CA LYS E 387 12.77 -10.38 -28.65
C LYS E 387 14.28 -10.26 -28.48
N TYR E 388 14.71 -10.16 -27.23
CA TYR E 388 16.12 -9.95 -26.90
C TYR E 388 16.96 -11.18 -27.23
N PHE E 389 16.47 -12.36 -26.85
CA PHE E 389 17.20 -13.60 -27.09
C PHE E 389 17.34 -13.92 -28.57
N LEU E 390 16.27 -13.74 -29.34
CA LEU E 390 16.31 -13.98 -30.78
C LEU E 390 17.31 -13.06 -31.45
N TRP E 391 17.39 -11.83 -30.96
CA TRP E 391 18.35 -10.84 -31.45
C TRP E 391 19.79 -11.34 -31.25
N LYS E 392 20.07 -11.91 -30.07
CA LYS E 392 21.40 -12.45 -29.73
C LYS E 392 21.82 -13.59 -30.65
N VAL E 393 20.90 -14.51 -30.94
CA VAL E 393 21.11 -15.59 -31.91
C VAL E 393 21.49 -15.00 -33.28
N ARG E 394 20.70 -14.06 -33.76
CA ARG E 394 20.96 -13.41 -35.05
C ARG E 394 22.22 -12.54 -35.06
N ASN E 395 22.71 -12.15 -33.89
CA ASN E 395 23.88 -11.24 -33.80
C ASN E 395 25.18 -11.82 -33.23
N GLY E 396 25.23 -13.14 -33.02
CA GLY E 396 26.49 -13.83 -32.76
C GLY E 396 27.13 -13.75 -31.38
N ASN E 397 26.35 -13.38 -30.37
CA ASN E 397 26.84 -13.32 -29.00
C ASN E 397 25.72 -13.58 -27.99
N ILE E 398 25.71 -14.78 -27.42
CA ILE E 398 24.68 -15.16 -26.46
C ILE E 398 25.03 -14.67 -25.05
N ALA E 399 26.24 -14.14 -24.88
CA ALA E 399 26.70 -13.66 -23.56
C ALA E 399 27.41 -12.32 -23.62
N PRO E 400 26.69 -11.25 -24.03
CA PRO E 400 27.32 -9.92 -24.02
C PRO E 400 27.64 -9.50 -22.59
N SER E 401 28.78 -8.83 -22.43
CA SER E 401 29.34 -8.53 -21.10
C SER E 401 28.40 -7.71 -20.23
N PHE E 402 27.59 -6.85 -20.84
CA PHE E 402 26.66 -6.00 -20.09
C PHE E 402 25.59 -6.81 -19.36
N GLU E 403 25.19 -7.94 -19.95
CA GLU E 403 24.15 -8.80 -19.39
C GLU E 403 24.60 -9.40 -18.05
N GLU E 404 25.85 -9.87 -18.00
CA GLU E 404 26.45 -10.38 -16.77
C GLU E 404 26.48 -9.31 -15.67
N LYS E 405 27.00 -8.13 -16.00
CA LYS E 405 27.02 -6.98 -15.09
C LYS E 405 25.61 -6.59 -14.59
N VAL E 406 24.61 -6.63 -15.48
CA VAL E 406 23.22 -6.32 -15.11
C VAL E 406 22.57 -7.38 -14.19
N LEU E 407 22.77 -8.66 -14.48
CA LEU E 407 22.33 -9.74 -13.60
C LEU E 407 23.01 -9.65 -12.23
N GLU E 408 24.28 -9.26 -12.23
CA GLU E 408 25.05 -9.05 -11.02
C GLU E 408 24.47 -7.92 -10.14
N ILE E 409 24.19 -6.78 -10.75
CA ILE E 409 23.69 -5.63 -9.99
C ILE E 409 22.23 -5.75 -9.55
N PHE E 410 21.41 -6.47 -10.30
CA PHE E 410 20.00 -6.67 -9.93
C PHE E 410 19.72 -7.93 -9.09
N LEU E 411 20.37 -9.05 -9.42
CA LEU E 411 20.08 -10.33 -8.77
C LEU E 411 21.27 -10.99 -8.04
N LYS E 412 22.41 -10.31 -8.01
CA LYS E 412 23.65 -10.81 -7.37
C LYS E 412 24.16 -12.15 -7.96
N VAL E 413 23.87 -12.37 -9.23
CA VAL E 413 24.21 -13.62 -9.92
C VAL E 413 25.62 -13.59 -10.52
N HIS E 414 26.37 -14.68 -10.32
CA HIS E 414 27.58 -14.92 -11.09
CA HIS E 414 27.61 -14.94 -11.05
C HIS E 414 27.43 -16.26 -11.80
N PRO E 415 27.72 -16.28 -13.12
CA PRO E 415 27.39 -17.48 -13.92
C PRO E 415 28.20 -18.75 -13.69
N ILE E 416 29.48 -18.61 -13.34
CA ILE E 416 30.40 -19.77 -13.23
C ILE E 416 31.34 -19.63 -12.03
N GLU E 417 31.85 -20.76 -11.54
CA GLU E 417 32.78 -20.78 -10.40
C GLU E 417 34.02 -21.63 -10.71
N LEU E 418 35.18 -21.15 -10.28
CA LEU E 418 36.42 -21.92 -10.32
C LEU E 418 36.29 -23.18 -9.44
N CYS E 419 36.58 -24.34 -10.04
CA CYS E 419 36.36 -25.63 -9.41
C CYS E 419 37.68 -26.39 -9.15
N LYS E 420 38.00 -26.60 -7.87
CA LYS E 420 39.25 -27.26 -7.46
C LYS E 420 39.23 -28.80 -7.63
N ASP E 421 38.05 -29.36 -7.92
CA ASP E 421 37.86 -30.80 -8.05
C ASP E 421 36.55 -31.10 -8.77
N CYS E 422 36.63 -31.45 -10.05
CA CYS E 422 35.43 -31.73 -10.87
C CYS E 422 34.84 -33.12 -10.58
N GLU E 423 35.59 -33.95 -9.87
CA GLU E 423 35.23 -35.36 -9.68
C GLU E 423 34.04 -35.57 -8.74
N GLY E 424 32.83 -35.53 -9.31
CA GLY E 424 31.58 -35.72 -8.57
C GLY E 424 30.36 -35.47 -9.45
N ALA E 425 29.16 -35.68 -8.88
CA ALA E 425 27.89 -35.50 -9.60
C ALA E 425 27.68 -34.06 -10.11
N PRO E 426 27.08 -33.90 -11.30
CA PRO E 426 26.80 -32.55 -11.80
C PRO E 426 25.82 -31.82 -10.87
N GLY E 427 26.09 -30.55 -10.60
CA GLY E 427 25.28 -29.78 -9.65
C GLY E 427 25.67 -29.88 -8.18
N SER E 428 26.62 -30.76 -7.85
CA SER E 428 27.18 -30.84 -6.49
C SER E 428 28.32 -29.86 -6.31
N ARG E 429 28.60 -29.50 -5.06
CA ARG E 429 29.54 -28.41 -4.77
C ARG E 429 30.98 -28.92 -4.66
N CYS E 430 31.88 -28.30 -5.44
CA CYS E 430 33.32 -28.68 -5.46
C CYS E 430 33.92 -28.56 -4.06
N ALA F 2 31.39 4.55 -54.17
CA ALA F 2 30.74 4.77 -52.84
C ALA F 2 30.73 6.25 -52.48
N LYS F 3 29.69 6.68 -51.78
CA LYS F 3 29.61 8.04 -51.26
C LYS F 3 30.44 8.20 -49.98
N HIS F 4 30.80 9.43 -49.67
CA HIS F 4 31.60 9.72 -48.49
C HIS F 4 30.84 10.65 -47.54
N VAL F 5 30.59 10.14 -46.34
CA VAL F 5 29.97 10.92 -45.27
C VAL F 5 31.04 11.29 -44.25
N VAL F 6 31.16 12.58 -43.98
CA VAL F 6 32.03 13.07 -42.91
C VAL F 6 31.17 13.44 -41.71
N VAL F 7 31.55 12.89 -40.54
CA VAL F 7 30.91 13.19 -39.28
C VAL F 7 31.92 13.98 -38.43
N ILE F 8 31.57 15.22 -38.06
CA ILE F 8 32.42 16.01 -37.16
C ILE F 8 31.91 15.85 -35.73
N GLY F 9 32.72 15.22 -34.88
CA GLY F 9 32.38 14.99 -33.46
C GLY F 9 32.27 13.53 -33.07
N GLY F 10 33.06 13.12 -32.08
CA GLY F 10 33.05 11.73 -31.61
C GLY F 10 32.38 11.57 -30.26
N GLY F 11 31.11 11.94 -30.19
CA GLY F 11 30.33 11.86 -28.97
C GLY F 11 29.08 11.04 -29.20
N VAL F 12 28.03 11.31 -28.42
CA VAL F 12 26.77 10.59 -28.53
C VAL F 12 26.16 10.72 -29.93
N GLY F 13 26.00 11.95 -30.41
CA GLY F 13 25.39 12.20 -31.73
C GLY F 13 26.19 11.64 -32.90
N GLY F 14 27.51 11.90 -32.91
CA GLY F 14 28.38 11.47 -34.00
C GLY F 14 28.55 9.97 -34.15
N ILE F 15 28.93 9.29 -33.06
CA ILE F 15 29.06 7.82 -33.04
C ILE F 15 27.76 7.11 -33.42
N ALA F 16 26.63 7.58 -32.88
CA ALA F 16 25.32 6.99 -33.19
C ALA F 16 24.88 7.21 -34.64
N THR F 17 25.15 8.39 -35.19
CA THR F 17 24.85 8.64 -36.60
C THR F 17 25.73 7.73 -37.47
N ALA F 18 27.04 7.76 -37.22
CA ALA F 18 28.03 6.92 -37.92
C ALA F 18 27.77 5.41 -37.87
N TYR F 19 27.40 4.90 -36.69
CA TYR F 19 27.10 3.47 -36.52
C TYR F 19 25.78 3.09 -37.20
N ASN F 20 24.79 3.99 -37.14
CA ASN F 20 23.52 3.77 -37.85
C ASN F 20 23.73 3.74 -39.38
N LEU F 21 24.56 4.66 -39.88
CA LEU F 21 24.91 4.72 -41.30
C LEU F 21 25.61 3.44 -41.80
N ARG F 22 26.55 2.92 -41.02
CA ARG F 22 27.30 1.70 -41.35
C ARG F 22 26.40 0.45 -41.38
N ASN F 23 25.46 0.38 -40.44
CA ASN F 23 24.54 -0.76 -40.37
C ASN F 23 23.44 -0.72 -41.45
N LEU F 24 23.12 0.47 -41.94
CA LEU F 24 22.17 0.65 -43.04
C LEU F 24 22.81 0.44 -44.42
N MET F 25 24.11 0.72 -44.54
CA MET F 25 24.80 0.64 -45.81
C MET F 25 26.27 0.26 -45.61
N PRO F 26 26.57 -1.04 -45.69
CA PRO F 26 27.91 -1.60 -45.47
C PRO F 26 29.03 -1.03 -46.35
N ASP F 27 28.71 -0.61 -47.57
CA ASP F 27 29.76 -0.16 -48.49
C ASP F 27 29.94 1.37 -48.56
N LEU F 28 29.20 2.10 -47.75
CA LEU F 28 29.36 3.55 -47.62
C LEU F 28 30.71 3.89 -46.98
N LYS F 29 31.34 4.96 -47.44
CA LYS F 29 32.57 5.43 -46.77
C LYS F 29 32.21 6.46 -45.71
N ILE F 30 32.71 6.25 -44.50
CA ILE F 30 32.45 7.14 -43.37
C ILE F 30 33.75 7.53 -42.69
N THR F 31 33.97 8.82 -42.52
CA THR F 31 35.10 9.35 -41.76
C THR F 31 34.58 10.20 -40.61
N LEU F 32 35.09 9.95 -39.40
CA LEU F 32 34.76 10.74 -38.22
C LEU F 32 35.96 11.57 -37.74
N ILE F 33 35.70 12.84 -37.43
CA ILE F 33 36.74 13.79 -37.00
C ILE F 33 36.46 14.30 -35.59
N SER F 34 37.44 14.16 -34.70
CA SER F 34 37.26 14.59 -33.30
C SER F 34 38.56 15.16 -32.73
N ASP F 35 38.44 16.22 -31.93
CA ASP F 35 39.60 16.79 -31.24
C ASP F 35 40.00 15.96 -30.00
N ARG F 36 39.14 15.02 -29.62
CA ARG F 36 39.41 14.11 -28.51
C ARG F 36 39.64 12.68 -29.00
N PRO F 37 40.68 11.99 -28.48
CA PRO F 37 40.99 10.62 -28.94
C PRO F 37 40.11 9.52 -28.32
N TYR F 38 39.16 9.91 -27.48
CA TYR F 38 38.30 8.97 -26.76
C TYR F 38 36.82 9.36 -26.87
N PHE F 39 35.92 8.39 -26.75
CA PHE F 39 34.51 8.68 -26.49
C PHE F 39 34.30 8.80 -24.98
N GLY F 40 33.64 9.88 -24.53
CA GLY F 40 33.35 10.06 -23.11
C GLY F 40 31.88 9.89 -22.78
N PHE F 41 31.56 8.95 -21.88
CA PHE F 41 30.17 8.74 -21.46
C PHE F 41 29.71 9.83 -20.50
N THR F 42 29.25 10.91 -21.10
CA THR F 42 28.95 12.17 -20.40
C THR F 42 27.90 12.11 -19.28
N PRO F 43 26.90 11.19 -19.34
CA PRO F 43 26.04 11.06 -18.14
C PRO F 43 26.76 10.55 -16.88
N ALA F 44 28.00 10.09 -17.02
CA ALA F 44 28.76 9.63 -15.86
C ALA F 44 29.82 10.63 -15.34
N PHE F 45 29.88 11.81 -15.97
CA PHE F 45 30.80 12.88 -15.56
C PHE F 45 30.51 13.48 -14.17
N PRO F 46 29.22 13.59 -13.78
CA PRO F 46 28.95 13.99 -12.38
C PRO F 46 29.53 12.98 -11.37
N HIS F 47 29.39 11.69 -11.69
CA HIS F 47 29.99 10.61 -10.89
C HIS F 47 31.53 10.68 -10.88
N LEU F 48 32.12 11.07 -12.01
CA LEU F 48 33.57 11.25 -12.10
C LEU F 48 34.08 12.40 -11.20
N ALA F 49 33.34 13.51 -11.22
CA ALA F 49 33.66 14.68 -10.38
C ALA F 49 33.54 14.37 -8.90
N MET F 50 32.63 13.47 -8.55
CA MET F 50 32.43 12.99 -7.18
C MET F 50 33.47 11.96 -6.76
N GLY F 51 34.31 11.53 -7.70
CA GLY F 51 35.30 10.48 -7.46
C GLY F 51 34.75 9.07 -7.43
N TRP F 52 33.55 8.88 -7.99
CA TRP F 52 32.88 7.58 -7.98
C TRP F 52 33.12 6.78 -9.25
N ARG F 53 33.95 7.30 -10.15
CA ARG F 53 34.39 6.56 -11.33
C ARG F 53 35.85 6.85 -11.58
N LYS F 54 36.52 5.89 -12.21
CA LYS F 54 37.82 6.12 -12.81
C LYS F 54 37.56 6.54 -14.25
N PHE F 55 38.38 7.45 -14.75
CA PHE F 55 38.28 7.90 -16.15
C PHE F 55 38.31 6.71 -17.12
N GLU F 56 39.15 5.73 -16.82
CA GLU F 56 39.33 4.53 -17.67
C GLU F 56 38.04 3.72 -17.85
N ASP F 57 37.12 3.84 -16.90
CA ASP F 57 35.89 3.05 -16.90
C ASP F 57 34.71 3.67 -17.68
N ILE F 58 34.78 4.98 -17.94
CA ILE F 58 33.69 5.68 -18.63
C ILE F 58 34.12 6.32 -19.97
N SER F 59 35.25 5.85 -20.50
CA SER F 59 35.76 6.32 -21.78
C SER F 59 36.17 5.14 -22.66
N VAL F 60 36.18 5.39 -23.97
CA VAL F 60 36.53 4.39 -24.97
C VAL F 60 37.44 5.00 -26.04
N PRO F 61 38.72 4.56 -26.11
CA PRO F 61 39.67 5.03 -27.13
C PRO F 61 39.20 4.70 -28.55
N LEU F 62 39.16 5.72 -29.41
CA LEU F 62 38.52 5.58 -30.73
C LEU F 62 39.45 5.07 -31.83
N ALA F 63 40.73 5.45 -31.79
CA ALA F 63 41.71 5.01 -32.80
C ALA F 63 41.78 3.49 -33.00
N PRO F 64 41.92 2.71 -31.90
CA PRO F 64 41.91 1.24 -32.06
C PRO F 64 40.54 0.61 -32.32
N LEU F 65 39.46 1.38 -32.17
CA LEU F 65 38.08 0.86 -32.22
C LEU F 65 37.33 1.09 -33.54
N LEU F 66 37.31 2.34 -34.02
CA LEU F 66 36.51 2.71 -35.20
C LEU F 66 36.78 1.91 -36.50
N PRO F 67 38.07 1.65 -36.85
CA PRO F 67 38.41 0.74 -37.96
C PRO F 67 37.75 -0.65 -37.94
N LYS F 68 37.60 -1.27 -36.78
CA LYS F 68 36.87 -2.56 -36.66
C LYS F 68 35.51 -2.54 -37.38
N PHE F 69 34.91 -1.35 -37.47
CA PHE F 69 33.59 -1.18 -38.10
C PHE F 69 33.72 -0.39 -39.41
N ASN F 70 34.92 -0.38 -39.99
CA ASN F 70 35.22 0.30 -41.27
C ASN F 70 34.93 1.80 -41.30
N ILE F 71 35.23 2.48 -40.18
CA ILE F 71 35.07 3.92 -40.06
C ILE F 71 36.44 4.54 -39.80
N GLU F 72 36.87 5.46 -40.68
CA GLU F 72 38.17 6.13 -40.53
C GLU F 72 38.11 7.22 -39.44
N PHE F 73 39.18 7.31 -38.65
CA PHE F 73 39.25 8.24 -37.54
C PHE F 73 40.40 9.25 -37.67
N ILE F 74 40.06 10.54 -37.62
CA ILE F 74 41.04 11.62 -37.68
C ILE F 74 41.05 12.37 -36.35
N ASN F 75 42.11 12.20 -35.58
CA ASN F 75 42.23 12.85 -34.27
C ASN F 75 42.75 14.28 -34.43
N GLU F 76 41.88 15.15 -34.94
CA GLU F 76 42.18 16.57 -35.14
C GLU F 76 40.91 17.38 -34.96
N LYS F 77 41.07 18.64 -34.58
CA LYS F 77 39.95 19.58 -34.56
C LYS F 77 39.66 20.07 -35.98
N ALA F 78 38.38 20.09 -36.33
CA ALA F 78 37.91 20.74 -37.56
C ALA F 78 37.82 22.25 -37.30
N GLU F 79 38.43 23.04 -38.18
CA GLU F 79 38.53 24.49 -37.99
C GLU F 79 37.54 25.30 -38.86
N SER F 80 37.31 24.84 -40.09
CA SER F 80 36.40 25.56 -41.01
C SER F 80 35.63 24.66 -41.99
N ILE F 81 34.47 25.16 -42.43
CA ILE F 81 33.59 24.47 -43.37
C ILE F 81 33.25 25.37 -44.57
N ASP F 82 33.51 24.87 -45.78
CA ASP F 82 33.15 25.56 -47.02
C ASP F 82 32.01 24.78 -47.69
N PRO F 83 30.75 25.22 -47.47
CA PRO F 83 29.58 24.47 -47.96
C PRO F 83 29.38 24.53 -49.48
N ASP F 84 29.88 25.58 -50.12
CA ASP F 84 29.83 25.72 -51.57
C ASP F 84 30.81 24.75 -52.24
N ALA F 85 31.91 24.46 -51.53
CA ALA F 85 32.93 23.54 -52.01
C ALA F 85 32.77 22.11 -51.48
N ASN F 86 31.77 21.90 -50.62
CA ASN F 86 31.57 20.61 -49.91
C ASN F 86 32.87 20.14 -49.21
N THR F 87 33.49 21.05 -48.45
CA THR F 87 34.81 20.85 -47.89
C THR F 87 34.87 21.15 -46.39
N VAL F 88 35.65 20.36 -45.67
CA VAL F 88 36.00 20.60 -44.26
C VAL F 88 37.52 20.68 -44.14
N THR F 89 38.00 21.72 -43.44
CA THR F 89 39.44 21.90 -43.21
C THR F 89 39.81 21.71 -41.73
N THR F 90 40.82 20.88 -41.47
CA THR F 90 41.30 20.64 -40.10
C THR F 90 42.39 21.64 -39.69
N GLN F 91 42.74 21.62 -38.42
CA GLN F 91 43.64 22.61 -37.83
C GLN F 91 45.11 22.52 -38.30
N SER F 92 45.54 21.35 -38.77
CA SER F 92 46.88 21.20 -39.33
C SER F 92 46.93 21.68 -40.78
N GLY F 93 45.78 21.74 -41.43
CA GLY F 93 45.66 22.28 -42.78
C GLY F 93 45.08 21.29 -43.78
N LYS F 94 44.76 20.09 -43.32
CA LYS F 94 44.19 19.05 -44.19
C LYS F 94 42.79 19.44 -44.67
N LYS F 95 42.52 19.20 -45.96
CA LYS F 95 41.21 19.42 -46.53
C LYS F 95 40.54 18.11 -46.91
N ILE F 96 39.33 17.90 -46.40
CA ILE F 96 38.58 16.68 -46.64
C ILE F 96 37.25 17.00 -47.33
N GLU F 97 37.03 16.35 -48.47
CA GLU F 97 35.86 16.56 -49.31
C GLU F 97 34.77 15.59 -48.88
N TYR F 98 33.52 16.04 -48.89
CA TYR F 98 32.38 15.20 -48.49
C TYR F 98 31.21 15.20 -49.49
N ASP F 99 30.47 14.08 -49.52
CA ASP F 99 29.16 14.01 -50.19
C ASP F 99 28.05 14.51 -49.26
N TYR F 100 28.11 14.11 -48.00
CA TYR F 100 27.18 14.55 -46.95
C TYR F 100 27.97 14.90 -45.69
N LEU F 101 27.50 15.92 -44.99
CA LEU F 101 28.12 16.35 -43.73
C LEU F 101 27.16 16.19 -42.54
N VAL F 102 27.66 15.57 -41.48
CA VAL F 102 26.93 15.50 -40.20
C VAL F 102 27.73 16.31 -39.17
N ILE F 103 27.14 17.40 -38.70
CA ILE F 103 27.77 18.26 -37.69
C ILE F 103 27.25 17.87 -36.31
N ALA F 104 28.16 17.42 -35.46
CA ALA F 104 27.81 16.88 -34.15
C ALA F 104 28.86 17.21 -33.10
N THR F 105 29.31 18.47 -33.10
CA THR F 105 30.38 18.94 -32.22
C THR F 105 29.96 19.22 -30.77
N GLY F 106 28.67 19.03 -30.45
CA GLY F 106 28.16 19.25 -29.10
C GLY F 106 28.26 20.69 -28.62
N PRO F 107 28.22 20.90 -27.29
CA PRO F 107 28.20 22.27 -26.75
C PRO F 107 29.55 22.98 -26.77
N LYS F 108 29.52 24.28 -27.08
CA LYS F 108 30.67 25.13 -26.84
C LYS F 108 30.37 25.96 -25.59
N LEU F 109 31.21 25.83 -24.57
CA LEU F 109 30.91 26.35 -23.24
C LEU F 109 31.14 27.85 -23.13
N VAL F 110 30.15 28.55 -22.57
CA VAL F 110 30.25 29.98 -22.31
C VAL F 110 30.13 30.23 -20.80
N PHE F 111 31.24 30.62 -20.17
CA PHE F 111 31.24 30.93 -18.75
C PHE F 111 30.84 32.40 -18.57
N GLY F 112 29.55 32.68 -18.76
CA GLY F 112 29.02 34.04 -18.86
C GLY F 112 29.08 34.94 -17.64
N ALA F 113 29.11 34.36 -16.44
CA ALA F 113 29.23 35.15 -15.22
C ALA F 113 30.68 35.62 -15.03
N GLU F 114 30.84 36.82 -14.48
CA GLU F 114 32.17 37.38 -14.21
C GLU F 114 32.92 36.55 -13.18
N GLY F 115 34.15 36.17 -13.54
CA GLY F 115 34.97 35.33 -12.66
C GLY F 115 34.65 33.84 -12.69
N GLN F 116 33.64 33.45 -13.46
CA GLN F 116 33.18 32.05 -13.50
C GLN F 116 34.29 31.04 -13.81
N GLU F 117 34.99 31.25 -14.91
CA GLU F 117 36.00 30.30 -15.37
C GLU F 117 37.19 30.24 -14.42
N GLU F 118 37.46 31.35 -13.73
CA GLU F 118 38.56 31.49 -12.77
C GLU F 118 38.25 30.93 -11.38
N ASN F 119 37.02 31.12 -10.90
CA ASN F 119 36.71 30.94 -9.47
C ASN F 119 35.77 29.77 -9.15
N SER F 120 35.03 29.31 -10.16
CA SER F 120 34.05 28.25 -10.00
C SER F 120 34.56 26.94 -10.60
N THR F 121 33.74 25.89 -10.52
CA THR F 121 34.06 24.59 -11.13
C THR F 121 32.94 24.19 -12.11
N SER F 122 33.19 23.16 -12.91
CA SER F 122 32.18 22.63 -13.83
C SER F 122 32.42 21.15 -14.11
N ILE F 123 31.39 20.49 -14.62
CA ILE F 123 31.41 19.04 -14.81
C ILE F 123 31.06 18.61 -16.23
N CYS F 124 31.01 19.59 -17.14
CA CYS F 124 30.55 19.36 -18.52
C CYS F 124 31.55 18.62 -19.39
N THR F 125 32.83 18.69 -19.03
CA THR F 125 33.86 17.86 -19.66
C THR F 125 34.56 16.99 -18.61
N ALA F 126 35.19 15.91 -19.06
CA ALA F 126 35.97 15.01 -18.18
C ALA F 126 37.22 15.69 -17.59
N GLU F 127 37.81 16.62 -18.34
CA GLU F 127 38.95 17.41 -17.86
C GLU F 127 38.55 18.37 -16.73
N HIS F 128 37.40 19.04 -16.89
CA HIS F 128 36.86 19.90 -15.83
C HIS F 128 36.41 19.09 -14.61
N ALA F 129 35.73 17.95 -14.85
CA ALA F 129 35.25 17.07 -13.77
C ALA F 129 36.37 16.58 -12.85
N LEU F 130 37.52 16.23 -13.42
CA LEU F 130 38.69 15.80 -12.66
C LEU F 130 39.28 16.96 -11.86
N GLU F 131 39.18 18.17 -12.42
CA GLU F 131 39.55 19.39 -11.72
C GLU F 131 38.62 19.58 -10.51
N THR F 132 37.33 19.34 -10.71
CA THR F 132 36.30 19.43 -9.65
C THR F 132 36.54 18.46 -8.49
N GLN F 133 36.98 17.23 -8.79
CA GLN F 133 37.32 16.26 -7.74
C GLN F 133 38.42 16.73 -6.79
N LYS F 134 39.49 17.32 -7.34
CA LYS F 134 40.56 17.90 -6.53
C LYS F 134 40.09 19.02 -5.60
N LYS F 135 39.25 19.89 -6.13
CA LYS F 135 38.64 20.97 -5.35
C LYS F 135 37.70 20.47 -4.24
N LEU F 136 36.99 19.38 -4.51
CA LEU F 136 36.10 18.77 -3.52
C LEU F 136 36.84 18.26 -2.28
N GLN F 137 38.07 17.80 -2.48
CA GLN F 137 38.89 17.27 -1.40
C GLN F 137 39.31 18.33 -0.37
N GLU F 138 39.55 19.55 -0.83
CA GLU F 138 39.80 20.69 0.05
C GLU F 138 38.55 21.04 0.86
N LEU F 139 37.38 20.93 0.23
CA LEU F 139 36.10 21.15 0.90
C LEU F 139 35.85 20.18 2.08
N TYR F 140 36.15 18.90 1.89
CA TYR F 140 35.96 17.90 2.97
C TYR F 140 36.89 18.13 4.18
N ALA F 141 38.06 18.72 3.95
CA ALA F 141 39.00 19.03 5.02
C ALA F 141 38.67 20.35 5.72
N ASN F 142 38.21 21.34 4.97
CA ASN F 142 37.78 22.63 5.54
C ASN F 142 36.38 23.00 5.05
N PRO F 143 35.33 22.42 5.67
CA PRO F 143 33.94 22.65 5.27
C PRO F 143 33.48 24.11 5.35
N GLY F 144 32.67 24.51 4.36
CA GLY F 144 32.08 25.85 4.28
C GLY F 144 30.90 25.87 3.32
N PRO F 145 30.28 27.04 3.11
CA PRO F 145 29.09 27.15 2.27
C PRO F 145 29.30 26.70 0.81
N VAL F 146 28.28 26.07 0.25
CA VAL F 146 28.30 25.53 -1.11
C VAL F 146 27.15 26.12 -1.91
N VAL F 147 27.46 26.66 -3.09
CA VAL F 147 26.42 27.17 -3.99
C VAL F 147 26.52 26.48 -5.36
N ILE F 148 25.38 26.02 -5.87
CA ILE F 148 25.33 25.25 -7.11
C ILE F 148 24.20 25.75 -7.98
N GLY F 149 24.30 25.58 -9.30
CA GLY F 149 23.17 25.90 -10.17
C GLY F 149 23.46 26.23 -11.61
N ALA F 150 22.67 27.17 -12.15
CA ALA F 150 22.72 27.59 -13.56
C ALA F 150 22.63 29.12 -13.75
N ILE F 151 23.43 29.64 -14.69
CA ILE F 151 23.44 31.04 -15.08
C ILE F 151 22.36 31.36 -16.17
N PRO F 152 22.18 32.65 -16.53
CA PRO F 152 21.24 32.96 -17.64
C PRO F 152 21.65 32.34 -18.97
N GLY F 153 20.69 31.75 -19.68
CA GLY F 153 20.96 31.15 -20.99
C GLY F 153 21.21 29.65 -20.98
N VAL F 154 21.24 29.05 -19.79
CA VAL F 154 21.51 27.61 -19.64
C VAL F 154 20.37 26.80 -20.27
N SER F 155 20.71 25.62 -20.80
CA SER F 155 19.71 24.73 -21.39
C SER F 155 19.83 23.28 -20.91
N CSS F 156 20.79 23.02 -20.05
CA CSS F 156 21.01 21.68 -19.49
CB CSS F 156 22.37 21.12 -19.95
SG CSS F 156 22.53 19.36 -19.82
SG CSS F 156 22.14 19.75 -21.05
SD CSS F 156 20.80 18.50 -20.20
C CSS F 156 20.97 21.79 -18.00
O CSS F 156 22.01 22.13 -17.39
N PHE F 157 19.82 21.54 -17.40
CA PHE F 157 19.61 21.73 -15.96
C PHE F 157 19.80 20.46 -15.10
N GLY F 158 19.46 19.30 -15.66
CA GLY F 158 19.60 17.99 -14.99
C GLY F 158 20.89 17.71 -14.24
N PRO F 159 22.06 17.85 -14.91
CA PRO F 159 23.36 17.60 -14.24
C PRO F 159 23.64 18.47 -13.00
N ALA F 160 23.07 19.68 -12.96
CA ALA F 160 23.17 20.55 -11.78
C ALA F 160 22.37 20.00 -10.61
N TYR F 161 21.17 19.48 -10.89
CA TYR F 161 20.33 18.81 -9.89
C TYR F 161 20.96 17.53 -9.32
N GLU F 162 21.46 16.66 -10.22
CA GLU F 162 22.19 15.45 -9.83
C GLU F 162 23.38 15.75 -8.91
N PHE F 163 24.24 16.68 -9.33
CA PHE F 163 25.46 17.04 -8.59
C PHE F 163 25.18 17.54 -7.17
N ALA F 164 24.15 18.38 -7.03
CA ALA F 164 23.71 18.85 -5.70
C ALA F 164 23.33 17.69 -4.77
N LEU F 165 22.52 16.76 -5.27
CA LEU F 165 22.04 15.62 -4.48
C LEU F 165 23.09 14.54 -4.21
N MET F 166 23.97 14.30 -5.18
CA MET F 166 25.09 13.37 -4.98
C MET F 166 26.04 13.90 -3.92
N LEU F 167 26.35 15.20 -3.98
CA LEU F 167 27.21 15.87 -2.98
C LEU F 167 26.59 15.84 -1.58
N HIS F 168 25.30 16.15 -1.48
CA HIS F 168 24.52 15.93 -0.25
C HIS F 168 24.71 14.49 0.26
N TYR F 169 24.51 13.49 -0.61
CA TYR F 169 24.74 12.09 -0.27
C TYR F 169 26.15 11.82 0.30
N GLU F 170 27.18 12.22 -0.45
CA GLU F 170 28.58 12.08 -0.06
C GLU F 170 28.89 12.69 1.31
N LEU F 171 28.49 13.94 1.52
CA LEU F 171 28.71 14.64 2.78
C LEU F 171 28.03 13.96 3.97
N LYS F 172 26.90 13.30 3.70
CA LYS F 172 26.21 12.50 4.73
C LYS F 172 26.95 11.20 5.07
N LYS F 173 27.49 10.53 4.05
CA LYS F 173 28.32 9.33 4.23
C LYS F 173 29.56 9.63 5.09
N ARG F 174 30.07 10.86 4.96
CA ARG F 174 31.20 11.34 5.74
C ARG F 174 30.77 11.88 7.10
N GLY F 175 29.46 12.06 7.29
CA GLY F 175 28.92 12.63 8.52
C GLY F 175 29.26 14.09 8.74
N ILE F 176 29.36 14.88 7.67
CA ILE F 176 29.70 16.30 7.79
C ILE F 176 28.71 17.28 7.11
N ARG F 177 27.56 16.78 6.67
CA ARG F 177 26.53 17.61 6.01
C ARG F 177 26.05 18.79 6.88
N TYR F 178 25.99 18.58 8.20
CA TYR F 178 25.61 19.64 9.16
C TYR F 178 26.63 20.79 9.28
N LYS F 179 27.77 20.65 8.61
CA LYS F 179 28.79 21.71 8.56
C LYS F 179 28.77 22.45 7.21
N VAL F 180 27.88 22.03 6.31
CA VAL F 180 27.86 22.50 4.92
C VAL F 180 26.48 23.03 4.49
N PRO F 181 26.29 24.38 4.54
CA PRO F 181 25.14 24.99 3.88
C PRO F 181 25.17 24.69 2.38
N MET F 182 24.01 24.36 1.80
CA MET F 182 23.90 24.13 0.36
C MET F 182 22.77 24.97 -0.21
N THR F 183 23.08 25.71 -1.28
CA THR F 183 22.10 26.57 -1.96
C THR F 183 22.11 26.32 -3.47
N PHE F 184 20.92 26.12 -4.03
CA PHE F 184 20.73 25.93 -5.48
C PHE F 184 20.15 27.21 -6.12
N ILE F 185 20.89 27.77 -7.08
CA ILE F 185 20.47 29.00 -7.79
C ILE F 185 20.31 28.77 -9.30
N THR F 186 19.10 29.04 -9.80
CA THR F 186 18.75 28.76 -11.20
C THR F 186 18.02 29.90 -11.94
N SER F 187 18.25 29.97 -13.25
CA SER F 187 17.54 30.89 -14.15
C SER F 187 16.13 30.39 -14.53
N GLU F 188 15.84 29.11 -14.23
CA GLU F 188 14.49 28.54 -14.39
C GLU F 188 13.46 29.38 -13.63
N PRO F 189 12.24 29.57 -14.17
CA PRO F 189 11.21 30.29 -13.41
C PRO F 189 10.77 29.56 -12.12
N TYR F 190 10.96 28.25 -12.10
CA TYR F 190 10.70 27.42 -10.92
C TYR F 190 11.55 26.14 -10.99
N LEU F 191 11.67 25.47 -9.83
CA LEU F 191 12.37 24.19 -9.74
C LEU F 191 11.62 23.12 -10.52
N GLY F 192 12.38 22.29 -11.24
CA GLY F 192 11.81 21.25 -12.09
C GLY F 192 11.24 21.73 -13.41
N HIS F 193 11.62 22.94 -13.83
CA HIS F 193 11.21 23.46 -15.14
C HIS F 193 12.02 22.78 -16.25
N PHE F 194 13.34 22.68 -16.05
CA PHE F 194 14.29 21.95 -16.92
C PHE F 194 14.39 22.51 -18.34
N GLY F 195 13.94 23.74 -18.53
CA GLY F 195 13.88 24.34 -19.87
C GLY F 195 12.86 23.68 -20.78
N VAL F 196 11.86 23.02 -20.17
CA VAL F 196 10.82 22.29 -20.90
C VAL F 196 9.39 22.56 -20.39
N GLY F 197 9.26 23.49 -19.43
CA GLY F 197 7.95 23.83 -18.88
C GLY F 197 7.44 22.76 -17.93
N GLY F 198 8.37 22.03 -17.32
CA GLY F 198 8.03 20.93 -16.42
C GLY F 198 7.64 19.63 -17.13
N ILE F 199 7.75 18.54 -16.39
CA ILE F 199 7.32 17.23 -16.84
C ILE F 199 6.40 16.67 -15.75
N GLY F 200 5.10 16.60 -16.05
CA GLY F 200 4.10 16.27 -15.03
C GLY F 200 4.20 17.20 -13.83
N ALA F 201 4.11 16.64 -12.63
CA ALA F 201 4.27 17.40 -11.41
C ALA F 201 5.74 17.48 -10.93
N SER F 202 6.66 17.73 -11.87
CA SER F 202 8.09 17.83 -11.57
C SER F 202 8.43 18.94 -10.58
N LYS F 203 7.68 20.05 -10.64
CA LYS F 203 7.90 21.18 -9.75
C LYS F 203 7.66 20.79 -8.29
N ARG F 204 6.49 20.22 -8.03
CA ARG F 204 6.10 19.68 -6.73
C ARG F 204 7.09 18.61 -6.23
N LEU F 205 7.47 17.67 -7.11
CA LEU F 205 8.46 16.62 -6.77
C LEU F 205 9.81 17.17 -6.28
N VAL F 206 10.44 18.03 -7.09
CA VAL F 206 11.77 18.56 -6.77
C VAL F 206 11.74 19.52 -5.56
N GLU F 207 10.70 20.34 -5.45
CA GLU F 207 10.49 21.17 -4.25
C GLU F 207 10.41 20.34 -2.95
N ASP F 208 9.66 19.24 -2.99
CA ASP F 208 9.54 18.32 -1.85
C ASP F 208 10.89 17.66 -1.53
N LEU F 209 11.57 17.21 -2.57
CA LEU F 209 12.87 16.58 -2.43
C LEU F 209 13.92 17.49 -1.78
N PHE F 210 13.92 18.78 -2.16
CA PHE F 210 14.86 19.78 -1.64
C PHE F 210 14.59 20.14 -0.18
N ALA F 211 13.31 20.30 0.17
CA ALA F 211 12.90 20.54 1.54
C ALA F 211 13.29 19.40 2.48
N GLU F 212 13.09 18.16 2.06
CA GLU F 212 13.42 17.01 2.90
C GLU F 212 14.94 16.74 3.03
N ARG F 213 15.72 17.26 2.08
CA ARG F 213 17.17 17.09 2.11
C ARG F 213 17.98 18.37 2.45
N ASN F 214 17.27 19.42 2.90
CA ASN F 214 17.85 20.72 3.32
C ASN F 214 18.72 21.43 2.28
N ILE F 215 18.21 21.50 1.06
CA ILE F 215 18.85 22.27 0.00
C ILE F 215 18.02 23.54 -0.24
N ASP F 216 18.59 24.69 0.11
CA ASP F 216 17.95 25.99 -0.08
C ASP F 216 17.95 26.33 -1.56
N TRP F 217 16.99 27.14 -1.99
CA TRP F 217 16.89 27.48 -3.40
C TRP F 217 16.37 28.88 -3.73
N ILE F 218 16.87 29.40 -4.85
CA ILE F 218 16.45 30.67 -5.40
C ILE F 218 16.26 30.44 -6.90
N ALA F 219 15.03 30.66 -7.38
CA ALA F 219 14.71 30.49 -8.80
C ALA F 219 14.28 31.81 -9.43
N ASN F 220 14.23 31.87 -10.76
CA ASN F 220 13.82 33.07 -11.50
C ASN F 220 14.78 34.27 -11.33
N VAL F 221 16.08 34.00 -11.20
CA VAL F 221 17.10 35.06 -11.02
C VAL F 221 18.31 34.90 -11.96
N ALA F 222 19.08 35.97 -12.12
CA ALA F 222 20.27 35.97 -12.98
C ALA F 222 21.60 36.06 -12.20
N VAL F 223 22.42 34.99 -12.28
CA VAL F 223 23.76 34.98 -11.68
C VAL F 223 24.71 35.86 -12.51
N LYS F 224 25.27 36.88 -11.87
CA LYS F 224 26.05 37.94 -12.53
C LYS F 224 27.57 37.82 -12.35
N ALA F 225 28.00 37.24 -11.23
CA ALA F 225 29.42 37.17 -10.87
C ALA F 225 29.70 36.08 -9.84
N ILE F 226 30.86 35.42 -9.99
CA ILE F 226 31.33 34.42 -9.03
C ILE F 226 32.69 34.87 -8.49
N GLU F 227 32.73 35.18 -7.20
CA GLU F 227 33.96 35.61 -6.53
C GLU F 227 34.60 34.43 -5.80
N PRO F 228 35.84 34.61 -5.28
CA PRO F 228 36.45 33.54 -4.47
C PRO F 228 35.71 33.26 -3.16
N ASP F 229 34.85 34.19 -2.74
CA ASP F 229 34.19 34.08 -1.43
C ASP F 229 32.66 34.29 -1.45
N LYS F 230 32.09 34.54 -2.63
CA LYS F 230 30.66 34.87 -2.73
C LYS F 230 30.09 34.71 -4.15
N VAL F 231 28.75 34.70 -4.25
CA VAL F 231 28.02 34.64 -5.52
C VAL F 231 27.03 35.81 -5.59
N ILE F 232 27.11 36.57 -6.68
CA ILE F 232 26.24 37.72 -6.90
C ILE F 232 25.17 37.44 -7.96
N TYR F 233 23.92 37.74 -7.63
CA TYR F 233 22.78 37.57 -8.55
C TYR F 233 21.79 38.76 -8.54
N GLU F 234 20.96 38.83 -9.58
CA GLU F 234 19.95 39.89 -9.72
C GLU F 234 18.56 39.30 -9.99
N ASP F 235 17.55 39.80 -9.28
CA ASP F 235 16.19 39.31 -9.41
C ASP F 235 15.35 40.16 -10.36
N LEU F 236 14.06 39.84 -10.48
CA LEU F 236 13.17 40.49 -11.44
C LEU F 236 12.71 41.91 -11.08
N ASN F 237 12.89 42.31 -9.81
CA ASN F 237 12.67 43.68 -9.36
C ASN F 237 13.89 44.58 -9.62
N GLY F 238 14.96 43.99 -10.16
CA GLY F 238 16.22 44.70 -10.40
C GLY F 238 17.17 44.78 -9.22
N ASN F 239 16.81 44.13 -8.12
CA ASN F 239 17.64 44.13 -6.90
C ASN F 239 18.81 43.14 -6.98
N THR F 240 19.99 43.58 -6.56
CA THR F 240 21.20 42.77 -6.57
C THR F 240 21.50 42.21 -5.17
N HIS F 241 21.74 40.89 -5.10
CA HIS F 241 22.00 40.20 -3.83
C HIS F 241 23.32 39.43 -3.89
N GLU F 242 23.83 39.06 -2.72
CA GLU F 242 24.98 38.16 -2.63
C GLU F 242 24.83 37.09 -1.56
N VAL F 243 25.41 35.93 -1.83
CA VAL F 243 25.36 34.75 -0.96
C VAL F 243 26.78 34.20 -0.82
N PRO F 244 27.24 33.93 0.43
CA PRO F 244 28.63 33.48 0.63
C PRO F 244 28.92 32.06 0.09
N ALA F 245 30.16 31.81 -0.30
CA ALA F 245 30.54 30.55 -0.95
C ALA F 245 32.02 30.21 -0.80
N LYS F 246 32.30 29.01 -0.30
CA LYS F 246 33.66 28.47 -0.28
C LYS F 246 33.89 27.56 -1.49
N PHE F 247 32.82 26.93 -1.97
CA PHE F 247 32.87 26.06 -3.15
C PHE F 247 31.65 26.28 -4.03
N THR F 248 31.87 26.43 -5.33
CA THR F 248 30.77 26.55 -6.28
C THR F 248 30.86 25.57 -7.46
N MET F 249 29.71 25.24 -8.04
CA MET F 249 29.63 24.48 -9.28
C MET F 249 28.48 25.02 -10.12
N PHE F 250 28.80 25.72 -11.21
CA PHE F 250 27.74 26.26 -12.08
C PHE F 250 27.77 25.67 -13.48
N MET F 251 26.60 25.58 -14.10
CA MET F 251 26.52 25.20 -15.51
C MET F 251 26.79 26.44 -16.35
N PRO F 252 27.65 26.32 -17.37
CA PRO F 252 27.76 27.37 -18.38
C PRO F 252 26.61 27.27 -19.38
N SER F 253 26.35 28.35 -20.11
CA SER F 253 25.41 28.32 -21.22
C SER F 253 26.11 27.80 -22.49
N PHE F 254 25.34 27.40 -23.49
CA PHE F 254 25.91 26.86 -24.72
C PHE F 254 25.75 27.80 -25.92
N GLN F 255 26.78 27.86 -26.77
CA GLN F 255 26.64 28.43 -28.10
C GLN F 255 27.22 27.50 -29.18
N GLY F 256 27.13 27.91 -30.44
CA GLY F 256 27.70 27.14 -31.53
C GLY F 256 29.19 27.39 -31.64
N PRO F 257 29.91 26.48 -32.33
CA PRO F 257 31.37 26.62 -32.48
C PRO F 257 31.77 27.57 -33.61
N GLU F 258 33.06 27.94 -33.67
CA GLU F 258 33.59 28.78 -34.75
C GLU F 258 33.67 28.05 -36.10
N VAL F 259 33.72 26.72 -36.06
CA VAL F 259 33.73 25.88 -37.28
C VAL F 259 32.38 25.93 -38.01
N VAL F 260 31.29 26.07 -37.26
CA VAL F 260 29.96 26.31 -37.84
C VAL F 260 29.79 27.76 -38.36
N ALA F 261 30.24 28.73 -37.56
CA ALA F 261 30.20 30.16 -37.95
C ALA F 261 30.89 30.40 -39.28
N SER F 262 31.94 29.63 -39.55
CA SER F 262 32.72 29.75 -40.79
C SER F 262 31.91 29.37 -42.03
N ALA F 263 30.83 28.61 -41.84
CA ALA F 263 29.98 28.19 -42.97
C ALA F 263 28.98 29.25 -43.45
N GLY F 264 28.90 30.36 -42.72
CA GLY F 264 28.07 31.50 -43.13
C GLY F 264 26.69 31.52 -42.52
N ASP F 265 25.92 32.58 -42.81
CA ASP F 265 24.64 32.82 -42.14
C ASP F 265 23.43 32.01 -42.64
N LYS F 266 23.66 31.06 -43.52
CA LYS F 266 22.61 30.14 -43.93
C LYS F 266 22.71 28.83 -43.15
N VAL F 267 23.86 28.64 -42.50
CA VAL F 267 24.17 27.45 -41.70
C VAL F 267 24.30 27.80 -40.21
N ALA F 268 24.92 28.93 -39.91
CA ALA F 268 25.09 29.42 -38.54
C ALA F 268 23.95 30.36 -38.14
N ASN F 269 23.24 30.00 -37.08
CA ASN F 269 22.17 30.83 -36.53
C ASN F 269 22.77 32.17 -36.05
N PRO F 270 22.25 33.30 -36.58
CA PRO F 270 22.79 34.61 -36.24
C PRO F 270 22.84 34.93 -34.73
N ALA F 271 21.88 34.41 -33.97
CA ALA F 271 21.82 34.70 -32.54
C ALA F 271 22.76 33.87 -31.65
N ASN F 272 23.06 32.63 -32.05
CA ASN F 272 23.78 31.70 -31.16
C ASN F 272 24.85 30.83 -31.80
N LYS F 273 25.02 30.96 -33.12
CA LYS F 273 25.97 30.17 -33.92
C LYS F 273 25.70 28.66 -34.04
N MET F 274 24.56 28.18 -33.55
CA MET F 274 24.22 26.75 -33.66
C MET F 274 23.70 26.43 -35.07
N VAL F 275 23.73 25.15 -35.46
CA VAL F 275 23.35 24.71 -36.83
C VAL F 275 21.85 24.88 -37.10
N ILE F 276 21.51 25.60 -38.17
CA ILE F 276 20.12 25.77 -38.61
C ILE F 276 19.60 24.47 -39.28
N VAL F 277 18.55 23.89 -38.69
CA VAL F 277 17.91 22.67 -39.22
C VAL F 277 16.39 22.80 -39.35
N ASN F 278 15.80 21.94 -40.18
CA ASN F 278 14.34 21.83 -40.29
C ASN F 278 13.77 20.63 -39.50
N ARG F 279 12.51 20.27 -39.74
CA ARG F 279 11.84 19.11 -39.11
C ARG F 279 12.64 17.82 -39.22
N CYS F 280 13.34 17.68 -40.34
CA CYS F 280 14.07 16.47 -40.70
C CYS F 280 15.57 16.56 -40.33
N PHE F 281 15.90 17.58 -39.54
CA PHE F 281 17.26 17.84 -39.01
C PHE F 281 18.32 18.06 -40.08
N GLN F 282 17.89 18.80 -41.10
CA GLN F 282 18.63 19.03 -42.31
C GLN F 282 18.65 20.53 -42.59
N ASN F 283 19.79 21.06 -43.03
CA ASN F 283 19.88 22.48 -43.38
C ASN F 283 18.93 22.82 -44.54
N PRO F 284 18.11 23.87 -44.38
CA PRO F 284 17.17 24.27 -45.44
C PRO F 284 17.84 24.69 -46.76
N THR F 285 19.09 25.17 -46.71
CA THR F 285 19.79 25.69 -47.90
C THR F 285 20.72 24.65 -48.54
N TYR F 286 21.64 24.11 -47.74
CA TYR F 286 22.57 23.08 -48.17
C TYR F 286 22.00 21.76 -47.72
N LYS F 287 21.27 21.13 -48.63
CA LYS F 287 20.48 19.93 -48.35
C LYS F 287 21.28 18.65 -48.04
N ASN F 288 22.60 18.71 -48.21
CA ASN F 288 23.50 17.60 -47.88
C ASN F 288 24.23 17.80 -46.53
N ILE F 289 23.83 18.85 -45.80
CA ILE F 289 24.33 19.12 -44.45
C ILE F 289 23.24 18.83 -43.42
N PHE F 290 23.58 18.02 -42.41
CA PHE F 290 22.67 17.66 -41.34
C PHE F 290 23.29 18.02 -39.98
N GLY F 291 22.43 18.32 -39.01
CA GLY F 291 22.86 18.52 -37.64
C GLY F 291 22.26 17.48 -36.71
N VAL F 292 23.07 17.00 -35.76
CA VAL F 292 22.62 16.07 -34.73
C VAL F 292 23.22 16.47 -33.38
N GLY F 293 22.34 16.55 -32.36
CA GLY F 293 22.78 16.71 -30.98
C GLY F 293 22.65 18.12 -30.44
N VAL F 294 23.47 18.45 -29.46
CA VAL F 294 23.43 19.75 -28.78
C VAL F 294 23.71 20.96 -29.71
N VAL F 295 24.46 20.70 -30.79
CA VAL F 295 24.87 21.75 -31.73
C VAL F 295 23.73 22.31 -32.60
N THR F 296 22.59 21.60 -32.62
CA THR F 296 21.42 22.03 -33.41
C THR F 296 20.65 23.18 -32.76
N ALA F 297 20.15 24.08 -33.61
CA ALA F 297 19.36 25.24 -33.18
C ALA F 297 17.87 24.88 -33.06
N ILE F 298 17.40 24.76 -31.83
CA ILE F 298 16.00 24.43 -31.55
C ILE F 298 15.42 25.57 -30.71
N PRO F 299 14.28 26.15 -31.14
CA PRO F 299 13.65 27.27 -30.44
C PRO F 299 13.22 26.89 -29.01
N PRO F 300 13.45 27.80 -28.03
CA PRO F 300 12.96 27.59 -26.68
C PRO F 300 11.47 27.20 -26.65
N ILE F 301 11.13 26.26 -25.76
CA ILE F 301 9.74 25.80 -25.59
C ILE F 301 8.85 26.90 -25.01
N GLU F 302 9.47 27.74 -24.17
CA GLU F 302 8.78 28.83 -23.47
C GLU F 302 9.80 29.97 -23.31
N LYS F 303 9.37 31.19 -23.59
CA LYS F 303 10.20 32.36 -23.36
C LYS F 303 10.10 32.77 -21.89
N THR F 304 11.14 32.48 -21.12
CA THR F 304 11.14 32.72 -19.67
C THR F 304 11.66 34.12 -19.31
N PRO F 305 11.25 34.65 -18.13
CA PRO F 305 11.69 35.98 -17.66
C PRO F 305 13.23 36.15 -17.61
N ILE F 306 13.93 35.14 -17.07
CA ILE F 306 15.38 34.98 -17.23
C ILE F 306 15.58 33.93 -18.33
N PRO F 307 16.33 34.28 -19.40
CA PRO F 307 16.45 33.41 -20.57
C PRO F 307 16.93 32.00 -20.25
N THR F 308 16.22 31.00 -20.80
CA THR F 308 16.62 29.60 -20.72
C THR F 308 16.43 28.97 -22.10
N GLY F 309 17.08 27.83 -22.34
CA GLY F 309 16.92 27.08 -23.60
C GLY F 309 16.51 25.61 -23.42
N VAL F 310 16.29 24.93 -24.54
CA VAL F 310 15.81 23.54 -24.55
C VAL F 310 16.98 22.54 -24.47
N PRO F 311 16.86 21.53 -23.59
CA PRO F 311 17.87 20.48 -23.50
C PRO F 311 17.79 19.52 -24.69
N LYS F 312 18.93 18.97 -25.09
CA LYS F 312 18.98 17.84 -26.02
C LYS F 312 19.50 16.66 -25.22
N THR F 313 18.58 15.79 -24.82
CA THR F 313 18.92 14.63 -23.99
C THR F 313 19.37 13.45 -24.85
N GLY F 314 19.91 12.42 -24.21
CA GLY F 314 20.38 11.22 -24.91
C GLY F 314 19.39 10.53 -25.83
N MET F 315 18.17 10.31 -25.35
CA MET F 315 17.13 9.64 -26.16
C MET F 315 16.74 10.47 -27.38
N MET F 316 16.55 11.78 -27.18
CA MET F 316 16.32 12.74 -28.26
C MET F 316 17.40 12.65 -29.35
N ILE F 317 18.67 12.67 -28.93
CA ILE F 317 19.82 12.66 -29.84
C ILE F 317 19.94 11.34 -30.60
N GLU F 318 19.60 10.24 -29.93
CA GLU F 318 19.58 8.92 -30.55
C GLU F 318 18.51 8.85 -31.64
N GLN F 319 17.36 9.47 -31.38
CA GLN F 319 16.28 9.55 -32.35
C GLN F 319 16.60 10.50 -33.50
N MET F 320 17.37 11.56 -33.23
CA MET F 320 17.94 12.41 -34.29
C MET F 320 18.87 11.62 -35.19
N ALA F 321 19.76 10.83 -34.57
CA ALA F 321 20.73 9.97 -35.27
C ALA F 321 20.07 8.98 -36.23
N MET F 322 18.97 8.36 -35.79
CA MET F 322 18.17 7.46 -36.64
C MET F 322 17.52 8.17 -37.82
N ALA F 323 16.87 9.32 -37.56
CA ALA F 323 16.23 10.13 -38.60
C ALA F 323 17.22 10.54 -39.68
N VAL F 324 18.29 11.22 -39.28
CA VAL F 324 19.38 11.69 -40.17
C VAL F 324 20.02 10.57 -41.01
N ALA F 325 20.30 9.42 -40.39
CA ALA F 325 20.89 8.27 -41.07
C ALA F 325 19.97 7.67 -42.15
N HIS F 326 18.69 7.51 -41.85
CA HIS F 326 17.69 7.10 -42.85
C HIS F 326 17.51 8.15 -43.95
N ASN F 327 17.64 9.43 -43.61
CA ASN F 327 17.47 10.51 -44.57
C ASN F 327 18.62 10.61 -45.59
N ILE F 328 19.84 10.40 -45.12
CA ILE F 328 21.03 10.30 -45.98
C ILE F 328 21.00 9.02 -46.82
N VAL F 329 20.68 7.88 -46.20
CA VAL F 329 20.60 6.61 -46.94
C VAL F 329 19.51 6.62 -48.02
N ASN F 330 18.36 7.22 -47.72
CA ASN F 330 17.25 7.36 -48.67
C ASN F 330 17.55 8.32 -49.81
N ASP F 331 18.31 9.38 -49.53
CA ASP F 331 18.74 10.30 -50.58
C ASP F 331 19.72 9.62 -51.52
N ILE F 332 20.68 8.88 -50.96
CA ILE F 332 21.68 8.17 -51.76
C ILE F 332 21.00 7.16 -52.69
N ARG F 333 19.98 6.47 -52.18
CA ARG F 333 19.29 5.42 -52.93
C ARG F 333 18.07 5.91 -53.75
N ASN F 334 17.85 7.23 -53.77
CA ASN F 334 16.69 7.83 -54.45
C ASN F 334 15.32 7.30 -53.97
N ASN F 335 15.24 7.03 -52.67
CA ASN F 335 13.98 6.73 -51.98
C ASN F 335 13.43 8.06 -51.44
N PRO F 336 12.17 8.41 -51.79
CA PRO F 336 11.62 9.73 -51.44
C PRO F 336 11.19 9.90 -49.97
N ASP F 337 11.24 8.81 -49.20
CA ASP F 337 10.80 8.84 -47.81
C ASP F 337 11.77 9.62 -46.95
N LYS F 338 11.22 10.48 -46.09
CA LYS F 338 11.99 11.27 -45.14
C LYS F 338 11.36 11.27 -43.77
N TYR F 339 12.22 11.37 -42.76
CA TYR F 339 11.85 11.11 -41.38
C TYR F 339 12.16 12.29 -40.45
N ALA F 340 11.25 12.53 -39.51
CA ALA F 340 11.45 13.44 -38.41
C ALA F 340 11.54 12.59 -37.14
N PRO F 341 12.45 12.95 -36.22
CA PRO F 341 12.47 12.24 -34.92
C PRO F 341 11.25 12.64 -34.08
N ARG F 342 10.76 11.70 -33.27
CA ARG F 342 9.66 11.94 -32.34
C ARG F 342 10.06 12.96 -31.28
N LEU F 343 11.32 12.87 -30.83
CA LEU F 343 11.89 13.75 -29.81
C LEU F 343 11.21 13.56 -28.45
N SER F 344 11.01 12.30 -28.10
CA SER F 344 10.59 11.88 -26.77
C SER F 344 11.85 11.63 -25.94
N ALA F 345 11.69 11.36 -24.65
CA ALA F 345 12.85 11.26 -23.74
C ALA F 345 12.58 10.52 -22.43
N ILE F 346 13.50 9.61 -22.08
CA ILE F 346 13.59 9.03 -20.75
C ILE F 346 14.83 9.65 -20.11
N CYS F 347 14.64 10.31 -18.97
CA CYS F 347 15.76 10.91 -18.24
C CYS F 347 15.78 10.45 -16.77
N ILE F 348 16.93 9.93 -16.34
CA ILE F 348 17.10 9.52 -14.95
C ILE F 348 18.11 10.43 -14.27
N ALA F 349 17.66 11.13 -13.24
CA ALA F 349 18.54 11.98 -12.44
C ALA F 349 19.01 11.19 -11.20
N ASP F 350 20.28 10.83 -11.19
CA ASP F 350 20.87 10.00 -10.14
C ASP F 350 21.16 10.86 -8.90
N PHE F 351 20.66 10.44 -7.73
CA PHE F 351 20.87 11.19 -6.49
C PHE F 351 21.87 10.55 -5.54
N GLY F 352 22.40 9.38 -5.91
CA GLY F 352 23.36 8.68 -5.07
C GLY F 352 23.00 7.23 -4.84
N GLU F 353 21.99 7.01 -4.00
CA GLU F 353 21.49 5.67 -3.67
C GLU F 353 20.09 5.46 -4.27
N ASP F 354 19.48 6.55 -4.71
CA ASP F 354 18.17 6.55 -5.36
C ASP F 354 18.15 7.58 -6.51
N ALA F 355 17.03 7.70 -7.22
CA ALA F 355 16.97 8.54 -8.43
C ALA F 355 15.55 8.92 -8.88
N GLY F 356 15.46 10.00 -9.66
CA GLY F 356 14.20 10.40 -10.29
C GLY F 356 14.10 9.95 -11.73
N PHE F 357 12.97 9.34 -12.09
CA PHE F 357 12.70 8.86 -13.45
C PHE F 357 11.65 9.73 -14.14
N PHE F 358 12.06 10.39 -15.22
CA PHE F 358 11.17 11.26 -16.00
C PHE F 358 11.00 10.75 -17.43
N PHE F 359 9.75 10.57 -17.85
CA PHE F 359 9.40 10.25 -19.25
C PHE F 359 8.51 11.34 -19.82
N ALA F 360 8.86 11.86 -20.99
CA ALA F 360 8.03 12.88 -21.68
C ALA F 360 7.87 12.53 -23.16
N ASP F 361 6.61 12.39 -23.59
CA ASP F 361 6.31 12.04 -24.99
C ASP F 361 5.25 12.94 -25.66
N PRO F 362 5.70 13.89 -26.51
CA PRO F 362 7.10 14.24 -26.73
C PRO F 362 7.59 15.26 -25.69
N VAL F 363 8.86 15.66 -25.77
CA VAL F 363 9.43 16.65 -24.86
C VAL F 363 8.78 18.01 -25.11
N ILE F 364 8.69 18.39 -26.39
CA ILE F 364 8.10 19.66 -26.81
C ILE F 364 6.57 19.51 -26.78
N PRO F 365 5.88 20.29 -25.91
CA PRO F 365 4.41 20.21 -25.77
C PRO F 365 3.67 20.72 -27.01
N PRO F 366 2.37 20.37 -27.17
CA PRO F 366 1.54 19.53 -26.28
C PRO F 366 1.95 18.04 -26.27
N ARG F 367 1.83 17.40 -25.12
CA ARG F 367 2.27 16.03 -24.95
C ARG F 367 1.12 15.04 -24.96
N GLU F 368 1.42 13.82 -25.43
CA GLU F 368 0.47 12.72 -25.35
C GLU F 368 0.49 12.13 -23.93
N ARG F 369 1.67 11.99 -23.33
CA ARG F 369 1.79 11.52 -21.95
C ARG F 369 3.14 11.79 -21.29
N VAL F 370 3.15 11.68 -19.96
CA VAL F 370 4.37 11.75 -19.14
C VAL F 370 4.33 10.68 -18.05
N ILE F 371 5.51 10.34 -17.53
CA ILE F 371 5.64 9.54 -16.29
C ILE F 371 6.68 10.22 -15.42
N THR F 372 6.34 10.40 -14.15
CA THR F 372 7.23 11.06 -13.20
C THR F 372 7.28 10.23 -11.90
N LYS F 373 8.41 9.57 -11.65
CA LYS F 373 8.55 8.64 -10.51
C LYS F 373 9.89 8.82 -9.78
N MET F 374 10.00 8.21 -8.59
CA MET F 374 11.22 8.23 -7.78
C MET F 374 11.40 6.92 -6.99
N GLY F 375 12.65 6.50 -6.83
CA GLY F 375 12.96 5.30 -6.06
C GLY F 375 14.37 4.78 -6.27
N LYS F 376 14.75 3.81 -5.43
CA LYS F 376 16.03 3.13 -5.53
C LYS F 376 16.20 2.39 -6.85
N TRP F 377 15.10 1.81 -7.35
CA TRP F 377 15.11 1.03 -8.59
C TRP F 377 15.67 1.86 -9.74
N ALA F 378 15.42 3.17 -9.71
CA ALA F 378 15.85 4.09 -10.76
C ALA F 378 17.36 4.32 -10.76
N HIS F 379 17.99 4.23 -9.58
CA HIS F 379 19.44 4.36 -9.48
C HIS F 379 20.16 3.19 -10.15
N TYR F 380 19.66 1.98 -9.93
CA TYR F 380 20.25 0.78 -10.53
C TYR F 380 20.03 0.68 -12.03
N PHE F 381 18.87 1.15 -12.49
CA PHE F 381 18.57 1.28 -13.92
C PHE F 381 19.61 2.18 -14.57
N LYS F 382 19.89 3.32 -13.94
CA LYS F 382 20.88 4.28 -14.41
C LYS F 382 22.27 3.64 -14.56
N THR F 383 22.70 2.90 -13.53
CA THR F 383 23.99 2.19 -13.56
C THR F 383 24.00 1.11 -14.64
N ALA F 384 22.88 0.37 -14.74
CA ALA F 384 22.72 -0.68 -15.76
C ALA F 384 22.74 -0.12 -17.18
N PHE F 385 22.08 1.02 -17.39
CA PHE F 385 22.11 1.67 -18.69
C PHE F 385 23.53 2.10 -19.10
N GLU F 386 24.28 2.63 -18.13
CA GLU F 386 25.69 3.01 -18.33
C GLU F 386 26.49 1.85 -18.92
N LYS F 387 26.38 0.67 -18.32
CA LYS F 387 27.08 -0.53 -18.82
C LYS F 387 26.62 -0.93 -20.24
N TYR F 388 25.30 -0.88 -20.46
CA TYR F 388 24.69 -1.20 -21.75
C TYR F 388 25.18 -0.26 -22.87
N PHE F 389 25.14 1.04 -22.63
CA PHE F 389 25.54 2.00 -23.68
C PHE F 389 27.02 1.90 -24.05
N LEU F 390 27.91 1.70 -23.07
CA LEU F 390 29.35 1.55 -23.32
C LEU F 390 29.65 0.26 -24.05
N TRP F 391 28.86 -0.77 -23.77
CA TRP F 391 28.90 -2.00 -24.55
C TRP F 391 28.53 -1.74 -26.04
N LYS F 392 27.48 -0.96 -26.26
CA LYS F 392 27.04 -0.63 -27.62
C LYS F 392 28.10 0.12 -28.43
N VAL F 393 28.81 1.05 -27.77
CA VAL F 393 29.92 1.77 -28.40
C VAL F 393 31.03 0.79 -28.82
N ARG F 394 31.39 -0.13 -27.93
CA ARG F 394 32.46 -1.11 -28.19
C ARG F 394 32.08 -2.16 -29.22
N ASN F 395 30.78 -2.42 -29.39
CA ASN F 395 30.30 -3.50 -30.26
C ASN F 395 29.59 -3.09 -31.55
N GLY F 396 29.62 -1.80 -31.87
CA GLY F 396 29.27 -1.32 -33.21
C GLY F 396 27.81 -1.18 -33.59
N ASN F 397 26.92 -1.08 -32.60
CA ASN F 397 25.49 -0.90 -32.87
C ASN F 397 24.81 -0.16 -31.73
N ILE F 398 24.46 1.10 -31.98
CA ILE F 398 23.77 1.95 -30.98
C ILE F 398 22.25 1.77 -31.04
N ALA F 399 21.77 1.01 -32.04
CA ALA F 399 20.33 0.81 -32.22
C ALA F 399 19.92 -0.65 -32.49
N PRO F 400 20.13 -1.55 -31.50
CA PRO F 400 19.65 -2.93 -31.70
C PRO F 400 18.13 -2.97 -31.87
N SER F 401 17.64 -3.84 -32.75
CA SER F 401 16.21 -3.91 -33.03
C SER F 401 15.35 -4.18 -31.80
N PHE F 402 15.86 -5.02 -30.89
CA PHE F 402 15.12 -5.42 -29.69
C PHE F 402 14.85 -4.25 -28.74
N GLU F 403 15.75 -3.25 -28.74
CA GLU F 403 15.60 -2.05 -27.91
C GLU F 403 14.36 -1.23 -28.30
N GLU F 404 14.12 -1.11 -29.60
CA GLU F 404 12.93 -0.42 -30.14
C GLU F 404 11.63 -1.16 -29.79
N LYS F 405 11.62 -2.47 -29.94
CA LYS F 405 10.44 -3.29 -29.62
C LYS F 405 10.10 -3.23 -28.13
N VAL F 406 11.13 -3.28 -27.27
CA VAL F 406 10.96 -3.21 -25.83
C VAL F 406 10.38 -1.85 -25.41
N LEU F 407 10.93 -0.77 -25.97
CA LEU F 407 10.45 0.59 -25.70
C LEU F 407 9.02 0.82 -26.22
N GLU F 408 8.66 0.12 -27.30
CA GLU F 408 7.28 0.11 -27.80
C GLU F 408 6.32 -0.59 -26.82
N ILE F 409 6.65 -1.80 -26.39
CA ILE F 409 5.72 -2.57 -25.54
C ILE F 409 5.56 -2.04 -24.11
N PHE F 410 6.57 -1.34 -23.60
CA PHE F 410 6.52 -0.77 -22.25
C PHE F 410 6.04 0.68 -22.23
N LEU F 411 6.50 1.48 -23.19
CA LEU F 411 6.22 2.92 -23.17
C LEU F 411 5.40 3.48 -24.35
N LYS F 412 5.04 2.62 -25.30
CA LYS F 412 4.36 3.03 -26.53
C LYS F 412 5.20 4.00 -27.39
N VAL F 413 6.52 3.87 -27.34
CA VAL F 413 7.43 4.76 -28.08
C VAL F 413 7.65 4.30 -29.52
N HIS F 414 7.52 5.25 -30.45
CA HIS F 414 8.00 5.10 -31.82
CA HIS F 414 8.02 5.09 -31.80
C HIS F 414 9.09 6.16 -32.03
N PRO F 415 10.33 5.73 -32.34
CA PRO F 415 11.42 6.71 -32.40
C PRO F 415 11.36 7.76 -33.54
N ILE F 416 10.90 7.35 -34.72
CA ILE F 416 10.87 8.26 -35.88
C ILE F 416 9.56 8.20 -36.66
N GLU F 417 9.22 9.30 -37.31
CA GLU F 417 7.99 9.40 -38.10
C GLU F 417 8.23 9.76 -39.57
N LEU F 418 7.44 9.14 -40.44
CA LEU F 418 7.36 9.54 -41.84
C LEU F 418 6.89 11.00 -41.92
N CYS F 419 7.72 11.85 -42.51
CA CYS F 419 7.46 13.28 -42.54
C CYS F 419 7.09 13.78 -43.94
N LYS F 420 5.86 14.26 -44.07
CA LYS F 420 5.31 14.68 -45.36
C LYS F 420 5.93 15.99 -45.85
N ASP F 421 6.29 16.86 -44.92
CA ASP F 421 6.79 18.20 -45.24
C ASP F 421 7.85 18.61 -44.24
N CYS F 422 9.11 18.63 -44.65
CA CYS F 422 10.23 18.89 -43.74
C CYS F 422 10.36 20.37 -43.36
N GLU F 423 9.73 21.26 -44.13
CA GLU F 423 9.88 22.71 -43.91
C GLU F 423 9.12 23.22 -42.71
N GLY F 424 9.88 23.59 -41.68
CA GLY F 424 9.33 24.14 -40.46
C GLY F 424 10.36 23.95 -39.37
N ALA F 425 10.12 24.58 -38.22
CA ALA F 425 11.02 24.48 -37.08
C ALA F 425 11.15 23.04 -36.59
N PRO F 426 12.37 22.63 -36.20
CA PRO F 426 12.54 21.30 -35.58
C PRO F 426 11.68 21.19 -34.32
N GLY F 427 10.84 20.17 -34.26
CA GLY F 427 9.94 19.98 -33.11
C GLY F 427 8.48 20.30 -33.37
N SER F 428 8.20 21.03 -34.44
CA SER F 428 6.84 21.31 -34.88
C SER F 428 6.28 20.07 -35.57
N ARG F 429 4.95 19.92 -35.54
CA ARG F 429 4.28 18.69 -35.99
C ARG F 429 4.20 18.56 -37.51
N CYS F 430 4.53 17.36 -38.01
CA CYS F 430 4.69 17.11 -39.46
C CYS F 430 3.46 16.43 -40.09
PA FAD G . -38.96 -18.11 2.31
O1A FAD G . -38.42 -16.75 1.99
O2A FAD G . -38.60 -18.77 3.62
O5B FAD G . -40.58 -18.02 2.25
C5B FAD G . -41.46 -19.11 1.94
C4B FAD G . -42.88 -18.71 2.34
O4B FAD G . -43.83 -19.78 2.15
C3B FAD G . -42.94 -18.37 3.82
O3B FAD G . -43.73 -17.20 3.99
C2B FAD G . -43.67 -19.54 4.45
O2B FAD G . -44.37 -19.11 5.60
C1B FAD G . -44.61 -19.96 3.33
N9A FAD G . -45.15 -21.35 3.43
C8A FAD G . -44.53 -22.46 3.89
N7A FAD G . -45.39 -23.52 3.80
C5A FAD G . -46.54 -23.06 3.28
C6A FAD G . -47.76 -23.66 2.97
N6A FAD G . -47.95 -24.99 3.17
N1A FAD G . -48.76 -22.90 2.46
C2A FAD G . -48.59 -21.60 2.25
N3A FAD G . -47.43 -20.99 2.54
C4A FAD G . -46.39 -21.71 3.06
N1 FAD G . -29.38 -15.68 1.18
C2 FAD G . -28.60 -14.65 0.76
O2 FAD G . -28.49 -14.40 -0.45
N3 FAD G . -27.95 -13.84 1.64
C4 FAD G . -28.06 -14.09 2.96
O4 FAD G . -27.41 -13.30 3.83
C4X FAD G . -28.86 -15.16 3.41
N5 FAD G . -28.97 -15.40 4.74
C5X FAD G . -29.74 -16.42 5.18
C6 FAD G . -29.87 -16.66 6.56
C7 FAD G . -30.65 -17.72 7.03
C7M FAD G . -30.75 -17.93 8.52
C8 FAD G . -31.33 -18.54 6.12
C8M FAD G . -32.18 -19.72 6.56
C9 FAD G . -31.20 -18.29 4.75
C9A FAD G . -30.42 -17.24 4.26
N10 FAD G . -30.31 -16.99 2.92
C10 FAD G . -29.52 -15.97 2.49
C1' FAD G . -30.98 -17.91 1.94
C2' FAD G . -32.24 -17.51 1.18
O2' FAD G . -32.07 -16.23 0.54
C3' FAD G . -33.45 -17.55 2.10
O3' FAD G . -33.54 -18.85 2.70
C4' FAD G . -34.75 -17.17 1.37
O4' FAD G . -35.67 -16.66 2.34
C5' FAD G . -35.40 -18.34 0.65
O5' FAD G . -36.55 -17.85 -0.06
P FAD G . -37.88 -18.71 -0.30
O1P FAD G . -38.85 -17.81 -1.04
O2P FAD G . -37.48 -20.00 -1.00
O3P FAD G . -38.48 -19.10 1.14
C1B LMT H . -10.27 -1.86 0.63
C2B LMT H . -10.44 -0.60 1.50
C3B LMT H . -9.15 0.15 1.83
C4B LMT H . -8.03 -0.82 2.17
C5B LMT H . -7.85 -1.79 1.01
C6B LMT H . -6.63 -2.69 1.19
O1B LMT H . -10.43 -1.59 -0.77
O2B LMT H . -11.37 0.32 0.91
O3B LMT H . -9.38 1.03 2.94
O4' LMT H . -6.83 -0.07 2.40
O5B LMT H . -9.04 -2.58 0.90
O6B LMT H . -5.43 -1.93 0.97
C1' LMT H . -13.41 -2.95 -3.46
C2' LMT H . -13.89 -2.15 -2.24
C3' LMT H . -12.72 -1.37 -1.63
C4' LMT H . -11.55 -2.30 -1.32
C5' LMT H . -11.17 -3.05 -2.61
C6' LMT H . -9.99 -3.98 -2.43
O1' LMT H . -14.53 -3.69 -3.93
O2' LMT H . -14.94 -1.27 -2.61
O3' LMT H . -13.17 -0.69 -0.44
O5' LMT H . -12.31 -3.78 -3.09
O6' LMT H . -9.04 -3.70 -3.47
C1 LMT H . -14.24 -4.92 -4.62
C2 LMT H . -15.29 -5.18 -5.70
C3 LMT H . -16.69 -5.33 -5.11
C4 LMT H . -17.69 -4.44 -5.84
C5 LMT H . -19.13 -4.90 -5.59
C6 LMT H . -20.09 -4.31 -6.61
C7 LMT H . -21.38 -3.82 -5.96
C8 LMT H . -22.60 -4.10 -6.83
C9 LMT H . -23.69 -3.05 -6.62
C10 LMT H . -25.02 -3.69 -6.23
C11 LMT H . -26.19 -3.01 -6.90
C12 LMT H . -27.40 -2.93 -6.00
S H2S I . -31.90 -21.10 7.35
S2 PS9 J . -26.55 -19.43 2.42
S3 PS9 J . -26.26 -17.46 2.41
S4 PS9 J . -25.36 -16.94 4.13
S5 PS9 J . -23.88 -15.63 3.84
S6 PS9 J . -22.33 -16.34 2.76
S7 PS9 J . -22.18 -18.34 2.67
S8 PS9 J . -23.45 -19.17 1.35
S9 PS9 J . -24.77 -20.33 2.31
O1 MES K . -11.21 -4.22 12.18
C2 MES K . -10.33 -4.57 13.26
C3 MES K . -11.12 -5.10 14.46
N4 MES K . -12.02 -6.13 13.94
C5 MES K . -12.88 -5.84 12.79
C6 MES K . -11.97 -5.33 11.69
C7 MES K . -12.06 -7.45 14.57
C8 MES K . -13.09 -7.33 15.70
S MES K . -13.34 -8.77 16.50
O1S MES K . -14.53 -9.44 15.93
O2S MES K . -12.15 -9.64 16.42
O3S MES K . -13.63 -8.46 17.92
S SO4 L . -12.02 -10.92 -15.08
O1 SO4 L . -13.21 -10.38 -14.43
O2 SO4 L . -11.20 -11.58 -14.07
O3 SO4 L . -12.43 -11.87 -16.11
O4 SO4 L . -11.26 -9.84 -15.69
S SO4 M . -41.45 3.30 2.58
O1 SO4 M . -42.73 2.80 3.07
O2 SO4 M . -40.78 2.23 1.86
O3 SO4 M . -41.64 4.43 1.66
O4 SO4 M . -40.63 3.72 3.71
S SO4 N . -46.90 -28.48 4.82
O1 SO4 N . -47.82 -28.63 5.93
O2 SO4 N . -45.77 -29.40 5.05
O3 SO4 N . -47.60 -28.81 3.58
O4 SO4 N . -46.43 -27.11 4.72
S SO4 O . -11.39 -1.84 4.95
O1 SO4 O . -12.71 -1.22 4.80
O2 SO4 O . -11.34 -2.65 6.16
O3 SO4 O . -11.11 -2.69 3.79
O4 SO4 O . -10.36 -0.80 5.05
PA FAD P . -33.52 22.59 -14.21
O1A FAD P . -33.33 21.12 -13.81
O2A FAD P . -32.74 23.14 -15.36
O5B FAD P . -35.11 22.83 -14.39
C5B FAD P . -35.67 24.04 -14.91
C4B FAD P . -36.97 23.69 -15.62
O4B FAD P . -37.86 24.82 -15.69
C3B FAD P . -36.71 23.28 -17.05
O3B FAD P . -37.69 22.28 -17.34
C2B FAD P . -37.02 24.53 -17.84
O2B FAD P . -37.40 24.23 -19.19
C1B FAD P . -38.17 25.12 -17.05
N9A FAD P . -38.39 26.58 -17.23
C8A FAD P . -37.48 27.57 -17.37
N7A FAD P . -38.13 28.76 -17.50
C5A FAD P . -39.46 28.52 -17.44
C6A FAD P . -40.60 29.32 -17.52
N6A FAD P . -40.54 30.67 -17.68
N1A FAD P . -41.82 28.73 -17.43
C2A FAD P . -41.93 27.39 -17.26
N3A FAD P . -40.84 26.61 -17.19
C4A FAD P . -39.61 27.15 -17.27
N1 FAD P . -25.21 18.97 -10.24
C2 FAD P . -24.75 17.84 -9.62
O2 FAD P . -25.05 17.60 -8.43
N3 FAD P . -23.94 16.97 -10.25
C4 FAD P . -23.58 17.22 -11.53
O4 FAD P . -22.77 16.33 -12.12
C4X FAD P . -24.06 18.36 -12.21
N5 FAD P . -23.70 18.61 -13.50
C5X FAD P . -24.18 19.71 -14.11
C6 FAD P . -23.82 19.95 -15.45
C7 FAD P . -24.28 21.09 -16.13
C7M FAD P . -23.86 21.31 -17.56
C8 FAD P . -25.13 21.99 -15.45
C8M FAD P . -25.65 23.25 -16.12
C9 FAD P . -25.48 21.74 -14.11
C9A FAD P . -25.02 20.61 -13.43
N10 FAD P . -25.39 20.36 -12.14
C10 FAD P . -24.90 19.25 -11.52
C1' FAD P . -26.23 21.35 -11.42
C2' FAD P . -27.72 21.16 -11.16
O2' FAD P . -27.95 19.92 -10.50
C3' FAD P . -28.54 21.32 -12.44
O3' FAD P . -28.33 22.62 -13.01
C4' FAD P . -30.03 21.09 -12.20
O4' FAD P . -30.62 20.67 -13.44
C5' FAD P . -30.71 22.34 -11.67
O5' FAD P . -32.03 22.04 -11.23
P FAD P . -33.22 23.09 -11.40
O1P FAD P . -32.87 24.35 -10.62
O2P FAD P . -34.53 22.39 -11.13
O3P FAD P . -33.18 23.54 -12.95
C1B LMT Q . -10.78 2.23 -3.65
C2B LMT Q . -10.95 1.22 -4.79
C3B LMT Q . -9.76 0.28 -4.88
C4B LMT Q . -8.47 1.10 -4.82
C5B LMT Q . -8.34 1.74 -3.43
C6B LMT Q . -7.45 2.98 -3.47
O1B LMT Q . -11.92 2.19 -2.78
O2B LMT Q . -12.16 0.47 -4.64
O3B LMT Q . -9.83 -0.48 -6.09
O4' LMT Q . -7.33 0.26 -5.08
O5B LMT Q . -9.62 2.00 -2.82
O6B LMT Q . -8.23 4.17 -3.60
C1' LMT Q . -14.46 4.79 -0.84
C2' LMT Q . -14.99 4.21 -2.16
C3' LMT Q . -14.11 3.03 -2.52
C4' LMT Q . -12.64 3.41 -2.64
C5' LMT Q . -12.19 4.19 -1.39
C6' LMT Q . -10.83 4.84 -1.63
O1' LMT Q . -15.24 5.84 -0.22
O2' LMT Q . -16.34 3.75 -2.06
O3' LMT Q . -14.55 2.43 -3.75
O5' LMT Q . -13.11 5.24 -1.05
O6' LMT Q . -10.04 4.75 -0.43
C1 LMT Q . -16.10 6.64 -1.03
C2 LMT Q . -17.46 6.77 -0.34
C3 LMT Q . -18.61 6.50 -1.31
C4 LMT Q . -19.97 6.71 -0.66
C5 LMT Q . -21.08 5.96 -1.38
C6 LMT Q . -21.32 4.57 -0.77
C7 LMT Q . -21.25 3.46 -1.82
C8 LMT Q . -22.05 2.22 -1.43
C9 LMT Q . -23.45 2.23 -2.05
C10 LMT Q . -24.36 1.14 -1.47
C11 LMT Q . -25.60 0.97 -2.34
C12 LMT Q . -26.56 -0.07 -1.78
S H2S R . -24.96 24.59 -16.67
S2 PS9 S . -20.79 22.35 -10.24
S3 PS9 S . -21.59 20.54 -10.61
S4 PS9 S . -20.26 19.33 -11.51
S5 PS9 S . -19.36 18.19 -10.13
S6 PS9 S . -17.46 18.79 -9.91
S7 PS9 S . -17.14 19.80 -8.21
O1 MES T . -6.95 5.99 -15.12
C2 MES T . -5.58 6.39 -14.98
C3 MES T . -5.21 7.45 -16.02
N4 MES T . -6.14 7.27 -17.13
C5 MES T . -6.53 5.93 -17.55
C6 MES T . -7.22 5.27 -16.34
C7 MES T . -6.68 8.44 -17.82
C8 MES T . -5.99 8.50 -19.17
S MES T . -6.14 9.98 -19.92
O1S MES T . -6.01 9.75 -21.37
O2S MES T . -7.46 10.58 -19.66
O3S MES T . -5.04 10.86 -19.48
S SO4 U . -14.73 12.32 10.54
O1 SO4 U . -15.59 11.86 9.46
O2 SO4 U . -13.94 11.21 11.05
O3 SO4 U . -13.83 13.35 10.04
O4 SO4 U . -15.57 12.86 11.61
S SO4 V . -38.57 1.61 -15.83
O1 SO4 V . -39.07 1.10 -14.54
O2 SO4 V . -38.21 0.45 -16.65
O3 SO4 V . -39.61 2.39 -16.51
O4 SO4 V . -37.40 2.44 -15.64
S SO4 W . -38.41 34.04 -18.87
O1 SO4 W . -39.60 34.39 -18.09
O2 SO4 W . -38.10 32.63 -18.64
O3 SO4 W . -38.65 34.25 -20.30
O4 SO4 W . -37.28 34.90 -18.51
S SO4 X . -9.16 2.79 -8.62
O1 SO4 X . -10.58 2.53 -8.72
O2 SO4 X . -8.42 1.54 -8.76
O3 SO4 X . -8.73 3.72 -9.66
O4 SO4 X . -8.85 3.37 -7.31
S SO4 Y . -2.03 6.80 -20.67
O1 SO4 Y . -2.92 6.39 -21.76
O2 SO4 Y . -1.42 5.62 -20.09
O3 SO4 Y . -0.98 7.66 -21.21
O4 SO4 Y . -2.75 7.54 -19.64
PA FAD Z . 17.03 -18.14 34.65
O1A FAD Z . 16.95 -16.73 34.13
O2A FAD Z . 17.82 -19.20 33.90
O5B FAD Z . 17.67 -18.05 36.13
C5B FAD Z . 17.83 -19.21 36.95
C4B FAD Z . 18.95 -18.88 37.93
O4B FAD Z . 18.98 -19.86 38.98
C3B FAD Z . 20.32 -18.90 37.27
O3B FAD Z . 21.02 -17.73 37.73
C2B FAD Z . 20.99 -20.15 37.81
O2B FAD Z . 22.41 -19.99 37.93
C1B FAD Z . 20.33 -20.27 39.19
N9A FAD Z . 20.29 -21.64 39.76
C8A FAD Z . 19.97 -22.79 39.13
N7A FAD Z . 20.04 -23.81 40.01
C5A FAD Z . 20.37 -23.29 41.22
C6A FAD Z . 20.59 -23.84 42.49
N6A FAD Z . 20.44 -25.18 42.69
N1A FAD Z . 20.94 -23.02 43.52
C2A FAD Z . 21.08 -21.69 43.32
N3A FAD Z . 20.88 -21.13 42.11
C4A FAD Z . 20.53 -21.91 41.05
N1 FAD Z . 11.95 -15.33 26.72
C2 FAD Z . 11.49 -14.20 26.10
O2 FAD Z . 10.46 -13.65 26.52
N3 FAD Z . 12.15 -13.69 25.03
C4 FAD Z . 13.25 -14.29 24.54
O4 FAD Z . 13.88 -13.75 23.48
C4X FAD Z . 13.74 -15.44 25.17
N5 FAD Z . 14.86 -16.04 24.71
C5X FAD Z . 15.32 -17.16 25.32
C6 FAD Z . 16.48 -17.76 24.83
C7 FAD Z . 16.99 -18.92 25.43
C7M FAD Z . 18.24 -19.52 24.85
C8 FAD Z . 16.32 -19.47 26.53
C8M FAD Z . 16.80 -20.71 27.24
C9 FAD Z . 15.15 -18.84 27.01
C9A FAD Z . 14.64 -17.69 26.43
N10 FAD Z . 13.51 -17.08 26.91
C10 FAD Z . 13.06 -15.97 26.28
C1' FAD Z . 12.73 -17.63 28.05
C2' FAD Z . 12.94 -17.02 29.44
O2' FAD Z . 12.77 -15.61 29.40
C3' FAD Z . 14.31 -17.42 29.99
O3' FAD Z . 14.41 -18.86 29.98
C4' FAD Z . 14.55 -16.91 31.40
O4' FAD Z . 15.96 -16.82 31.61
C5' FAD Z . 13.93 -17.81 32.46
O5' FAD Z . 13.92 -17.13 33.72
P FAD Z . 14.17 -17.96 35.08
O1P FAD Z . 14.33 -16.95 36.18
O2P FAD Z . 13.14 -19.07 35.17
O3P FAD Z . 15.56 -18.76 34.87
C1B LMT AA . 4.87 -0.12 9.95
C2B LMT AA . 4.47 -0.32 8.47
C3B LMT AA . 5.67 -0.78 7.66
C4B LMT AA . 6.79 0.24 7.78
C5B LMT AA . 7.20 0.39 9.24
C6B LMT AA . 8.19 1.55 9.42
O1B LMT AA . 5.01 -1.39 10.59
O2B LMT AA . 3.43 -1.29 8.36
O3B LMT AA . 5.29 -0.96 6.28
O4' LMT AA . 7.91 -0.17 6.97
O5B LMT AA . 6.08 0.66 10.09
O6B LMT AA . 9.45 1.26 8.81
C1' LMT AA . 3.32 -1.53 14.54
C2' LMT AA . 4.77 -1.10 14.32
C3' LMT AA . 4.98 -0.49 12.95
C4' LMT AA . 4.54 -1.55 11.94
C5' LMT AA . 3.02 -1.71 12.12
C6' LMT AA . 2.38 -2.59 11.05
O1' LMT AA . 3.29 -2.35 15.71
O2' LMT AA . 5.17 -0.16 15.34
O3' LMT AA . 6.33 -0.11 12.74
O5' LMT AA . 2.80 -2.28 13.41
O6' LMT AA . 0.95 -2.43 11.12
C1 LMT AA . 2.00 -2.88 16.04
C2 LMT AA . 1.68 -2.63 17.51
C3 LMT AA . 2.62 -3.37 18.45
C4 LMT AA . 3.54 -2.39 19.17
C5 LMT AA . 3.14 -2.20 20.63
C6 LMT AA . 4.30 -2.52 21.57
C7 LMT AA . 4.46 -1.45 22.65
C8 LMT AA . 5.88 -1.47 23.22
C9 LMT AA . 5.92 -0.93 24.65
C10 LMT AA . 7.33 -0.96 25.25
C11 LMT AA . 7.29 -0.67 26.75
C12 LMT AA . 8.61 -0.13 27.26
S H2S BA . 16.80 -22.24 26.71
S2 PS9 CA . 10.59 -19.61 23.92
S3 PS9 CA . 10.57 -17.63 23.61
S4 PS9 CA . 11.74 -17.09 22.07
S5 PS9 CA . 10.77 -15.73 20.96
S6 PS9 CA . 9.42 -16.56 19.73
S7 PS9 CA . 8.03 -17.60 20.71
O1 MES DA . 14.53 -7.91 4.45
C2 MES DA . 15.12 -8.19 3.18
C3 MES DA . 16.24 -9.23 3.28
N4 MES DA . 16.18 -9.89 4.59
C5 MES DA . 16.01 -9.15 5.84
C6 MES DA . 15.47 -7.76 5.50
C7 MES DA . 16.32 -11.34 4.68
C8 MES DA . 17.81 -11.61 4.43
S MES DA . 18.28 -13.13 4.88
O1S MES DA . 18.13 -13.32 6.34
O2S MES DA . 17.51 -14.16 4.14
O3S MES DA . 19.73 -13.23 4.57
S SO4 EA . -9.11 -6.07 18.62
O1 SO4 EA . -8.49 -7.32 19.05
O2 SO4 EA . -8.22 -4.95 18.90
O3 SO4 EA . -9.37 -6.13 17.19
O4 SO4 EA . -10.37 -5.87 19.37
S SO4 FA . 23.84 2.96 33.93
O1 SO4 FA . 23.08 2.05 34.78
O2 SO4 FA . 25.18 3.14 34.50
O3 SO4 FA . 23.97 2.39 32.60
O4 SO4 FA . 23.14 4.24 33.87
S SO4 GA . 20.16 -29.36 41.34
O1 SO4 GA . 19.49 -29.30 42.64
O2 SO4 GA . 21.46 -30.02 41.46
O3 SO4 GA . 19.36 -30.17 40.41
O4 SO4 GA . 20.33 -27.99 40.85
S SO4 HA . 9.75 -2.93 7.75
O1 SO4 HA . 8.32 -3.07 8.00
O2 SO4 HA . 10.25 -4.19 7.21
O3 SO4 HA . 9.97 -1.85 6.79
O4 SO4 HA . 10.45 -2.57 9.00
PA FAD IA . 10.14 26.25 31.99
O1A FAD IA . 9.98 24.77 31.89
O2A FAD IA . 8.95 27.15 31.76
O5B FAD IA . 10.70 26.52 33.48
C5B FAD IA . 10.98 27.81 34.02
C4B FAD IA . 10.93 27.70 35.54
O4B FAD IA . 11.56 28.79 36.21
C3B FAD IA . 9.50 27.67 36.05
O3B FAD IA . 9.40 26.65 37.03
C2B FAD IA . 9.27 29.04 36.67
O2B FAD IA . 8.32 28.92 37.73
C1B FAD IA . 10.67 29.44 37.14
N9A FAD IA . 10.99 30.90 37.16
C8A FAD IA . 10.67 31.82 36.22
N7A FAD IA . 11.18 33.03 36.58
C5A FAD IA . 11.83 32.87 37.75
C6A FAD IA . 12.54 33.74 38.59
N6A FAD IA . 12.67 35.06 38.29
N1A FAD IA . 13.09 33.24 39.72
C2A FAD IA . 12.96 31.95 40.04
N3A FAD IA . 12.28 31.10 39.25
C4A FAD IA . 11.70 31.53 38.10
N1 FAD IA . 8.34 21.44 23.68
C2 FAD IA . 8.38 20.17 23.19
O2 FAD IA . 9.47 19.64 22.90
N3 FAD IA . 7.24 19.48 22.99
C4 FAD IA . 6.04 20.02 23.30
O4 FAD IA . 4.93 19.29 23.09
C4X FAD IA . 5.97 21.33 23.81
N5 FAD IA . 4.78 21.87 24.12
C5X FAD IA . 4.73 23.13 24.62
C6 FAD IA . 3.49 23.68 24.96
C7 FAD IA . 3.41 24.99 25.47
C7M FAD IA . 2.06 25.57 25.80
C8 FAD IA . 4.57 25.72 25.66
C8M FAD IA . 4.53 27.13 26.23
C9 FAD IA . 5.82 25.16 25.34
C9A FAD IA . 5.93 23.86 24.82
N10 FAD IA . 7.14 23.29 24.52
C10 FAD IA . 7.16 22.03 24.01
C1' FAD IA . 8.41 24.05 24.66
C2' FAD IA . 9.38 23.80 25.81
O2' FAD IA . 9.67 22.40 25.98
C3' FAD IA . 8.82 24.42 27.10
O3' FAD IA . 8.61 25.82 26.87
C4' FAD IA . 9.76 24.20 28.28
O4' FAD IA . 8.96 24.16 29.47
C5' FAD IA . 10.86 25.26 28.39
O5' FAD IA . 11.72 24.85 29.47
P FAD IA . 12.50 25.91 30.41
O1P FAD IA . 13.19 25.11 31.48
O2P FAD IA . 13.30 26.85 29.54
O3P FAD IA . 11.32 26.80 31.05
C1B LMT JA . 3.06 3.86 10.42
C2B LMT JA . 1.98 3.17 11.28
C3B LMT JA . 1.13 2.25 10.41
C4B LMT JA . 0.50 3.06 9.29
C5B LMT JA . 1.55 3.78 8.45
C6B LMT JA . 1.21 5.26 8.24
O1B LMT JA . 4.35 3.36 10.75
O2B LMT JA . 2.57 2.44 12.36
O3B LMT JA . 0.11 1.64 11.21
O4' LMT JA . -0.29 2.20 8.45
O5B LMT JA . 2.88 3.66 9.01
O6B LMT JA . 0.30 5.36 7.14
C1' LMT JA . 7.76 5.42 12.16
C2' LMT JA . 6.77 4.86 13.20
C3' LMT JA . 5.85 3.81 12.58
C4' LMT JA . 5.21 4.35 11.30
C5' LMT JA . 6.34 4.71 10.34
C6' LMT JA . 5.86 5.13 8.96
O1' LMT JA . 8.39 6.59 12.69
O2' LMT JA . 7.47 4.28 14.29
O3' LMT JA . 4.85 3.42 13.51
O5' LMT JA . 7.11 5.77 10.94
O6' LMT JA . 6.62 4.43 7.97
C1 LMT JA . 9.81 6.60 12.47
C2 LMT JA . 10.49 7.16 13.70
C3 LMT JA . 10.60 6.10 14.80
C4 LMT JA . 11.70 6.44 15.78
C5 LMT JA . 11.13 6.91 17.12
C6 LMT JA . 11.91 6.28 18.27
C7 LMT JA . 11.01 5.47 19.19
C8 LMT JA . 10.75 4.06 18.68
C9 LMT JA . 10.01 3.21 19.71
C10 LMT JA . 10.98 2.31 20.48
C11 LMT JA . 10.41 1.93 21.85
C12 LMT JA . 11.45 1.30 22.74
S H2S KA . 4.32 28.59 25.57
S2 PS9 LA . 7.33 25.25 19.24
S2 PS9 MA . 5.40 20.89 18.37
S3 PS9 MA . 5.50 21.34 16.43
S4 PS9 MA . 7.36 21.18 15.70
S5 PS9 MA . 8.45 22.80 16.14
S9 PS9 MA . 6.89 21.77 19.38
O1 MES NA . -8.90 9.74 11.24
C2 MES NA . -10.34 9.71 11.31
C3 MES NA . -10.87 10.87 12.15
N4 MES NA . -9.75 11.77 12.53
C5 MES NA . -8.47 11.27 13.02
C6 MES NA . -8.27 9.85 12.51
C7 MES NA . -9.92 13.22 12.41
C8 MES NA . -11.08 13.55 13.35
S MES NA . -11.41 15.17 13.38
O1S MES NA . -12.77 15.35 13.92
O2S MES NA . -10.44 15.83 14.27
O3S MES NA . -11.35 15.79 12.04
S SO4 OA . 6.86 6.45 40.36
O1 SO4 OA . 6.17 5.82 41.47
O2 SO4 OA . 8.00 5.60 39.98
O3 SO4 OA . 5.93 6.57 39.25
O4 SO4 OA . 7.33 7.78 40.76
S SO4 PA . 10.96 38.78 36.36
O1 SO4 PA . 10.59 37.42 35.95
O2 SO4 PA . 12.13 38.71 37.23
O3 SO4 PA . 11.26 39.59 35.18
O4 SO4 PA . 9.84 39.39 37.07
S SO4 QA . -2.12 5.32 11.65
O1 SO4 QA . -2.78 4.05 11.31
O2 SO4 QA . -1.51 5.18 12.97
O3 SO4 QA . -1.10 5.61 10.65
O4 SO4 QA . -3.12 6.39 11.62
PA FAD RA . 16.88 -27.88 -27.72
O1A FAD RA . 16.91 -26.38 -27.54
O2A FAD RA . 15.57 -28.58 -27.99
O5B FAD RA . 17.90 -28.24 -28.92
C5B FAD RA . 18.22 -29.58 -29.32
C4B FAD RA . 18.67 -29.53 -30.79
O4B FAD RA . 19.31 -30.75 -31.21
C3B FAD RA . 17.49 -29.35 -31.71
O3B FAD RA . 17.91 -28.40 -32.70
C2B FAD RA . 17.26 -30.71 -32.32
O2B FAD RA . 16.67 -30.59 -33.62
C1B FAD RA . 18.67 -31.25 -32.40
N9A FAD RA . 18.86 -32.73 -32.41
C8A FAD RA . 18.16 -33.66 -31.73
N7A FAD RA . 18.71 -34.88 -31.99
C5A FAD RA . 19.75 -34.70 -32.82
C6A FAD RA . 20.67 -35.57 -33.43
N6A FAD RA . 20.61 -36.90 -33.21
N1A FAD RA . 21.64 -35.05 -34.24
C2A FAD RA . 21.71 -33.73 -34.47
N3A FAD RA . 20.84 -32.88 -33.90
C4A FAD RA . 19.85 -33.35 -33.08
N1 FAD RA . 13.07 -22.81 -20.26
C2 FAD RA . 13.07 -21.56 -19.70
O2 FAD RA . 14.06 -21.10 -19.09
N3 FAD RA . 11.98 -20.75 -19.83
C4 FAD RA . 10.88 -21.19 -20.50
O4 FAD RA . 9.80 -20.37 -20.59
C4X FAD RA . 10.87 -22.45 -21.07
N5 FAD RA . 9.78 -22.88 -21.74
C5X FAD RA . 9.76 -24.11 -22.30
C6 FAD RA . 8.62 -24.52 -22.99
C7 FAD RA . 8.56 -25.78 -23.58
C7M FAD RA . 7.30 -26.20 -24.31
C8 FAD RA . 9.66 -26.64 -23.47
C8M FAD RA . 9.64 -28.02 -24.09
C9 FAD RA . 10.80 -26.21 -22.77
C9A FAD RA . 10.87 -24.94 -22.17
N10 FAD RA . 12.00 -24.51 -21.52
C10 FAD RA . 11.99 -23.28 -20.95
C1' FAD RA . 13.16 -25.42 -21.32
C2' FAD RA . 14.47 -25.36 -22.10
O2' FAD RA . 15.07 -24.05 -22.06
C3' FAD RA . 14.26 -25.86 -23.52
O3' FAD RA . 13.86 -27.23 -23.45
C4' FAD RA . 15.50 -25.73 -24.40
O4' FAD RA . 15.03 -25.70 -25.75
C5' FAD RA . 16.47 -26.89 -24.19
O5' FAD RA . 17.76 -26.66 -24.78
P FAD RA . 18.60 -27.91 -25.39
O1P FAD RA . 19.82 -27.36 -26.07
O2P FAD RA . 18.82 -28.92 -24.30
O3P FAD RA . 17.56 -28.57 -26.43
C1B LMT SA . 6.07 -3.32 -9.57
C2B LMT SA . 4.77 -2.91 -8.86
C3B LMT SA . 3.57 -3.14 -9.79
C4B LMT SA . 3.77 -2.34 -11.07
C5B LMT SA . 5.05 -2.82 -11.77
C6B LMT SA . 5.39 -2.02 -13.03
O1B LMT SA . 6.13 -4.75 -9.67
O2B LMT SA . 4.59 -3.69 -7.67
O3B LMT SA . 2.36 -2.75 -9.12
O4' LMT SA . 2.63 -2.50 -11.93
O5B LMT SA . 6.18 -2.71 -10.87
O6B LMT SA . 4.22 -1.77 -13.83
C1' LMT SA . 10.13 -6.30 -9.26
C2' LMT SA . 9.59 -5.92 -10.65
C3' LMT SA . 8.46 -4.91 -10.59
C4' LMT SA . 7.41 -5.42 -9.60
C5' LMT SA . 8.07 -5.46 -8.21
C6' LMT SA . 7.15 -5.77 -7.03
O1' LMT SA . 10.83 -7.55 -9.34
O2' LMT SA . 10.62 -5.38 -11.47
O3' LMT SA . 7.90 -4.74 -11.89
O5' LMT SA . 9.10 -6.47 -8.27
O6' LMT SA . 5.79 -5.98 -7.44
C1 LMT SA . 12.25 -7.40 -9.19
C2 LMT SA . 12.96 -8.63 -9.77
C3 LMT SA . 13.08 -8.53 -11.29
C4 LMT SA . 14.51 -8.17 -11.70
C5 LMT SA . 14.75 -8.50 -13.17
C6 LMT SA . 16.24 -8.45 -13.50
C7 LMT SA . 16.52 -7.90 -14.90
C8 LMT SA . 17.06 -8.99 -15.81
C9 LMT SA . 18.11 -8.39 -16.75
C10 LMT SA . 17.72 -8.58 -18.22
C11 LMT SA . 18.92 -8.97 -19.07
C12 LMT SA . 19.40 -7.80 -19.89
S H2S TA . 9.09 -29.43 -23.53
S2 PS9 UA . 10.14 -25.96 -17.61
S3 PS9 UA . 10.33 -24.00 -17.96
S4 PS9 UA . 8.57 -23.04 -17.78
S5 PS9 UA . 8.59 -21.88 -16.14
S6 PS9 UA . 7.89 -22.83 -14.51
S7 PS9 UA . 9.31 -23.78 -13.44
S8 PS9 UA . 10.57 -24.81 -14.61
S9 PS9 UA . 9.64 -26.22 -15.69
O1 MES VA . -4.97 -10.17 -13.95
C2 MES VA . -4.98 -9.54 -15.24
C3 MES VA . -5.82 -10.36 -16.23
N4 MES VA . -6.68 -11.20 -15.38
C5 MES VA . -7.36 -10.62 -14.23
C6 MES VA . -6.24 -10.15 -13.29
C7 MES VA . -6.83 -12.63 -15.66
C8 MES VA . -7.97 -12.74 -16.67
S MES VA . -8.45 -14.33 -16.84
O1S MES VA . -8.90 -14.86 -15.54
O2S MES VA . -9.55 -14.36 -17.82
O3S MES VA . -7.35 -15.17 -17.33
S SO4 WA . 18.37 -8.19 -36.03
O1 SO4 WA . 17.85 -8.88 -34.86
O2 SO4 WA . 18.63 -9.17 -37.08
O3 SO4 WA . 17.39 -7.20 -36.48
O4 SO4 WA . 19.61 -7.49 -35.68
S SO4 XA . 18.48 -40.46 -32.04
O1 SO4 XA . 17.88 -41.10 -30.86
O2 SO4 XA . 19.93 -40.38 -31.88
O3 SO4 XA . 18.16 -41.28 -33.22
O4 SO4 XA . 17.94 -39.11 -32.22
S SO4 YA . 0.94 -5.50 -11.79
O1 SO4 YA . -0.08 -6.46 -12.18
O2 SO4 YA . 1.94 -5.34 -12.85
O3 SO4 YA . 0.32 -4.21 -11.55
O4 SO4 YA . 1.58 -5.96 -10.56
S SO4 ZA . 33.02 -5.81 -24.34
O1 SO4 ZA . 32.24 -6.83 -25.04
O2 SO4 ZA . 33.61 -6.41 -23.14
O3 SO4 ZA . 34.10 -5.32 -25.22
O4 SO4 ZA . 32.18 -4.69 -23.94
S SO4 AB . 18.51 -11.14 -0.08
O1 SO4 AB . 18.49 -12.56 -0.41
O2 SO4 AB . 19.65 -10.88 0.81
O3 SO4 AB . 18.66 -10.33 -1.29
O4 SO4 AB . 17.27 -10.79 0.59
S SO4 BB . 19.04 8.74 6.08
O1 SO4 BB . 18.71 7.57 5.28
O2 SO4 BB . 20.50 8.88 6.16
O3 SO4 BB . 18.45 9.93 5.46
O4 SO4 BB . 18.50 8.58 7.42
PA FAD CB . 29.18 15.44 -27.10
O1A FAD CB . 28.81 14.03 -26.67
O2A FAD CB . 29.81 16.40 -26.13
O5B FAD CB . 30.21 15.26 -28.33
C5B FAD CB . 30.90 16.34 -28.93
C4B FAD CB . 32.16 15.74 -29.58
O4B FAD CB . 32.69 16.61 -30.59
C3B FAD CB . 33.27 15.55 -28.58
O3B FAD CB . 33.89 14.31 -28.92
C2B FAD CB . 34.22 16.70 -28.81
O2B FAD CB . 35.56 16.33 -28.46
C1B FAD CB . 34.06 16.91 -30.30
N9A FAD CB . 34.35 18.28 -30.81
C8A FAD CB . 34.01 19.45 -30.26
N7A FAD CB . 34.45 20.46 -31.05
C5A FAD CB . 35.06 19.90 -32.12
C6A FAD CB . 35.69 20.42 -33.25
N6A FAD CB . 35.76 21.76 -33.44
N1A FAD CB . 36.21 19.57 -34.18
C2A FAD CB . 36.13 18.24 -34.00
N3A FAD CB . 35.53 17.71 -32.92
C4A FAD CB . 34.99 18.52 -31.97
N1 FAD CB . 21.57 13.28 -21.21
C2 FAD CB . 20.78 12.23 -20.81
O2 FAD CB . 19.88 11.79 -21.54
N3 FAD CB . 20.96 11.67 -19.60
C4 FAD CB . 21.94 12.12 -18.78
O4 FAD CB . 22.09 11.53 -17.57
C4X FAD CB . 22.76 13.19 -19.17
N5 FAD CB . 23.73 13.64 -18.36
C5X FAD CB . 24.52 14.68 -18.75
C6 FAD CB . 25.53 15.15 -17.90
C7 FAD CB . 26.35 16.22 -18.29
C7M FAD CB . 27.43 16.70 -17.36
C8 FAD CB . 26.16 16.82 -19.55
C8M FAD CB . 27.01 17.98 -20.03
C9 FAD CB . 25.14 16.33 -20.37
C9A FAD CB . 24.32 15.27 -20.00
N10 FAD CB . 23.35 14.80 -20.84
C10 FAD CB . 22.56 13.78 -20.43
C1' FAD CB . 23.11 15.48 -22.14
C2' FAD CB . 23.57 14.93 -23.48
O2' FAD CB . 23.12 13.58 -23.68
C3' FAD CB . 25.08 15.07 -23.60
O3' FAD CB . 25.42 16.45 -23.47
C4' FAD CB . 25.55 14.52 -24.94
O4' FAD CB . 26.95 14.24 -24.78
C5' FAD CB . 25.37 15.51 -26.08
O5' FAD CB . 25.76 14.82 -27.27
P FAD CB . 26.60 15.54 -28.43
O1P FAD CB . 26.99 14.44 -29.39
O2P FAD CB . 25.80 16.70 -28.96
O3P FAD CB . 27.90 16.18 -27.71
C1B LMT DB . 7.97 0.06 -6.95
C2B LMT DB . 7.36 -1.35 -7.06
C3B LMT DB . 6.35 -1.64 -5.93
C4B LMT DB . 6.61 -0.80 -4.68
C5B LMT DB . 6.75 0.71 -4.97
C6B LMT DB . 7.84 1.32 -4.08
O1B LMT DB . 8.51 0.65 -8.16
O2B LMT DB . 6.67 -1.55 -8.30
O3B LMT DB . 6.44 -3.03 -5.61
O4' LMT DB . 5.50 -0.99 -3.78
O5B LMT DB . 7.02 0.97 -6.36
O6B LMT DB . 7.24 1.91 -2.92
C1' LMT DB . 8.99 0.46 -12.24
C2' LMT DB . 7.57 0.80 -11.77
C3' LMT DB . 7.60 1.17 -10.30
C4' LMT DB . 8.27 0.09 -9.45
C5' LMT DB . 9.57 -0.42 -10.07
C6' LMT DB . 10.02 -1.74 -9.43
O1' LMT DB . 9.00 0.14 -13.63
O2' LMT DB . 7.05 1.89 -12.54
O3' LMT DB . 6.27 1.41 -9.84
O5' LMT DB . 9.44 -0.67 -11.48
O6' LMT DB . 10.59 -1.49 -8.13
C1 LMT DB . 10.32 -0.05 -14.14
C2 LMT DB . 10.27 -1.04 -15.30
C3 LMT DB . 11.64 -1.17 -15.98
C4 LMT DB . 11.83 -2.55 -16.59
C5 LMT DB . 11.75 -2.50 -18.12
C6 LMT DB . 13.14 -2.57 -18.75
C7 LMT DB . 13.18 -3.56 -19.89
C8 LMT DB . 14.00 -4.79 -19.52
C9 LMT DB . 13.51 -6.05 -20.23
C10 LMT DB . 14.23 -6.27 -21.55
C11 LMT DB . 15.30 -7.36 -21.46
C12 LMT DB . 16.62 -6.86 -22.02
S H2S EB . 27.07 19.52 -19.53
S2 PS9 FB . 19.66 17.44 -18.87
S3 PS9 FB . 19.72 15.45 -18.63
S4 PS9 FB . 20.78 14.97 -17.01
S5 PS9 FB . 19.64 14.12 -15.61
S6 PS9 FB . 17.71 14.10 -16.14
S7 PS9 FB . 16.88 15.91 -15.90
S8 PS9 FB . 16.58 16.81 -17.68
S9 PS9 FB . 17.98 18.18 -18.08
O1 MES GB . 16.29 6.75 -0.07
C2 MES GB . 17.57 6.28 -0.54
C3 MES GB . 18.70 6.95 0.24
N4 MES GB . 18.06 7.82 1.22
C5 MES GB . 17.09 7.27 2.17
C6 MES GB . 16.09 6.47 1.32
C7 MES GB . 18.38 9.24 1.27
C8 MES GB . 19.81 9.37 1.80
S MES GB . 20.45 10.85 1.42
O1S MES GB . 20.78 10.94 -0.01
O2S MES GB . 19.50 11.93 1.78
O3S MES GB . 21.70 11.00 2.20
S SO4 HB . 35.65 25.84 -32.39
O1 SO4 HB . 35.54 24.48 -31.85
O2 SO4 HB . 36.97 26.39 -32.06
O3 SO4 HB . 35.45 25.79 -33.84
O4 SO4 HB . 34.66 26.73 -31.78
S SO4 IB . 11.91 1.79 -4.21
O1 SO4 IB . 11.50 0.82 -3.19
O2 SO4 IB . 12.76 1.12 -5.20
O3 SO4 IB . 10.71 2.31 -4.88
O4 SO4 IB . 12.64 2.88 -3.58
#